data_8H7Q
#
_entry.id   8H7Q
#
_cell.length_a   1.00
_cell.length_b   1.00
_cell.length_c   1.00
_cell.angle_alpha   90.00
_cell.angle_beta   90.00
_cell.angle_gamma   90.00
#
_symmetry.space_group_name_H-M   'P 1'
#
loop_
_entity.id
_entity.type
_entity.pdbx_description
1 polymer 'CRISPR RNA'
2 polymer 'Target DNA'
3 polymer 'Non target DNA'
4 polymer 'CRISPR associated protein Cas8'
5 polymer 'CRISPR associated protein Cas11b'
6 polymer 'CRISPR associated protein Cas5'
#
loop_
_entity_poly.entity_id
_entity_poly.type
_entity_poly.pdbx_seq_one_letter_code
_entity_poly.pdbx_strand_id
1 'polyribonucleotide' UUUAUCACCGUGUCCCCAAUCUGGAUAUUUUGUGUG D
2 'polydeoxyribonucleotide'
;(DA)(DC)(DA)(DC)(DA)(DA)(DA)(DA)(DT)(DA)(DT)(DC)(DC)(DA)(DG)(DA)(DT)(DT)(DG)(DG)
(DG)(DG)(DA)(DC)(DA)(DC)(DG)(DG)(DT)(DG)(DA)(DT)(DA)(DA)(DA)
;
L
3 'polydeoxyribonucleotide' (DC)(DA)(DT)(DG)(DT)(DG)(DG)(DG)(DA)(DA)(DA) M
4 'polypeptide(L)'
;MSNLNLFATILTYPAPASNYRGESEENRSVIQKILKDGQKYAIISPESMRNALREMLIELGQPNNRTRLHSEDQLAVEFK
EYPNPDKFADDFLFGYMVAQTNDAKEMKKLNRPAKRDSIFRCNMAVAVNPYKYDTVFYQSPLNAGDSAWKNSTSSALLHR
EVTHTAFQYPFALAGKDCAAKPEWVKALLQAIAELNGVAGGHARAYYEFAPRSVVARLTPKLVAGYQTYGFDAEGNWLEL
SRLTATDSDNLDLPANEFWLGGELVRKMDQEQKAQLEAMGAHLYANPEKLFADLADSFLGV
;
B,C,E,F,G,H,I
5 'polypeptide(L)'
;MTVATTKTREYAEIVYKIAQGFVLSKLSSKHDLQWSKCKGNPKLEREYNDKKEKVVNEAFLAIRSRTEKQAFIDYFVSTL
YPHVRQDEFVDFAQKLFQDTDEIRSLTLLALSSQYPIKRQGETE
;
J,K,N,O
6 'polypeptide(L)'
;MAQLALALDTVTRYLRLKAPFAAFRPFQSGSFRSTTPVPSFSAVYGLLLNLAGIEQRQEVEGKVTLIKPKAELPKLAIAI
GQVKPSSTSLINQQLHNYPVGNSGKEFASRTFGSKYWIAPVRREVLVNLDLIIGLQSPVEFWQKLDQGLKGETVINRYGL
PFAGDNNFLFDEIYPIEKPDLASWYCPLEPDTRPNQGACRLTLWIDRENNTQTTIKVFSPSDFRLEPPAKAWQQLPG
;
A
#
# COMPACT_ATOMS: atom_id res chain seq x y z
N ASN D 3 -67.15 26.92 -33.54
CA ASN D 3 -67.49 26.44 -34.87
C ASN D 3 -66.79 25.11 -35.17
N LEU D 4 -65.72 24.84 -34.42
CA LEU D 4 -64.97 23.61 -34.60
C LEU D 4 -64.60 22.90 -33.31
N ASN D 5 -64.97 23.43 -32.15
CA ASN D 5 -64.65 22.82 -30.87
C ASN D 5 -65.90 22.80 -30.00
N LEU D 6 -66.08 21.73 -29.23
CA LEU D 6 -67.25 21.60 -28.37
C LEU D 6 -66.81 21.39 -26.92
N PHE D 7 -67.27 22.29 -26.05
CA PHE D 7 -67.01 22.20 -24.62
C PHE D 7 -68.33 22.15 -23.86
N ALA D 8 -68.45 21.20 -22.95
CA ALA D 8 -69.69 21.06 -22.18
C ALA D 8 -69.42 20.25 -20.92
N THR D 9 -70.28 20.46 -19.92
CA THR D 9 -70.38 19.61 -18.74
C THR D 9 -71.45 18.56 -18.98
N ILE D 10 -71.80 17.82 -17.93
CA ILE D 10 -72.75 16.72 -18.05
C ILE D 10 -73.91 17.00 -17.10
N LEU D 11 -74.92 16.13 -17.16
CA LEU D 11 -76.21 16.36 -16.52
C LEU D 11 -76.63 15.11 -15.76
N THR D 12 -76.89 15.26 -14.46
CA THR D 12 -77.20 14.15 -13.58
C THR D 12 -78.27 14.55 -12.57
N TYR D 13 -79.11 13.56 -12.18
CA TYR D 13 -79.96 13.79 -11.03
C TYR D 13 -79.45 13.02 -9.81
N PRO D 14 -79.61 13.58 -8.61
CA PRO D 14 -79.25 12.83 -7.41
C PRO D 14 -80.10 11.58 -7.25
N ALA D 15 -79.47 10.51 -6.78
CA ALA D 15 -80.15 9.23 -6.61
C ALA D 15 -79.30 8.36 -5.69
N PRO D 16 -79.92 7.48 -4.90
CA PRO D 16 -79.14 6.58 -4.05
C PRO D 16 -78.26 5.65 -4.89
N ALA D 17 -77.08 5.37 -4.37
CA ALA D 17 -76.14 4.48 -5.05
C ALA D 17 -75.95 3.18 -4.28
N SER D 29 -69.10 -3.88 -1.09
CA SER D 29 -69.11 -3.06 -2.29
C SER D 29 -68.54 -1.67 -2.02
N VAL D 30 -67.22 -1.57 -1.97
CA VAL D 30 -66.57 -0.29 -1.70
C VAL D 30 -66.43 0.51 -3.00
N ILE D 31 -66.44 1.83 -2.86
CA ILE D 31 -66.30 2.71 -4.01
C ILE D 31 -64.95 3.41 -3.93
N GLN D 32 -64.47 3.87 -5.08
CA GLN D 32 -63.16 4.51 -5.15
C GLN D 32 -63.21 5.90 -4.54
N LYS D 33 -62.22 6.23 -3.71
CA LYS D 33 -62.10 7.54 -3.08
C LYS D 33 -60.76 8.13 -3.52
N ILE D 34 -60.80 9.25 -4.23
CA ILE D 34 -59.60 9.79 -4.86
C ILE D 34 -59.28 11.23 -4.46
N LEU D 35 -60.24 12.08 -4.11
CA LEU D 35 -59.91 13.48 -3.83
C LEU D 35 -59.52 13.63 -2.37
N LYS D 36 -58.56 14.52 -2.12
CA LYS D 36 -58.01 14.75 -0.79
C LYS D 36 -58.07 16.24 -0.46
N ASP D 37 -59.17 16.66 0.16
CA ASP D 37 -59.30 18.00 0.73
C ASP D 37 -59.81 17.92 2.15
N GLY D 38 -59.43 16.87 2.87
CA GLY D 38 -59.97 16.58 4.18
C GLY D 38 -61.23 15.74 4.18
N GLN D 39 -61.68 15.29 3.02
CA GLN D 39 -62.89 14.49 2.90
C GLN D 39 -62.69 13.44 1.82
N LYS D 40 -63.54 12.41 1.84
CA LYS D 40 -63.58 11.38 0.83
C LYS D 40 -64.64 11.72 -0.21
N TYR D 41 -64.31 11.50 -1.49
CA TYR D 41 -65.25 11.69 -2.58
C TYR D 41 -65.28 10.44 -3.45
N ALA D 42 -66.49 9.96 -3.71
CA ALA D 42 -66.70 8.78 -4.53
C ALA D 42 -66.68 9.17 -6.00
N ILE D 43 -66.11 8.29 -6.83
CA ILE D 43 -65.95 8.56 -8.25
C ILE D 43 -66.50 7.39 -9.04
N ILE D 44 -66.59 7.58 -10.36
CA ILE D 44 -66.92 6.53 -11.31
C ILE D 44 -65.86 6.54 -12.39
N SER D 45 -65.35 5.36 -12.75
CA SER D 45 -64.26 5.28 -13.71
C SER D 45 -64.66 5.88 -15.04
N PRO D 46 -63.77 6.62 -15.71
CA PRO D 46 -64.13 7.24 -16.99
C PRO D 46 -64.51 6.24 -18.07
N GLU D 47 -63.92 5.04 -18.06
CA GLU D 47 -64.27 4.04 -19.07
C GLU D 47 -65.69 3.53 -18.86
N SER D 48 -66.21 3.60 -17.63
CA SER D 48 -67.55 3.11 -17.36
C SER D 48 -68.58 3.87 -18.17
N MET D 49 -68.43 5.20 -18.27
CA MET D 49 -69.30 5.97 -19.15
C MET D 49 -69.06 5.63 -20.61
N ARG D 50 -67.81 5.35 -20.98
CA ARG D 50 -67.48 5.08 -22.38
C ARG D 50 -68.19 3.83 -22.88
N ASN D 51 -68.22 2.77 -22.06
CA ASN D 51 -68.93 1.56 -22.45
C ASN D 51 -70.43 1.81 -22.60
N ALA D 52 -70.97 2.73 -21.81
CA ALA D 52 -72.38 3.06 -21.92
C ALA D 52 -72.71 3.64 -23.29
N LEU D 53 -71.85 4.53 -23.79
CA LEU D 53 -72.10 5.15 -25.10
C LEU D 53 -72.18 4.12 -26.20
N ARG D 54 -71.34 3.07 -26.13
CA ARG D 54 -71.42 2.01 -27.13
C ARG D 54 -72.78 1.31 -27.08
N GLU D 55 -73.39 1.23 -25.90
CA GLU D 55 -74.66 0.52 -25.76
C GLU D 55 -75.78 1.24 -26.51
N MET D 56 -75.90 2.56 -26.32
CA MET D 56 -76.97 3.29 -27.01
C MET D 56 -76.75 3.31 -28.52
N LEU D 57 -75.48 3.37 -28.95
CA LEU D 57 -75.19 3.35 -30.38
C LEU D 57 -75.67 2.05 -31.02
N ILE D 58 -75.72 0.96 -30.25
CA ILE D 58 -76.23 -0.30 -30.78
C ILE D 58 -77.75 -0.33 -30.74
N GLU D 59 -78.35 0.41 -29.79
CA GLU D 59 -79.80 0.42 -29.67
C GLU D 59 -80.46 0.98 -30.93
N LEU D 60 -79.91 2.04 -31.48
CA LEU D 60 -80.34 2.54 -32.78
C LEU D 60 -79.40 2.00 -33.87
N GLY D 61 -79.84 2.13 -35.11
CA GLY D 61 -79.13 1.50 -36.21
C GLY D 61 -77.73 2.05 -36.46
N GLN D 62 -76.71 1.28 -36.08
CA GLN D 62 -75.30 1.62 -36.27
C GLN D 62 -74.49 0.32 -36.35
N PRO D 63 -73.81 0.07 -37.46
CA PRO D 63 -72.97 -1.12 -37.54
C PRO D 63 -71.71 -0.98 -36.69
N ASN D 64 -71.27 -2.11 -36.12
CA ASN D 64 -70.16 -2.11 -35.18
C ASN D 64 -69.23 -3.27 -35.46
N ASN D 65 -68.04 -3.21 -34.87
CA ASN D 65 -67.06 -4.28 -34.97
C ASN D 65 -66.89 -5.09 -33.69
N ARG D 66 -67.40 -4.60 -32.56
CA ARG D 66 -67.20 -5.25 -31.27
C ARG D 66 -68.55 -5.66 -30.69
N THR D 67 -68.71 -6.95 -30.42
CA THR D 67 -69.93 -7.49 -29.84
C THR D 67 -69.61 -8.25 -28.57
N ARG D 68 -70.35 -7.96 -27.51
CA ARG D 68 -70.13 -8.57 -26.21
C ARG D 68 -70.92 -9.86 -26.08
N LEU D 69 -70.28 -10.89 -25.52
CA LEU D 69 -70.92 -12.18 -25.31
C LEU D 69 -70.78 -12.60 -23.85
N HIS D 70 -71.73 -13.42 -23.40
CA HIS D 70 -71.72 -13.96 -22.05
C HIS D 70 -71.24 -15.41 -22.11
N SER D 71 -70.14 -15.69 -21.43
CA SER D 71 -69.49 -17.01 -21.51
C SER D 71 -68.80 -17.27 -20.18
N GLU D 72 -67.83 -18.18 -20.19
CA GLU D 72 -67.03 -18.49 -19.02
C GLU D 72 -66.42 -17.21 -18.45
N ASP D 73 -66.01 -17.26 -17.17
CA ASP D 73 -65.77 -16.05 -16.40
C ASP D 73 -64.75 -15.12 -17.05
N GLN D 74 -63.85 -15.67 -17.87
CA GLN D 74 -62.90 -14.82 -18.59
C GLN D 74 -63.64 -13.89 -19.54
N LEU D 75 -63.16 -12.66 -19.63
CA LEU D 75 -63.86 -11.63 -20.42
C LEU D 75 -63.34 -11.63 -21.86
N ALA D 76 -64.26 -11.71 -22.82
CA ALA D 76 -63.92 -11.76 -24.23
C ALA D 76 -64.92 -10.94 -25.05
N VAL D 77 -64.48 -10.55 -26.24
CA VAL D 77 -65.33 -9.83 -27.19
C VAL D 77 -65.08 -10.39 -28.59
N GLU D 78 -66.16 -10.63 -29.33
CA GLU D 78 -66.03 -11.07 -30.72
C GLU D 78 -65.48 -9.95 -31.59
N PHE D 79 -64.53 -10.29 -32.46
CA PHE D 79 -63.94 -9.29 -33.36
C PHE D 79 -64.74 -9.13 -34.64
N LYS D 80 -65.45 -10.19 -35.06
CA LYS D 80 -66.18 -10.25 -36.33
C LYS D 80 -65.42 -9.57 -37.47
N GLU D 81 -66.06 -8.61 -38.14
CA GLU D 81 -65.41 -7.90 -39.24
C GLU D 81 -64.13 -7.22 -38.75
N TYR D 82 -63.07 -7.35 -39.55
CA TYR D 82 -61.78 -6.78 -39.22
C TYR D 82 -61.87 -5.26 -39.20
N PRO D 83 -61.29 -4.58 -38.22
CA PRO D 83 -61.48 -3.14 -38.10
C PRO D 83 -60.83 -2.35 -39.24
N ASN D 84 -61.47 -1.24 -39.58
CA ASN D 84 -60.97 -0.30 -40.58
C ASN D 84 -61.08 1.12 -40.05
N PRO D 85 -60.23 2.03 -40.52
CA PRO D 85 -60.32 3.42 -40.03
C PRO D 85 -61.65 4.07 -40.35
N ASP D 86 -62.17 3.86 -41.56
CA ASP D 86 -63.49 4.34 -41.91
C ASP D 86 -64.51 3.28 -41.52
N LYS D 87 -64.86 3.24 -40.24
CA LYS D 87 -65.89 2.34 -39.74
C LYS D 87 -67.17 3.13 -39.60
N PHE D 88 -68.30 2.45 -39.79
CA PHE D 88 -69.58 3.15 -39.90
C PHE D 88 -69.94 3.88 -38.61
N ALA D 89 -69.78 3.23 -37.46
CA ALA D 89 -70.22 3.88 -36.23
C ALA D 89 -69.10 4.11 -35.20
N ASP D 90 -68.40 3.05 -34.82
CA ASP D 90 -67.62 3.11 -33.59
C ASP D 90 -66.15 3.46 -33.82
N ASP D 91 -65.44 2.68 -34.63
CA ASP D 91 -63.99 2.78 -34.68
C ASP D 91 -63.51 4.17 -35.08
N PHE D 92 -64.15 4.76 -36.10
CA PHE D 92 -63.79 6.12 -36.49
C PHE D 92 -64.08 7.12 -35.38
N LEU D 93 -65.23 6.97 -34.73
CA LEU D 93 -65.61 7.89 -33.66
C LEU D 93 -64.63 7.81 -32.49
N PHE D 94 -64.29 6.60 -32.07
CA PHE D 94 -63.25 6.38 -31.05
C PHE D 94 -62.82 4.92 -31.18
N GLY D 95 -61.67 4.60 -30.58
CA GLY D 95 -61.14 3.26 -30.66
C GLY D 95 -59.79 3.22 -31.37
N TYR D 96 -59.19 2.03 -31.37
CA TYR D 96 -57.82 1.85 -31.81
C TYR D 96 -57.62 0.43 -32.35
N MET D 97 -56.56 0.29 -33.15
CA MET D 97 -56.04 -1.02 -33.56
C MET D 97 -54.58 -1.08 -33.16
N VAL D 98 -54.23 -2.06 -32.32
CA VAL D 98 -52.87 -2.27 -31.87
C VAL D 98 -52.55 -3.75 -32.06
N ALA D 99 -51.39 -4.03 -32.65
CA ALA D 99 -50.95 -5.39 -32.91
C ALA D 99 -49.55 -5.58 -32.34
N GLN D 100 -49.36 -6.65 -31.57
CA GLN D 100 -48.03 -6.94 -31.04
C GLN D 100 -47.13 -7.53 -32.11
N THR D 101 -47.70 -8.31 -33.02
CA THR D 101 -46.97 -8.87 -34.15
C THR D 101 -46.87 -7.85 -35.29
N ASN D 102 -47.40 -6.64 -35.09
CA ASN D 102 -47.59 -5.63 -36.14
C ASN D 102 -48.12 -6.26 -37.43
N ASP D 103 -49.07 -7.19 -37.28
CA ASP D 103 -49.75 -7.89 -38.35
C ASP D 103 -48.81 -8.39 -39.44
N ALA D 104 -49.24 -8.34 -40.70
CA ALA D 104 -48.43 -8.76 -41.82
C ALA D 104 -48.36 -7.63 -42.84
N LYS D 105 -47.15 -7.13 -43.07
CA LYS D 105 -46.85 -6.00 -43.96
C LYS D 105 -47.93 -4.92 -43.88
N GLU D 106 -48.17 -4.43 -42.66
CA GLU D 106 -49.14 -3.36 -42.40
C GLU D 106 -50.50 -3.71 -42.97
N MET D 107 -51.01 -4.86 -42.53
CA MET D 107 -52.24 -5.48 -43.05
C MET D 107 -52.40 -5.27 -44.55
N LYS D 108 -51.34 -5.66 -45.28
CA LYS D 108 -51.34 -5.68 -46.73
C LYS D 108 -51.42 -4.26 -47.28
N LYS D 109 -50.61 -3.38 -46.68
CA LYS D 109 -50.44 -1.99 -47.12
C LYS D 109 -51.77 -1.25 -47.16
N LEU D 110 -52.62 -1.51 -46.17
CA LEU D 110 -53.92 -0.88 -46.05
C LEU D 110 -53.92 0.09 -44.88
N ASN D 111 -54.53 1.26 -45.08
CA ASN D 111 -54.82 2.27 -44.04
C ASN D 111 -53.54 2.60 -43.27
N ARG D 112 -53.61 2.80 -41.95
CA ARG D 112 -52.47 3.14 -41.11
C ARG D 112 -52.69 2.58 -39.71
N PRO D 113 -51.75 1.76 -39.22
CA PRO D 113 -52.11 0.73 -38.23
C PRO D 113 -52.55 1.29 -36.88
N ALA D 114 -51.78 2.20 -36.30
CA ALA D 114 -52.18 2.81 -35.03
C ALA D 114 -53.33 3.81 -35.25
N LYS D 115 -54.20 3.91 -34.25
CA LYS D 115 -55.25 4.89 -34.27
C LYS D 115 -55.09 5.77 -33.03
N ARG D 116 -54.56 6.98 -33.25
CA ARG D 116 -54.40 8.05 -32.25
C ARG D 116 -55.59 8.90 -31.70
N ASP D 117 -56.54 9.28 -32.56
CA ASP D 117 -57.60 10.22 -32.21
C ASP D 117 -58.75 9.46 -31.54
N SER D 118 -59.24 10.02 -30.45
CA SER D 118 -60.47 9.57 -29.80
C SER D 118 -61.39 10.77 -29.70
N ILE D 119 -62.27 10.94 -30.69
CA ILE D 119 -63.03 12.19 -30.81
C ILE D 119 -63.79 12.53 -29.55
N PHE D 120 -64.34 11.52 -28.91
CA PHE D 120 -65.06 11.76 -27.66
C PHE D 120 -64.01 11.83 -26.55
N ARG D 121 -63.92 12.99 -25.90
CA ARG D 121 -62.99 13.18 -24.80
C ARG D 121 -63.79 13.19 -23.49
N CYS D 122 -63.37 12.39 -22.53
CA CYS D 122 -64.08 12.29 -21.25
C CYS D 122 -63.18 12.43 -20.03
N ASN D 123 -63.78 12.83 -18.91
CA ASN D 123 -63.06 13.01 -17.65
C ASN D 123 -63.78 12.30 -16.50
N MET D 124 -63.03 11.97 -15.46
CA MET D 124 -63.57 11.27 -14.30
C MET D 124 -64.63 12.09 -13.57
N ALA D 125 -65.67 11.41 -13.09
CA ALA D 125 -66.77 12.06 -12.39
C ALA D 125 -66.50 12.11 -10.88
N VAL D 126 -66.97 13.18 -10.26
CA VAL D 126 -66.76 13.43 -8.84
C VAL D 126 -68.11 13.65 -8.17
N ALA D 127 -68.32 13.01 -7.03
CA ALA D 127 -69.63 13.08 -6.37
C ALA D 127 -69.90 14.47 -5.81
N VAL D 128 -68.85 15.28 -5.65
CA VAL D 128 -68.89 16.68 -5.20
C VAL D 128 -69.73 16.84 -3.94
N ASN D 129 -69.84 15.77 -3.15
CA ASN D 129 -70.50 15.79 -1.86
C ASN D 129 -69.68 14.94 -0.90
N PRO D 130 -69.49 15.40 0.34
CA PRO D 130 -68.67 14.65 1.29
C PRO D 130 -69.25 13.27 1.54
N TYR D 131 -68.35 12.27 1.56
CA TYR D 131 -68.78 10.89 1.72
C TYR D 131 -69.26 10.63 3.14
N LYS D 132 -70.27 9.78 3.26
CA LYS D 132 -70.81 9.38 4.55
C LYS D 132 -70.69 7.87 4.69
N TYR D 133 -70.14 7.44 5.82
CA TYR D 133 -69.90 6.02 6.06
C TYR D 133 -71.20 5.29 6.40
N THR D 163 -76.27 5.78 -1.45
CA THR D 163 -76.02 7.17 -1.07
C THR D 163 -76.62 8.12 -2.11
N HIS D 164 -77.53 8.98 -1.66
CA HIS D 164 -78.24 9.92 -2.54
C HIS D 164 -77.31 11.09 -2.83
N THR D 165 -76.71 11.07 -4.02
CA THR D 165 -75.72 12.07 -4.40
C THR D 165 -75.69 12.17 -5.92
N ALA D 166 -75.35 13.36 -6.42
CA ALA D 166 -75.23 13.62 -7.85
C ALA D 166 -73.80 13.95 -8.19
N PHE D 167 -73.31 13.42 -9.31
CA PHE D 167 -71.93 13.56 -9.72
C PHE D 167 -71.84 13.98 -11.18
N GLN D 168 -70.89 14.86 -11.49
CA GLN D 168 -70.73 15.37 -12.84
C GLN D 168 -69.31 15.11 -13.33
N TYR D 169 -69.13 15.22 -14.65
CA TYR D 169 -67.85 15.05 -15.30
C TYR D 169 -67.83 15.90 -16.56
N PRO D 170 -66.68 16.45 -16.94
CA PRO D 170 -66.58 17.21 -18.18
C PRO D 170 -66.16 16.35 -19.36
N PHE D 171 -66.64 16.75 -20.54
CA PHE D 171 -66.27 16.12 -21.79
C PHE D 171 -66.09 17.18 -22.86
N ALA D 172 -65.31 16.84 -23.88
CA ALA D 172 -65.03 17.79 -24.95
C ALA D 172 -64.67 17.03 -26.22
N LEU D 173 -65.03 17.62 -27.36
CA LEU D 173 -64.64 17.06 -28.64
C LEU D 173 -64.49 18.19 -29.65
N ALA D 174 -63.66 17.95 -30.66
CA ALA D 174 -63.37 18.94 -31.68
C ALA D 174 -63.70 18.37 -33.05
N GLY D 175 -64.21 19.23 -33.94
CA GLY D 175 -64.55 18.81 -35.28
C GLY D 175 -63.58 19.32 -36.32
N LYS D 176 -62.98 18.41 -37.09
CA LYS D 176 -62.03 18.78 -38.13
C LYS D 176 -62.72 18.91 -39.49
N ASP D 177 -63.38 17.85 -39.93
CA ASP D 177 -64.06 17.80 -41.22
C ASP D 177 -65.51 17.40 -41.04
N CYS D 178 -66.39 18.03 -41.82
CA CYS D 178 -67.82 17.72 -41.81
C CYS D 178 -68.21 16.85 -43.00
N ALA D 179 -67.32 15.95 -43.42
CA ALA D 179 -67.58 15.12 -44.59
C ALA D 179 -68.15 13.76 -44.22
N ALA D 180 -67.43 13.00 -43.39
CA ALA D 180 -67.84 11.64 -43.04
C ALA D 180 -68.42 11.51 -41.64
N LYS D 181 -68.07 12.39 -40.71
CA LYS D 181 -68.56 12.31 -39.34
C LYS D 181 -70.02 12.73 -39.12
N PRO D 182 -70.58 13.71 -39.86
CA PRO D 182 -71.88 14.27 -39.43
C PRO D 182 -72.99 13.24 -39.27
N GLU D 183 -73.03 12.21 -40.11
CA GLU D 183 -74.06 11.19 -39.95
C GLU D 183 -73.82 10.30 -38.73
N TRP D 184 -72.65 10.40 -38.11
CA TRP D 184 -72.36 9.61 -36.91
C TRP D 184 -72.31 10.46 -35.65
N VAL D 185 -71.60 11.59 -35.69
CA VAL D 185 -71.48 12.41 -34.49
C VAL D 185 -72.81 13.04 -34.11
N LYS D 186 -73.69 13.29 -35.10
CA LYS D 186 -75.00 13.84 -34.78
C LYS D 186 -75.80 12.87 -33.92
N ALA D 187 -75.77 11.58 -34.26
CA ALA D 187 -76.49 10.58 -33.48
C ALA D 187 -75.94 10.46 -32.07
N LEU D 188 -74.68 10.83 -31.87
CA LEU D 188 -74.09 10.80 -30.53
C LEU D 188 -74.79 11.79 -29.61
N LEU D 189 -75.20 12.95 -30.13
CA LEU D 189 -75.77 13.99 -29.29
C LEU D 189 -77.08 13.54 -28.66
N GLN D 190 -77.93 12.82 -29.41
CA GLN D 190 -79.13 12.25 -28.80
C GLN D 190 -78.78 11.17 -27.78
N ALA D 191 -77.70 10.44 -28.01
CA ALA D 191 -77.32 9.36 -27.10
C ALA D 191 -76.87 9.91 -25.75
N ILE D 192 -76.02 10.95 -25.77
CA ILE D 192 -75.53 11.51 -24.52
C ILE D 192 -76.65 12.19 -23.74
N ALA D 193 -77.60 12.81 -24.43
CA ALA D 193 -78.76 13.37 -23.75
C ALA D 193 -79.66 12.28 -23.20
N GLU D 194 -79.75 11.15 -23.91
CA GLU D 194 -80.56 10.02 -23.49
C GLU D 194 -79.73 8.89 -22.88
N LEU D 195 -78.60 9.22 -22.26
CA LEU D 195 -77.76 8.20 -21.66
C LEU D 195 -78.50 7.46 -20.56
N ASN D 196 -78.66 6.15 -20.72
CA ASN D 196 -79.44 5.33 -19.80
C ASN D 196 -78.60 4.08 -19.51
N GLY D 197 -77.76 4.16 -18.48
CA GLY D 197 -76.90 3.04 -18.13
C GLY D 197 -76.16 3.33 -16.84
N VAL D 198 -75.45 2.29 -16.38
CA VAL D 198 -74.68 2.28 -15.12
C VAL D 198 -75.32 3.12 -14.02
N TYR D 207 -78.70 3.14 -10.67
CA TYR D 207 -78.78 4.59 -10.72
C TYR D 207 -78.25 5.14 -12.05
N GLU D 208 -79.17 5.67 -12.86
CA GLU D 208 -78.84 6.19 -14.18
C GLU D 208 -79.27 7.64 -14.24
N PHE D 209 -78.42 8.49 -14.84
CA PHE D 209 -78.53 9.94 -14.72
C PHE D 209 -78.69 10.59 -16.09
N ALA D 210 -79.92 10.52 -16.62
CA ALA D 210 -80.14 11.14 -17.93
C ALA D 210 -80.33 12.65 -17.86
N PRO D 211 -81.28 13.20 -17.07
CA PRO D 211 -81.52 14.65 -17.14
C PRO D 211 -80.80 15.47 -16.08
N ARG D 212 -80.43 16.70 -16.48
CA ARG D 212 -80.12 17.82 -15.59
C ARG D 212 -79.74 19.00 -16.49
N SER D 213 -79.51 20.15 -15.86
CA SER D 213 -79.02 21.31 -16.58
C SER D 213 -77.58 21.11 -17.04
N VAL D 214 -77.25 21.70 -18.19
CA VAL D 214 -75.88 21.81 -18.68
C VAL D 214 -75.64 23.27 -19.04
N VAL D 215 -74.52 23.82 -18.59
CA VAL D 215 -74.17 25.21 -18.89
C VAL D 215 -72.73 25.30 -19.40
N ALA D 216 -72.50 24.81 -20.62
CA ALA D 216 -71.19 24.86 -21.27
C ALA D 216 -71.40 25.64 -22.57
N ARG D 217 -70.53 26.62 -22.85
CA ARG D 217 -70.65 27.42 -24.07
C ARG D 217 -69.44 27.11 -24.98
N LEU D 218 -69.69 26.81 -26.26
CA LEU D 218 -68.60 26.48 -27.18
C LEU D 218 -68.39 27.58 -28.24
N THR D 219 -67.15 28.03 -28.42
CA THR D 219 -66.91 29.07 -29.39
C THR D 219 -65.55 28.82 -30.03
N PRO D 220 -65.27 29.42 -31.21
CA PRO D 220 -63.95 29.27 -31.84
C PRO D 220 -62.85 30.05 -31.13
N LYS D 221 -62.73 29.83 -29.82
CA LYS D 221 -61.68 30.41 -29.00
C LYS D 221 -60.44 29.52 -28.91
N LEU D 222 -60.25 28.63 -29.88
CA LEU D 222 -59.05 27.80 -29.99
C LEU D 222 -58.90 26.86 -28.79
N VAL D 223 -59.99 26.17 -28.46
CA VAL D 223 -59.99 25.11 -27.45
C VAL D 223 -59.56 25.72 -26.12
N ALA D 224 -60.39 26.59 -25.56
CA ALA D 224 -60.10 27.26 -24.29
C ALA D 224 -61.27 27.08 -23.33
N GLY D 225 -60.99 26.59 -22.14
CA GLY D 225 -62.00 26.50 -21.11
C GLY D 225 -61.74 27.44 -19.95
N TYR D 226 -62.51 28.52 -19.88
CA TYR D 226 -62.33 29.49 -18.79
C TYR D 226 -62.88 28.97 -17.48
N GLN D 227 -63.96 28.18 -17.52
CA GLN D 227 -64.56 27.66 -16.31
C GLN D 227 -63.69 26.56 -15.70
N THR D 228 -63.96 26.26 -14.44
CA THR D 228 -63.20 25.27 -13.68
C THR D 228 -63.93 23.93 -13.58
N TYR D 229 -65.13 23.83 -14.16
CA TYR D 229 -65.97 22.62 -14.09
C TYR D 229 -66.32 22.28 -12.64
N GLY D 230 -66.99 23.21 -11.99
CA GLY D 230 -67.39 23.03 -10.61
C GLY D 230 -68.78 23.54 -10.29
N PHE D 231 -69.59 22.69 -9.68
CA PHE D 231 -70.95 23.04 -9.27
C PHE D 231 -71.04 23.12 -7.75
N ASP D 232 -72.25 23.42 -7.28
CA ASP D 232 -72.52 23.47 -5.84
C ASP D 232 -73.50 22.36 -5.46
N ALA D 233 -73.72 22.23 -4.14
CA ALA D 233 -74.72 21.28 -3.66
C ALA D 233 -76.11 21.64 -4.16
N GLU D 234 -76.45 22.93 -4.15
CA GLU D 234 -77.71 23.39 -4.70
C GLU D 234 -77.72 23.34 -6.23
N GLY D 235 -76.56 23.18 -6.87
CA GLY D 235 -76.48 23.17 -8.31
C GLY D 235 -76.34 24.53 -8.95
N ASN D 236 -76.10 25.58 -8.17
CA ASN D 236 -76.01 26.94 -8.69
C ASN D 236 -74.59 27.19 -9.19
N TRP D 237 -74.41 27.06 -10.50
CA TRP D 237 -73.13 27.39 -11.14
C TRP D 237 -73.03 28.90 -11.30
N LEU D 238 -74.09 29.61 -10.91
CA LEU D 238 -74.17 31.06 -11.11
C LEU D 238 -72.98 31.78 -10.48
N GLU D 239 -72.36 31.18 -9.46
CA GLU D 239 -71.18 31.79 -8.86
C GLU D 239 -70.05 31.93 -9.88
N LEU D 240 -69.86 30.91 -10.73
CA LEU D 240 -68.88 31.01 -11.80
C LEU D 240 -69.49 31.60 -13.07
N SER D 241 -70.81 31.65 -13.16
CA SER D 241 -71.46 32.22 -14.33
C SER D 241 -71.36 33.73 -14.36
N ARG D 242 -71.32 34.39 -13.20
CA ARG D 242 -71.27 35.84 -13.17
C ARG D 242 -69.97 36.34 -13.80
N LEU D 243 -68.86 35.66 -13.54
CA LEU D 243 -67.62 35.99 -14.23
C LEU D 243 -67.74 35.76 -15.73
N THR D 244 -68.33 34.63 -16.13
CA THR D 244 -68.37 34.29 -17.55
C THR D 244 -69.41 35.11 -18.29
N ALA D 245 -70.60 35.30 -17.70
CA ALA D 245 -71.76 35.73 -18.48
C ALA D 245 -72.33 37.09 -18.12
N THR D 246 -72.09 37.62 -16.92
CA THR D 246 -72.73 38.88 -16.54
C THR D 246 -72.23 40.04 -17.40
N ASP D 247 -70.95 40.06 -17.74
CA ASP D 247 -70.41 41.12 -18.57
C ASP D 247 -71.04 41.07 -19.96
N SER D 248 -71.12 42.24 -20.60
CA SER D 248 -71.82 42.35 -21.87
C SER D 248 -71.05 41.63 -22.98
N ASP D 249 -71.72 41.45 -24.12
CA ASP D 249 -71.10 40.77 -25.26
C ASP D 249 -69.90 41.54 -25.78
N ASN D 250 -70.08 42.83 -26.08
CA ASN D 250 -68.98 43.65 -26.58
C ASN D 250 -68.93 44.99 -25.85
N LEU D 251 -69.98 45.30 -25.10
CA LEU D 251 -69.97 46.55 -24.36
C LEU D 251 -68.82 46.58 -23.34
N ASP D 252 -68.58 45.47 -22.65
CA ASP D 252 -67.48 45.42 -21.67
C ASP D 252 -66.44 44.32 -21.86
N LEU D 253 -66.89 43.06 -21.76
CA LEU D 253 -66.05 41.95 -21.30
C LEU D 253 -65.01 41.44 -22.30
N PRO D 254 -63.93 40.84 -21.79
CA PRO D 254 -62.89 40.28 -22.66
C PRO D 254 -63.52 39.17 -23.48
N ALA D 255 -64.32 38.35 -22.82
CA ALA D 255 -65.11 37.30 -23.47
C ALA D 255 -66.41 37.04 -22.72
N ASN D 256 -67.52 37.10 -23.45
CA ASN D 256 -68.81 36.61 -22.98
C ASN D 256 -69.73 36.44 -24.18
N GLU D 257 -70.06 35.18 -24.47
CA GLU D 257 -70.98 34.79 -25.54
C GLU D 257 -71.44 33.31 -25.47
N PHE D 258 -72.55 33.00 -26.13
CA PHE D 258 -73.09 31.63 -26.26
C PHE D 258 -73.37 30.70 -25.06
N TRP D 259 -73.96 31.20 -23.99
CA TRP D 259 -74.27 30.36 -22.82
C TRP D 259 -75.45 29.38 -23.00
N LEU D 260 -75.38 28.21 -22.36
CA LEU D 260 -76.45 27.22 -22.41
C LEU D 260 -77.48 27.42 -21.31
N GLY D 261 -78.76 27.36 -21.69
CA GLY D 261 -79.80 27.16 -20.71
C GLY D 261 -79.90 25.69 -20.28
N GLY D 262 -80.59 25.47 -19.17
CA GLY D 262 -80.79 24.13 -18.66
C GLY D 262 -82.13 23.97 -17.98
N GLU D 263 -82.25 23.01 -17.06
CA GLU D 263 -83.47 22.90 -16.28
C GLU D 263 -83.46 23.82 -15.06
N LEU D 264 -82.35 24.53 -14.79
CA LEU D 264 -82.35 25.51 -13.73
C LEU D 264 -83.06 26.80 -14.14
N VAL D 265 -83.25 27.02 -15.44
CA VAL D 265 -83.80 28.29 -15.91
C VAL D 265 -85.26 28.46 -15.52
N ARG D 266 -85.95 27.40 -15.12
CA ARG D 266 -87.34 27.51 -14.68
C ARG D 266 -87.44 27.95 -13.22
N LYS D 267 -86.35 28.45 -12.64
CA LYS D 267 -86.42 29.05 -11.32
C LYS D 267 -87.27 30.31 -11.35
N MET D 268 -87.83 30.65 -10.18
CA MET D 268 -88.92 31.62 -10.11
C MET D 268 -88.48 33.00 -10.61
N ASP D 269 -87.29 33.43 -10.22
CA ASP D 269 -86.83 34.76 -10.62
C ASP D 269 -86.57 34.80 -12.12
N GLN D 270 -86.86 35.96 -12.73
CA GLN D 270 -86.69 36.15 -14.16
C GLN D 270 -86.12 37.50 -14.54
N GLU D 271 -85.68 38.31 -13.56
CA GLU D 271 -85.18 39.64 -13.87
C GLU D 271 -83.91 39.58 -14.71
N GLN D 272 -82.93 38.78 -14.28
CA GLN D 272 -81.73 38.60 -15.07
C GLN D 272 -81.96 37.71 -16.28
N LYS D 273 -83.02 36.90 -16.28
CA LYS D 273 -83.36 36.13 -17.48
C LYS D 273 -83.67 37.04 -18.65
N ALA D 274 -84.45 38.10 -18.41
CA ALA D 274 -84.83 39.00 -19.50
C ALA D 274 -83.61 39.70 -20.10
N GLN D 275 -82.72 40.20 -19.25
CA GLN D 275 -81.52 40.88 -19.77
C GLN D 275 -80.58 39.91 -20.46
N LEU D 276 -80.48 38.67 -19.98
CA LEU D 276 -79.64 37.68 -20.62
C LEU D 276 -80.25 37.15 -21.91
N GLU D 277 -81.56 37.30 -22.11
CA GLU D 277 -82.16 36.93 -23.38
C GLU D 277 -81.57 37.74 -24.53
N ALA D 278 -81.10 38.95 -24.25
CA ALA D 278 -80.52 39.78 -25.30
C ALA D 278 -79.12 39.34 -25.69
N MET D 279 -78.40 38.70 -24.77
CA MET D 279 -77.03 38.24 -25.04
C MET D 279 -76.78 36.75 -24.88
N GLY D 280 -77.80 36.01 -24.43
CA GLY D 280 -77.65 34.58 -24.23
C GLY D 280 -78.79 33.82 -24.87
N ALA D 281 -78.52 32.59 -25.30
CA ALA D 281 -79.59 31.81 -25.95
C ALA D 281 -80.13 30.75 -25.00
N HIS D 282 -80.63 31.21 -23.85
CA HIS D 282 -81.18 30.31 -22.83
C HIS D 282 -82.68 30.14 -23.04
N LEU D 283 -83.05 29.79 -24.27
CA LEU D 283 -84.42 29.56 -24.66
C LEU D 283 -84.86 28.13 -24.35
N TYR D 284 -83.98 27.31 -23.79
CA TYR D 284 -84.21 25.88 -23.65
C TYR D 284 -84.35 25.52 -22.17
N ALA D 285 -85.47 24.89 -21.83
CA ALA D 285 -85.68 24.35 -20.49
C ALA D 285 -85.55 22.84 -20.42
N ASN D 286 -85.77 22.14 -21.54
CA ASN D 286 -85.62 20.70 -21.62
C ASN D 286 -84.33 20.34 -22.34
N PRO D 287 -83.41 19.64 -21.67
CA PRO D 287 -82.12 19.32 -22.32
C PRO D 287 -82.26 18.48 -23.58
N GLU D 288 -83.31 17.66 -23.69
CA GLU D 288 -83.48 16.84 -24.88
C GLU D 288 -83.66 17.71 -26.12
N LYS D 289 -84.58 18.67 -26.06
CA LYS D 289 -84.71 19.64 -27.15
C LYS D 289 -83.49 20.53 -27.28
N LEU D 290 -82.74 20.72 -26.19
CA LEU D 290 -81.58 21.60 -26.23
C LEU D 290 -80.51 21.08 -27.18
N PHE D 291 -80.19 19.79 -27.10
CA PHE D 291 -79.11 19.24 -27.91
C PHE D 291 -79.49 19.14 -29.39
N ALA D 292 -80.79 19.13 -29.69
CA ALA D 292 -81.22 19.02 -31.09
C ALA D 292 -80.80 20.24 -31.89
N ASP D 293 -80.74 21.41 -31.25
CA ASP D 293 -80.40 22.63 -31.97
C ASP D 293 -78.90 22.91 -31.94
N LEU D 294 -78.21 22.51 -30.86
CA LEU D 294 -76.78 22.75 -30.76
C LEU D 294 -76.00 22.02 -31.85
N ALA D 295 -76.38 20.77 -32.15
CA ALA D 295 -75.67 20.02 -33.18
C ALA D 295 -75.77 20.71 -34.54
N ASP D 296 -76.97 21.17 -34.91
CA ASP D 296 -77.13 21.82 -36.21
C ASP D 296 -76.37 23.14 -36.27
N SER D 297 -76.36 23.90 -35.16
CA SER D 297 -75.62 25.16 -35.14
C SER D 297 -74.12 24.92 -35.32
N PHE D 298 -73.59 23.90 -34.64
CA PHE D 298 -72.17 23.56 -34.79
C PHE D 298 -71.88 22.93 -36.14
N LEU D 299 -72.73 22.01 -36.58
CA LEU D 299 -72.49 21.29 -37.83
C LEU D 299 -72.79 22.20 -39.02
N GLY D 300 -72.44 21.70 -40.21
CA GLY D 300 -72.73 22.45 -41.42
C GLY D 300 -74.22 22.63 -41.66
N VAL D 301 -75.01 21.59 -41.36
CA VAL D 301 -76.45 21.66 -41.51
C VAL D 301 -77.11 21.40 -40.16
N ASN E 3 -37.19 45.96 -21.09
CA ASN E 3 -37.34 46.37 -22.48
C ASN E 3 -36.71 45.35 -23.43
N LEU E 4 -35.77 44.55 -22.90
CA LEU E 4 -35.08 43.54 -23.69
C LEU E 4 -35.14 42.16 -23.06
N ASN E 5 -35.91 41.97 -21.98
CA ASN E 5 -36.04 40.69 -21.32
C ASN E 5 -37.48 40.51 -20.88
N LEU E 6 -37.86 39.28 -20.58
CA LEU E 6 -39.21 38.97 -20.13
C LEU E 6 -39.20 37.71 -19.28
N PHE E 7 -39.81 37.80 -18.09
CA PHE E 7 -39.96 36.68 -17.19
C PHE E 7 -41.45 36.45 -16.96
N ALA E 8 -41.87 35.20 -16.78
CA ALA E 8 -43.26 34.90 -16.49
C ALA E 8 -43.41 33.57 -15.78
N THR E 9 -44.35 33.50 -14.84
CA THR E 9 -44.89 32.24 -14.35
C THR E 9 -46.10 31.91 -15.20
N ILE E 10 -46.89 30.93 -14.77
CA ILE E 10 -48.00 30.44 -15.58
C ILE E 10 -49.28 30.47 -14.78
N LEU E 11 -50.33 29.93 -15.38
CA LEU E 11 -51.70 30.05 -14.98
C LEU E 11 -52.44 28.74 -15.25
N THR E 12 -52.94 28.11 -14.20
CA THR E 12 -53.54 26.78 -14.30
C THR E 12 -54.63 26.60 -13.25
N TYR E 13 -55.56 25.68 -13.54
CA TYR E 13 -56.63 25.21 -12.66
C TYR E 13 -56.40 23.77 -12.22
N PRO E 14 -56.93 23.37 -11.06
CA PRO E 14 -56.77 21.98 -10.61
C PRO E 14 -57.75 21.04 -11.28
N ALA E 15 -57.31 19.79 -11.43
CA ALA E 15 -58.07 18.74 -12.10
C ALA E 15 -57.41 17.39 -11.84
N PRO E 16 -58.08 16.27 -12.08
CA PRO E 16 -57.42 14.96 -11.93
C PRO E 16 -56.19 14.85 -12.82
N ALA E 17 -55.17 14.17 -12.30
CA ALA E 17 -53.86 13.97 -12.92
C ALA E 17 -53.73 13.05 -14.14
N SER E 18 -52.65 13.28 -14.90
CA SER E 18 -52.33 12.54 -16.13
C SER E 18 -50.83 12.51 -16.45
N ASN E 19 -50.51 12.03 -17.66
CA ASN E 19 -49.14 11.93 -18.22
C ASN E 19 -48.05 11.04 -17.58
N TYR E 20 -48.44 9.85 -17.11
CA TYR E 20 -47.51 8.87 -16.57
C TYR E 20 -46.22 8.83 -17.39
N ARG E 21 -45.09 8.59 -16.74
CA ARG E 21 -43.86 8.32 -17.48
C ARG E 21 -43.28 6.96 -17.19
N GLY E 22 -43.08 6.60 -15.92
CA GLY E 22 -42.47 5.32 -15.60
C GLY E 22 -43.45 4.17 -15.69
N GLU E 23 -42.90 2.96 -15.66
CA GLU E 23 -43.71 1.73 -15.69
C GLU E 23 -43.11 0.76 -14.68
N SER E 24 -43.98 0.03 -13.98
CA SER E 24 -43.55 -1.04 -13.09
C SER E 24 -44.10 -2.37 -13.58
N GLU E 25 -43.39 -3.44 -13.22
CA GLU E 25 -43.85 -4.79 -13.55
C GLU E 25 -45.08 -5.20 -12.75
N GLU E 26 -45.42 -4.46 -11.69
CA GLU E 26 -46.64 -4.69 -10.93
C GLU E 26 -47.87 -4.11 -11.59
N ASN E 27 -47.78 -3.77 -12.88
CA ASN E 27 -48.90 -3.25 -13.66
C ASN E 27 -49.38 -1.91 -13.10
N ARG E 28 -48.45 -1.11 -12.56
CA ARG E 28 -48.75 0.18 -11.97
C ARG E 28 -48.13 1.27 -12.83
N SER E 29 -48.94 2.23 -13.24
CA SER E 29 -48.47 3.38 -14.02
C SER E 29 -48.04 4.47 -13.05
N VAL E 30 -46.73 4.50 -12.75
CA VAL E 30 -46.22 5.40 -11.73
C VAL E 30 -46.01 6.79 -12.31
N ILE E 31 -46.11 7.80 -11.46
CA ILE E 31 -45.82 9.18 -11.86
C ILE E 31 -44.47 9.58 -11.28
N GLN E 32 -43.90 10.65 -11.81
CA GLN E 32 -42.55 11.07 -11.41
C GLN E 32 -42.61 12.00 -10.20
N LYS E 33 -41.58 11.91 -9.36
CA LYS E 33 -41.45 12.72 -8.15
C LYS E 33 -40.10 13.40 -8.18
N ILE E 34 -40.04 14.65 -7.72
CA ILE E 34 -38.82 15.44 -7.82
C ILE E 34 -38.36 16.00 -6.48
N LEU E 35 -39.25 16.23 -5.53
CA LEU E 35 -38.93 17.07 -4.37
C LEU E 35 -38.86 16.22 -3.12
N LYS E 36 -37.95 16.58 -2.21
CA LYS E 36 -37.78 15.87 -0.95
C LYS E 36 -37.78 16.88 0.18
N ASP E 37 -38.97 17.20 0.69
CA ASP E 37 -39.15 17.97 1.91
C ASP E 37 -39.99 17.18 2.90
N GLY E 38 -39.87 15.85 2.86
CA GLY E 38 -40.74 14.97 3.58
C GLY E 38 -41.98 14.53 2.82
N GLN E 39 -42.16 15.00 1.59
CA GLN E 39 -43.30 14.64 0.77
C GLN E 39 -42.85 14.44 -0.67
N LYS E 40 -43.81 14.13 -1.53
CA LYS E 40 -43.57 13.89 -2.95
C LYS E 40 -44.44 14.80 -3.79
N TYR E 41 -43.91 15.23 -4.93
CA TYR E 41 -44.61 16.13 -5.84
C TYR E 41 -44.57 15.57 -7.26
N ALA E 42 -45.65 15.79 -8.01
CA ALA E 42 -45.76 15.32 -9.38
C ALA E 42 -45.23 16.37 -10.34
N ILE E 43 -44.61 15.93 -11.43
CA ILE E 43 -43.92 16.81 -12.37
C ILE E 43 -44.27 16.45 -13.80
N ILE E 44 -43.97 17.38 -14.71
CA ILE E 44 -44.03 17.18 -16.15
C ILE E 44 -42.77 17.78 -16.77
N SER E 45 -42.12 17.01 -17.62
CA SER E 45 -40.85 17.46 -18.21
C SER E 45 -41.07 18.65 -19.14
N PRO E 46 -40.09 19.55 -19.24
CA PRO E 46 -40.23 20.69 -20.16
C PRO E 46 -40.33 20.30 -21.63
N GLU E 47 -39.75 19.17 -22.02
CA GLU E 47 -39.72 18.80 -23.44
C GLU E 47 -41.11 18.51 -23.99
N SER E 48 -41.99 17.90 -23.18
CA SER E 48 -43.37 17.68 -23.63
C SER E 48 -44.10 19.01 -23.86
N MET E 49 -43.86 19.97 -22.97
CA MET E 49 -44.36 21.32 -23.16
C MET E 49 -43.83 21.95 -24.44
N ARG E 50 -42.54 21.75 -24.72
CA ARG E 50 -41.97 22.25 -25.97
C ARG E 50 -42.66 21.61 -27.18
N ASN E 51 -42.92 20.31 -27.10
CA ASN E 51 -43.64 19.63 -28.18
C ASN E 51 -45.04 20.20 -28.36
N ALA E 52 -45.74 20.47 -27.27
CA ALA E 52 -47.08 21.05 -27.36
C ALA E 52 -47.05 22.42 -28.00
N LEU E 53 -46.10 23.27 -27.60
CA LEU E 53 -45.95 24.58 -28.22
C LEU E 53 -45.64 24.45 -29.71
N ARG E 54 -44.76 23.51 -30.06
CA ARG E 54 -44.43 23.29 -31.45
C ARG E 54 -45.66 22.89 -32.26
N GLU E 55 -46.45 21.95 -31.73
CA GLU E 55 -47.60 21.46 -32.48
C GLU E 55 -48.69 22.53 -32.62
N MET E 56 -48.94 23.29 -31.55
CA MET E 56 -49.92 24.36 -31.65
C MET E 56 -49.46 25.46 -32.61
N LEU E 57 -48.15 25.73 -32.66
CA LEU E 57 -47.68 26.65 -33.70
C LEU E 57 -47.88 26.05 -35.08
N ILE E 58 -47.77 24.72 -35.19
CA ILE E 58 -48.04 24.06 -36.46
C ILE E 58 -49.49 24.27 -36.88
N GLU E 59 -50.44 24.16 -35.93
CA GLU E 59 -51.84 24.26 -36.33
C GLU E 59 -52.23 25.68 -36.74
N LEU E 60 -51.60 26.70 -36.16
CA LEU E 60 -51.72 28.04 -36.72
C LEU E 60 -51.06 28.07 -38.09
N GLY E 61 -51.38 29.11 -38.87
CA GLY E 61 -50.65 29.30 -40.11
C GLY E 61 -49.20 29.63 -39.84
N GLN E 62 -48.31 28.65 -40.04
CA GLN E 62 -46.89 28.77 -39.78
C GLN E 62 -46.20 27.80 -40.71
N PRO E 63 -45.38 28.25 -41.65
CA PRO E 63 -44.52 27.31 -42.39
C PRO E 63 -43.49 26.72 -41.44
N ASN E 64 -43.26 25.42 -41.55
CA ASN E 64 -42.40 24.70 -40.61
C ASN E 64 -41.44 23.81 -41.38
N ASN E 65 -40.52 23.19 -40.65
CA ASN E 65 -39.57 22.27 -41.24
C ASN E 65 -39.47 20.94 -40.51
N ARG E 66 -40.48 20.61 -39.69
CA ARG E 66 -40.45 19.39 -38.90
C ARG E 66 -41.89 19.01 -38.53
N THR E 67 -42.18 17.70 -38.56
CA THR E 67 -43.48 17.21 -38.15
C THR E 67 -43.36 15.74 -37.74
N ARG E 68 -44.36 15.28 -36.99
CA ARG E 68 -44.38 13.91 -36.50
C ARG E 68 -45.17 13.03 -37.47
N LEU E 69 -44.64 11.84 -37.75
CA LEU E 69 -45.29 10.89 -38.64
C LEU E 69 -45.43 9.55 -37.94
N HIS E 70 -46.52 8.85 -38.24
CA HIS E 70 -46.78 7.52 -37.70
C HIS E 70 -46.32 6.48 -38.72
N SER E 71 -45.33 5.69 -38.34
CA SER E 71 -44.61 4.81 -39.25
C SER E 71 -44.13 3.60 -38.45
N GLU E 72 -43.11 2.92 -38.97
CA GLU E 72 -42.48 1.80 -38.28
C GLU E 72 -42.30 2.10 -36.79
N ASP E 73 -42.41 1.05 -35.97
CA ASP E 73 -42.74 1.21 -34.56
C ASP E 73 -41.73 2.08 -33.81
N GLN E 74 -40.52 2.21 -34.31
CA GLN E 74 -39.55 3.09 -33.67
C GLN E 74 -40.01 4.55 -33.75
N LEU E 75 -39.56 5.34 -32.78
CA LEU E 75 -39.90 6.77 -32.75
C LEU E 75 -39.12 7.50 -33.84
N ALA E 76 -39.83 7.99 -34.85
CA ALA E 76 -39.20 8.65 -35.99
C ALA E 76 -39.90 9.96 -36.29
N VAL E 77 -39.11 10.92 -36.79
CA VAL E 77 -39.60 12.23 -37.20
C VAL E 77 -39.01 12.55 -38.57
N GLU E 78 -39.84 12.98 -39.50
CA GLU E 78 -39.38 13.23 -40.86
C GLU E 78 -38.47 14.45 -40.88
N PHE E 79 -37.40 14.37 -41.69
CA PHE E 79 -36.43 15.45 -41.73
C PHE E 79 -36.80 16.50 -42.78
N LYS E 80 -37.52 16.08 -43.82
CA LYS E 80 -37.92 16.88 -44.99
C LYS E 80 -36.71 17.71 -45.44
N GLU E 81 -36.89 18.95 -45.88
CA GLU E 81 -35.76 19.73 -46.38
C GLU E 81 -34.86 20.14 -45.22
N TYR E 82 -33.58 20.34 -45.53
CA TYR E 82 -32.60 20.64 -44.50
C TYR E 82 -32.90 22.00 -43.88
N PRO E 83 -33.11 22.07 -42.57
CA PRO E 83 -33.40 23.36 -41.93
C PRO E 83 -32.23 24.32 -42.02
N ASN E 84 -32.57 25.60 -42.19
CA ASN E 84 -31.60 26.69 -42.19
C ASN E 84 -32.13 27.80 -41.29
N PRO E 85 -31.15 28.58 -40.82
CA PRO E 85 -31.27 29.73 -39.93
C PRO E 85 -32.10 30.83 -40.54
N ASP E 86 -32.00 31.01 -41.86
CA ASP E 86 -32.79 32.04 -42.56
C ASP E 86 -34.21 31.54 -42.90
N LYS E 87 -34.99 31.34 -41.84
CA LYS E 87 -36.36 30.87 -41.81
C LYS E 87 -36.94 31.28 -40.45
N PHE E 88 -38.26 31.27 -40.35
CA PHE E 88 -38.88 31.69 -39.10
C PHE E 88 -39.72 30.58 -38.46
N ALA E 89 -39.66 29.37 -39.01
CA ALA E 89 -40.30 28.21 -38.41
C ALA E 89 -39.88 28.04 -36.95
N ASP E 90 -40.78 27.45 -36.17
CA ASP E 90 -40.57 27.33 -34.73
C ASP E 90 -39.35 26.49 -34.39
N ASP E 91 -39.12 25.40 -35.13
CA ASP E 91 -37.95 24.56 -34.85
C ASP E 91 -36.66 25.34 -35.02
N PHE E 92 -36.69 26.40 -35.83
CA PHE E 92 -35.57 27.34 -35.84
C PHE E 92 -35.52 28.14 -34.55
N LEU E 93 -36.68 28.58 -34.05
CA LEU E 93 -36.70 29.37 -32.84
C LEU E 93 -36.09 28.62 -31.67
N PHE E 94 -36.57 27.40 -31.41
CA PHE E 94 -35.97 26.52 -30.43
C PHE E 94 -35.47 25.27 -31.13
N GLY E 95 -34.17 25.02 -31.02
CA GLY E 95 -33.55 23.86 -31.63
C GLY E 95 -32.24 24.18 -32.33
N TYR E 96 -31.48 23.14 -32.65
CA TYR E 96 -30.21 23.25 -33.34
C TYR E 96 -30.27 22.51 -34.67
N MET E 97 -29.11 22.42 -35.31
CA MET E 97 -28.89 21.50 -36.42
C MET E 97 -27.66 20.68 -36.08
N VAL E 98 -27.84 19.61 -35.32
CA VAL E 98 -26.74 18.76 -34.87
C VAL E 98 -26.40 17.81 -36.00
N ALA E 99 -25.10 17.61 -36.24
CA ALA E 99 -24.61 16.82 -37.35
C ALA E 99 -23.57 15.83 -36.86
N GLN E 100 -23.53 14.66 -37.49
CA GLN E 100 -22.53 13.65 -37.16
C GLN E 100 -21.26 13.85 -37.96
N THR E 101 -21.39 13.95 -39.29
CA THR E 101 -20.25 14.17 -40.17
C THR E 101 -20.19 15.61 -40.68
N ASN E 102 -21.17 16.44 -40.31
CA ASN E 102 -21.27 17.82 -40.80
C ASN E 102 -21.29 17.84 -42.32
N ASP E 103 -22.01 16.86 -42.90
CA ASP E 103 -22.14 16.61 -44.35
C ASP E 103 -20.80 16.90 -45.03
N ALA E 104 -20.73 17.73 -46.07
CA ALA E 104 -19.48 18.04 -46.74
C ALA E 104 -19.18 19.51 -46.58
N LYS E 105 -17.97 19.82 -46.10
CA LYS E 105 -17.41 21.17 -46.04
C LYS E 105 -18.41 22.21 -45.54
N GLU E 106 -18.99 21.93 -44.37
CA GLU E 106 -19.80 22.89 -43.62
C GLU E 106 -21.04 23.31 -44.41
N MET E 107 -21.83 22.32 -44.82
CA MET E 107 -23.03 22.54 -45.63
C MET E 107 -22.71 23.37 -46.88
N LYS E 108 -21.57 23.06 -47.49
CA LYS E 108 -21.04 23.85 -48.61
C LYS E 108 -20.86 25.31 -48.20
N LYS E 109 -20.26 25.50 -47.02
CA LYS E 109 -19.97 26.83 -46.48
C LYS E 109 -21.23 27.67 -46.31
N LEU E 110 -22.28 27.06 -45.77
CA LEU E 110 -23.56 27.73 -45.57
C LEU E 110 -23.99 27.64 -44.12
N ASN E 111 -24.47 28.76 -43.58
CA ASN E 111 -25.08 28.86 -42.24
C ASN E 111 -24.08 28.36 -41.20
N ARG E 112 -24.59 27.79 -40.11
CA ARG E 112 -23.76 27.26 -39.03
C ARG E 112 -24.21 25.87 -38.57
N PRO E 113 -23.26 25.05 -38.16
CA PRO E 113 -23.52 23.67 -37.70
C PRO E 113 -24.35 23.50 -36.42
N ALA E 114 -24.12 24.32 -35.40
CA ALA E 114 -24.83 24.19 -34.13
C ALA E 114 -25.70 25.40 -33.80
N LYS E 115 -26.87 25.17 -33.20
CA LYS E 115 -27.76 26.27 -32.88
C LYS E 115 -27.76 26.43 -31.36
N ARG E 116 -26.90 27.31 -30.87
CA ARG E 116 -26.70 27.51 -29.43
C ARG E 116 -27.89 28.13 -28.74
N ASP E 117 -28.62 29.04 -29.38
CA ASP E 117 -29.67 29.79 -28.72
C ASP E 117 -30.98 29.04 -28.81
N SER E 118 -31.69 28.98 -27.69
CA SER E 118 -33.06 28.50 -27.63
C SER E 118 -33.90 29.60 -26.99
N ILE E 119 -34.46 30.48 -27.83
CA ILE E 119 -35.09 31.71 -27.36
C ILE E 119 -36.17 31.46 -26.31
N PHE E 120 -36.90 30.35 -26.39
CA PHE E 120 -37.87 29.99 -25.37
C PHE E 120 -37.13 29.21 -24.28
N ARG E 121 -37.03 29.81 -23.10
CA ARG E 121 -36.28 29.25 -21.98
C ARG E 121 -37.24 28.98 -20.83
N CYS E 122 -37.54 27.72 -20.59
CA CYS E 122 -38.54 27.28 -19.63
C CYS E 122 -37.90 26.37 -18.58
N ASN E 123 -38.67 25.51 -17.83
CA ASN E 123 -38.26 24.83 -16.61
C ASN E 123 -39.32 23.81 -16.23
N MET E 124 -38.93 22.88 -15.35
CA MET E 124 -39.82 21.83 -14.88
C MET E 124 -40.97 22.43 -14.06
N ALA E 125 -42.13 21.78 -14.15
CA ALA E 125 -43.30 22.17 -13.38
C ALA E 125 -43.36 21.38 -12.07
N VAL E 126 -44.01 21.98 -11.07
CA VAL E 126 -44.11 21.41 -9.73
C VAL E 126 -45.55 21.43 -9.29
N ALA E 127 -46.01 20.31 -8.72
CA ALA E 127 -47.42 20.13 -8.39
C ALA E 127 -47.88 21.05 -7.26
N VAL E 128 -46.96 21.54 -6.42
CA VAL E 128 -47.21 22.40 -5.26
C VAL E 128 -48.38 21.86 -4.44
N ASN E 129 -48.54 20.53 -4.43
CA ASN E 129 -49.53 19.85 -3.60
C ASN E 129 -48.95 18.47 -3.31
N PRO E 130 -48.95 18.03 -2.05
CA PRO E 130 -48.33 16.75 -1.72
C PRO E 130 -49.01 15.59 -2.43
N TYR E 131 -48.21 14.64 -2.86
CA TYR E 131 -48.74 13.45 -3.53
C TYR E 131 -49.37 12.50 -2.52
N LYS E 132 -50.49 11.92 -2.91
CA LYS E 132 -51.20 10.95 -2.09
C LYS E 132 -51.13 9.58 -2.76
N TYR E 133 -50.93 8.55 -1.95
CA TYR E 133 -50.75 7.19 -2.47
C TYR E 133 -52.05 6.57 -2.96
N ASP E 134 -53.16 7.29 -2.90
CA ASP E 134 -54.44 6.74 -3.35
C ASP E 134 -54.40 6.46 -4.85
N THR E 135 -55.15 5.44 -5.27
CA THR E 135 -55.18 5.02 -6.66
C THR E 135 -56.55 4.42 -6.96
N VAL E 136 -56.84 4.29 -8.25
CA VAL E 136 -58.10 3.73 -8.72
C VAL E 136 -57.82 2.79 -9.89
N PHE E 137 -58.42 1.60 -9.83
CA PHE E 137 -58.32 0.63 -10.92
C PHE E 137 -59.49 0.86 -11.87
N TYR E 138 -59.17 1.13 -13.14
CA TYR E 138 -60.15 1.57 -14.12
C TYR E 138 -60.24 0.63 -15.31
N GLN E 139 -59.80 -0.61 -15.19
CA GLN E 139 -59.89 -1.42 -16.39
C GLN E 139 -59.85 -2.93 -16.29
N SER E 140 -60.44 -3.54 -17.30
CA SER E 140 -60.45 -4.98 -17.48
C SER E 140 -60.03 -5.13 -18.94
N PRO E 141 -59.03 -5.95 -19.21
CA PRO E 141 -58.60 -6.14 -20.59
C PRO E 141 -59.34 -7.36 -21.09
N LEU E 142 -60.10 -7.25 -22.17
CA LEU E 142 -60.84 -8.43 -22.59
C LEU E 142 -60.05 -9.15 -23.68
N ASN E 143 -60.00 -10.48 -23.58
CA ASN E 143 -59.23 -11.28 -24.51
C ASN E 143 -60.00 -11.54 -25.80
N ALA E 144 -59.30 -12.14 -26.76
CA ALA E 144 -59.91 -12.48 -28.04
C ALA E 144 -60.91 -13.62 -27.88
N GLY E 145 -61.98 -13.56 -28.66
CA GLY E 145 -62.99 -14.60 -28.63
C GLY E 145 -63.32 -15.18 -30.00
N ASP E 146 -62.99 -14.46 -31.06
CA ASP E 146 -63.31 -14.89 -32.42
C ASP E 146 -62.19 -15.71 -33.06
N SER E 147 -61.07 -15.91 -32.37
CA SER E 147 -59.91 -16.62 -32.91
C SER E 147 -59.36 -15.96 -34.17
N ALA E 148 -59.67 -14.69 -34.39
CA ALA E 148 -59.18 -13.94 -35.54
C ALA E 148 -58.33 -12.78 -35.04
N TRP E 149 -57.07 -12.76 -35.46
CA TRP E 149 -56.11 -11.73 -35.06
C TRP E 149 -55.98 -11.68 -33.53
N LYS E 150 -55.72 -12.86 -32.95
CA LYS E 150 -55.64 -13.00 -31.50
C LYS E 150 -54.52 -12.27 -30.76
N ASN E 151 -54.91 -11.68 -29.63
CA ASN E 151 -54.00 -10.97 -28.73
C ASN E 151 -53.49 -11.94 -27.64
N SER E 152 -52.83 -11.40 -26.62
CA SER E 152 -52.34 -12.24 -25.54
C SER E 152 -53.54 -12.91 -24.89
N THR E 153 -53.41 -14.20 -24.58
CA THR E 153 -54.53 -14.95 -24.02
C THR E 153 -54.85 -14.52 -22.59
N SER E 154 -53.88 -13.92 -21.90
CA SER E 154 -54.09 -13.52 -20.51
C SER E 154 -54.74 -12.14 -20.43
N SER E 155 -55.58 -11.96 -19.41
CA SER E 155 -56.25 -10.69 -19.15
C SER E 155 -56.10 -10.36 -17.66
N ALA E 156 -55.01 -9.69 -17.32
CA ALA E 156 -54.75 -9.31 -15.93
C ALA E 156 -55.32 -7.93 -15.64
N LEU E 157 -55.06 -7.44 -14.43
CA LEU E 157 -55.52 -6.13 -14.00
C LEU E 157 -54.33 -5.23 -13.68
N LEU E 158 -54.36 -4.01 -14.19
CA LEU E 158 -53.32 -3.01 -13.95
C LEU E 158 -53.83 -1.99 -12.95
N HIS E 159 -52.96 -1.04 -12.60
CA HIS E 159 -53.30 0.03 -11.67
C HIS E 159 -52.80 1.38 -12.19
N ARG E 160 -53.60 2.42 -11.97
CA ARG E 160 -53.22 3.79 -12.28
C ARG E 160 -53.64 4.69 -11.13
N GLU E 161 -52.86 5.72 -10.87
CA GLU E 161 -53.13 6.65 -9.79
C GLU E 161 -53.23 8.07 -10.35
N VAL E 162 -54.13 8.86 -9.76
CA VAL E 162 -54.38 10.24 -10.17
C VAL E 162 -54.45 11.11 -8.93
N THR E 163 -54.24 12.40 -9.12
CA THR E 163 -54.30 13.38 -8.04
C THR E 163 -55.06 14.61 -8.50
N HIS E 164 -55.70 15.28 -7.55
CA HIS E 164 -56.43 16.52 -7.80
C HIS E 164 -55.48 17.65 -7.44
N THR E 165 -54.88 18.27 -8.46
CA THR E 165 -53.74 19.14 -8.24
C THR E 165 -53.62 20.14 -9.38
N ALA E 166 -53.03 21.30 -9.07
CA ALA E 166 -52.68 22.32 -10.05
C ALA E 166 -51.20 22.62 -9.92
N PHE E 167 -50.51 22.71 -11.05
CA PHE E 167 -49.05 22.79 -11.09
C PHE E 167 -48.58 23.94 -11.98
N GLN E 168 -47.52 24.61 -11.53
CA GLN E 168 -46.99 25.79 -12.21
C GLN E 168 -45.53 25.61 -12.56
N TYR E 169 -45.07 26.37 -13.54
CA TYR E 169 -43.68 26.38 -13.97
C TYR E 169 -43.27 27.81 -14.32
N PRO E 170 -41.99 28.13 -14.23
CA PRO E 170 -41.50 29.42 -14.73
C PRO E 170 -40.96 29.33 -16.14
N PHE E 171 -40.82 30.50 -16.77
CA PHE E 171 -40.12 30.59 -18.05
C PHE E 171 -39.68 32.03 -18.28
N ALA E 172 -38.78 32.20 -19.24
CA ALA E 172 -38.16 33.49 -19.49
C ALA E 172 -37.60 33.53 -20.90
N LEU E 173 -37.38 34.74 -21.40
CA LEU E 173 -36.79 34.95 -22.71
C LEU E 173 -36.11 36.32 -22.74
N ALA E 174 -35.24 36.51 -23.72
CA ALA E 174 -34.50 37.76 -23.89
C ALA E 174 -34.76 38.33 -25.28
N GLY E 175 -34.86 39.66 -25.35
CA GLY E 175 -35.06 40.36 -26.60
C GLY E 175 -33.73 40.87 -27.15
N LYS E 176 -33.44 40.49 -28.39
CA LYS E 176 -32.17 40.83 -29.03
C LYS E 176 -32.33 41.77 -30.22
N ASP E 177 -33.20 41.45 -31.17
CA ASP E 177 -33.38 42.24 -32.37
C ASP E 177 -34.88 42.47 -32.63
N CYS E 178 -35.16 43.52 -33.40
CA CYS E 178 -36.54 43.89 -33.73
C CYS E 178 -36.82 43.86 -35.22
N ALA E 179 -36.01 43.14 -35.99
CA ALA E 179 -36.20 43.12 -37.44
C ALA E 179 -37.27 42.12 -37.86
N ALA E 180 -37.04 40.84 -37.57
CA ALA E 180 -37.95 39.78 -37.98
C ALA E 180 -38.44 38.92 -36.82
N LYS E 181 -37.61 38.76 -35.78
CA LYS E 181 -37.99 37.96 -34.62
C LYS E 181 -39.29 38.41 -33.96
N PRO E 182 -39.56 39.69 -33.72
CA PRO E 182 -40.84 40.05 -33.09
C PRO E 182 -42.05 39.59 -33.86
N GLU E 183 -41.99 39.60 -35.20
CA GLU E 183 -43.15 39.25 -36.01
C GLU E 183 -43.67 37.86 -35.67
N TRP E 184 -42.80 36.98 -35.18
CA TRP E 184 -43.24 35.62 -34.98
C TRP E 184 -43.22 35.27 -33.50
N VAL E 185 -42.41 36.00 -32.72
CA VAL E 185 -42.49 35.91 -31.26
C VAL E 185 -43.85 36.39 -30.78
N LYS E 186 -44.47 37.32 -31.52
CA LYS E 186 -45.84 37.70 -31.18
C LYS E 186 -46.79 36.53 -31.34
N ALA E 187 -46.62 35.73 -32.40
CA ALA E 187 -47.46 34.54 -32.57
C ALA E 187 -47.17 33.51 -31.49
N LEU E 188 -45.90 33.36 -31.13
CA LEU E 188 -45.54 32.44 -30.05
C LEU E 188 -46.17 32.85 -28.73
N LEU E 189 -46.18 34.15 -28.43
CA LEU E 189 -46.81 34.63 -27.21
C LEU E 189 -48.32 34.52 -27.27
N GLN E 190 -48.90 34.66 -28.47
CA GLN E 190 -50.33 34.40 -28.62
C GLN E 190 -50.66 32.94 -28.31
N ALA E 191 -49.81 32.02 -28.78
CA ALA E 191 -50.06 30.60 -28.58
C ALA E 191 -49.78 30.14 -27.15
N ILE E 192 -48.79 30.73 -26.46
CA ILE E 192 -48.44 30.25 -25.13
C ILE E 192 -49.58 30.53 -24.15
N ALA E 193 -50.36 31.57 -24.40
CA ALA E 193 -51.49 31.88 -23.52
C ALA E 193 -52.55 30.80 -23.57
N GLU E 194 -52.57 30.02 -24.64
CA GLU E 194 -53.56 28.95 -24.84
C GLU E 194 -52.83 27.72 -25.38
N LEU E 195 -52.44 26.82 -24.49
CA LEU E 195 -51.74 25.60 -24.86
C LEU E 195 -52.55 24.40 -24.39
N ASN E 196 -52.57 23.35 -25.21
CA ASN E 196 -53.43 22.19 -24.97
C ASN E 196 -52.66 20.92 -25.28
N GLY E 197 -52.61 20.01 -24.34
CA GLY E 197 -51.90 18.77 -24.51
C GLY E 197 -51.09 18.46 -23.26
N VAL E 198 -49.81 18.15 -23.49
CA VAL E 198 -48.84 17.92 -22.43
C VAL E 198 -49.34 16.77 -21.57
N ALA E 199 -49.87 15.74 -22.21
CA ALA E 199 -50.46 14.60 -21.52
C ALA E 199 -50.48 13.42 -22.47
N GLY E 200 -50.15 12.23 -21.96
CA GLY E 200 -50.20 11.04 -22.80
C GLY E 200 -51.59 10.72 -23.28
N GLY E 201 -52.47 10.32 -22.36
CA GLY E 201 -53.81 9.92 -22.75
C GLY E 201 -54.88 10.93 -22.36
N HIS E 202 -55.44 11.60 -23.37
CA HIS E 202 -56.55 12.51 -23.13
C HIS E 202 -57.90 11.80 -23.12
N ALA E 203 -57.92 10.52 -23.50
CA ALA E 203 -59.17 9.76 -23.42
C ALA E 203 -59.66 9.65 -21.99
N ARG E 204 -58.74 9.59 -21.03
CA ARG E 204 -59.07 9.53 -19.61
C ARG E 204 -58.32 10.62 -18.86
N ALA E 205 -58.98 11.20 -17.85
CA ALA E 205 -58.41 12.24 -17.01
C ALA E 205 -57.90 13.42 -17.84
N TYR E 206 -58.73 13.82 -18.81
CA TYR E 206 -58.42 14.97 -19.64
C TYR E 206 -58.59 16.25 -18.85
N TYR E 207 -57.65 17.19 -18.99
CA TYR E 207 -57.74 18.46 -18.25
C TYR E 207 -57.22 19.68 -19.00
N GLU E 208 -57.72 20.86 -18.62
CA GLU E 208 -57.29 22.12 -19.24
C GLU E 208 -56.70 23.10 -18.22
N PHE E 209 -55.48 23.54 -18.47
CA PHE E 209 -54.76 24.46 -17.58
C PHE E 209 -54.48 25.83 -18.20
N ALA E 210 -55.26 26.19 -19.22
CA ALA E 210 -55.06 27.45 -19.94
C ALA E 210 -55.20 28.76 -19.17
N PRO E 211 -56.17 28.87 -18.26
CA PRO E 211 -56.38 30.13 -17.54
C PRO E 211 -56.12 30.14 -16.03
N ARG E 212 -55.39 31.16 -15.57
CA ARG E 212 -55.08 31.36 -14.16
C ARG E 212 -54.30 32.66 -13.97
N SER E 213 -54.28 33.22 -12.77
CA SER E 213 -53.49 34.42 -12.55
C SER E 213 -52.10 34.31 -13.19
N VAL E 214 -51.61 35.45 -13.71
CA VAL E 214 -50.23 35.61 -14.17
C VAL E 214 -49.66 36.85 -13.49
N VAL E 215 -48.48 36.73 -12.90
CA VAL E 215 -48.00 37.75 -11.97
C VAL E 215 -46.61 38.26 -12.31
N ALA E 216 -46.23 38.27 -13.58
CA ALA E 216 -44.87 38.68 -13.96
C ALA E 216 -44.90 39.53 -15.21
N ARG E 217 -44.11 40.62 -15.21
CA ARG E 217 -43.86 41.48 -16.35
C ARG E 217 -42.36 41.57 -16.60
N LEU E 218 -41.99 42.47 -17.51
CA LEU E 218 -40.60 42.66 -17.94
C LEU E 218 -39.96 43.82 -17.19
N THR E 219 -38.63 43.78 -17.08
CA THR E 219 -37.81 44.82 -16.49
C THR E 219 -36.43 44.79 -17.13
N PRO E 220 -35.87 45.97 -17.46
CA PRO E 220 -34.53 46.04 -18.05
C PRO E 220 -33.41 46.01 -17.01
N LYS E 221 -33.48 45.07 -16.08
CA LYS E 221 -32.50 44.94 -15.01
C LYS E 221 -31.47 43.85 -15.27
N LEU E 222 -31.12 43.63 -16.54
CA LEU E 222 -30.09 42.67 -16.94
C LEU E 222 -30.43 41.26 -16.45
N VAL E 223 -31.65 40.84 -16.77
CA VAL E 223 -32.14 39.48 -16.54
C VAL E 223 -32.00 39.15 -15.05
N ALA E 224 -32.85 39.76 -14.22
CA ALA E 224 -32.83 39.56 -12.78
C ALA E 224 -34.22 39.17 -12.31
N GLY E 225 -34.34 37.97 -11.75
CA GLY E 225 -35.60 37.52 -11.18
C GLY E 225 -35.58 37.51 -9.67
N TYR E 226 -36.22 38.49 -9.05
CA TYR E 226 -36.22 38.61 -7.59
C TYR E 226 -37.14 37.60 -6.93
N GLN E 227 -38.04 36.98 -7.67
CA GLN E 227 -39.05 36.11 -7.09
C GLN E 227 -38.48 34.72 -6.81
N THR E 228 -39.20 33.97 -5.98
CA THR E 228 -38.87 32.58 -5.69
C THR E 228 -39.48 31.62 -6.70
N TYR E 229 -40.34 32.11 -7.59
CA TYR E 229 -41.00 31.30 -8.62
C TYR E 229 -41.91 30.24 -7.98
N GLY E 230 -42.70 30.69 -7.00
CA GLY E 230 -43.61 29.81 -6.32
C GLY E 230 -44.90 30.54 -5.97
N PHE E 231 -45.95 29.76 -5.76
CA PHE E 231 -47.26 30.25 -5.40
C PHE E 231 -47.68 29.67 -4.06
N ASP E 232 -48.84 30.09 -3.58
CA ASP E 232 -49.43 29.58 -2.37
C ASP E 232 -50.39 28.42 -2.70
N ALA E 233 -50.63 27.59 -1.69
CA ALA E 233 -51.63 26.53 -1.85
C ALA E 233 -53.00 27.11 -2.11
N GLU E 234 -53.35 28.19 -1.40
CA GLU E 234 -54.59 28.90 -1.69
C GLU E 234 -54.48 29.72 -2.97
N GLY E 235 -53.27 29.98 -3.45
CA GLY E 235 -53.05 30.77 -4.65
C GLY E 235 -52.66 32.21 -4.41
N ASN E 236 -52.62 32.65 -3.15
CA ASN E 236 -52.26 34.04 -2.83
C ASN E 236 -50.74 34.18 -2.88
N TRP E 237 -50.25 34.60 -4.05
CA TRP E 237 -48.84 34.89 -4.25
C TRP E 237 -48.38 36.13 -3.51
N LEU E 238 -49.32 36.96 -3.04
CA LEU E 238 -48.97 38.28 -2.52
C LEU E 238 -48.09 38.22 -1.28
N GLU E 239 -47.98 37.06 -0.63
CA GLU E 239 -47.08 36.95 0.52
C GLU E 239 -45.65 37.29 0.12
N LEU E 240 -45.31 37.11 -1.16
CA LEU E 240 -44.07 37.64 -1.70
C LEU E 240 -44.26 38.99 -2.38
N SER E 241 -45.40 39.20 -3.04
CA SER E 241 -45.69 40.49 -3.67
C SER E 241 -45.76 41.62 -2.66
N ARG E 242 -46.15 41.32 -1.41
CA ARG E 242 -46.06 42.31 -0.35
C ARG E 242 -44.63 42.81 -0.19
N LEU E 243 -43.65 41.90 -0.23
CA LEU E 243 -42.25 42.29 -0.27
C LEU E 243 -41.93 43.05 -1.55
N THR E 244 -42.62 42.75 -2.64
CA THR E 244 -42.15 43.18 -3.96
C THR E 244 -43.02 44.25 -4.61
N ALA E 245 -44.31 43.99 -4.81
CA ALA E 245 -45.14 44.88 -5.63
C ALA E 245 -45.79 46.03 -4.85
N THR E 246 -45.83 45.96 -3.52
CA THR E 246 -46.54 46.99 -2.77
C THR E 246 -45.73 48.27 -2.64
N ASP E 247 -44.48 48.28 -3.07
CA ASP E 247 -43.66 49.47 -2.96
C ASP E 247 -44.11 50.55 -3.95
N SER E 248 -43.77 51.79 -3.63
CA SER E 248 -43.92 52.89 -4.57
C SER E 248 -42.64 53.07 -5.37
N ASP E 249 -42.79 53.48 -6.63
CA ASP E 249 -41.61 53.65 -7.49
C ASP E 249 -40.80 54.86 -7.05
N ASN E 250 -41.40 55.75 -6.26
CA ASN E 250 -40.67 56.94 -5.82
C ASN E 250 -39.76 56.62 -4.64
N LEU E 251 -40.24 55.80 -3.70
CA LEU E 251 -39.42 55.43 -2.56
C LEU E 251 -38.20 54.62 -2.99
N ASP E 252 -38.38 53.72 -3.95
CA ASP E 252 -37.34 52.93 -4.61
C ASP E 252 -36.65 51.99 -3.62
N LEU E 253 -37.25 51.71 -2.46
CA LEU E 253 -36.55 50.90 -1.47
C LEU E 253 -36.27 49.47 -1.92
N PRO E 254 -37.25 48.68 -2.42
CA PRO E 254 -36.90 47.38 -2.99
C PRO E 254 -36.71 47.40 -4.50
N ALA E 255 -36.78 48.59 -5.10
CA ALA E 255 -36.46 48.86 -6.50
C ALA E 255 -37.40 48.17 -7.50
N ASN E 256 -38.65 47.92 -7.13
CA ASN E 256 -39.55 47.18 -8.00
C ASN E 256 -40.46 48.11 -8.79
N GLU E 257 -40.88 47.66 -9.97
CA GLU E 257 -41.70 48.43 -10.88
C GLU E 257 -42.09 47.51 -12.04
N PHE E 258 -43.11 47.93 -12.80
CA PHE E 258 -43.51 47.24 -14.03
C PHE E 258 -43.92 45.80 -13.78
N TRP E 259 -45.03 45.61 -13.06
CA TRP E 259 -45.55 44.27 -12.84
C TRP E 259 -46.96 44.13 -13.42
N LEU E 260 -47.55 42.96 -13.20
CA LEU E 260 -48.84 42.65 -13.80
C LEU E 260 -49.78 41.96 -12.82
N GLY E 261 -50.95 41.56 -13.35
CA GLY E 261 -51.95 40.84 -12.60
C GLY E 261 -52.64 39.79 -13.47
N GLY E 262 -53.61 39.12 -12.87
CA GLY E 262 -54.28 38.03 -13.54
C GLY E 262 -55.62 37.67 -12.92
N GLU E 263 -55.90 36.37 -12.79
CA GLU E 263 -57.13 35.92 -12.16
C GLU E 263 -57.18 36.24 -10.68
N LEU E 264 -56.05 36.64 -10.08
CA LEU E 264 -56.04 37.01 -8.67
C LEU E 264 -56.54 38.43 -8.43
N VAL E 265 -56.51 39.30 -9.44
CA VAL E 265 -56.91 40.68 -9.24
C VAL E 265 -58.42 40.79 -8.97
N ARG E 266 -59.19 39.82 -9.44
CA ARG E 266 -60.65 39.84 -9.26
C ARG E 266 -61.09 39.38 -7.89
N LYS E 267 -60.18 39.30 -6.92
CA LYS E 267 -60.57 39.01 -5.56
C LYS E 267 -61.45 40.13 -5.01
N MET E 268 -62.25 39.77 -3.99
CA MET E 268 -63.37 40.62 -3.58
C MET E 268 -62.91 41.98 -3.10
N ASP E 269 -61.87 42.03 -2.28
CA ASP E 269 -61.43 43.30 -1.72
C ASP E 269 -60.86 44.20 -2.82
N GLN E 270 -61.03 45.51 -2.63
CA GLN E 270 -60.68 46.50 -3.64
C GLN E 270 -59.72 47.58 -3.14
N GLU E 271 -59.62 47.78 -1.83
CA GLU E 271 -58.86 48.92 -1.30
C GLU E 271 -57.41 48.91 -1.77
N GLN E 272 -56.72 47.78 -1.58
CA GLN E 272 -55.32 47.71 -2.02
C GLN E 272 -55.22 47.72 -3.54
N LYS E 273 -56.25 47.25 -4.24
CA LYS E 273 -56.23 47.32 -5.70
C LYS E 273 -56.20 48.77 -6.16
N ALA E 274 -56.96 49.65 -5.50
CA ALA E 274 -56.96 51.06 -5.87
C ALA E 274 -55.58 51.68 -5.71
N GLN E 275 -54.90 51.38 -4.60
CA GLN E 275 -53.58 51.98 -4.39
C GLN E 275 -52.53 51.36 -5.32
N LEU E 276 -52.64 50.07 -5.63
CA LEU E 276 -51.72 49.46 -6.58
C LEU E 276 -51.96 49.95 -8.00
N GLU E 277 -53.19 50.39 -8.33
CA GLU E 277 -53.43 50.98 -9.64
C GLU E 277 -52.60 52.23 -9.86
N ALA E 278 -52.22 52.93 -8.78
CA ALA E 278 -51.42 54.13 -8.92
C ALA E 278 -50.00 53.84 -9.37
N MET E 279 -49.50 52.63 -9.16
CA MET E 279 -48.14 52.27 -9.56
C MET E 279 -48.11 51.20 -10.66
N GLY E 280 -48.75 50.06 -10.43
CA GLY E 280 -48.69 48.95 -11.36
C GLY E 280 -49.81 48.99 -12.39
N ALA E 281 -49.50 48.49 -13.57
CA ALA E 281 -50.48 48.43 -14.67
C ALA E 281 -51.17 47.07 -14.70
N HIS E 282 -51.81 46.73 -13.59
CA HIS E 282 -52.55 45.48 -13.47
C HIS E 282 -54.04 45.67 -13.80
N LEU E 283 -54.30 46.27 -14.96
CA LEU E 283 -55.65 46.59 -15.40
C LEU E 283 -56.29 45.47 -16.20
N TYR E 284 -55.83 44.23 -16.02
CA TYR E 284 -56.25 43.11 -16.85
C TYR E 284 -56.95 42.06 -15.98
N ALA E 285 -58.13 41.64 -16.42
CA ALA E 285 -58.90 40.63 -15.72
C ALA E 285 -58.77 39.24 -16.32
N ASN E 286 -58.66 39.13 -17.64
CA ASN E 286 -58.45 37.86 -18.32
C ASN E 286 -57.11 37.89 -19.04
N PRO E 287 -56.21 36.93 -18.78
CA PRO E 287 -54.84 37.03 -19.31
C PRO E 287 -54.75 37.03 -20.83
N GLU E 288 -55.78 36.57 -21.55
CA GLU E 288 -55.71 36.60 -23.00
C GLU E 288 -55.59 38.02 -23.54
N LYS E 289 -56.35 38.95 -22.96
CA LYS E 289 -56.17 40.36 -23.30
C LYS E 289 -54.84 40.89 -22.78
N LEU E 290 -54.39 40.40 -21.62
CA LEU E 290 -53.14 40.83 -21.03
C LEU E 290 -51.96 40.58 -21.97
N PHE E 291 -51.86 39.34 -22.48
CA PHE E 291 -50.77 38.99 -23.38
C PHE E 291 -50.79 39.77 -24.67
N ALA E 292 -51.97 40.10 -25.18
CA ALA E 292 -52.05 40.87 -26.42
C ALA E 292 -51.39 42.24 -26.27
N ASP E 293 -51.62 42.91 -25.14
CA ASP E 293 -51.01 44.21 -24.91
C ASP E 293 -49.54 44.09 -24.55
N LEU E 294 -49.17 43.08 -23.77
CA LEU E 294 -47.77 42.95 -23.38
C LEU E 294 -46.89 42.52 -24.55
N ALA E 295 -47.44 41.81 -25.53
CA ALA E 295 -46.69 41.51 -26.74
C ALA E 295 -46.33 42.78 -27.49
N ASP E 296 -47.29 43.70 -27.60
CA ASP E 296 -47.02 44.98 -28.24
C ASP E 296 -46.04 45.81 -27.43
N SER E 297 -46.21 45.84 -26.11
CA SER E 297 -45.33 46.67 -25.27
C SER E 297 -43.90 46.16 -25.30
N PHE E 298 -43.70 44.84 -25.18
CA PHE E 298 -42.35 44.28 -25.14
C PHE E 298 -41.61 44.51 -26.45
N LEU E 299 -42.29 44.32 -27.58
CA LEU E 299 -41.67 44.47 -28.88
C LEU E 299 -41.57 45.94 -29.25
N GLY E 300 -41.04 46.22 -30.45
CA GLY E 300 -40.94 47.59 -30.90
C GLY E 300 -42.29 48.26 -31.07
N VAL E 301 -43.27 47.51 -31.59
CA VAL E 301 -44.61 48.04 -31.77
C VAL E 301 -45.62 47.11 -31.09
N ASN F 3 -10.26 48.65 4.30
CA ASN F 3 -9.92 49.67 3.31
C ASN F 3 -9.16 49.06 2.14
N LEU F 4 -8.52 47.92 2.39
CA LEU F 4 -7.73 47.24 1.36
C LEU F 4 -8.12 45.78 1.17
N ASN F 5 -9.12 45.29 1.90
CA ASN F 5 -9.57 43.91 1.78
C ASN F 5 -11.09 43.87 1.73
N LEU F 6 -11.63 42.83 1.10
CA LEU F 6 -13.07 42.68 0.98
C LEU F 6 -13.41 41.20 1.00
N PHE F 7 -14.16 40.79 2.02
CA PHE F 7 -14.69 39.43 2.13
C PHE F 7 -16.20 39.48 1.95
N ALA F 8 -16.73 38.61 1.11
CA ALA F 8 -18.14 38.62 0.78
C ALA F 8 -18.72 37.23 0.86
N THR F 9 -20.04 37.16 0.81
CA THR F 9 -20.79 35.91 0.87
C THR F 9 -21.75 35.83 -0.32
N ILE F 10 -22.65 34.85 -0.26
CA ILE F 10 -23.28 34.33 -1.47
C ILE F 10 -24.79 34.45 -1.33
N LEU F 11 -25.47 34.37 -2.47
CA LEU F 11 -26.90 34.61 -2.53
C LEU F 11 -27.51 33.82 -3.68
N THR F 12 -28.49 32.98 -3.37
CA THR F 12 -29.10 32.06 -4.33
C THR F 12 -30.51 31.72 -3.88
N TYR F 13 -31.29 31.19 -4.82
CA TYR F 13 -32.64 30.69 -4.55
C TYR F 13 -32.76 29.21 -4.88
N PRO F 14 -33.62 28.48 -4.17
CA PRO F 14 -33.80 27.06 -4.47
C PRO F 14 -34.60 26.84 -5.75
N ALA F 15 -34.18 25.83 -6.51
CA ALA F 15 -34.78 25.47 -7.79
C ALA F 15 -34.15 24.17 -8.27
N PRO F 16 -34.74 23.51 -9.26
CA PRO F 16 -34.11 22.30 -9.81
C PRO F 16 -32.74 22.59 -10.38
N ALA F 17 -31.90 21.54 -10.44
CA ALA F 17 -30.49 21.70 -10.71
C ALA F 17 -30.19 21.48 -12.20
N SER F 18 -28.93 21.71 -12.56
CA SER F 18 -28.45 21.63 -13.94
C SER F 18 -26.93 21.46 -13.90
N ASN F 19 -26.28 21.76 -15.02
CA ASN F 19 -24.82 21.79 -15.11
C ASN F 19 -24.20 20.40 -14.87
N TYR F 20 -24.54 19.47 -15.76
CA TYR F 20 -23.92 18.15 -15.75
C TYR F 20 -22.48 18.23 -16.24
N ARG F 21 -21.64 17.37 -15.68
CA ARG F 21 -20.25 17.24 -16.13
C ARG F 21 -19.86 15.81 -16.47
N GLY F 22 -20.36 14.83 -15.72
CA GLY F 22 -19.92 13.46 -15.93
C GLY F 22 -20.57 12.82 -17.15
N GLU F 23 -20.00 11.69 -17.55
CA GLU F 23 -20.49 10.91 -18.69
C GLU F 23 -20.51 9.44 -18.30
N SER F 24 -21.71 8.86 -18.21
CA SER F 24 -21.88 7.44 -17.97
C SER F 24 -22.30 6.75 -19.26
N GLU F 25 -21.66 5.62 -19.56
CA GLU F 25 -21.99 4.87 -20.77
C GLU F 25 -23.42 4.37 -20.72
N GLU F 26 -23.98 4.17 -19.53
CA GLU F 26 -25.36 3.75 -19.35
C GLU F 26 -26.35 4.87 -19.65
N ASN F 27 -25.90 5.96 -20.27
CA ASN F 27 -26.76 7.04 -20.76
C ASN F 27 -27.40 7.81 -19.60
N ARG F 28 -26.59 8.17 -18.62
CA ARG F 28 -27.02 9.05 -17.54
C ARG F 28 -26.06 10.21 -17.43
N SER F 29 -26.61 11.41 -17.19
CA SER F 29 -25.80 12.62 -17.03
C SER F 29 -25.57 12.85 -15.55
N VAL F 30 -24.54 12.19 -15.02
CA VAL F 30 -24.26 12.22 -13.59
C VAL F 30 -23.70 13.58 -13.19
N ILE F 31 -24.03 13.99 -11.97
CA ILE F 31 -23.56 15.26 -11.42
C ILE F 31 -22.38 14.97 -10.48
N GLN F 32 -21.64 16.01 -10.13
CA GLN F 32 -20.40 15.86 -9.38
C GLN F 32 -20.68 15.93 -7.87
N LYS F 33 -20.13 14.97 -7.12
CA LYS F 33 -20.24 14.92 -5.68
C LYS F 33 -18.83 14.81 -5.09
N ILE F 34 -18.51 15.64 -4.10
CA ILE F 34 -17.18 15.62 -3.52
C ILE F 34 -17.19 15.44 -2.00
N LEU F 35 -18.26 15.86 -1.33
CA LEU F 35 -18.26 15.85 0.12
C LEU F 35 -18.56 14.44 0.64
N LYS F 36 -17.88 14.06 1.71
CA LYS F 36 -18.04 12.74 2.33
C LYS F 36 -18.28 12.92 3.83
N ASP F 37 -19.54 13.14 4.20
CA ASP F 37 -19.99 13.10 5.59
C ASP F 37 -21.17 12.14 5.72
N GLY F 38 -21.22 11.13 4.86
CA GLY F 38 -22.34 10.21 4.79
C GLY F 38 -23.38 10.57 3.75
N GLN F 39 -23.19 11.65 3.00
CA GLN F 39 -24.14 12.09 1.99
C GLN F 39 -23.37 12.59 0.77
N LYS F 40 -24.12 12.96 -0.27
CA LYS F 40 -23.57 13.55 -1.48
C LYS F 40 -24.02 15.00 -1.58
N TYR F 41 -23.19 15.82 -2.22
CA TYR F 41 -23.51 17.23 -2.42
C TYR F 41 -23.16 17.63 -3.85
N ALA F 42 -23.98 18.52 -4.42
CA ALA F 42 -23.77 19.01 -5.77
C ALA F 42 -22.83 20.21 -5.75
N ILE F 43 -22.00 20.32 -6.78
CA ILE F 43 -21.00 21.39 -6.88
C ILE F 43 -21.04 22.01 -8.27
N ILE F 44 -20.49 23.22 -8.36
CA ILE F 44 -20.19 23.88 -9.63
C ILE F 44 -18.79 24.46 -9.54
N SER F 45 -17.97 24.16 -10.54
CA SER F 45 -16.59 24.63 -10.54
C SER F 45 -16.54 26.15 -10.64
N PRO F 46 -15.63 26.81 -9.91
CA PRO F 46 -15.54 28.27 -9.99
C PRO F 46 -15.20 28.79 -11.37
N GLU F 47 -14.46 28.02 -12.17
CA GLU F 47 -14.08 28.50 -13.50
C GLU F 47 -15.31 28.71 -14.40
N SER F 48 -16.36 27.93 -14.20
CA SER F 48 -17.62 28.18 -14.90
C SER F 48 -18.13 29.58 -14.58
N MET F 49 -18.11 29.95 -13.29
CA MET F 49 -18.50 31.29 -12.89
C MET F 49 -17.55 32.34 -13.41
N ARG F 50 -16.27 32.01 -13.56
CA ARG F 50 -15.31 32.97 -14.13
C ARG F 50 -15.65 33.29 -15.58
N ASN F 51 -15.95 32.25 -16.37
CA ASN F 51 -16.39 32.50 -17.74
C ASN F 51 -17.72 33.23 -17.79
N ALA F 52 -18.63 32.93 -16.86
CA ALA F 52 -19.88 33.67 -16.80
C ALA F 52 -19.64 35.15 -16.54
N LEU F 53 -18.71 35.46 -15.63
CA LEU F 53 -18.36 36.84 -15.36
C LEU F 53 -17.70 37.50 -16.57
N ARG F 54 -16.88 36.75 -17.30
CA ARG F 54 -16.31 37.27 -18.54
C ARG F 54 -17.40 37.62 -19.54
N GLU F 55 -18.40 36.76 -19.68
CA GLU F 55 -19.52 37.06 -20.58
C GLU F 55 -20.31 38.27 -20.10
N MET F 56 -20.53 38.37 -18.79
CA MET F 56 -21.25 39.52 -18.23
C MET F 56 -20.50 40.81 -18.49
N LEU F 57 -19.17 40.77 -18.44
CA LEU F 57 -18.38 41.93 -18.83
C LEU F 57 -18.44 42.16 -20.33
N ILE F 58 -18.59 41.08 -21.11
CA ILE F 58 -18.70 41.21 -22.57
C ILE F 58 -19.94 41.99 -22.96
N GLU F 59 -21.08 41.65 -22.35
CA GLU F 59 -22.33 42.30 -22.77
C GLU F 59 -22.30 43.80 -22.46
N LEU F 60 -21.73 44.18 -21.32
CA LEU F 60 -21.48 45.59 -21.06
C LEU F 60 -20.28 46.07 -21.86
N GLY F 61 -20.18 47.39 -22.01
CA GLY F 61 -19.06 47.93 -22.76
C GLY F 61 -17.74 47.80 -22.03
N GLN F 62 -16.91 46.86 -22.48
CA GLN F 62 -15.61 46.56 -21.88
C GLN F 62 -14.67 46.03 -22.96
N PRO F 63 -13.61 46.76 -23.31
CA PRO F 63 -12.70 46.29 -24.36
C PRO F 63 -11.80 45.17 -23.85
N ASN F 64 -11.92 44.00 -24.49
CA ASN F 64 -11.19 42.82 -24.08
C ASN F 64 -10.49 42.21 -25.29
N ASN F 65 -9.69 41.17 -25.03
CA ASN F 65 -8.99 40.46 -26.09
C ASN F 65 -9.50 39.04 -26.33
N ARG F 66 -10.28 38.48 -25.41
CA ARG F 66 -10.73 37.10 -25.51
C ARG F 66 -12.20 37.07 -25.88
N THR F 67 -12.53 36.31 -26.92
CA THR F 67 -13.92 36.12 -27.32
C THR F 67 -14.11 34.69 -27.81
N ARG F 68 -15.27 34.14 -27.51
CA ARG F 68 -15.60 32.76 -27.86
C ARG F 68 -16.24 32.71 -29.24
N LEU F 69 -15.83 31.73 -30.04
CA LEU F 69 -16.33 31.55 -31.39
C LEU F 69 -16.79 30.11 -31.59
N HIS F 70 -17.76 29.94 -32.47
CA HIS F 70 -18.30 28.62 -32.81
C HIS F 70 -17.78 28.26 -34.20
N SER F 71 -16.93 27.24 -34.25
CA SER F 71 -16.13 26.93 -35.43
C SER F 71 -15.92 25.42 -35.46
N GLU F 72 -14.89 24.99 -36.20
CA GLU F 72 -14.49 23.59 -36.31
C GLU F 72 -14.54 22.90 -34.96
N ASP F 73 -14.87 21.60 -34.95
CA ASP F 73 -15.36 20.94 -33.74
C ASP F 73 -14.42 21.04 -32.56
N GLN F 74 -13.13 21.26 -32.79
CA GLN F 74 -12.23 21.57 -31.69
C GLN F 74 -12.70 22.81 -30.94
N LEU F 75 -12.68 22.74 -29.61
CA LEU F 75 -13.10 23.87 -28.80
C LEU F 75 -12.10 25.01 -28.95
N ALA F 76 -12.42 26.00 -29.77
CA ALA F 76 -11.50 27.08 -30.10
C ALA F 76 -11.91 28.36 -29.39
N VAL F 77 -10.92 29.21 -29.12
CA VAL F 77 -11.12 30.51 -28.51
C VAL F 77 -10.35 31.54 -29.32
N GLU F 78 -11.04 32.60 -29.74
CA GLU F 78 -10.41 33.64 -30.56
C GLU F 78 -9.61 34.57 -29.65
N PHE F 79 -8.29 34.56 -29.84
CA PHE F 79 -7.42 35.29 -28.93
C PHE F 79 -7.13 36.71 -29.38
N LYS F 80 -7.60 37.10 -30.56
CA LYS F 80 -7.50 38.48 -31.08
C LYS F 80 -6.02 38.85 -31.19
N GLU F 81 -5.65 40.09 -30.89
CA GLU F 81 -4.26 40.52 -30.98
C GLU F 81 -3.50 40.06 -29.74
N TYR F 82 -2.23 40.47 -29.65
CA TYR F 82 -1.37 39.96 -28.59
C TYR F 82 -1.87 40.43 -27.23
N PRO F 83 -1.86 39.57 -26.21
CA PRO F 83 -2.39 39.97 -24.90
C PRO F 83 -1.62 41.13 -24.30
N ASN F 84 -2.36 42.01 -23.62
CA ASN F 84 -1.82 43.21 -23.02
C ASN F 84 -2.11 43.19 -21.52
N PRO F 85 -1.13 43.50 -20.66
CA PRO F 85 -1.46 43.56 -19.23
C PRO F 85 -2.29 44.76 -18.79
N ASP F 86 -2.18 45.89 -19.47
CA ASP F 86 -3.09 47.02 -19.27
C ASP F 86 -4.21 46.86 -20.31
N LYS F 87 -4.96 45.77 -20.16
CA LYS F 87 -6.11 45.52 -21.02
C LYS F 87 -7.36 45.99 -20.30
N PHE F 88 -8.31 46.54 -21.06
CA PHE F 88 -9.31 47.40 -20.46
C PHE F 88 -10.43 46.62 -19.77
N ALA F 89 -10.52 45.31 -20.02
CA ALA F 89 -11.61 44.52 -19.46
C ALA F 89 -11.14 43.41 -18.52
N ASP F 90 -10.33 42.48 -19.00
CA ASP F 90 -10.13 41.22 -18.30
C ASP F 90 -8.68 40.96 -17.89
N ASP F 91 -7.72 41.13 -18.81
CA ASP F 91 -6.36 40.65 -18.57
C ASP F 91 -5.76 41.30 -17.33
N PHE F 92 -5.92 42.62 -17.17
CA PHE F 92 -5.53 43.25 -15.93
C PHE F 92 -6.38 42.76 -14.77
N LEU F 93 -7.69 42.62 -15.01
CA LEU F 93 -8.60 42.23 -13.94
C LEU F 93 -8.32 40.80 -13.47
N PHE F 94 -8.27 39.86 -14.41
CA PHE F 94 -7.87 38.49 -14.11
C PHE F 94 -7.61 37.77 -15.43
N GLY F 95 -6.47 37.10 -15.50
CA GLY F 95 -6.11 36.40 -16.73
C GLY F 95 -4.63 36.09 -16.74
N TYR F 96 -4.15 35.77 -17.93
CA TYR F 96 -2.78 35.32 -18.13
C TYR F 96 -2.40 35.52 -19.58
N MET F 97 -1.10 35.72 -19.82
CA MET F 97 -0.53 35.85 -21.15
C MET F 97 0.43 34.68 -21.35
N VAL F 98 0.10 33.80 -22.31
CA VAL F 98 0.77 32.52 -22.42
C VAL F 98 2.20 32.71 -22.92
N ALA F 99 3.00 31.64 -22.78
CA ALA F 99 4.38 31.64 -23.25
C ALA F 99 4.79 30.20 -23.50
N GLN F 100 4.94 29.83 -24.77
CA GLN F 100 5.48 28.52 -25.11
C GLN F 100 6.99 28.59 -25.30
N THR F 101 7.46 29.59 -26.03
CA THR F 101 8.88 29.91 -26.11
C THR F 101 9.11 31.37 -25.76
N ASN F 102 8.05 32.18 -25.70
CA ASN F 102 8.14 33.60 -25.36
C ASN F 102 9.08 34.34 -26.31
N ASP F 103 8.95 34.02 -27.61
CA ASP F 103 9.63 34.67 -28.73
C ASP F 103 11.04 35.15 -28.39
N ALA F 104 11.37 36.39 -28.75
CA ALA F 104 12.71 36.93 -28.54
C ALA F 104 12.66 38.13 -27.60
N LYS F 105 13.68 38.23 -26.76
CA LYS F 105 13.93 39.37 -25.86
C LYS F 105 12.65 39.83 -25.16
N GLU F 106 11.91 38.85 -24.63
CA GLU F 106 10.72 39.11 -23.81
C GLU F 106 9.70 39.96 -24.56
N MET F 107 9.21 39.41 -25.68
CA MET F 107 8.20 40.05 -26.50
C MET F 107 8.64 41.45 -26.95
N LYS F 108 9.89 41.52 -27.42
CA LYS F 108 10.50 42.77 -27.90
C LYS F 108 10.46 43.85 -26.81
N LYS F 109 10.84 43.46 -25.59
CA LYS F 109 10.87 44.34 -24.43
C LYS F 109 9.49 44.95 -24.19
N LEU F 110 8.56 44.06 -23.83
CA LEU F 110 7.20 44.44 -23.49
C LEU F 110 6.74 43.67 -22.27
N ASN F 111 6.48 44.40 -21.19
CA ASN F 111 5.93 43.91 -19.92
C ASN F 111 6.54 42.60 -19.45
N ARG F 112 5.73 41.76 -18.81
CA ARG F 112 6.20 40.52 -18.21
C ARG F 112 5.17 39.43 -18.51
N PRO F 113 5.60 38.29 -19.06
CA PRO F 113 4.62 37.35 -19.64
C PRO F 113 3.68 36.73 -18.63
N ALA F 114 4.18 36.16 -17.54
CA ALA F 114 3.31 35.48 -16.60
C ALA F 114 2.54 36.48 -15.76
N LYS F 115 1.24 36.26 -15.64
CA LYS F 115 0.37 37.14 -14.87
C LYS F 115 -0.01 36.42 -13.58
N ARG F 116 0.77 36.66 -12.53
CA ARG F 116 0.61 35.98 -11.26
C ARG F 116 -0.67 36.33 -10.53
N ASP F 117 -1.16 37.56 -10.62
CA ASP F 117 -2.28 38.02 -9.82
C ASP F 117 -3.58 37.73 -10.55
N SER F 118 -4.56 37.19 -9.82
CA SER F 118 -5.92 37.04 -10.29
C SER F 118 -6.81 37.75 -9.26
N ILE F 119 -7.09 39.03 -9.51
CA ILE F 119 -7.74 39.88 -8.50
C ILE F 119 -9.06 39.31 -8.00
N PHE F 120 -9.81 38.61 -8.84
CA PHE F 120 -11.03 37.94 -8.41
C PHE F 120 -10.64 36.56 -7.89
N ARG F 121 -10.81 36.36 -6.58
CA ARG F 121 -10.40 35.13 -5.92
C ARG F 121 -11.64 34.46 -5.33
N CYS F 122 -12.07 33.38 -5.94
CA CYS F 122 -13.30 32.68 -5.61
C CYS F 122 -13.02 31.24 -5.22
N ASN F 123 -14.10 30.47 -5.01
CA ASN F 123 -13.99 29.13 -4.47
C ASN F 123 -15.16 28.29 -4.96
N MET F 124 -15.04 26.98 -4.78
CA MET F 124 -16.05 26.03 -5.24
C MET F 124 -17.37 26.23 -4.49
N ALA F 125 -18.46 25.78 -5.12
CA ALA F 125 -19.79 25.86 -4.53
C ALA F 125 -20.15 24.56 -3.82
N VAL F 126 -21.11 24.67 -2.90
CA VAL F 126 -21.56 23.54 -2.09
C VAL F 126 -23.08 23.57 -2.01
N ALA F 127 -23.70 22.42 -2.23
CA ALA F 127 -25.17 22.35 -2.35
C ALA F 127 -25.88 22.57 -1.02
N VAL F 128 -25.22 22.33 0.11
CA VAL F 128 -25.75 22.44 1.47
C VAL F 128 -27.17 21.87 1.53
N ASN F 129 -27.41 20.79 0.79
CA ASN F 129 -28.66 20.02 0.81
C ASN F 129 -28.26 18.62 0.36
N PRO F 130 -28.55 17.59 1.15
CA PRO F 130 -28.10 16.24 0.79
C PRO F 130 -28.68 15.80 -0.54
N TYR F 131 -27.85 15.13 -1.34
CA TYR F 131 -28.28 14.64 -2.64
C TYR F 131 -29.12 13.38 -2.49
N LYS F 132 -30.15 13.27 -3.32
CA LYS F 132 -30.98 12.08 -3.40
C LYS F 132 -30.84 11.48 -4.79
N TYR F 133 -30.98 10.16 -4.86
CA TYR F 133 -30.78 9.46 -6.13
C TYR F 133 -31.97 9.59 -7.06
N ASP F 134 -32.83 10.56 -6.76
CA ASP F 134 -33.97 10.86 -7.61
C ASP F 134 -33.51 11.20 -9.03
N THR F 135 -34.24 10.69 -10.01
CA THR F 135 -33.89 10.89 -11.41
C THR F 135 -35.16 10.86 -12.25
N VAL F 136 -35.02 11.22 -13.52
CA VAL F 136 -36.16 11.24 -14.43
C VAL F 136 -35.64 11.04 -15.86
N PHE F 137 -36.32 10.17 -16.59
CA PHE F 137 -35.97 9.96 -17.98
C PHE F 137 -37.12 10.56 -18.75
N TYR F 138 -36.92 11.79 -19.21
CA TYR F 138 -37.94 12.49 -19.98
C TYR F 138 -37.61 12.52 -21.47
N GLN F 139 -36.58 11.80 -21.88
CA GLN F 139 -36.18 11.80 -23.28
C GLN F 139 -36.28 10.47 -24.01
N SER F 140 -36.98 10.53 -25.13
CA SER F 140 -37.16 9.44 -26.09
C SER F 140 -36.63 9.92 -27.43
N PRO F 141 -35.31 9.88 -27.67
CA PRO F 141 -34.75 10.42 -28.91
C PRO F 141 -35.38 9.80 -30.15
N LEU F 142 -35.11 10.44 -31.28
CA LEU F 142 -35.90 10.24 -32.48
C LEU F 142 -35.01 9.78 -33.63
N ASN F 143 -35.66 9.47 -34.74
CA ASN F 143 -34.98 9.04 -35.96
C ASN F 143 -35.51 9.83 -37.15
N ALA F 144 -34.70 9.86 -38.21
CA ALA F 144 -35.11 10.53 -39.44
C ALA F 144 -36.00 9.61 -40.27
N GLY F 145 -37.04 10.18 -40.86
CA GLY F 145 -37.99 9.40 -41.63
C GLY F 145 -37.76 9.50 -43.13
N ASP F 146 -37.37 10.67 -43.61
CA ASP F 146 -37.11 10.90 -45.02
C ASP F 146 -35.67 10.57 -45.43
N SER F 147 -34.83 10.17 -44.47
CA SER F 147 -33.46 9.72 -44.74
C SER F 147 -32.63 10.78 -45.46
N ALA F 148 -32.79 12.05 -45.08
CA ALA F 148 -31.99 13.14 -45.62
C ALA F 148 -31.01 13.58 -44.54
N TRP F 149 -29.72 13.36 -44.79
CA TRP F 149 -28.64 13.72 -43.85
C TRP F 149 -28.96 13.20 -42.44
N LYS F 150 -29.06 11.89 -42.34
CA LYS F 150 -29.56 11.26 -41.13
C LYS F 150 -28.54 11.34 -40.00
N ASN F 151 -29.06 11.39 -38.77
CA ASN F 151 -28.26 11.32 -37.57
C ASN F 151 -28.06 9.84 -37.21
N SER F 152 -27.67 9.55 -35.97
CA SER F 152 -27.49 8.16 -35.55
C SER F 152 -28.77 7.36 -35.80
N THR F 153 -28.58 6.14 -36.33
CA THR F 153 -29.73 5.36 -36.82
C THR F 153 -30.67 4.97 -35.69
N SER F 154 -30.13 4.42 -34.61
CA SER F 154 -30.98 3.90 -33.54
C SER F 154 -31.64 5.03 -32.77
N SER F 155 -32.72 4.70 -32.06
CA SER F 155 -33.41 5.62 -31.16
C SER F 155 -33.35 4.97 -29.77
N ALA F 156 -32.61 5.59 -28.87
CA ALA F 156 -32.28 5.00 -27.58
C ALA F 156 -33.11 5.63 -26.46
N LEU F 157 -32.81 5.23 -25.24
CA LEU F 157 -33.39 5.81 -24.05
C LEU F 157 -32.27 6.06 -23.03
N LEU F 158 -32.30 7.24 -22.42
CA LEU F 158 -31.29 7.71 -21.48
C LEU F 158 -31.97 8.19 -20.20
N HIS F 159 -31.17 8.77 -19.30
CA HIS F 159 -31.64 9.22 -18.00
C HIS F 159 -31.04 10.56 -17.64
N ARG F 160 -31.73 11.28 -16.75
CA ARG F 160 -31.27 12.55 -16.24
C ARG F 160 -31.66 12.66 -14.77
N GLU F 161 -30.84 13.36 -13.99
CA GLU F 161 -31.09 13.55 -12.57
C GLU F 161 -30.91 15.01 -12.20
N VAL F 162 -31.84 15.53 -11.37
CA VAL F 162 -31.80 16.90 -10.90
C VAL F 162 -32.30 16.92 -9.46
N THR F 163 -31.93 17.98 -8.73
CA THR F 163 -32.28 18.10 -7.33
C THR F 163 -32.80 19.50 -7.02
N HIS F 164 -33.63 19.59 -5.99
CA HIS F 164 -34.16 20.86 -5.50
C HIS F 164 -33.20 21.40 -4.46
N THR F 165 -32.36 22.37 -4.85
CA THR F 165 -31.21 22.72 -4.05
C THR F 165 -30.88 24.21 -4.24
N ALA F 166 -30.21 24.78 -3.24
CA ALA F 166 -29.64 26.12 -3.32
C ALA F 166 -28.22 26.05 -2.77
N PHE F 167 -27.27 26.68 -3.48
CA PHE F 167 -25.85 26.49 -3.23
C PHE F 167 -25.11 27.83 -3.18
N GLN F 168 -23.99 27.84 -2.45
CA GLN F 168 -23.21 29.04 -2.23
C GLN F 168 -21.74 28.78 -2.54
N TYR F 169 -21.01 29.87 -2.86
CA TYR F 169 -19.60 29.82 -3.25
C TYR F 169 -18.82 31.01 -2.69
N PRO F 170 -18.02 30.81 -1.65
CA PRO F 170 -17.31 31.94 -1.04
C PRO F 170 -16.27 32.55 -1.97
N PHE F 171 -16.05 33.85 -1.79
CA PHE F 171 -15.06 34.57 -2.58
C PHE F 171 -14.63 35.81 -1.80
N ALA F 172 -13.48 36.35 -2.19
CA ALA F 172 -12.92 37.53 -1.54
C ALA F 172 -11.88 38.15 -2.47
N LEU F 173 -11.56 39.42 -2.20
CA LEU F 173 -10.57 40.15 -2.97
C LEU F 173 -9.97 41.28 -2.15
N ALA F 174 -8.82 41.77 -2.60
CA ALA F 174 -8.11 42.86 -1.95
C ALA F 174 -7.79 43.95 -2.98
N GLY F 175 -7.43 45.13 -2.48
CA GLY F 175 -7.10 46.26 -3.34
C GLY F 175 -5.63 46.26 -3.72
N LYS F 176 -5.36 46.50 -5.00
CA LYS F 176 -4.01 46.45 -5.53
C LYS F 176 -3.50 47.80 -6.00
N ASP F 177 -4.20 48.47 -6.92
CA ASP F 177 -3.72 49.74 -7.48
C ASP F 177 -4.89 50.55 -8.03
N CYS F 178 -5.18 51.68 -7.38
CA CYS F 178 -6.34 52.48 -7.74
C CYS F 178 -6.16 53.28 -9.02
N ALA F 179 -5.05 53.11 -9.74
CA ALA F 179 -4.85 53.86 -10.98
C ALA F 179 -5.90 53.50 -12.02
N ALA F 180 -6.06 52.21 -12.30
CA ALA F 180 -7.11 51.73 -13.20
C ALA F 180 -8.16 50.90 -12.47
N LYS F 181 -8.06 50.77 -11.15
CA LYS F 181 -9.00 49.93 -10.40
C LYS F 181 -10.45 50.37 -10.51
N PRO F 182 -10.81 51.66 -10.37
CA PRO F 182 -12.25 51.97 -10.24
C PRO F 182 -13.08 51.62 -11.46
N GLU F 183 -12.69 52.07 -12.65
CA GLU F 183 -13.55 51.93 -13.82
C GLU F 183 -13.84 50.47 -14.16
N TRP F 184 -12.96 49.54 -13.78
CA TRP F 184 -13.21 48.14 -14.04
C TRP F 184 -13.88 47.46 -12.84
N VAL F 185 -13.43 47.79 -11.63
CA VAL F 185 -13.92 47.11 -10.43
C VAL F 185 -15.37 47.47 -10.15
N LYS F 186 -15.75 48.72 -10.43
CA LYS F 186 -17.15 49.10 -10.23
C LYS F 186 -18.07 48.31 -11.14
N ALA F 187 -17.67 48.08 -12.39
CA ALA F 187 -18.45 47.23 -13.28
C ALA F 187 -18.41 45.78 -12.83
N LEU F 188 -17.27 45.33 -12.29
CA LEU F 188 -17.18 43.96 -11.79
C LEU F 188 -18.16 43.71 -10.65
N LEU F 189 -18.27 44.67 -9.73
CA LEU F 189 -19.22 44.51 -8.62
C LEU F 189 -20.65 44.46 -9.13
N GLN F 190 -20.99 45.27 -10.13
CA GLN F 190 -22.31 45.19 -10.74
C GLN F 190 -22.54 43.82 -11.36
N ALA F 191 -21.52 43.28 -12.03
CA ALA F 191 -21.63 41.95 -12.62
C ALA F 191 -21.83 40.88 -11.54
N ILE F 192 -21.11 41.00 -10.42
CA ILE F 192 -21.31 40.07 -9.31
C ILE F 192 -22.74 40.16 -8.78
N ALA F 193 -23.26 41.38 -8.65
CA ALA F 193 -24.61 41.56 -8.13
C ALA F 193 -25.65 40.96 -9.06
N GLU F 194 -25.31 40.78 -10.34
CA GLU F 194 -26.24 40.24 -11.32
C GLU F 194 -25.47 39.48 -12.39
N LEU F 195 -25.51 38.15 -12.32
CA LEU F 195 -24.83 37.29 -13.28
C LEU F 195 -25.81 36.26 -13.81
N ASN F 196 -25.50 35.72 -14.98
CA ASN F 196 -26.35 34.74 -15.67
C ASN F 196 -25.56 33.52 -16.14
N GLY F 197 -26.28 32.50 -16.59
CA GLY F 197 -25.67 31.28 -17.06
C GLY F 197 -25.02 30.37 -16.02
N VAL F 198 -23.73 30.08 -16.21
CA VAL F 198 -22.96 29.19 -15.35
C VAL F 198 -23.59 27.79 -15.34
N ALA F 199 -24.08 27.43 -16.51
CA ALA F 199 -24.74 26.14 -16.80
C ALA F 199 -24.83 25.97 -18.30
N GLY F 200 -24.59 24.75 -18.78
CA GLY F 200 -24.89 24.44 -20.17
C GLY F 200 -26.38 24.34 -20.44
N GLY F 201 -27.12 23.67 -19.55
CA GLY F 201 -28.53 23.45 -19.79
C GLY F 201 -29.40 24.62 -19.39
N HIS F 202 -29.85 25.37 -20.39
CA HIS F 202 -30.80 26.46 -20.19
C HIS F 202 -32.07 26.28 -21.00
N ALA F 203 -32.00 25.58 -22.13
CA ALA F 203 -33.22 25.18 -22.83
C ALA F 203 -34.10 24.33 -21.93
N ARG F 204 -33.49 23.56 -21.03
CA ARG F 204 -34.19 22.86 -19.97
C ARG F 204 -33.52 23.18 -18.65
N ALA F 205 -34.32 23.24 -17.58
CA ALA F 205 -33.85 23.56 -16.24
C ALA F 205 -33.16 24.92 -16.21
N TYR F 206 -33.93 25.95 -16.54
CA TYR F 206 -33.42 27.32 -16.47
C TYR F 206 -33.23 27.72 -15.01
N TYR F 207 -32.00 28.04 -14.63
CA TYR F 207 -31.66 28.30 -13.24
C TYR F 207 -30.87 29.58 -13.14
N GLU F 208 -31.31 30.47 -12.25
CA GLU F 208 -30.59 31.69 -11.92
C GLU F 208 -30.53 31.87 -10.42
N PHE F 209 -29.43 32.43 -9.93
CA PHE F 209 -29.17 32.59 -8.51
C PHE F 209 -28.81 34.04 -8.19
N ALA F 210 -29.62 34.97 -8.70
CA ALA F 210 -29.26 36.38 -8.54
C ALA F 210 -29.53 36.89 -7.12
N PRO F 211 -30.79 36.90 -6.62
CA PRO F 211 -31.03 37.52 -5.31
C PRO F 211 -31.07 36.56 -4.12
N ARG F 212 -30.45 36.96 -3.00
CA ARG F 212 -30.63 36.35 -1.69
C ARG F 212 -29.79 37.14 -0.67
N SER F 213 -29.83 36.74 0.59
CA SER F 213 -29.09 37.45 1.65
C SER F 213 -27.59 37.43 1.40
N VAL F 214 -26.93 38.53 1.77
CA VAL F 214 -25.47 38.65 1.72
C VAL F 214 -24.99 39.25 3.03
N VAL F 215 -23.91 38.70 3.59
CA VAL F 215 -23.39 39.15 4.88
C VAL F 215 -21.93 39.58 4.71
N ALA F 216 -21.62 40.19 3.57
CA ALA F 216 -20.25 40.59 3.23
C ALA F 216 -19.61 41.39 4.34
N ARG F 217 -18.28 41.42 4.35
CA ARG F 217 -17.52 41.84 5.53
C ARG F 217 -16.15 42.36 5.08
N LEU F 218 -15.84 43.61 5.41
CA LEU F 218 -14.55 44.17 5.02
C LEU F 218 -14.01 45.05 6.14
N THR F 219 -12.80 44.72 6.60
CA THR F 219 -12.02 45.53 7.52
C THR F 219 -10.56 45.39 7.15
N PRO F 220 -9.70 46.33 7.55
CA PRO F 220 -8.26 46.17 7.32
C PRO F 220 -7.59 45.21 8.30
N LYS F 221 -8.11 44.00 8.47
CA LYS F 221 -7.49 43.02 9.34
C LYS F 221 -6.47 42.15 8.60
N LEU F 222 -5.97 42.60 7.45
CA LEU F 222 -4.96 41.90 6.67
C LEU F 222 -5.42 40.49 6.28
N VAL F 223 -6.58 40.40 5.64
CA VAL F 223 -7.08 39.18 5.00
C VAL F 223 -7.27 38.12 6.08
N ALA F 224 -8.00 38.47 7.13
CA ALA F 224 -8.36 37.49 8.16
C ALA F 224 -9.85 37.18 8.07
N GLY F 225 -10.17 35.89 8.15
CA GLY F 225 -11.54 35.42 8.07
C GLY F 225 -11.91 34.61 9.31
N TYR F 226 -12.90 35.11 10.04
CA TYR F 226 -13.43 34.40 11.19
C TYR F 226 -14.66 33.56 10.85
N GLN F 227 -15.35 33.87 9.76
CA GLN F 227 -16.54 33.16 9.38
C GLN F 227 -16.19 31.73 8.96
N THR F 228 -17.22 30.91 8.76
CA THR F 228 -17.05 29.53 8.35
C THR F 228 -17.46 29.28 6.90
N TYR F 229 -18.03 30.29 6.24
CA TYR F 229 -18.46 30.19 4.84
C TYR F 229 -19.53 29.11 4.67
N GLY F 230 -20.56 29.15 5.51
CA GLY F 230 -21.65 28.19 5.43
C GLY F 230 -22.89 28.62 6.17
N PHE F 231 -24.04 28.50 5.52
CA PHE F 231 -25.32 28.79 6.14
C PHE F 231 -25.95 27.51 6.66
N ASP F 232 -27.12 27.66 7.28
CA ASP F 232 -27.90 26.52 7.75
C ASP F 232 -28.88 26.09 6.66
N ALA F 233 -29.81 25.20 7.02
CA ALA F 233 -30.77 24.71 6.04
C ALA F 233 -31.70 25.81 5.54
N GLU F 234 -32.15 26.68 6.43
CA GLU F 234 -33.13 27.71 6.10
C GLU F 234 -32.50 29.08 5.89
N GLY F 235 -31.18 29.16 5.74
CA GLY F 235 -30.52 30.41 5.40
C GLY F 235 -30.29 31.36 6.54
N ASN F 236 -30.42 30.91 7.78
CA ASN F 236 -30.20 31.76 8.95
C ASN F 236 -28.73 31.67 9.34
N TRP F 237 -27.95 32.68 8.96
CA TRP F 237 -26.55 32.79 9.37
C TRP F 237 -26.41 33.11 10.86
N LEU F 238 -27.53 33.18 11.59
CA LEU F 238 -27.53 33.63 12.97
C LEU F 238 -26.65 32.78 13.86
N GLU F 239 -26.32 31.55 13.46
CA GLU F 239 -25.41 30.71 14.23
C GLU F 239 -24.09 31.42 14.51
N LEU F 240 -23.72 32.43 13.72
CA LEU F 240 -22.61 33.30 14.06
C LEU F 240 -23.05 34.70 14.46
N SER F 241 -24.23 35.15 14.02
CA SER F 241 -24.69 36.50 14.31
C SER F 241 -24.93 36.73 15.81
N ARG F 242 -25.04 35.66 16.60
CA ARG F 242 -25.15 35.85 18.04
C ARG F 242 -23.84 36.37 18.64
N LEU F 243 -22.71 36.02 18.04
CA LEU F 243 -21.40 36.35 18.61
C LEU F 243 -20.73 37.54 17.94
N THR F 244 -20.54 37.49 16.62
CA THR F 244 -19.73 38.50 15.95
C THR F 244 -20.58 39.70 15.50
N ALA F 245 -21.89 39.62 15.65
CA ALA F 245 -22.78 40.72 15.33
C ALA F 245 -23.33 41.44 16.55
N THR F 246 -23.70 40.71 17.61
CA THR F 246 -24.17 41.34 18.83
C THR F 246 -23.05 42.10 19.54
N ASP F 247 -21.80 41.77 19.25
CA ASP F 247 -20.67 42.46 19.87
C ASP F 247 -20.70 43.96 19.57
N SER F 248 -20.34 44.76 20.58
CA SER F 248 -20.39 46.21 20.49
C SER F 248 -19.03 46.86 20.67
N ASP F 249 -17.95 46.16 20.28
CA ASP F 249 -16.56 46.65 20.25
C ASP F 249 -16.18 47.48 21.48
N ASN F 250 -16.79 47.19 22.62
CA ASN F 250 -16.54 47.92 23.86
C ASN F 250 -15.77 47.10 24.89
N LEU F 251 -16.13 45.84 25.10
CA LEU F 251 -15.41 44.98 26.02
C LEU F 251 -15.61 43.53 25.62
N ASP F 252 -14.61 42.70 25.95
CA ASP F 252 -14.62 41.25 25.87
C ASP F 252 -15.41 40.69 24.68
N LEU F 253 -15.21 41.27 23.50
CA LEU F 253 -15.94 40.88 22.31
C LEU F 253 -15.10 41.21 21.09
N PRO F 254 -15.35 40.55 19.96
CA PRO F 254 -14.63 40.91 18.73
C PRO F 254 -14.87 42.36 18.35
N ALA F 255 -13.81 43.00 17.85
CA ALA F 255 -13.86 44.40 17.43
C ALA F 255 -14.23 44.46 15.96
N ASN F 256 -15.40 45.03 15.66
CA ASN F 256 -15.88 45.15 14.30
C ASN F 256 -16.72 46.42 14.19
N GLU F 257 -16.83 46.95 12.95
CA GLU F 257 -17.71 48.07 12.70
C GLU F 257 -18.40 47.99 11.34
N PHE F 258 -18.26 46.88 10.61
CA PHE F 258 -18.77 46.80 9.24
C PHE F 258 -19.77 45.67 9.05
N TRP F 259 -20.73 45.54 9.96
CA TRP F 259 -21.78 44.56 9.79
C TRP F 259 -22.67 44.93 8.62
N LEU F 260 -23.01 43.93 7.81
CA LEU F 260 -23.88 44.13 6.65
C LEU F 260 -24.95 43.06 6.63
N GLY F 261 -26.10 43.40 6.03
CA GLY F 261 -27.21 42.49 5.91
C GLY F 261 -27.63 42.26 4.47
N GLY F 262 -28.75 41.57 4.32
CA GLY F 262 -29.26 41.25 3.01
C GLY F 262 -30.74 40.93 3.04
N GLU F 263 -31.14 39.87 2.36
CA GLU F 263 -32.53 39.45 2.35
C GLU F 263 -32.99 38.89 3.69
N LEU F 264 -32.06 38.61 4.61
CA LEU F 264 -32.44 38.04 5.91
C LEU F 264 -32.83 39.10 6.93
N VAL F 265 -32.59 40.38 6.64
CA VAL F 265 -32.87 41.43 7.63
C VAL F 265 -34.36 41.54 7.88
N ARG F 266 -35.19 41.12 6.93
CA ARG F 266 -36.63 41.25 7.01
C ARG F 266 -37.30 40.02 7.62
N LYS F 267 -36.54 39.18 8.31
CA LYS F 267 -37.11 38.04 9.01
C LYS F 267 -38.09 38.51 10.09
N MET F 268 -38.82 37.54 10.65
CA MET F 268 -40.03 37.86 11.40
C MET F 268 -39.75 38.81 12.56
N ASP F 269 -38.74 38.50 13.37
CA ASP F 269 -38.44 39.36 14.51
C ASP F 269 -37.81 40.67 14.05
N GLN F 270 -38.09 41.74 14.80
CA GLN F 270 -37.61 43.08 14.48
C GLN F 270 -36.93 43.78 15.65
N GLU F 271 -37.23 43.40 16.89
CA GLU F 271 -36.68 44.11 18.04
C GLU F 271 -35.17 44.07 18.07
N GLN F 272 -34.57 42.91 17.82
CA GLN F 272 -33.12 42.81 17.82
C GLN F 272 -32.47 43.52 16.64
N LYS F 273 -33.22 43.78 15.56
CA LYS F 273 -32.70 44.62 14.50
C LYS F 273 -32.40 46.02 15.01
N ALA F 274 -33.21 46.52 15.95
CA ALA F 274 -32.95 47.82 16.54
C ALA F 274 -31.64 47.83 17.33
N GLN F 275 -31.40 46.78 18.11
CA GLN F 275 -30.16 46.73 18.90
C GLN F 275 -28.94 46.52 18.01
N LEU F 276 -29.09 45.80 16.90
CA LEU F 276 -27.99 45.69 15.94
C LEU F 276 -27.77 46.99 15.18
N GLU F 277 -28.83 47.79 15.00
CA GLU F 277 -28.69 49.08 14.35
C GLU F 277 -27.89 50.08 15.18
N ALA F 278 -27.71 49.82 16.48
CA ALA F 278 -26.93 50.72 17.30
C ALA F 278 -25.47 50.77 16.85
N MET F 279 -24.98 49.70 16.22
CA MET F 279 -23.60 49.66 15.76
C MET F 279 -23.43 49.12 14.35
N GLY F 280 -24.43 48.46 13.77
CA GLY F 280 -24.28 47.83 12.46
C GLY F 280 -24.79 48.66 11.30
N ALA F 281 -24.53 48.19 10.08
CA ALA F 281 -24.97 48.86 8.86
C ALA F 281 -25.83 47.93 8.00
N HIS F 282 -26.70 47.15 8.65
CA HIS F 282 -27.55 46.21 7.93
C HIS F 282 -28.87 46.85 7.54
N LEU F 283 -28.81 48.01 6.89
CA LEU F 283 -29.99 48.75 6.50
C LEU F 283 -30.36 48.55 5.04
N TYR F 284 -30.00 47.41 4.45
CA TYR F 284 -30.17 47.18 3.02
C TYR F 284 -31.07 45.97 2.81
N ALA F 285 -32.24 46.19 2.23
CA ALA F 285 -33.10 45.09 1.82
C ALA F 285 -32.63 44.50 0.49
N ASN F 286 -32.18 45.36 -0.43
CA ASN F 286 -31.71 44.95 -1.74
C ASN F 286 -30.21 44.65 -1.69
N PRO F 287 -29.78 43.47 -2.13
CA PRO F 287 -28.35 43.26 -2.32
C PRO F 287 -27.75 44.22 -3.33
N GLU F 288 -28.51 44.61 -4.35
CA GLU F 288 -28.03 45.57 -5.34
C GLU F 288 -27.71 46.92 -4.68
N LYS F 289 -28.62 47.41 -3.84
CA LYS F 289 -28.37 48.67 -3.15
C LYS F 289 -27.18 48.56 -2.20
N LEU F 290 -27.05 47.42 -1.51
CA LEU F 290 -25.90 47.20 -0.63
C LEU F 290 -24.60 47.26 -1.42
N PHE F 291 -24.55 46.59 -2.58
CA PHE F 291 -23.35 46.61 -3.40
C PHE F 291 -23.06 48.01 -3.94
N ALA F 292 -24.10 48.73 -4.37
CA ALA F 292 -23.89 50.06 -4.94
C ALA F 292 -23.20 51.00 -3.95
N ASP F 293 -23.46 50.80 -2.66
CA ASP F 293 -22.84 51.66 -1.65
C ASP F 293 -21.49 51.11 -1.21
N LEU F 294 -21.40 49.79 -0.98
CA LEU F 294 -20.17 49.22 -0.46
C LEU F 294 -19.06 49.18 -1.50
N ALA F 295 -19.38 49.20 -2.80
CA ALA F 295 -18.33 49.32 -3.80
C ALA F 295 -17.65 50.68 -3.71
N ASP F 296 -18.44 51.76 -3.58
CA ASP F 296 -17.87 53.08 -3.39
C ASP F 296 -17.13 53.18 -2.07
N SER F 297 -17.69 52.59 -1.00
CA SER F 297 -17.04 52.65 0.30
C SER F 297 -15.70 51.93 0.30
N PHE F 298 -15.63 50.75 -0.33
CA PHE F 298 -14.39 49.99 -0.38
C PHE F 298 -13.32 50.74 -1.17
N LEU F 299 -13.72 51.36 -2.28
CA LEU F 299 -12.77 52.14 -3.08
C LEU F 299 -12.40 53.43 -2.36
N GLY F 300 -11.58 54.25 -3.04
CA GLY F 300 -11.20 55.52 -2.47
C GLY F 300 -12.37 56.45 -2.25
N VAL F 301 -13.36 56.39 -3.14
CA VAL F 301 -14.55 57.22 -3.03
C VAL F 301 -15.75 56.47 -3.60
N ASN G 3 9.94 29.82 31.46
CA ASN G 3 9.41 30.86 30.59
C ASN G 3 10.30 31.06 29.37
N LEU G 4 11.22 30.12 29.14
CA LEU G 4 12.21 30.23 28.09
C LEU G 4 11.91 29.37 26.87
N ASN G 5 10.72 28.79 26.78
CA ASN G 5 10.33 27.99 25.63
C ASN G 5 8.84 28.17 25.38
N LEU G 6 8.44 28.09 24.12
CA LEU G 6 7.04 28.22 23.73
C LEU G 6 6.67 27.11 22.76
N PHE G 7 5.59 26.40 23.07
CA PHE G 7 5.02 25.38 22.20
C PHE G 7 3.62 25.82 21.80
N ALA G 8 3.16 25.35 20.64
CA ALA G 8 1.78 25.65 20.25
C ALA G 8 1.35 24.73 19.13
N THR G 9 0.04 24.53 19.04
CA THR G 9 -0.61 23.87 17.91
C THR G 9 -1.85 24.68 17.56
N ILE G 10 -2.13 24.80 16.26
CA ILE G 10 -3.24 25.61 15.79
C ILE G 10 -4.08 24.80 14.80
N LEU G 11 -5.34 25.19 14.68
CA LEU G 11 -6.31 24.54 13.81
C LEU G 11 -6.83 25.53 12.78
N THR G 12 -7.57 25.01 11.82
CA THR G 12 -8.18 25.82 10.77
C THR G 12 -9.62 25.36 10.55
N TYR G 13 -10.38 26.18 9.84
CA TYR G 13 -11.76 25.86 9.53
C TYR G 13 -11.82 24.88 8.35
N PRO G 14 -12.83 24.01 8.33
CA PRO G 14 -12.96 23.08 7.20
C PRO G 14 -13.25 23.81 5.90
N ALA G 15 -12.76 23.24 4.81
CA ALA G 15 -12.89 23.84 3.48
C ALA G 15 -12.39 22.83 2.46
N PRO G 16 -12.78 22.98 1.18
CA PRO G 16 -12.21 22.13 0.13
C PRO G 16 -10.70 22.32 0.02
N ALA G 17 -10.01 21.26 -0.38
CA ALA G 17 -8.56 21.23 -0.37
C ALA G 17 -7.97 21.78 -1.67
N SER G 18 -6.66 22.00 -1.64
CA SER G 18 -5.93 22.62 -2.74
C SER G 18 -4.45 22.24 -2.61
N ASN G 19 -3.58 22.98 -3.29
CA ASN G 19 -2.12 22.90 -3.11
C ASN G 19 -1.55 21.58 -3.62
N TYR G 20 -1.82 21.27 -4.89
CA TYR G 20 -1.21 20.10 -5.51
C TYR G 20 0.30 20.27 -5.58
N ARG G 21 1.03 19.18 -5.35
CA ARG G 21 2.49 19.19 -5.45
C ARG G 21 3.01 18.24 -6.51
N GLY G 22 2.57 16.98 -6.50
CA GLY G 22 3.07 16.03 -7.47
C GLY G 22 2.57 16.31 -8.87
N GLU G 23 3.14 15.57 -9.82
CA GLU G 23 2.80 15.71 -11.23
C GLU G 23 2.65 14.34 -11.87
N SER G 24 1.87 14.28 -12.95
CA SER G 24 1.69 13.04 -13.68
C SER G 24 1.16 13.36 -15.06
N GLU G 25 1.58 12.56 -16.05
CA GLU G 25 1.16 12.75 -17.43
C GLU G 25 -0.33 12.51 -17.61
N GLU G 26 -0.96 11.77 -16.70
CA GLU G 26 -2.37 11.36 -16.82
C GLU G 26 -3.36 12.51 -16.64
N ASN G 27 -2.91 13.76 -16.58
CA ASN G 27 -3.72 14.95 -16.42
C ASN G 27 -4.27 15.11 -15.01
N ARG G 28 -3.82 14.28 -14.07
CA ARG G 28 -4.29 14.34 -12.69
C ARG G 28 -3.22 14.98 -11.83
N SER G 29 -3.56 16.09 -11.18
CA SER G 29 -2.65 16.76 -10.25
C SER G 29 -2.76 16.07 -8.89
N VAL G 30 -1.80 15.21 -8.59
CA VAL G 30 -1.88 14.39 -7.38
C VAL G 30 -1.55 15.24 -6.15
N ILE G 31 -1.98 14.75 -5.00
CA ILE G 31 -1.77 15.41 -3.71
C ILE G 31 -0.90 14.51 -2.85
N GLN G 32 0.07 15.11 -2.16
CA GLN G 32 1.00 14.35 -1.35
C GLN G 32 0.29 13.66 -0.19
N LYS G 33 0.70 12.44 0.10
CA LYS G 33 0.11 11.63 1.16
C LYS G 33 1.22 10.89 1.91
N ILE G 34 0.97 10.59 3.20
CA ILE G 34 1.98 9.92 4.01
C ILE G 34 1.47 8.65 4.70
N LEU G 35 0.41 8.70 5.50
CA LEU G 35 0.16 7.69 6.53
C LEU G 35 -0.60 6.51 5.95
N LYS G 36 -0.22 5.30 6.38
CA LYS G 36 -0.93 4.07 6.05
C LYS G 36 -1.33 3.38 7.35
N ASP G 37 -2.50 3.76 7.87
CA ASP G 37 -3.16 3.05 8.95
C ASP G 37 -4.47 2.40 8.48
N GLY G 38 -4.53 2.06 7.19
CA GLY G 38 -5.75 1.66 6.55
C GLY G 38 -6.45 2.76 5.79
N GLN G 39 -6.02 4.01 5.95
CA GLN G 39 -6.54 5.16 5.23
C GLN G 39 -5.39 6.01 4.72
N LYS G 40 -5.73 7.14 4.12
CA LYS G 40 -4.75 8.07 3.56
C LYS G 40 -5.07 9.49 4.01
N TYR G 41 -4.04 10.29 4.22
CA TYR G 41 -4.17 11.67 4.67
C TYR G 41 -3.41 12.60 3.72
N ALA G 42 -3.70 13.89 3.84
CA ALA G 42 -3.06 14.91 3.04
C ALA G 42 -2.12 15.73 3.91
N ILE G 43 -1.07 16.27 3.30
CA ILE G 43 -0.04 17.01 4.02
C ILE G 43 0.21 18.35 3.34
N ILE G 44 0.79 19.27 4.10
CA ILE G 44 1.31 20.54 3.59
C ILE G 44 2.68 20.74 4.21
N SER G 45 3.70 20.77 3.36
CA SER G 45 5.08 20.82 3.84
C SER G 45 5.35 22.15 4.53
N PRO G 46 6.24 22.17 5.53
CA PRO G 46 6.42 23.41 6.32
C PRO G 46 7.19 24.51 5.60
N GLU G 47 8.10 24.18 4.68
CA GLU G 47 8.88 25.21 4.02
C GLU G 47 8.02 26.12 3.16
N SER G 48 6.92 25.61 2.63
CA SER G 48 5.97 26.47 1.92
C SER G 48 5.39 27.51 2.87
N MET G 49 5.04 27.09 4.09
CA MET G 49 4.56 28.03 5.10
C MET G 49 5.67 28.99 5.51
N ARG G 50 6.92 28.53 5.52
CA ARG G 50 8.04 29.44 5.78
C ARG G 50 8.13 30.52 4.70
N ASN G 51 7.95 30.12 3.44
CA ASN G 51 7.91 31.08 2.35
C ASN G 51 6.76 32.07 2.51
N ALA G 52 5.60 31.57 2.94
CA ALA G 52 4.46 32.45 3.20
C ALA G 52 4.77 33.44 4.32
N LEU G 53 5.45 32.98 5.37
CA LEU G 53 5.87 33.87 6.44
C LEU G 53 6.83 34.94 5.93
N ARG G 54 7.79 34.54 5.07
CA ARG G 54 8.69 35.53 4.48
C ARG G 54 7.91 36.55 3.65
N GLU G 55 6.92 36.09 2.89
CA GLU G 55 6.11 37.00 2.09
C GLU G 55 5.34 37.97 2.97
N MET G 56 4.81 37.49 4.09
CA MET G 56 4.06 38.37 4.98
C MET G 56 4.97 39.39 5.68
N LEU G 57 6.16 38.95 6.10
CA LEU G 57 7.12 39.92 6.65
C LEU G 57 7.56 40.92 5.60
N ILE G 58 7.55 40.52 4.33
CA ILE G 58 7.68 41.49 3.24
C ILE G 58 6.50 42.47 3.27
N GLU G 59 5.29 41.94 3.44
CA GLU G 59 4.10 42.80 3.40
C GLU G 59 4.11 43.82 4.53
N LEU G 60 4.27 43.36 5.77
CA LEU G 60 4.39 44.28 6.89
C LEU G 60 5.70 45.05 6.80
N GLY G 61 5.78 46.19 7.47
CA GLY G 61 6.95 47.04 7.35
C GLY G 61 8.20 46.66 8.11
N GLN G 62 8.84 45.61 7.63
CA GLN G 62 10.10 45.14 8.18
C GLN G 62 11.11 45.06 7.05
N PRO G 63 12.27 45.68 7.23
CA PRO G 63 13.33 45.66 6.21
C PRO G 63 14.03 44.32 6.19
N ASN G 64 14.12 43.72 5.01
CA ASN G 64 14.77 42.44 4.83
C ASN G 64 15.44 42.40 3.46
N ASN G 65 16.49 41.59 3.35
CA ASN G 65 17.37 41.63 2.19
C ASN G 65 17.11 40.55 1.16
N ARG G 66 16.10 39.70 1.36
CA ARG G 66 15.75 38.70 0.36
C ARG G 66 14.39 39.04 -0.23
N THR G 67 14.27 38.90 -1.55
CA THR G 67 13.02 39.22 -2.24
C THR G 67 12.94 38.40 -3.52
N ARG G 68 11.75 37.93 -3.84
CA ARG G 68 11.54 37.11 -5.02
C ARG G 68 11.27 37.99 -6.23
N LEU G 69 11.82 37.59 -7.38
CA LEU G 69 11.67 38.35 -8.61
C LEU G 69 11.14 37.44 -9.70
N HIS G 70 10.35 38.03 -10.60
CA HIS G 70 9.82 37.31 -11.76
C HIS G 70 10.71 37.60 -12.96
N SER G 71 11.35 36.56 -13.48
CA SER G 71 12.40 36.69 -14.48
C SER G 71 12.37 35.46 -15.36
N GLU G 72 13.49 35.17 -16.03
CA GLU G 72 13.61 33.99 -16.86
C GLU G 72 13.10 32.75 -16.13
N ASP G 73 12.64 31.78 -16.90
CA ASP G 73 11.76 30.73 -16.37
C ASP G 73 12.41 29.92 -15.26
N GLN G 74 13.74 29.92 -15.17
CA GLN G 74 14.40 29.32 -14.02
C GLN G 74 13.99 30.06 -12.75
N LEU G 75 13.59 29.30 -11.73
CA LEU G 75 13.22 29.91 -10.45
C LEU G 75 14.44 30.59 -9.84
N ALA G 76 14.28 31.87 -9.50
CA ALA G 76 15.40 32.66 -9.00
C ALA G 76 14.93 33.64 -7.94
N VAL G 77 15.83 33.94 -7.01
CA VAL G 77 15.65 34.97 -6.00
C VAL G 77 17.00 35.64 -5.75
N GLU G 78 17.04 36.96 -5.92
CA GLU G 78 18.28 37.69 -5.70
C GLU G 78 18.49 37.94 -4.22
N PHE G 79 19.74 38.23 -3.85
CA PHE G 79 20.12 38.36 -2.45
C PHE G 79 20.73 39.70 -2.09
N LYS G 80 21.09 40.53 -3.08
CA LYS G 80 21.83 41.79 -2.91
C LYS G 80 22.91 41.68 -1.83
N GLU G 81 22.71 42.34 -0.68
CA GLU G 81 23.74 42.40 0.34
C GLU G 81 24.02 41.02 0.92
N TYR G 82 25.26 40.82 1.38
CA TYR G 82 25.68 39.53 1.90
C TYR G 82 24.89 39.19 3.16
N PRO G 83 24.58 37.92 3.40
CA PRO G 83 23.86 37.55 4.62
C PRO G 83 24.60 37.98 5.88
N ASN G 84 23.89 38.67 6.77
CA ASN G 84 24.50 39.12 8.02
C ASN G 84 23.56 39.02 9.21
N PRO G 85 24.09 38.60 10.35
CA PRO G 85 23.30 38.49 11.58
C PRO G 85 22.79 39.85 12.05
N ASP G 86 23.66 40.86 12.01
CA ASP G 86 23.30 42.20 12.44
C ASP G 86 22.66 43.06 11.34
N LYS G 87 21.44 42.72 10.96
CA LYS G 87 20.72 43.46 9.93
C LYS G 87 19.23 43.44 10.22
N PHE G 88 18.49 44.44 9.76
CA PHE G 88 17.05 44.44 9.99
C PHE G 88 16.38 43.15 9.53
N ALA G 89 17.06 42.32 8.75
CA ALA G 89 16.48 41.13 8.16
C ALA G 89 16.57 39.96 9.11
N ASP G 90 15.44 39.28 9.32
CA ASP G 90 15.43 38.02 10.07
C ASP G 90 15.10 36.81 9.21
N ASP G 91 14.21 36.96 8.24
CA ASP G 91 13.99 35.87 7.28
C ASP G 91 15.22 35.66 6.42
N PHE G 92 15.90 36.75 6.05
CA PHE G 92 17.18 36.67 5.36
C PHE G 92 18.29 36.22 6.28
N LEU G 93 18.04 36.18 7.60
CA LEU G 93 19.05 35.72 8.55
C LEU G 93 19.17 34.20 8.56
N PHE G 94 18.05 33.49 8.34
CA PHE G 94 18.03 32.05 8.58
C PHE G 94 18.91 31.29 7.60
N GLY G 95 18.99 31.73 6.35
CA GLY G 95 19.60 30.92 5.31
C GLY G 95 21.11 30.85 5.43
N TYR G 96 21.67 29.73 5.01
CA TYR G 96 23.11 29.52 4.93
C TYR G 96 23.44 28.93 3.57
N MET G 97 24.43 29.49 2.89
CA MET G 97 24.84 29.04 1.57
C MET G 97 26.36 29.08 1.46
N VAL G 98 26.93 28.03 0.86
CA VAL G 98 28.37 27.87 0.75
C VAL G 98 28.83 28.39 -0.60
N ALA G 99 30.12 28.70 -0.69
CA ALA G 99 30.74 29.13 -1.93
C ALA G 99 32.10 28.44 -2.06
N GLN G 100 32.49 28.19 -3.31
CA GLN G 100 33.80 27.60 -3.58
C GLN G 100 34.92 28.56 -3.18
N THR G 101 34.74 29.85 -3.46
CA THR G 101 35.71 30.86 -3.07
C THR G 101 35.46 31.35 -1.64
N ASN G 102 34.22 31.77 -1.35
CA ASN G 102 33.83 32.24 -0.03
C ASN G 102 34.72 33.40 0.43
N ASP G 103 35.04 34.29 -0.52
CA ASP G 103 35.86 35.49 -0.32
C ASP G 103 37.05 35.25 0.60
N ALA G 104 37.37 36.23 1.44
CA ALA G 104 38.51 36.13 2.36
C ALA G 104 37.95 35.98 3.78
N LYS G 105 37.75 34.73 4.19
CA LYS G 105 37.29 34.37 5.54
C LYS G 105 35.98 35.09 5.87
N GLU G 106 35.00 34.88 4.99
CA GLU G 106 33.62 35.34 5.18
C GLU G 106 33.59 36.85 5.47
N MET G 107 33.91 37.59 4.42
CA MET G 107 34.08 39.04 4.43
C MET G 107 34.91 39.50 5.64
N LYS G 108 36.06 38.83 5.82
CA LYS G 108 37.08 39.22 6.78
C LYS G 108 36.53 39.25 8.21
N LYS G 109 36.08 38.08 8.67
CA LYS G 109 35.62 37.89 10.04
C LYS G 109 34.54 38.90 10.42
N LEU G 110 33.43 38.84 9.69
CA LEU G 110 32.24 39.63 10.00
C LEU G 110 31.05 38.68 10.02
N ASN G 111 30.59 38.33 11.22
CA ASN G 111 29.60 37.28 11.46
C ASN G 111 30.27 35.93 11.13
N ARG G 112 29.49 34.93 10.77
CA ARG G 112 30.03 33.60 10.48
C ARG G 112 29.06 32.85 9.58
N PRO G 113 29.55 32.20 8.50
CA PRO G 113 28.64 31.75 7.44
C PRO G 113 27.59 30.75 7.85
N ALA G 114 27.98 29.61 8.41
CA ALA G 114 27.00 28.58 8.74
C ALA G 114 26.19 28.99 9.97
N LYS G 115 24.97 29.45 9.73
CA LYS G 115 24.11 30.00 10.78
C LYS G 115 23.05 28.98 11.17
N ARG G 116 22.67 29.03 12.44
CA ARG G 116 21.65 28.15 13.01
C ARG G 116 20.36 28.21 12.20
N ASP G 117 19.54 27.16 12.33
CA ASP G 117 18.30 27.04 11.59
C ASP G 117 17.44 28.29 11.75
N SER G 118 16.96 28.50 12.97
CA SER G 118 16.23 29.69 13.41
C SER G 118 15.90 29.46 14.87
N ILE G 119 15.36 30.50 15.51
CA ILE G 119 14.72 30.29 16.81
C ILE G 119 13.38 29.60 16.63
N PHE G 120 12.86 29.57 15.40
CA PHE G 120 11.55 28.99 15.12
C PHE G 120 11.69 27.59 14.52
N ARG G 121 10.87 26.66 15.00
CA ARG G 121 10.83 25.30 14.48
C ARG G 121 9.39 24.88 14.26
N CYS G 122 9.16 24.14 13.19
CA CYS G 122 7.81 23.77 12.77
C CYS G 122 7.79 22.32 12.32
N ASN G 123 6.60 21.85 11.92
CA ASN G 123 6.40 20.47 11.50
C ASN G 123 5.24 20.43 10.52
N MET G 124 5.18 19.34 9.75
CA MET G 124 4.17 19.17 8.72
C MET G 124 2.77 19.15 9.32
N ALA G 125 1.78 19.30 8.44
CA ALA G 125 0.37 19.27 8.81
C ALA G 125 -0.25 17.94 8.40
N VAL G 126 -1.29 17.54 9.13
CA VAL G 126 -2.00 16.28 8.88
C VAL G 126 -3.48 16.58 8.75
N ALA G 127 -4.11 16.04 7.71
CA ALA G 127 -5.48 16.40 7.36
C ALA G 127 -6.51 15.90 8.35
N VAL G 128 -6.13 15.03 9.31
CA VAL G 128 -6.97 14.46 10.36
C VAL G 128 -8.32 14.04 9.79
N ASN G 129 -8.34 13.67 8.50
CA ASN G 129 -9.53 13.17 7.83
C ASN G 129 -9.06 12.27 6.70
N PRO G 130 -9.59 11.06 6.58
CA PRO G 130 -9.10 10.14 5.55
C PRO G 130 -9.34 10.69 4.15
N TYR G 131 -8.37 10.44 3.28
CA TYR G 131 -8.50 10.86 1.89
C TYR G 131 -9.61 10.08 1.21
N LYS G 132 -10.34 10.75 0.32
CA LYS G 132 -11.42 10.14 -0.43
C LYS G 132 -11.14 10.28 -1.92
N TYR G 133 -11.64 9.31 -2.68
CA TYR G 133 -11.29 9.17 -4.09
C TYR G 133 -12.10 10.09 -5.00
N ASP G 134 -12.74 11.12 -4.45
CA ASP G 134 -13.48 12.05 -5.28
C ASP G 134 -12.54 12.88 -6.14
N THR G 135 -13.02 13.25 -7.32
CA THR G 135 -12.27 14.06 -8.27
C THR G 135 -13.20 15.07 -8.92
N VAL G 136 -12.62 16.13 -9.45
CA VAL G 136 -13.35 17.13 -10.23
C VAL G 136 -12.81 17.09 -11.66
N PHE G 137 -13.70 17.32 -12.61
CA PHE G 137 -13.43 17.11 -14.03
C PHE G 137 -13.70 18.40 -14.79
N TYR G 138 -12.69 18.89 -15.50
CA TYR G 138 -12.80 20.13 -16.24
C TYR G 138 -12.14 20.00 -17.61
N GLN G 139 -12.53 20.89 -18.52
CA GLN G 139 -12.13 20.87 -19.92
C GLN G 139 -11.46 22.19 -20.27
N SER G 140 -10.23 22.12 -20.74
CA SER G 140 -9.42 23.30 -21.03
C SER G 140 -9.20 23.43 -22.53
N PRO G 141 -9.91 24.31 -23.22
CA PRO G 141 -9.63 24.52 -24.65
C PRO G 141 -8.51 25.52 -24.89
N LEU G 142 -7.48 25.10 -25.61
CA LEU G 142 -6.36 25.95 -25.97
C LEU G 142 -6.13 25.86 -27.47
N ASN G 143 -6.79 26.75 -28.22
CA ASN G 143 -6.64 26.79 -29.66
C ASN G 143 -7.19 28.12 -30.16
N ALA G 144 -6.42 28.81 -30.99
CA ALA G 144 -6.77 30.14 -31.47
C ALA G 144 -6.94 30.13 -32.99
N GLY G 145 -7.82 31.00 -33.47
CA GLY G 145 -8.04 31.18 -34.89
C GLY G 145 -7.26 32.31 -35.51
N ASP G 146 -6.47 33.05 -34.74
CA ASP G 146 -5.67 34.15 -35.25
C ASP G 146 -4.25 34.16 -34.70
N SER G 147 -3.69 32.99 -34.38
CA SER G 147 -2.31 32.85 -33.90
C SER G 147 -2.17 33.64 -32.61
N ALA G 148 -1.49 34.79 -32.61
CA ALA G 148 -1.19 35.55 -31.40
C ALA G 148 -0.39 34.72 -30.40
N TRP G 149 0.52 33.90 -30.94
CA TRP G 149 1.43 33.07 -30.16
C TRP G 149 0.65 32.14 -29.23
N LYS G 150 -0.09 31.24 -29.87
CA LYS G 150 -0.96 30.30 -29.16
C LYS G 150 -0.13 29.23 -28.45
N ASN G 151 -0.80 28.52 -27.54
CA ASN G 151 -0.23 27.38 -26.85
C ASN G 151 -0.35 26.12 -27.71
N SER G 152 -0.17 24.95 -27.11
CA SER G 152 -0.21 23.68 -27.83
C SER G 152 -1.43 23.59 -28.74
N THR G 153 -1.28 22.86 -29.84
CA THR G 153 -2.27 22.87 -30.91
C THR G 153 -3.60 22.28 -30.47
N SER G 154 -3.56 21.10 -29.86
CA SER G 154 -4.79 20.37 -29.59
C SER G 154 -5.30 20.66 -28.18
N SER G 155 -6.62 20.72 -28.04
CA SER G 155 -7.24 20.90 -26.74
C SER G 155 -7.13 19.62 -25.91
N ALA G 156 -7.44 19.73 -24.63
CA ALA G 156 -7.32 18.61 -23.71
C ALA G 156 -8.38 18.70 -22.63
N LEU G 157 -8.53 17.60 -21.89
CA LEU G 157 -9.44 17.51 -20.76
C LEU G 157 -8.65 17.01 -19.56
N LEU G 158 -8.82 17.66 -18.41
CA LEU G 158 -7.94 17.41 -17.28
C LEU G 158 -8.76 17.01 -16.05
N HIS G 159 -8.05 16.73 -14.97
CA HIS G 159 -8.65 16.27 -13.72
C HIS G 159 -7.97 16.93 -12.55
N ARG G 160 -8.72 17.10 -11.46
CA ARG G 160 -8.16 17.44 -10.16
C ARG G 160 -8.83 16.58 -9.10
N GLU G 161 -8.38 16.70 -7.86
CA GLU G 161 -9.06 16.09 -6.74
C GLU G 161 -9.05 17.06 -5.56
N VAL G 162 -10.03 16.91 -4.68
CA VAL G 162 -10.27 17.88 -3.63
C VAL G 162 -10.90 17.16 -2.45
N THR G 163 -10.51 17.56 -1.23
CA THR G 163 -11.07 17.00 -0.01
C THR G 163 -11.63 18.12 0.86
N HIS G 164 -12.80 17.89 1.44
CA HIS G 164 -13.43 18.84 2.35
C HIS G 164 -12.99 18.49 3.76
N THR G 165 -11.97 19.18 4.27
CA THR G 165 -11.37 18.84 5.54
C THR G 165 -10.72 20.07 6.16
N ALA G 166 -10.22 19.89 7.38
CA ALA G 166 -9.40 20.87 8.07
C ALA G 166 -8.23 20.13 8.70
N PHE G 167 -7.14 20.86 8.95
CA PHE G 167 -5.89 20.23 9.36
C PHE G 167 -5.09 21.15 10.27
N GLN G 168 -4.17 20.53 11.02
CA GLN G 168 -3.42 21.18 12.07
C GLN G 168 -1.93 20.86 11.93
N TYR G 169 -1.11 21.66 12.62
CA TYR G 169 0.33 21.45 12.65
C TYR G 169 0.91 22.10 13.90
N PRO G 170 1.95 21.54 14.49
CA PRO G 170 2.58 22.15 15.66
C PRO G 170 3.75 23.05 15.29
N PHE G 171 4.13 23.89 16.24
CA PHE G 171 5.35 24.69 16.12
C PHE G 171 5.85 25.06 17.50
N ALA G 172 7.10 25.52 17.56
CA ALA G 172 7.75 25.81 18.83
C ALA G 172 8.90 26.77 18.61
N LEU G 173 9.36 27.36 19.71
CA LEU G 173 10.51 28.25 19.69
C LEU G 173 11.11 28.31 21.09
N ALA G 174 12.36 28.78 21.16
CA ALA G 174 13.12 28.79 22.39
C ALA G 174 13.47 30.22 22.79
N GLY G 175 13.62 30.44 24.10
CA GLY G 175 13.97 31.74 24.62
C GLY G 175 15.46 31.91 24.82
N LYS G 176 16.26 31.40 23.89
CA LYS G 176 17.71 31.57 23.97
C LYS G 176 18.11 33.02 23.70
N ASP G 177 17.76 33.54 22.53
CA ASP G 177 18.02 34.93 22.17
C ASP G 177 16.68 35.58 21.83
N CYS G 178 16.14 36.39 22.75
CA CYS G 178 14.91 37.13 22.52
C CYS G 178 15.03 38.61 22.80
N ALA G 179 15.86 39.02 23.76
CA ALA G 179 16.04 40.44 24.03
C ALA G 179 16.68 41.16 22.86
N ALA G 180 17.50 40.46 22.06
CA ALA G 180 18.10 41.05 20.89
C ALA G 180 17.09 41.32 19.78
N LYS G 181 16.01 40.54 19.70
CA LYS G 181 15.01 40.70 18.66
C LYS G 181 13.61 40.73 19.27
N PRO G 182 13.29 41.77 20.07
CA PRO G 182 11.93 41.86 20.61
C PRO G 182 10.89 42.17 19.54
N GLU G 183 11.15 43.22 18.75
CA GLU G 183 10.20 43.61 17.71
C GLU G 183 10.13 42.57 16.60
N TRP G 184 11.24 41.88 16.31
CA TRP G 184 11.20 40.83 15.31
C TRP G 184 10.30 39.68 15.74
N VAL G 185 10.38 39.28 17.00
CA VAL G 185 9.50 38.23 17.52
C VAL G 185 8.06 38.72 17.56
N LYS G 186 7.86 39.99 17.89
CA LYS G 186 6.50 40.54 17.87
C LYS G 186 5.90 40.47 16.47
N ALA G 187 6.67 40.87 15.46
CA ALA G 187 6.19 40.82 14.09
C ALA G 187 5.94 39.38 13.65
N LEU G 188 6.83 38.47 14.04
CA LEU G 188 6.64 37.05 13.70
C LEU G 188 5.36 36.52 14.33
N LEU G 189 5.10 36.85 15.59
CA LEU G 189 3.88 36.38 16.25
C LEU G 189 2.65 36.99 15.62
N GLN G 190 2.72 38.27 15.24
CA GLN G 190 1.61 38.91 14.54
C GLN G 190 1.32 38.21 13.22
N ALA G 191 2.36 37.83 12.49
CA ALA G 191 2.17 37.07 11.26
C ALA G 191 1.56 35.70 11.54
N ILE G 192 2.00 35.03 12.60
CA ILE G 192 1.45 33.71 12.93
C ILE G 192 -0.01 33.81 13.32
N ALA G 193 -0.40 34.89 13.99
CA ALA G 193 -1.76 35.02 14.50
C ALA G 193 -2.79 34.92 13.39
N GLU G 194 -2.43 35.34 12.19
CA GLU G 194 -3.26 35.19 11.00
C GLU G 194 -2.37 35.32 9.78
N LEU G 195 -2.46 34.35 8.87
CA LEU G 195 -1.60 34.32 7.66
C LEU G 195 -2.34 34.03 6.33
N ASN G 196 -1.67 34.35 5.22
CA ASN G 196 -2.25 34.15 3.88
C ASN G 196 -1.38 33.32 2.91
N GLY G 197 -2.03 32.71 1.92
CA GLY G 197 -1.42 31.86 0.92
C GLY G 197 -1.12 30.42 1.31
N VAL G 198 0.12 29.99 1.11
CA VAL G 198 0.50 28.63 1.45
C VAL G 198 -0.17 27.60 0.53
N ALA G 199 -0.85 28.08 -0.51
CA ALA G 199 -1.54 27.23 -1.46
C ALA G 199 -1.23 27.69 -2.87
N GLY G 200 -0.98 26.73 -3.75
CA GLY G 200 -0.69 27.00 -5.13
C GLY G 200 -1.80 27.64 -5.93
N GLY G 201 -3.04 27.23 -5.66
CA GLY G 201 -4.17 27.69 -6.43
C GLY G 201 -4.84 28.89 -5.79
N HIS G 202 -4.59 30.09 -6.33
CA HIS G 202 -5.23 31.27 -5.78
C HIS G 202 -6.64 31.44 -6.32
N ALA G 203 -6.78 31.55 -7.64
CA ALA G 203 -8.09 31.85 -8.23
C ALA G 203 -9.10 30.72 -7.99
N ARG G 204 -8.63 29.53 -7.65
CA ARG G 204 -9.50 28.39 -7.39
C ARG G 204 -9.14 27.78 -6.04
N ALA G 205 -10.17 27.35 -5.30
CA ALA G 205 -10.02 26.69 -4.00
C ALA G 205 -9.26 27.59 -3.01
N TYR G 206 -9.88 28.73 -2.69
CA TYR G 206 -9.28 29.71 -1.80
C TYR G 206 -9.72 29.42 -0.36
N TYR G 207 -8.75 29.26 0.53
CA TYR G 207 -8.99 29.20 1.96
C TYR G 207 -7.70 29.56 2.69
N GLU G 208 -7.82 30.12 3.88
CA GLU G 208 -6.67 30.56 4.65
C GLU G 208 -6.66 29.89 6.02
N PHE G 209 -5.47 29.84 6.63
CA PHE G 209 -5.26 29.07 7.85
C PHE G 209 -5.59 29.96 9.06
N ALA G 210 -6.87 30.33 9.14
CA ALA G 210 -7.31 31.10 10.28
C ALA G 210 -7.23 30.25 11.55
N PRO G 211 -6.66 30.78 12.63
CA PRO G 211 -6.45 29.96 13.85
C PRO G 211 -7.79 29.62 14.48
N ARG G 212 -8.09 28.32 14.54
CA ARG G 212 -9.33 27.85 15.14
C ARG G 212 -9.18 27.59 16.64
N SER G 213 -7.99 27.24 17.12
CA SER G 213 -7.76 27.03 18.54
C SER G 213 -6.27 27.04 18.82
N VAL G 214 -5.89 27.67 19.93
CA VAL G 214 -4.52 27.64 20.43
C VAL G 214 -4.57 27.11 21.87
N VAL G 215 -3.78 26.06 22.14
CA VAL G 215 -3.97 25.29 23.36
C VAL G 215 -2.68 25.07 24.14
N ALA G 216 -1.71 25.98 24.01
CA ALA G 216 -0.43 25.75 24.67
C ALA G 216 0.17 27.07 25.12
N ARG G 217 1.04 27.00 26.13
CA ARG G 217 1.76 28.15 26.66
C ARG G 217 3.22 27.81 26.93
N LEU G 218 3.89 28.79 27.54
CA LEU G 218 5.30 28.69 27.87
C LEU G 218 5.50 28.04 29.24
N THR G 219 6.71 27.54 29.46
CA THR G 219 7.07 26.91 30.73
C THR G 219 8.59 26.89 30.84
N PRO G 220 9.14 26.95 32.06
CA PRO G 220 10.57 26.72 32.28
C PRO G 220 10.92 25.25 32.43
N LYS G 221 10.36 24.41 31.55
CA LYS G 221 10.58 22.98 31.57
C LYS G 221 11.66 22.55 30.58
N LEU G 222 12.38 23.50 29.99
CA LEU G 222 13.49 23.23 29.07
C LEU G 222 13.00 22.41 27.88
N VAL G 223 12.15 23.09 27.09
CA VAL G 223 11.68 22.66 25.76
C VAL G 223 11.25 21.18 25.78
N ALA G 224 10.45 20.82 26.79
CA ALA G 224 9.82 19.51 26.85
C ALA G 224 8.31 19.67 26.87
N GLY G 225 7.61 18.65 26.35
CA GLY G 225 6.17 18.71 26.23
C GLY G 225 5.51 17.41 26.66
N TYR G 226 4.18 17.40 26.56
CA TYR G 226 3.36 16.26 26.95
C TYR G 226 2.35 15.97 25.85
N GLN G 227 2.03 16.99 25.06
CA GLN G 227 0.99 16.87 24.05
C GLN G 227 1.40 15.90 22.95
N THR G 228 0.41 15.20 22.40
CA THR G 228 0.61 14.29 21.28
C THR G 228 0.52 15.00 19.93
N TYR G 229 0.10 16.27 19.93
CA TYR G 229 -0.03 17.07 18.70
C TYR G 229 -1.08 16.46 17.77
N GLY G 230 -2.28 16.23 18.29
CA GLY G 230 -3.37 15.72 17.50
C GLY G 230 -4.70 15.85 18.20
N PHE G 231 -5.73 16.29 17.49
CA PHE G 231 -7.06 16.49 18.05
C PHE G 231 -8.02 15.45 17.46
N ASP G 232 -9.20 15.38 18.05
CA ASP G 232 -10.27 14.59 17.48
C ASP G 232 -10.93 15.35 16.32
N ALA G 233 -11.88 14.68 15.66
CA ALA G 233 -12.52 15.28 14.50
C ALA G 233 -13.29 16.55 14.86
N GLU G 234 -13.99 16.54 15.99
CA GLU G 234 -14.81 17.68 16.39
C GLU G 234 -14.01 18.80 17.04
N GLY G 235 -12.76 18.55 17.44
CA GLY G 235 -11.93 19.56 18.04
C GLY G 235 -11.85 19.54 19.54
N ASN G 236 -12.78 18.88 20.23
CA ASN G 236 -12.76 18.79 21.69
C ASN G 236 -11.76 17.73 22.16
N TRP G 237 -10.48 18.05 21.94
CA TRP G 237 -9.41 17.12 22.28
C TRP G 237 -9.11 17.13 23.77
N LEU G 238 -9.50 18.20 24.47
CA LEU G 238 -9.08 18.41 25.86
C LEU G 238 -9.39 17.23 26.77
N GLU G 239 -10.26 16.32 26.34
CA GLU G 239 -10.56 15.15 27.16
C GLU G 239 -9.31 14.32 27.42
N LEU G 240 -8.50 14.09 26.38
CA LEU G 240 -7.25 13.35 26.59
C LEU G 240 -6.31 14.11 27.50
N SER G 241 -6.49 15.42 27.65
CA SER G 241 -5.75 16.22 28.61
C SER G 241 -6.61 16.67 29.77
N ARG G 242 -7.87 16.23 29.85
CA ARG G 242 -8.75 16.66 30.94
C ARG G 242 -8.18 16.24 32.28
N LEU G 243 -7.87 14.96 32.43
CA LEU G 243 -7.19 14.47 33.62
C LEU G 243 -5.84 15.16 33.83
N THR G 244 -5.27 15.73 32.78
CA THR G 244 -4.02 16.48 32.87
C THR G 244 -4.23 17.91 33.34
N ALA G 245 -5.43 18.47 33.19
CA ALA G 245 -5.64 19.89 33.44
C ALA G 245 -6.55 20.17 34.63
N THR G 246 -7.46 19.26 34.96
CA THR G 246 -8.46 19.53 35.99
C THR G 246 -7.81 19.76 37.35
N ASP G 247 -6.85 18.91 37.71
CA ASP G 247 -6.17 18.97 39.01
C ASP G 247 -4.76 19.52 38.88
N SER G 248 -4.59 20.57 38.07
CA SER G 248 -3.26 21.10 37.78
C SER G 248 -2.51 21.53 39.04
N ASP G 249 -3.23 21.88 40.11
CA ASP G 249 -2.56 22.39 41.31
C ASP G 249 -1.89 21.27 42.10
N ASN G 250 -2.49 20.09 42.19
CA ASN G 250 -1.99 19.05 43.06
C ASN G 250 -1.84 17.70 42.37
N LEU G 251 -1.53 16.66 43.15
CA LEU G 251 -1.35 15.30 42.66
C LEU G 251 -0.29 15.21 41.57
N ASP G 252 0.75 16.03 41.66
CA ASP G 252 1.90 15.98 40.75
C ASP G 252 1.47 16.04 39.29
N LEU G 253 0.57 16.96 38.99
CA LEU G 253 0.02 17.12 37.66
C LEU G 253 0.61 18.36 36.98
N PRO G 254 0.64 18.40 35.65
CA PRO G 254 1.14 19.59 34.96
C PRO G 254 0.40 20.84 35.40
N ALA G 255 1.15 21.94 35.53
CA ALA G 255 0.66 23.14 36.18
C ALA G 255 -0.43 23.83 35.35
N ASN G 256 -1.15 24.74 36.00
CA ASN G 256 -2.22 25.49 35.35
C ASN G 256 -1.69 26.50 34.35
N GLU G 257 -0.50 27.05 34.60
CA GLU G 257 0.03 28.14 33.78
C GLU G 257 0.26 27.73 32.33
N PHE G 258 0.26 26.43 32.04
CA PHE G 258 0.61 25.93 30.71
C PHE G 258 -0.56 25.92 29.73
N TRP G 259 -1.76 26.35 30.12
CA TRP G 259 -2.92 26.03 29.31
C TRP G 259 -3.62 27.29 28.81
N LEU G 260 -4.34 27.14 27.69
CA LEU G 260 -5.07 28.23 27.06
C LEU G 260 -6.36 27.73 26.46
N GLY G 261 -7.12 28.64 25.87
CA GLY G 261 -8.33 28.31 25.16
C GLY G 261 -8.55 29.23 24.00
N GLY G 262 -9.00 28.65 22.88
CA GLY G 262 -9.25 29.42 21.68
C GLY G 262 -10.73 29.57 21.38
N GLU G 263 -11.22 28.82 20.39
CA GLU G 263 -12.65 28.84 20.08
C GLU G 263 -13.41 27.79 20.87
N LEU G 264 -12.79 26.64 21.14
CA LEU G 264 -13.46 25.58 21.88
C LEU G 264 -13.93 26.02 23.26
N VAL G 265 -13.28 27.04 23.84
CA VAL G 265 -13.69 27.56 25.14
C VAL G 265 -15.09 28.18 25.10
N ARG G 266 -15.53 28.64 23.93
CA ARG G 266 -16.82 29.31 23.80
C ARG G 266 -17.99 28.33 23.72
N LYS G 267 -17.72 27.03 23.87
CA LYS G 267 -18.78 26.02 23.85
C LYS G 267 -19.87 26.34 24.87
N MET G 268 -21.06 25.79 24.62
CA MET G 268 -22.24 26.20 25.38
C MET G 268 -22.10 25.88 26.86
N ASP G 269 -21.45 24.77 27.20
CA ASP G 269 -21.30 24.40 28.60
C ASP G 269 -20.29 25.32 29.27
N GLN G 270 -20.65 25.83 30.45
CA GLN G 270 -19.81 26.80 31.16
C GLN G 270 -19.62 26.48 32.63
N GLU G 271 -20.23 25.40 33.15
CA GLU G 271 -20.05 25.06 34.56
C GLU G 271 -18.61 24.68 34.85
N GLN G 272 -17.99 23.90 33.97
CA GLN G 272 -16.59 23.52 34.16
C GLN G 272 -15.64 24.65 33.80
N LYS G 273 -16.08 25.59 32.96
CA LYS G 273 -15.26 26.76 32.69
C LYS G 273 -14.98 27.53 33.98
N ALA G 274 -15.94 27.53 34.90
CA ALA G 274 -15.74 28.21 36.18
C ALA G 274 -14.60 27.56 36.97
N GLN G 275 -14.53 26.23 36.99
CA GLN G 275 -13.48 25.58 37.76
C GLN G 275 -12.13 25.66 37.06
N LEU G 276 -12.11 25.55 35.73
CA LEU G 276 -10.83 25.72 35.02
C LEU G 276 -10.30 27.15 35.14
N GLU G 277 -11.19 28.15 35.20
CA GLU G 277 -10.74 29.51 35.42
C GLU G 277 -10.10 29.69 36.80
N ALA G 278 -10.44 28.83 37.77
CA ALA G 278 -9.84 28.92 39.10
C ALA G 278 -8.36 28.58 39.09
N MET G 279 -7.88 27.88 38.06
CA MET G 279 -6.46 27.55 37.94
C MET G 279 -5.81 28.20 36.73
N GLY G 280 -6.37 28.01 35.53
CA GLY G 280 -5.73 28.43 34.29
C GLY G 280 -6.29 29.74 33.77
N ALA G 281 -5.47 30.46 33.01
CA ALA G 281 -5.88 31.71 32.37
C ALA G 281 -6.31 31.38 30.94
N HIS G 282 -7.61 31.15 30.76
CA HIS G 282 -8.15 30.69 29.48
C HIS G 282 -9.44 31.42 29.11
N LEU G 283 -9.66 32.62 29.65
CA LEU G 283 -10.89 33.37 29.45
C LEU G 283 -10.95 34.08 28.10
N TYR G 284 -10.09 33.70 27.16
CA TYR G 284 -9.99 34.38 25.87
C TYR G 284 -10.84 33.65 24.84
N ALA G 285 -11.70 34.40 24.15
CA ALA G 285 -12.54 33.85 23.09
C ALA G 285 -11.99 34.10 21.70
N ASN G 286 -11.37 35.26 21.47
CA ASN G 286 -10.80 35.57 20.16
C ASN G 286 -9.33 35.19 20.14
N PRO G 287 -8.89 34.32 19.23
CA PRO G 287 -7.49 33.89 19.24
C PRO G 287 -6.49 35.02 19.03
N GLU G 288 -6.84 36.05 18.26
CA GLU G 288 -5.86 37.09 17.96
C GLU G 288 -5.48 37.88 19.21
N LYS G 289 -6.48 38.32 19.98
CA LYS G 289 -6.19 39.08 21.20
C LYS G 289 -5.37 38.26 22.18
N LEU G 290 -5.73 36.98 22.36
CA LEU G 290 -4.99 36.14 23.28
C LEU G 290 -3.56 35.92 22.82
N PHE G 291 -3.36 35.64 21.53
CA PHE G 291 -2.04 35.29 21.07
C PHE G 291 -1.14 36.53 21.00
N ALA G 292 -1.75 37.71 20.88
CA ALA G 292 -0.99 38.95 21.03
C ALA G 292 -0.63 39.20 22.50
N ASP G 293 -1.56 38.93 23.42
CA ASP G 293 -1.28 39.11 24.84
C ASP G 293 -0.19 38.15 25.32
N LEU G 294 -0.10 36.98 24.69
CA LEU G 294 0.93 36.00 25.07
C LEU G 294 2.33 36.53 24.81
N ALA G 295 2.48 37.42 23.81
CA ALA G 295 3.81 37.93 23.48
C ALA G 295 4.42 38.70 24.64
N ASP G 296 3.63 39.55 25.30
CA ASP G 296 4.16 40.34 26.41
C ASP G 296 4.62 39.44 27.55
N SER G 297 3.83 38.39 27.87
CA SER G 297 4.21 37.50 28.96
C SER G 297 5.45 36.68 28.59
N PHE G 298 5.49 36.11 27.39
CA PHE G 298 6.62 35.27 27.02
C PHE G 298 7.89 36.10 26.86
N LEU G 299 7.82 37.19 26.11
CA LEU G 299 8.99 38.01 25.85
C LEU G 299 9.39 38.77 27.12
N GLY G 300 10.61 39.32 27.11
CA GLY G 300 11.06 40.10 28.24
C GLY G 300 10.15 41.27 28.55
N VAL G 301 9.64 41.94 27.52
CA VAL G 301 8.66 42.99 27.69
C VAL G 301 7.29 42.48 27.28
N ASN H 3 19.44 -2.72 43.88
CA ASN H 3 20.12 -1.83 44.83
C ASN H 3 21.45 -1.33 44.25
N LEU H 4 21.99 -2.09 43.28
CA LEU H 4 23.24 -1.72 42.65
C LEU H 4 23.18 -1.78 41.13
N ASN H 5 21.99 -1.97 40.54
CA ASN H 5 21.83 -2.03 39.10
C ASN H 5 20.51 -1.36 38.72
N LEU H 6 20.42 -0.89 37.48
CA LEU H 6 19.23 -0.19 37.00
C LEU H 6 19.05 -0.49 35.51
N PHE H 7 17.94 -1.15 35.18
CA PHE H 7 17.59 -1.48 33.80
C PHE H 7 16.27 -0.81 33.44
N ALA H 8 16.19 -0.27 32.23
CA ALA H 8 14.98 0.41 31.79
C ALA H 8 14.96 0.49 30.27
N THR H 9 13.76 0.73 29.72
CA THR H 9 13.57 0.98 28.31
C THR H 9 12.60 2.15 28.15
N ILE H 10 12.85 2.98 27.15
CA ILE H 10 12.09 4.21 26.93
C ILE H 10 11.61 4.25 25.49
N LEU H 11 10.34 4.60 25.31
CA LEU H 11 9.71 4.75 24.00
C LEU H 11 9.11 6.14 23.87
N THR H 12 8.40 6.38 22.77
CA THR H 12 7.96 7.72 22.41
C THR H 12 6.54 7.74 21.87
N TYR H 13 6.04 8.98 21.72
CA TYR H 13 4.78 9.29 21.07
C TYR H 13 4.89 9.14 19.57
N PRO H 14 3.78 8.88 18.88
CA PRO H 14 3.81 8.80 17.41
C PRO H 14 3.77 10.18 16.78
N ALA H 15 4.59 10.35 15.73
CA ALA H 15 4.68 11.60 14.99
C ALA H 15 5.42 11.36 13.68
N PRO H 16 5.16 12.16 12.64
CA PRO H 16 5.94 12.00 11.39
C PRO H 16 7.38 12.44 11.61
N ALA H 17 8.32 11.54 11.30
CA ALA H 17 9.73 11.75 11.59
C ALA H 17 10.57 11.36 10.38
N SER H 18 11.33 12.32 9.86
CA SER H 18 12.29 12.03 8.80
C SER H 18 13.69 11.78 9.36
N ASN H 19 14.26 12.79 10.02
CA ASN H 19 15.60 12.74 10.61
C ASN H 19 16.58 12.00 9.71
N TYR H 20 16.80 12.57 8.52
CA TYR H 20 17.63 11.91 7.53
C TYR H 20 19.06 11.74 8.05
N ARG H 21 19.65 10.58 7.75
CA ARG H 21 21.01 10.25 8.16
C ARG H 21 21.87 9.80 7.01
N GLY H 22 21.31 9.07 6.05
CA GLY H 22 22.10 8.52 4.97
C GLY H 22 22.46 9.55 3.92
N GLU H 23 23.03 9.03 2.82
CA GLU H 23 23.48 9.86 1.72
C GLU H 23 23.26 9.12 0.41
N SER H 24 23.01 9.88 -0.65
CA SER H 24 22.79 9.29 -1.97
C SER H 24 22.78 10.39 -3.02
N GLU H 25 23.37 10.09 -4.18
CA GLU H 25 23.29 11.00 -5.32
C GLU H 25 21.91 10.95 -5.97
N GLU H 26 21.10 9.93 -5.66
CA GLU H 26 19.78 9.74 -6.24
C GLU H 26 18.76 10.77 -5.75
N ASN H 27 19.21 11.78 -5.00
CA ASN H 27 18.39 12.91 -4.57
C ASN H 27 17.34 12.51 -3.54
N ARG H 28 17.50 11.33 -2.94
CA ARG H 28 16.61 10.86 -1.88
C ARG H 28 17.45 10.58 -0.65
N SER H 29 17.22 11.36 0.41
CA SER H 29 17.99 11.24 1.64
C SER H 29 17.58 9.96 2.36
N VAL H 30 18.33 8.87 2.12
CA VAL H 30 17.93 7.56 2.62
C VAL H 30 18.00 7.52 4.14
N ILE H 31 17.27 6.56 4.71
CA ILE H 31 17.25 6.35 6.15
C ILE H 31 17.80 4.95 6.43
N GLN H 32 18.25 4.74 7.66
CA GLN H 32 18.94 3.51 8.03
C GLN H 32 17.95 2.42 8.42
N LYS H 33 18.11 1.22 7.84
CA LYS H 33 17.30 0.06 8.15
C LYS H 33 18.20 -1.11 8.51
N ILE H 34 17.85 -1.84 9.58
CA ILE H 34 18.68 -2.95 10.02
C ILE H 34 17.92 -4.27 10.15
N LEU H 35 16.62 -4.21 10.40
CA LEU H 35 15.88 -5.43 10.74
C LEU H 35 15.50 -6.19 9.47
N LYS H 36 15.51 -7.51 9.56
CA LYS H 36 15.27 -8.40 8.43
C LYS H 36 14.20 -9.42 8.82
N ASP H 37 12.93 -9.05 8.61
CA ASP H 37 11.80 -9.97 8.75
C ASP H 37 10.86 -9.82 7.57
N GLY H 38 11.38 -9.42 6.42
CA GLY H 38 10.56 -9.03 5.30
C GLY H 38 10.11 -7.59 5.33
N GLN H 39 10.53 -6.82 6.33
CA GLN H 39 10.14 -5.42 6.47
C GLN H 39 11.36 -4.59 6.85
N LYS H 40 11.26 -3.29 6.65
CA LYS H 40 12.33 -2.35 6.98
C LYS H 40 11.92 -1.50 8.18
N TYR H 41 12.86 -1.29 9.10
CA TYR H 41 12.63 -0.48 10.29
C TYR H 41 13.67 0.63 10.36
N ALA H 42 13.23 1.83 10.72
CA ALA H 42 14.14 2.96 10.89
C ALA H 42 14.77 2.92 12.27
N ILE H 43 15.99 3.45 12.36
CA ILE H 43 16.77 3.41 13.60
C ILE H 43 17.36 4.80 13.85
N ILE H 44 17.80 5.00 15.09
CA ILE H 44 18.62 6.15 15.47
C ILE H 44 19.85 5.62 16.20
N SER H 45 21.03 5.96 15.69
CA SER H 45 22.26 5.47 16.27
C SER H 45 22.51 6.12 17.63
N PRO H 46 23.18 5.41 18.55
CA PRO H 46 23.26 5.91 19.94
C PRO H 46 24.15 7.13 20.13
N GLU H 47 25.17 7.32 19.28
CA GLU H 47 26.09 8.44 19.49
C GLU H 47 25.38 9.78 19.36
N SER H 48 24.31 9.84 18.56
CA SER H 48 23.51 11.06 18.50
C SER H 48 22.86 11.34 19.85
N MET H 49 22.32 10.29 20.49
CA MET H 49 21.76 10.45 21.83
C MET H 49 22.84 10.84 22.83
N ARG H 50 24.05 10.31 22.67
CA ARG H 50 25.16 10.71 23.53
C ARG H 50 25.49 12.19 23.35
N ASN H 51 25.48 12.67 22.11
CA ASN H 51 25.69 14.09 21.86
C ASN H 51 24.60 14.94 22.49
N ALA H 52 23.35 14.49 22.39
CA ALA H 52 22.25 15.21 23.03
C ALA H 52 22.42 15.25 24.55
N LEU H 53 22.83 14.13 25.14
CA LEU H 53 23.09 14.10 26.57
C LEU H 53 24.20 15.07 26.95
N ARG H 54 25.27 15.13 26.16
CA ARG H 54 26.33 16.09 26.42
C ARG H 54 25.80 17.52 26.34
N GLU H 55 24.96 17.79 25.33
CA GLU H 55 24.39 19.13 25.20
C GLU H 55 23.53 19.50 26.41
N MET H 56 22.73 18.55 26.90
CA MET H 56 21.89 18.84 28.06
C MET H 56 22.69 18.98 29.34
N LEU H 57 23.77 18.20 29.51
CA LEU H 57 24.69 18.43 30.61
C LEU H 57 25.30 19.82 30.51
N ILE H 58 25.53 20.30 29.28
CA ILE H 58 25.98 21.67 29.10
C ILE H 58 24.89 22.64 29.51
N GLU H 59 23.62 22.30 29.25
CA GLU H 59 22.51 23.20 29.57
C GLU H 59 22.48 23.53 31.06
N LEU H 60 22.52 22.51 31.91
CA LEU H 60 22.64 22.73 33.33
C LEU H 60 24.10 23.06 33.68
N GLY H 61 24.30 23.63 34.86
CA GLY H 61 25.65 23.96 35.26
C GLY H 61 26.50 22.71 35.47
N GLN H 62 27.38 22.43 34.52
CA GLN H 62 28.22 21.24 34.52
C GLN H 62 29.52 21.52 33.75
N PRO H 63 30.66 21.54 34.42
CA PRO H 63 31.93 21.80 33.71
C PRO H 63 32.25 20.68 32.73
N ASN H 64 32.88 21.05 31.62
CA ASN H 64 33.19 20.11 30.55
C ASN H 64 34.53 20.48 29.92
N ASN H 65 35.17 19.48 29.31
CA ASN H 65 36.39 19.71 28.55
C ASN H 65 36.21 19.62 27.05
N ARG H 66 35.09 19.08 26.57
CA ARG H 66 34.84 18.92 25.15
C ARG H 66 33.73 19.86 24.72
N THR H 67 33.98 20.66 23.69
CA THR H 67 32.99 21.58 23.17
C THR H 67 33.07 21.60 21.64
N ARG H 68 31.90 21.61 21.01
CA ARG H 68 31.81 21.66 19.56
C ARG H 68 31.92 23.11 19.10
N LEU H 69 32.84 23.39 18.18
CA LEU H 69 33.01 24.72 17.64
C LEU H 69 32.49 24.77 16.21
N HIS H 70 32.05 25.95 15.80
CA HIS H 70 31.60 26.20 14.44
C HIS H 70 32.70 26.97 13.72
N SER H 71 33.43 26.27 12.86
CA SER H 71 34.64 26.80 12.22
C SER H 71 34.75 26.15 10.84
N GLU H 72 35.97 26.16 10.28
CA GLU H 72 36.27 25.67 8.94
C GLU H 72 35.60 24.34 8.64
N ASP H 73 35.34 24.07 7.36
CA ASP H 73 34.37 23.06 6.96
C ASP H 73 34.66 21.67 7.51
N GLN H 74 35.93 21.34 7.76
CA GLN H 74 36.23 20.07 8.41
C GLN H 74 35.56 20.00 9.77
N LEU H 75 34.88 18.88 10.03
CA LEU H 75 34.24 18.68 11.32
C LEU H 75 35.31 18.63 12.41
N ALA H 76 35.23 19.55 13.37
CA ALA H 76 36.27 19.72 14.37
C ALA H 76 35.66 19.94 15.75
N VAL H 77 36.45 19.63 16.77
CA VAL H 77 36.07 19.84 18.17
C VAL H 77 37.16 20.64 18.85
N GLU H 78 36.77 21.68 19.59
CA GLU H 78 37.70 22.34 20.50
C GLU H 78 37.88 21.44 21.72
N PHE H 79 39.12 21.06 21.99
CA PHE H 79 39.38 19.97 22.92
C PHE H 79 39.87 20.47 24.28
N LYS H 80 40.32 21.72 24.36
CA LYS H 80 40.53 22.46 25.61
C LYS H 80 41.60 21.77 26.44
N GLU H 81 41.36 21.47 27.72
CA GLU H 81 42.35 20.91 28.62
C GLU H 81 42.55 19.42 28.34
N TYR H 82 43.58 18.85 28.97
CA TYR H 82 43.72 17.40 28.98
C TYR H 82 42.48 16.75 29.58
N PRO H 83 41.97 15.69 28.96
CA PRO H 83 40.81 14.98 29.53
C PRO H 83 41.26 14.18 30.75
N ASN H 84 40.91 14.67 31.94
CA ASN H 84 41.28 13.95 33.15
C ASN H 84 40.08 13.23 33.72
N PRO H 85 40.29 12.05 34.32
CA PRO H 85 39.15 11.30 34.90
C PRO H 85 38.41 12.10 35.95
N ASP H 86 39.08 13.02 36.64
CA ASP H 86 38.42 13.92 37.57
C ASP H 86 37.91 15.18 36.87
N LYS H 87 37.20 14.99 35.76
CA LYS H 87 36.45 16.08 35.16
C LYS H 87 34.99 15.95 35.59
N PHE H 88 34.40 17.07 36.00
CA PHE H 88 33.21 17.01 36.84
C PHE H 88 32.04 16.33 36.13
N ALA H 89 31.80 16.65 34.86
CA ALA H 89 30.59 16.18 34.20
C ALA H 89 30.84 15.22 33.05
N ASP H 90 31.60 15.61 32.04
CA ASP H 90 31.61 14.86 30.78
C ASP H 90 32.60 13.69 30.81
N ASP H 91 33.88 13.98 31.04
CA ASP H 91 34.92 12.97 30.83
C ASP H 91 34.75 11.80 31.79
N PHE H 92 34.45 12.07 33.06
CA PHE H 92 34.29 10.99 34.02
C PHE H 92 33.09 10.13 33.68
N LEU H 93 31.97 10.76 33.32
CA LEU H 93 30.73 10.01 33.07
C LEU H 93 30.88 9.09 31.87
N PHE H 94 31.48 9.59 30.79
CA PHE H 94 31.80 8.75 29.63
C PHE H 94 32.86 9.46 28.81
N GLY H 95 33.20 8.86 27.68
CA GLY H 95 34.27 9.41 26.88
C GLY H 95 35.60 8.77 27.24
N TYR H 96 36.58 8.97 26.37
CA TYR H 96 37.86 8.29 26.50
C TYR H 96 39.00 9.24 26.16
N MET H 97 40.18 8.93 26.71
CA MET H 97 41.39 9.71 26.51
C MET H 97 42.29 8.96 25.53
N VAL H 98 42.34 9.42 24.28
CA VAL H 98 43.08 8.75 23.22
C VAL H 98 44.57 9.02 23.41
N ALA H 99 45.39 8.22 22.75
CA ALA H 99 46.85 8.35 22.85
C ALA H 99 47.46 7.91 21.52
N GLN H 100 48.31 8.78 20.96
CA GLN H 100 49.09 8.44 19.77
C GLN H 100 50.57 8.32 20.10
N THR H 101 51.13 9.38 20.71
CA THR H 101 52.49 9.35 21.22
C THR H 101 52.54 9.15 22.73
N ASN H 102 51.48 9.54 23.45
CA ASN H 102 51.44 9.49 24.91
C ASN H 102 52.60 10.27 25.52
N ASP H 103 53.00 11.35 24.84
CA ASP H 103 54.05 12.29 25.25
C ASP H 103 55.22 11.61 25.94
N ALA H 104 55.68 12.18 27.04
CA ALA H 104 56.82 11.65 27.80
C ALA H 104 56.37 11.27 29.21
N LYS H 105 56.91 10.15 29.69
CA LYS H 105 56.65 9.59 31.02
C LYS H 105 55.18 9.68 31.42
N GLU H 106 54.29 9.36 30.48
CA GLU H 106 52.86 9.25 30.75
C GLU H 106 52.30 10.56 31.31
N MET H 107 52.39 11.61 30.49
CA MET H 107 51.98 12.97 30.84
C MET H 107 52.29 13.31 32.30
N LYS H 108 53.59 13.22 32.62
CA LYS H 108 54.13 13.50 33.95
C LYS H 108 53.55 12.57 35.02
N LYS H 109 53.29 11.32 34.64
CA LYS H 109 52.71 10.32 35.54
C LYS H 109 51.41 10.85 36.16
N LEU H 110 50.43 11.08 35.29
CA LEU H 110 49.14 11.60 35.70
C LEU H 110 48.03 10.76 35.08
N ASN H 111 47.00 10.46 35.88
CA ASN H 111 45.80 9.78 35.42
C ASN H 111 46.11 8.46 34.74
N ARG H 112 45.36 8.15 33.68
CA ARG H 112 45.49 6.91 32.93
C ARG H 112 44.86 7.14 31.56
N PRO H 113 45.58 6.92 30.46
CA PRO H 113 44.99 7.10 29.14
C PRO H 113 44.12 5.95 28.65
N ALA H 114 43.80 5.03 29.55
CA ALA H 114 42.95 3.94 29.16
C ALA H 114 41.63 4.21 29.82
N LYS H 115 40.68 4.72 29.05
CA LYS H 115 39.37 4.96 29.61
C LYS H 115 38.59 3.75 29.18
N ARG H 116 38.32 2.85 30.13
CA ARG H 116 37.59 1.65 29.79
C ARG H 116 36.10 1.74 30.09
N ASP H 117 35.70 2.40 31.17
CA ASP H 117 34.32 2.39 31.62
C ASP H 117 33.54 3.51 30.95
N SER H 118 32.34 3.17 30.47
CA SER H 118 31.37 4.14 29.98
C SER H 118 30.09 3.90 30.77
N ILE H 119 29.93 4.62 31.88
CA ILE H 119 28.87 4.34 32.85
C ILE H 119 27.48 4.34 32.22
N PHE H 120 27.24 5.18 31.22
CA PHE H 120 25.98 5.17 30.49
C PHE H 120 26.10 4.13 29.37
N ARG H 121 25.28 3.09 29.45
CA ARG H 121 25.27 2.05 28.43
C ARG H 121 24.05 2.32 27.55
N CYS H 122 24.26 2.46 26.26
CA CYS H 122 23.17 2.75 25.34
C CYS H 122 23.13 1.84 24.11
N ASN H 123 21.92 1.62 23.61
CA ASN H 123 21.70 0.78 22.45
C ASN H 123 20.82 1.55 21.46
N MET H 124 20.83 1.11 20.21
CA MET H 124 20.07 1.78 19.17
C MET H 124 18.57 1.55 19.35
N ALA H 125 17.78 2.32 18.62
CA ALA H 125 16.33 2.25 18.65
C ALA H 125 15.80 1.48 17.44
N VAL H 126 14.59 0.96 17.57
CA VAL H 126 13.94 0.18 16.52
C VAL H 126 12.55 0.74 16.30
N ALA H 127 12.20 0.98 15.03
CA ALA H 127 11.01 1.74 14.69
C ALA H 127 9.71 1.05 15.13
N VAL H 128 9.74 -0.27 15.32
CA VAL H 128 8.58 -1.11 15.65
C VAL H 128 7.38 -0.74 14.78
N ASN H 129 7.64 -0.27 13.56
CA ASN H 129 6.62 0.03 12.56
C ASN H 129 7.24 -0.15 11.18
N PRO H 130 6.63 -0.96 10.32
CA PRO H 130 7.25 -1.24 9.02
C PRO H 130 7.38 0.01 8.17
N TYR H 131 8.49 0.08 7.43
CA TYR H 131 8.75 1.23 6.57
C TYR H 131 7.80 1.22 5.37
N LYS H 132 7.44 2.43 4.92
CA LYS H 132 6.61 2.62 3.75
C LYS H 132 7.38 3.43 2.73
N TYR H 133 7.20 3.09 1.45
CA TYR H 133 7.98 3.71 0.37
C TYR H 133 7.50 5.10 0.03
N ASP H 134 6.66 5.73 0.85
CA ASP H 134 6.19 7.07 0.59
C ASP H 134 7.33 8.08 0.65
N THR H 135 7.18 9.16 -0.12
CA THR H 135 8.15 10.24 -0.14
C THR H 135 7.41 11.56 -0.14
N VAL H 136 8.16 12.66 -0.16
CA VAL H 136 7.60 14.01 -0.24
C VAL H 136 8.34 14.77 -1.33
N PHE H 137 7.58 15.45 -2.19
CA PHE H 137 8.14 16.28 -3.25
C PHE H 137 8.11 17.71 -2.70
N TYR H 138 9.02 17.98 -1.77
CA TYR H 138 8.97 19.17 -0.94
C TYR H 138 9.74 20.36 -1.49
N GLN H 139 10.64 20.16 -2.44
CA GLN H 139 11.37 21.36 -2.89
C GLN H 139 12.15 21.34 -4.19
N SER H 140 12.39 22.54 -4.71
CA SER H 140 13.20 22.75 -5.90
C SER H 140 14.18 23.87 -5.57
N PRO H 141 15.47 23.65 -5.79
CA PRO H 141 16.48 24.68 -5.52
C PRO H 141 16.32 25.83 -6.49
N LEU H 142 16.53 27.08 -6.08
CA LEU H 142 16.38 28.17 -7.03
C LEU H 142 17.59 29.09 -6.99
N ASN H 143 17.78 29.81 -8.08
CA ASN H 143 19.01 30.54 -8.36
C ASN H 143 18.97 31.97 -7.81
N ALA H 144 20.05 32.69 -8.04
CA ALA H 144 20.12 34.10 -7.72
C ALA H 144 20.12 34.94 -9.00
N GLY H 145 19.53 36.13 -8.91
CA GLY H 145 19.35 36.96 -10.09
C GLY H 145 20.26 38.16 -10.19
N ASP H 146 20.75 38.66 -9.04
CA ASP H 146 21.58 39.85 -9.01
C ASP H 146 23.08 39.53 -9.04
N SER H 147 23.44 38.26 -9.20
CA SER H 147 24.83 37.83 -9.33
C SER H 147 25.67 38.24 -8.13
N ALA H 148 25.08 38.20 -6.93
CA ALA H 148 25.79 38.48 -5.70
C ALA H 148 25.85 37.20 -4.88
N TRP H 149 27.07 36.74 -4.59
CA TRP H 149 27.30 35.51 -3.84
C TRP H 149 26.57 34.34 -4.50
N LYS H 150 26.88 34.13 -5.78
CA LYS H 150 26.14 33.21 -6.63
C LYS H 150 26.42 31.76 -6.25
N ASN H 151 25.35 31.02 -5.97
CA ASN H 151 25.42 29.61 -5.59
C ASN H 151 25.36 28.76 -6.85
N SER H 152 25.06 27.46 -6.70
CA SER H 152 25.04 26.54 -7.84
C SER H 152 24.29 27.12 -9.03
N THR H 153 24.77 26.78 -10.23
CA THR H 153 24.33 27.49 -11.43
C THR H 153 22.85 27.26 -11.73
N SER H 154 22.41 26.01 -11.70
CA SER H 154 21.06 25.68 -12.12
C SER H 154 20.12 25.55 -10.92
N SER H 155 18.85 25.31 -11.22
CA SER H 155 17.81 25.11 -10.22
C SER H 155 17.46 23.63 -10.24
N ALA H 156 17.96 22.89 -9.25
CA ALA H 156 17.85 21.45 -9.26
C ALA H 156 16.54 20.99 -8.62
N LEU H 157 16.26 19.70 -8.74
CA LEU H 157 15.14 19.06 -8.08
C LEU H 157 15.64 17.80 -7.39
N LEU H 158 14.96 17.42 -6.31
CA LEU H 158 15.37 16.32 -5.45
C LEU H 158 14.14 15.77 -4.73
N HIS H 159 14.37 14.91 -3.74
CA HIS H 159 13.28 14.28 -3.01
C HIS H 159 13.67 14.08 -1.56
N ARG H 160 12.68 13.64 -0.78
CA ARG H 160 12.85 13.28 0.63
C ARG H 160 11.72 12.35 1.02
N GLU H 161 11.96 11.50 2.02
CA GLU H 161 10.96 10.56 2.48
C GLU H 161 10.79 10.67 4.00
N VAL H 162 9.57 10.41 4.45
CA VAL H 162 9.19 10.51 5.86
C VAL H 162 8.38 9.29 6.24
N THR H 163 8.31 9.04 7.55
CA THR H 163 7.49 7.96 8.09
C THR H 163 6.80 8.45 9.36
N HIS H 164 5.58 7.94 9.59
CA HIS H 164 4.84 8.21 10.81
C HIS H 164 5.10 7.05 11.76
N THR H 165 5.94 7.28 12.76
CA THR H 165 6.50 6.18 13.54
C THR H 165 6.78 6.62 14.96
N ALA H 166 6.86 5.65 15.86
CA ALA H 166 7.30 5.84 17.24
C ALA H 166 8.16 4.66 17.61
N PHE H 167 9.31 4.93 18.23
CA PHE H 167 10.33 3.91 18.45
C PHE H 167 10.92 4.00 19.86
N GLN H 168 11.45 2.88 20.33
CA GLN H 168 11.97 2.73 21.67
C GLN H 168 13.43 2.30 21.65
N TYR H 169 14.10 2.51 22.78
CA TYR H 169 15.50 2.12 22.96
C TYR H 169 15.74 1.67 24.39
N PRO H 170 16.65 0.71 24.59
CA PRO H 170 17.03 0.33 25.96
C PRO H 170 18.26 1.07 26.45
N PHE H 171 18.47 1.10 27.76
CA PHE H 171 19.72 1.60 28.32
C PHE H 171 19.91 0.97 29.70
N ALA H 172 21.14 1.01 30.18
CA ALA H 172 21.45 0.41 31.48
C ALA H 172 22.73 1.02 32.02
N LEU H 173 22.89 0.92 33.33
CA LEU H 173 24.10 1.39 34.00
C LEU H 173 24.24 0.64 35.32
N ALA H 174 25.49 0.46 35.74
CA ALA H 174 25.82 -0.27 36.95
C ALA H 174 26.21 0.70 38.05
N GLY H 175 25.60 0.55 39.22
CA GLY H 175 25.90 1.42 40.34
C GLY H 175 27.04 0.93 41.19
N LYS H 176 28.23 1.50 40.99
CA LYS H 176 29.42 1.12 41.73
C LYS H 176 29.95 2.24 42.60
N ASP H 177 30.21 3.41 42.01
CA ASP H 177 30.80 4.52 42.73
C ASP H 177 29.73 5.35 43.43
N CYS H 178 30.10 5.94 44.58
CA CYS H 178 29.22 6.85 45.29
C CYS H 178 29.95 8.09 45.79
N ALA H 179 31.20 8.30 45.38
CA ALA H 179 31.96 9.47 45.83
C ALA H 179 31.62 10.71 45.03
N ALA H 180 31.84 10.66 43.71
CA ALA H 180 31.54 11.78 42.83
C ALA H 180 30.27 11.59 42.02
N LYS H 181 29.83 10.34 41.82
CA LYS H 181 28.64 10.10 41.01
C LYS H 181 27.37 10.79 41.52
N PRO H 182 27.04 10.76 42.82
CA PRO H 182 25.73 11.31 43.24
C PRO H 182 25.47 12.74 42.79
N GLU H 183 26.51 13.59 42.73
CA GLU H 183 26.30 14.94 42.25
C GLU H 183 25.99 14.96 40.75
N TRP H 184 26.73 14.17 39.97
CA TRP H 184 26.56 14.19 38.52
C TRP H 184 25.50 13.22 38.01
N VAL H 185 25.30 12.09 38.69
CA VAL H 185 24.32 11.11 38.23
C VAL H 185 22.92 11.72 38.22
N LYS H 186 22.60 12.52 39.23
CA LYS H 186 21.29 13.17 39.28
C LYS H 186 21.06 14.03 38.03
N ALA H 187 22.11 14.67 37.51
CA ALA H 187 21.96 15.42 36.27
C ALA H 187 21.62 14.50 35.10
N LEU H 188 22.24 13.32 35.05
CA LEU H 188 21.96 12.38 33.96
C LEU H 188 20.50 11.94 33.98
N LEU H 189 19.99 11.58 35.16
CA LEU H 189 18.61 11.10 35.25
C LEU H 189 17.62 12.18 34.85
N GLN H 190 17.88 13.41 35.27
CA GLN H 190 17.02 14.53 34.91
C GLN H 190 17.05 14.72 33.40
N ALA H 191 18.24 14.61 32.82
CA ALA H 191 18.43 14.75 31.38
C ALA H 191 17.69 13.69 30.58
N ILE H 192 17.73 12.45 31.08
CA ILE H 192 17.07 11.34 30.39
C ILE H 192 15.57 11.58 30.33
N ALA H 193 15.01 12.09 31.42
CA ALA H 193 13.59 12.38 31.50
C ALA H 193 13.28 13.35 30.36
N GLU H 194 14.18 14.31 30.15
CA GLU H 194 14.02 15.25 29.05
C GLU H 194 15.19 15.07 28.09
N LEU H 195 14.87 14.77 26.83
CA LEU H 195 15.86 14.59 25.79
C LEU H 195 15.45 15.55 24.69
N ASN H 196 16.40 16.31 24.14
CA ASN H 196 15.96 17.27 23.13
C ASN H 196 17.03 17.33 22.05
N GLY H 197 16.63 16.97 20.83
CA GLY H 197 17.56 16.90 19.71
C GLY H 197 17.49 15.56 19.02
N VAL H 198 18.65 14.92 18.87
CA VAL H 198 18.76 13.55 18.35
C VAL H 198 18.14 13.52 16.95
N ALA H 199 18.53 14.46 16.09
CA ALA H 199 17.96 14.55 14.77
C ALA H 199 18.92 15.30 13.85
N GLY H 200 18.67 15.20 12.55
CA GLY H 200 19.50 15.93 11.60
C GLY H 200 19.22 17.42 11.61
N GLY H 201 18.02 17.81 11.20
CA GLY H 201 17.62 19.20 11.24
C GLY H 201 16.21 19.37 11.81
N HIS H 202 16.09 20.13 12.89
CA HIS H 202 14.79 20.40 13.49
C HIS H 202 14.05 21.57 12.85
N ALA H 203 14.64 22.19 11.82
CA ALA H 203 13.89 23.18 11.04
C ALA H 203 12.66 22.55 10.42
N ARG H 204 12.74 21.28 10.05
CA ARG H 204 11.62 20.51 9.54
C ARG H 204 11.45 19.27 10.41
N ALA H 205 10.19 18.88 10.59
CA ALA H 205 9.88 17.66 11.31
C ALA H 205 10.61 17.59 12.64
N TYR H 206 10.58 18.67 13.39
CA TYR H 206 11.24 18.64 14.67
C TYR H 206 10.45 17.57 15.40
N TYR H 207 11.16 16.62 15.98
CA TYR H 207 10.50 15.56 16.71
C TYR H 207 11.10 15.36 18.08
N GLU H 208 10.22 15.31 19.07
CA GLU H 208 10.68 15.08 20.44
C GLU H 208 9.99 13.85 21.00
N PHE H 209 10.72 13.12 21.84
CA PHE H 209 10.25 11.86 22.41
C PHE H 209 10.39 11.88 23.93
N ALA H 210 9.91 12.95 24.55
CA ALA H 210 10.12 13.08 25.98
C ALA H 210 9.19 12.17 26.79
N PRO H 211 7.84 12.33 26.73
CA PRO H 211 6.99 11.54 27.62
C PRO H 211 6.40 10.27 27.02
N ARG H 212 6.40 9.17 27.79
CA ARG H 212 5.61 7.96 27.51
C ARG H 212 5.85 6.97 28.66
N SER H 213 5.20 5.81 28.61
CA SER H 213 5.33 4.82 29.68
C SER H 213 6.76 4.32 29.83
N VAL H 214 7.15 4.07 31.08
CA VAL H 214 8.50 3.59 31.38
C VAL H 214 8.46 2.43 32.37
N VAL H 215 9.40 1.49 32.24
CA VAL H 215 9.45 0.34 33.13
C VAL H 215 10.84 0.08 33.69
N ALA H 216 11.29 0.94 34.60
CA ALA H 216 12.60 0.80 35.23
C ALA H 216 12.61 -0.40 36.18
N ARG H 217 13.75 -1.06 36.30
CA ARG H 217 13.86 -2.21 37.19
C ARG H 217 15.24 -2.21 37.84
N LEU H 218 15.26 -2.22 39.17
CA LEU H 218 16.51 -2.30 39.93
C LEU H 218 16.52 -3.60 40.71
N THR H 219 17.56 -4.41 40.51
CA THR H 219 17.71 -5.68 41.19
C THR H 219 19.17 -5.88 41.57
N PRO H 220 19.43 -6.58 42.68
CA PRO H 220 20.79 -7.02 43.02
C PRO H 220 21.15 -8.36 42.36
N LYS H 221 20.87 -8.46 41.06
CA LYS H 221 21.03 -9.71 40.33
C LYS H 221 22.30 -9.75 39.51
N LEU H 222 23.18 -8.75 39.65
CA LEU H 222 24.44 -8.66 38.91
C LEU H 222 24.16 -8.70 37.40
N VAL H 223 23.45 -7.66 36.94
CA VAL H 223 23.18 -7.44 35.52
C VAL H 223 22.42 -8.64 34.94
N ALA H 224 21.15 -8.76 35.30
CA ALA H 224 20.29 -9.81 34.76
C ALA H 224 18.90 -9.22 34.50
N GLY H 225 18.36 -9.50 33.33
CA GLY H 225 17.05 -8.98 32.97
C GLY H 225 16.12 -9.98 32.34
N TYR H 226 14.97 -10.21 32.98
CA TYR H 226 13.92 -11.04 32.41
C TYR H 226 13.21 -10.37 31.24
N GLN H 227 13.40 -9.07 31.05
CA GLN H 227 12.72 -8.33 30.01
C GLN H 227 13.23 -8.75 28.62
N THR H 228 12.54 -8.25 27.59
CA THR H 228 12.90 -8.51 26.21
C THR H 228 13.31 -7.24 25.48
N TYR H 229 13.09 -6.07 26.08
CA TYR H 229 13.39 -4.77 25.47
C TYR H 229 12.57 -4.57 24.19
N GLY H 230 11.25 -4.70 24.33
CA GLY H 230 10.36 -4.51 23.20
C GLY H 230 8.91 -4.40 23.62
N PHE H 231 8.21 -3.40 23.08
CA PHE H 231 6.79 -3.19 23.32
C PHE H 231 5.98 -3.61 22.10
N ASP H 232 4.67 -3.66 22.28
CA ASP H 232 3.78 -4.00 21.19
C ASP H 232 3.55 -2.78 20.29
N ALA H 233 2.80 -3.00 19.21
CA ALA H 233 2.41 -1.87 18.36
C ALA H 233 1.55 -0.88 19.13
N GLU H 234 0.61 -1.39 19.95
CA GLU H 234 -0.14 -0.51 20.84
C GLU H 234 0.72 -0.06 22.02
N GLY H 235 1.66 -0.88 22.45
CA GLY H 235 2.54 -0.54 23.54
C GLY H 235 2.24 -1.21 24.87
N ASN H 236 1.44 -2.27 24.87
CA ASN H 236 1.11 -2.99 26.10
C ASN H 236 2.00 -4.23 26.18
N TRP H 237 3.26 -4.01 26.54
CA TRP H 237 4.23 -5.10 26.69
C TRP H 237 3.99 -5.94 27.93
N LEU H 238 3.16 -5.46 28.86
CA LEU H 238 3.06 -6.02 30.20
C LEU H 238 2.35 -7.37 30.25
N GLU H 239 1.97 -7.95 29.11
CA GLU H 239 1.27 -9.22 29.13
C GLU H 239 2.13 -10.34 29.71
N LEU H 240 3.45 -10.26 29.54
CA LEU H 240 4.33 -11.31 30.05
C LEU H 240 4.35 -11.32 31.58
N SER H 241 4.17 -10.16 32.21
CA SER H 241 4.18 -10.08 33.66
C SER H 241 2.86 -10.51 34.30
N ARG H 242 1.84 -10.78 33.49
CA ARG H 242 0.55 -11.20 34.04
C ARG H 242 0.68 -12.49 34.85
N LEU H 243 1.44 -13.46 34.34
CA LEU H 243 1.72 -14.66 35.11
C LEU H 243 2.67 -14.36 36.27
N THR H 244 3.61 -13.43 36.08
CA THR H 244 4.61 -13.11 37.09
C THR H 244 4.01 -12.41 38.31
N ALA H 245 3.03 -11.54 38.11
CA ALA H 245 2.49 -10.76 39.21
C ALA H 245 1.58 -11.59 40.11
N THR H 246 0.88 -12.57 39.53
CA THR H 246 -0.13 -13.31 40.28
C THR H 246 0.48 -14.09 41.43
N ASP H 247 1.65 -14.68 41.22
CA ASP H 247 2.26 -15.58 42.20
C ASP H 247 3.42 -14.93 42.95
N SER H 248 3.26 -13.65 43.32
CA SER H 248 4.32 -12.99 44.08
C SER H 248 4.55 -13.65 45.43
N ASP H 249 3.47 -14.03 46.13
CA ASP H 249 3.62 -14.62 47.45
C ASP H 249 4.08 -16.07 47.38
N ASN H 250 3.54 -16.86 46.45
CA ASN H 250 3.77 -18.30 46.46
C ASN H 250 4.05 -18.85 45.08
N LEU H 251 4.04 -20.17 44.94
CA LEU H 251 4.27 -20.88 43.68
C LEU H 251 5.66 -20.63 43.10
N ASP H 252 6.62 -20.27 43.96
CA ASP H 252 8.04 -20.23 43.61
C ASP H 252 8.29 -19.32 42.40
N LEU H 253 7.81 -18.10 42.50
CA LEU H 253 7.93 -17.10 41.44
C LEU H 253 8.33 -15.76 42.05
N PRO H 254 8.97 -14.86 41.27
CA PRO H 254 9.34 -13.53 41.79
C PRO H 254 8.32 -12.85 42.69
N ALA H 255 8.86 -12.15 43.69
CA ALA H 255 8.15 -11.44 44.76
C ALA H 255 7.48 -10.12 44.40
N ASN H 256 6.71 -9.59 45.36
CA ASN H 256 5.95 -8.35 45.17
C ASN H 256 6.79 -7.12 44.82
N GLU H 257 7.93 -6.87 45.47
CA GLU H 257 8.70 -5.72 45.02
C GLU H 257 9.52 -6.09 43.79
N PHE H 258 8.87 -6.20 42.63
CA PHE H 258 9.54 -6.72 41.45
C PHE H 258 9.24 -5.90 40.20
N TRP H 259 8.65 -4.71 40.32
CA TRP H 259 8.26 -3.95 39.15
C TRP H 259 8.23 -2.47 39.47
N LEU H 260 8.29 -1.65 38.42
CA LEU H 260 8.02 -0.22 38.49
C LEU H 260 7.06 0.16 37.37
N GLY H 261 6.38 1.29 37.55
CA GLY H 261 5.35 1.72 36.63
C GLY H 261 5.77 2.93 35.81
N GLY H 262 4.83 3.41 35.00
CA GLY H 262 5.06 4.55 34.15
C GLY H 262 3.78 5.23 33.70
N GLU H 263 3.76 5.71 32.46
CA GLU H 263 2.59 6.37 31.89
C GLU H 263 1.50 5.38 31.49
N LEU H 264 1.86 4.15 31.11
CA LEU H 264 0.88 3.17 30.65
C LEU H 264 -0.12 2.79 31.75
N VAL H 265 0.17 3.10 33.01
CA VAL H 265 -0.74 2.76 34.10
C VAL H 265 -2.09 3.46 33.94
N ARG H 266 -2.13 4.57 33.20
CA ARG H 266 -3.35 5.35 33.04
C ARG H 266 -4.30 4.73 32.01
N LYS H 267 -4.05 3.50 31.59
CA LYS H 267 -5.01 2.74 30.81
C LYS H 267 -6.36 2.66 31.52
N MET H 268 -7.40 2.37 30.74
CA MET H 268 -8.78 2.52 31.22
C MET H 268 -9.08 1.60 32.38
N ASP H 269 -8.65 0.34 32.29
CA ASP H 269 -8.98 -0.64 33.33
C ASP H 269 -8.30 -0.26 34.64
N GLN H 270 -8.93 -0.67 35.74
CA GLN H 270 -8.47 -0.31 37.08
C GLN H 270 -8.41 -1.48 38.04
N GLU H 271 -9.10 -2.59 37.78
CA GLU H 271 -9.24 -3.66 38.78
C GLU H 271 -7.88 -4.26 39.13
N GLN H 272 -7.11 -4.68 38.12
CA GLN H 272 -5.82 -5.29 38.41
C GLN H 272 -4.78 -4.28 38.86
N LYS H 273 -4.94 -3.00 38.51
CA LYS H 273 -4.07 -1.97 39.06
C LYS H 273 -4.23 -1.88 40.58
N ALA H 274 -5.45 -2.05 41.08
CA ALA H 274 -5.65 -2.08 42.52
C ALA H 274 -4.93 -3.27 43.14
N GLN H 275 -5.00 -4.44 42.50
CA GLN H 275 -4.33 -5.62 43.03
C GLN H 275 -2.83 -5.57 42.77
N LEU H 276 -2.40 -5.00 41.64
CA LEU H 276 -0.96 -4.88 41.37
C LEU H 276 -0.29 -3.88 42.31
N GLU H 277 -1.05 -2.94 42.87
CA GLU H 277 -0.49 -2.01 43.84
C GLU H 277 0.05 -2.73 45.07
N ALA H 278 -0.52 -3.89 45.40
CA ALA H 278 -0.08 -4.63 46.58
C ALA H 278 1.33 -5.19 46.42
N MET H 279 1.87 -5.20 45.20
CA MET H 279 3.20 -5.75 44.96
C MET H 279 4.21 -4.68 44.57
N GLY H 280 3.95 -3.95 43.49
CA GLY H 280 4.90 -3.01 42.93
C GLY H 280 4.54 -1.57 43.19
N ALA H 281 5.47 -0.69 42.80
CA ALA H 281 5.29 0.76 42.96
C ALA H 281 4.69 1.38 41.70
N HIS H 282 3.54 0.83 41.28
CA HIS H 282 2.83 1.33 40.11
C HIS H 282 1.93 2.48 40.53
N LEU H 283 2.53 3.65 40.70
CA LEU H 283 1.81 4.84 41.13
C LEU H 283 2.12 6.09 40.32
N TYR H 284 3.28 6.17 39.67
CA TYR H 284 3.74 7.42 39.06
C TYR H 284 3.07 7.57 37.69
N ALA H 285 2.14 8.53 37.60
CA ALA H 285 1.50 8.81 36.33
C ALA H 285 2.41 9.61 35.40
N ASN H 286 3.26 10.48 35.96
CA ASN H 286 4.15 11.30 35.16
C ASN H 286 5.54 10.68 35.15
N PRO H 287 6.09 10.33 33.99
CA PRO H 287 7.43 9.73 33.96
C PRO H 287 8.50 10.63 34.56
N GLU H 288 8.37 11.95 34.41
CA GLU H 288 9.37 12.86 34.98
C GLU H 288 9.41 12.76 36.51
N LYS H 289 8.26 12.50 37.13
CA LYS H 289 8.23 12.32 38.58
C LYS H 289 8.87 11.00 38.99
N LEU H 290 8.80 9.99 38.12
CA LEU H 290 9.36 8.68 38.45
C LEU H 290 10.87 8.77 38.66
N PHE H 291 11.57 9.50 37.78
CA PHE H 291 13.02 9.61 37.90
C PHE H 291 13.44 10.46 39.09
N ALA H 292 12.51 11.17 39.71
CA ALA H 292 12.85 11.95 40.91
C ALA H 292 12.96 11.05 42.13
N ASP H 293 12.16 9.98 42.20
CA ASP H 293 12.12 9.13 43.39
C ASP H 293 13.05 7.92 43.26
N LEU H 294 12.86 7.11 42.23
CA LEU H 294 13.64 5.88 42.10
C LEU H 294 15.12 6.14 41.86
N ALA H 295 15.49 7.34 41.42
CA ALA H 295 16.90 7.69 41.38
C ALA H 295 17.46 7.81 42.80
N ASP H 296 16.65 8.31 43.74
CA ASP H 296 17.09 8.41 45.13
C ASP H 296 17.32 7.03 45.74
N SER H 297 16.38 6.10 45.52
CA SER H 297 16.52 4.77 46.09
C SER H 297 17.72 4.03 45.52
N PHE H 298 17.91 4.11 44.20
CA PHE H 298 19.07 3.46 43.58
C PHE H 298 20.37 4.07 44.09
N LEU H 299 20.40 5.39 44.23
CA LEU H 299 21.59 6.09 44.71
C LEU H 299 21.71 5.91 46.22
N GLY H 300 22.75 6.53 46.79
CA GLY H 300 22.96 6.45 48.23
C GLY H 300 21.83 7.07 49.02
N VAL H 301 21.32 8.21 48.57
CA VAL H 301 20.22 8.87 49.26
C VAL H 301 19.13 9.24 48.25
N ASN I 3 24.34 -39.23 36.79
CA ASN I 3 24.61 -38.49 38.02
C ASN I 3 26.09 -38.10 38.10
N LEU I 4 26.84 -38.42 37.05
CA LEU I 4 28.25 -38.08 36.99
C LEU I 4 28.60 -37.16 35.82
N ASN I 5 27.61 -36.75 35.03
CA ASN I 5 27.84 -35.85 33.90
C ASN I 5 26.70 -34.84 33.84
N LEU I 6 26.98 -33.66 33.32
CA LEU I 6 25.98 -32.61 33.16
C LEU I 6 26.12 -31.97 31.80
N PHE I 7 25.03 -31.92 31.04
CA PHE I 7 24.98 -31.37 29.70
C PHE I 7 23.99 -30.23 29.64
N ALA I 8 24.23 -29.27 28.75
CA ALA I 8 23.22 -28.24 28.51
C ALA I 8 23.53 -27.51 27.22
N THR I 9 22.50 -26.92 26.63
CA THR I 9 22.64 -25.94 25.55
C THR I 9 21.74 -24.76 25.86
N ILE I 10 22.26 -23.55 25.71
CA ILE I 10 21.56 -22.35 26.15
C ILE I 10 21.50 -21.36 24.99
N LEU I 11 20.31 -20.81 24.76
CA LEU I 11 20.08 -19.76 23.78
C LEU I 11 19.72 -18.46 24.49
N THR I 12 19.37 -17.44 23.71
CA THR I 12 19.19 -16.09 24.24
C THR I 12 17.93 -15.44 23.69
N TYR I 13 17.80 -14.16 24.00
CA TYR I 13 16.74 -13.28 23.52
C TYR I 13 17.16 -12.64 22.21
N PRO I 14 16.19 -12.22 21.39
CA PRO I 14 16.54 -11.54 20.13
C PRO I 14 16.93 -10.09 20.39
N ALA I 15 17.99 -9.64 19.71
CA ALA I 15 18.53 -8.29 19.87
C ALA I 15 19.56 -8.02 18.79
N PRO I 16 19.90 -6.76 18.53
CA PRO I 16 21.03 -6.49 17.62
C PRO I 16 22.36 -6.74 18.32
N ALA I 17 23.33 -7.21 17.55
CA ALA I 17 24.66 -7.50 18.06
C ALA I 17 25.71 -6.89 17.15
N SER I 18 26.67 -6.19 17.76
CA SER I 18 27.77 -5.61 16.98
C SER I 18 28.98 -6.53 16.95
N ASN I 19 29.56 -6.81 18.11
CA ASN I 19 30.70 -7.72 18.27
C ASN I 19 31.75 -7.53 17.18
N TYR I 20 32.33 -6.34 17.13
CA TYR I 20 33.35 -6.03 16.12
C TYR I 20 34.61 -6.83 16.43
N ARG I 21 34.94 -7.77 15.55
CA ARG I 21 36.09 -8.65 15.73
C ARG I 21 37.15 -8.47 14.64
N GLY I 22 36.75 -8.51 13.38
CA GLY I 22 37.72 -8.46 12.29
C GLY I 22 38.29 -7.08 12.07
N GLU I 23 39.16 -6.99 11.06
CA GLU I 23 39.81 -5.75 10.68
C GLU I 23 39.76 -5.61 9.17
N SER I 24 39.70 -4.35 8.70
CA SER I 24 39.61 -4.09 7.27
C SER I 24 40.17 -2.71 6.96
N GLU I 25 40.97 -2.64 5.90
CA GLU I 25 41.42 -1.34 5.39
C GLU I 25 40.26 -0.55 4.80
N GLU I 26 39.22 -1.23 4.33
CA GLU I 26 38.07 -0.59 3.72
C GLU I 26 37.14 0.03 4.76
N ASN I 27 37.56 0.09 6.02
CA ASN I 27 36.85 0.82 7.08
C ASN I 27 35.51 0.18 7.42
N ARG I 28 35.48 -1.15 7.53
CA ARG I 28 34.30 -1.89 7.93
C ARG I 28 34.72 -3.02 8.86
N SER I 29 34.34 -2.93 10.13
CA SER I 29 34.67 -3.96 11.11
C SER I 29 33.86 -5.21 10.80
N VAL I 30 34.50 -6.19 10.14
CA VAL I 30 33.77 -7.35 9.64
C VAL I 30 33.46 -8.31 10.79
N ILE I 31 32.59 -9.28 10.50
CA ILE I 31 32.14 -10.26 11.47
C ILE I 31 32.56 -11.65 10.97
N GLN I 32 32.68 -12.58 11.91
CA GLN I 32 33.16 -13.93 11.59
C GLN I 32 32.03 -14.80 11.06
N LYS I 33 32.32 -15.53 9.98
CA LYS I 33 31.38 -16.46 9.37
C LYS I 33 32.04 -17.83 9.28
N ILE I 34 31.32 -18.88 9.68
CA ILE I 34 31.91 -20.22 9.68
C ILE I 34 31.08 -21.23 8.90
N LEU I 35 29.77 -21.00 8.78
CA LEU I 35 28.90 -22.03 8.24
C LEU I 35 28.73 -21.89 6.74
N LYS I 36 28.57 -23.03 6.06
CA LYS I 36 28.47 -23.11 4.61
C LYS I 36 27.18 -23.85 4.24
N ASP I 37 26.10 -23.08 4.07
CA ASP I 37 24.85 -23.58 3.52
C ASP I 37 24.31 -22.62 2.48
N GLY I 38 25.19 -21.82 1.88
CA GLY I 38 24.78 -20.74 1.01
C GLY I 38 24.58 -19.41 1.72
N GLN I 39 24.67 -19.37 3.04
CA GLN I 39 24.52 -18.16 3.82
C GLN I 39 25.66 -18.04 4.81
N LYS I 40 25.70 -16.90 5.51
CA LYS I 40 26.72 -16.62 6.51
C LYS I 40 26.07 -16.53 7.89
N TYR I 41 26.85 -16.87 8.93
CA TYR I 41 26.37 -16.85 10.30
C TYR I 41 27.40 -16.16 11.19
N ALA I 42 26.91 -15.54 12.26
CA ALA I 42 27.76 -14.90 13.24
C ALA I 42 28.07 -15.85 14.38
N ILE I 43 29.28 -15.73 14.94
CA ILE I 43 29.79 -16.69 15.91
C ILE I 43 30.35 -15.94 17.12
N ILE I 44 30.63 -16.71 18.16
CA ILE I 44 31.30 -16.22 19.37
C ILE I 44 32.43 -17.18 19.71
N SER I 45 33.62 -16.63 19.90
CA SER I 45 34.75 -17.46 20.30
C SER I 45 34.56 -17.92 21.76
N PRO I 46 34.88 -19.18 22.05
CA PRO I 46 34.67 -19.68 23.44
C PRO I 46 35.54 -18.97 24.47
N GLU I 47 36.76 -18.57 24.10
CA GLU I 47 37.62 -17.90 25.07
C GLU I 47 37.03 -16.56 25.53
N SER I 48 36.14 -15.96 24.74
CA SER I 48 35.47 -14.74 25.20
C SER I 48 34.58 -15.02 26.40
N MET I 49 33.73 -16.05 26.31
CA MET I 49 32.89 -16.39 27.45
C MET I 49 33.74 -16.98 28.58
N ARG I 50 34.89 -17.58 28.25
CA ARG I 50 35.82 -18.00 29.30
C ARG I 50 36.32 -16.80 30.09
N ASN I 51 36.70 -15.72 29.41
CA ASN I 51 37.13 -14.51 30.09
C ASN I 51 36.00 -13.89 30.90
N ALA I 52 34.77 -13.91 30.35
CA ALA I 52 33.63 -13.40 31.10
C ALA I 52 33.40 -14.22 32.37
N LEU I 53 33.51 -15.54 32.28
CA LEU I 53 33.37 -16.38 33.46
C LEU I 53 34.46 -16.09 34.48
N ARG I 54 35.69 -15.87 34.01
CA ARG I 54 36.76 -15.46 34.93
C ARG I 54 36.41 -14.14 35.62
N GLU I 55 35.88 -13.18 34.85
CA GLU I 55 35.55 -11.88 35.42
C GLU I 55 34.46 -12.00 36.48
N MET I 56 33.45 -12.85 36.26
CA MET I 56 32.40 -12.98 37.26
C MET I 56 32.77 -13.94 38.39
N LEU I 57 33.78 -14.79 38.19
CA LEU I 57 34.40 -15.43 39.34
C LEU I 57 35.11 -14.41 40.20
N ILE I 58 35.73 -13.40 39.58
CA ILE I 58 36.27 -12.27 40.32
C ILE I 58 35.15 -11.49 41.00
N GLU I 59 34.00 -11.38 40.33
CA GLU I 59 32.90 -10.56 40.84
C GLU I 59 32.44 -11.05 42.22
N LEU I 60 32.15 -12.34 42.34
CA LEU I 60 31.89 -12.93 43.64
C LEU I 60 33.21 -13.18 44.36
N GLY I 61 33.12 -13.32 45.67
CA GLY I 61 34.34 -13.55 46.43
C GLY I 61 34.97 -14.89 46.13
N GLN I 62 36.04 -14.87 45.33
CA GLN I 62 36.72 -16.08 44.88
C GLN I 62 38.20 -15.77 44.63
N PRO I 63 39.11 -16.39 45.38
CA PRO I 63 40.54 -16.12 45.16
C PRO I 63 41.00 -16.60 43.79
N ASN I 64 42.01 -15.91 43.25
CA ASN I 64 42.46 -16.14 41.89
C ASN I 64 43.95 -15.84 41.77
N ASN I 65 44.53 -16.26 40.66
CA ASN I 65 45.91 -15.92 40.31
C ASN I 65 46.01 -15.07 39.06
N ARG I 66 44.95 -14.93 38.27
CA ARG I 66 44.98 -14.22 37.01
C ARG I 66 44.11 -12.98 37.10
N THR I 67 44.64 -11.85 36.64
CA THR I 67 43.89 -10.60 36.63
C THR I 67 44.40 -9.71 35.52
N ARG I 68 43.48 -9.02 34.85
CA ARG I 68 43.80 -8.14 33.75
C ARG I 68 44.20 -6.77 34.25
N LEU I 69 45.26 -6.21 33.65
CA LEU I 69 45.71 -4.87 33.98
C LEU I 69 45.86 -4.08 32.69
N HIS I 70 45.80 -2.75 32.83
CA HIS I 70 45.96 -1.84 31.72
C HIS I 70 47.36 -1.25 31.76
N SER I 71 48.12 -1.45 30.69
CA SER I 71 49.52 -1.07 30.61
C SER I 71 49.83 -0.70 29.17
N GLU I 72 51.13 -0.67 28.84
CA GLU I 72 51.59 -0.38 27.48
C GLU I 72 50.88 -1.31 26.50
N ASP I 73 50.85 -0.92 25.22
CA ASP I 73 49.87 -1.47 24.28
C ASP I 73 49.96 -2.98 24.14
N GLN I 74 51.11 -3.58 24.47
CA GLN I 74 51.19 -5.04 24.50
C GLN I 74 50.19 -5.58 25.51
N LEU I 75 49.25 -6.41 25.04
CA LEU I 75 48.21 -6.96 25.91
C LEU I 75 48.85 -7.83 26.98
N ALA I 76 48.79 -7.37 28.23
CA ALA I 76 49.43 -8.04 29.34
C ALA I 76 48.41 -8.36 30.42
N VAL I 77 48.67 -9.45 31.15
CA VAL I 77 47.83 -9.91 32.24
C VAL I 77 48.71 -10.19 33.44
N GLU I 78 48.35 -9.63 34.59
CA GLU I 78 49.14 -9.82 35.79
C GLU I 78 49.04 -11.27 36.26
N PHE I 79 50.17 -11.82 36.71
CA PHE I 79 50.26 -13.26 36.98
C PHE I 79 50.16 -13.59 38.46
N LYS I 80 50.39 -12.62 39.34
CA LYS I 80 50.21 -12.76 40.79
C LYS I 80 51.10 -13.90 41.29
N GLU I 81 50.62 -14.76 42.18
CA GLU I 81 51.38 -15.91 42.64
C GLU I 81 51.41 -16.98 41.55
N TYR I 82 52.38 -17.88 41.64
CA TYR I 82 52.49 -18.96 40.68
C TYR I 82 51.25 -19.86 40.79
N PRO I 83 50.60 -20.18 39.67
CA PRO I 83 49.37 -20.98 39.74
C PRO I 83 49.63 -22.38 40.26
N ASN I 84 48.69 -22.89 41.04
CA ASN I 84 48.77 -24.22 41.62
C ASN I 84 47.44 -24.94 41.43
N PRO I 85 47.47 -26.26 41.22
CA PRO I 85 46.21 -27.01 41.10
C PRO I 85 45.30 -26.84 42.31
N ASP I 86 45.87 -26.71 43.51
CA ASP I 86 45.06 -26.38 44.69
C ASP I 86 44.89 -24.87 44.82
N LYS I 87 44.51 -24.22 43.72
CA LYS I 87 44.04 -22.85 43.75
C LYS I 87 42.52 -22.89 43.95
N PHE I 88 41.95 -21.74 44.28
CA PHE I 88 40.56 -21.73 44.72
C PHE I 88 39.61 -21.71 43.54
N ALA I 89 39.65 -20.67 42.71
CA ALA I 89 38.62 -20.46 41.70
C ALA I 89 39.12 -20.71 40.28
N ASP I 90 40.18 -20.02 39.85
CA ASP I 90 40.53 -20.00 38.43
C ASP I 90 41.37 -21.19 38.01
N ASP I 91 42.54 -21.38 38.63
CA ASP I 91 43.51 -22.34 38.11
C ASP I 91 42.99 -23.77 38.20
N PHE I 92 42.38 -24.12 39.34
CA PHE I 92 41.86 -25.48 39.49
C PHE I 92 40.74 -25.75 38.49
N LEU I 93 39.86 -24.77 38.28
CA LEU I 93 38.68 -25.00 37.45
C LEU I 93 39.05 -25.12 35.98
N PHE I 94 39.99 -24.30 35.51
CA PHE I 94 40.50 -24.42 34.15
C PHE I 94 41.86 -23.75 34.08
N GLY I 95 42.50 -23.89 32.93
CA GLY I 95 43.79 -23.27 32.70
C GLY I 95 44.94 -24.23 32.89
N TYR I 96 46.01 -24.01 32.16
CA TYR I 96 47.20 -24.85 32.21
C TYR I 96 48.40 -24.01 32.63
N MET I 97 49.32 -24.64 33.36
CA MET I 97 50.54 -23.99 33.82
C MET I 97 51.64 -24.30 32.81
N VAL I 98 51.63 -23.59 31.68
CA VAL I 98 52.65 -23.73 30.64
C VAL I 98 53.97 -23.26 31.22
N ALA I 99 55.08 -23.78 30.67
CA ALA I 99 56.40 -23.44 31.15
C ALA I 99 57.42 -23.62 30.04
N GLN I 100 58.54 -22.89 30.16
CA GLN I 100 59.63 -23.05 29.22
C GLN I 100 60.83 -23.70 29.89
N THR I 101 61.28 -23.15 31.01
CA THR I 101 62.32 -23.76 31.83
C THR I 101 61.76 -24.64 32.93
N ASN I 102 60.63 -24.26 33.54
CA ASN I 102 60.00 -25.00 34.62
C ASN I 102 60.99 -25.23 35.77
N ASP I 103 61.78 -24.20 36.07
CA ASP I 103 62.75 -24.14 37.16
C ASP I 103 63.51 -25.45 37.36
N ALA I 104 63.66 -25.87 38.61
CA ALA I 104 64.45 -27.05 38.96
C ALA I 104 63.57 -28.08 39.64
N LYS I 105 63.69 -29.34 39.20
CA LYS I 105 62.99 -30.50 39.76
C LYS I 105 61.53 -30.19 40.10
N GLU I 106 60.88 -29.49 39.17
CA GLU I 106 59.46 -29.14 39.29
C GLU I 106 59.19 -28.37 40.59
N MET I 107 59.85 -27.22 40.68
CA MET I 107 59.85 -26.35 41.88
C MET I 107 59.84 -27.18 43.16
N LYS I 108 60.86 -28.04 43.28
CA LYS I 108 61.08 -28.89 44.45
C LYS I 108 59.89 -29.82 44.67
N LYS I 109 59.41 -30.44 43.59
CA LYS I 109 58.28 -31.36 43.61
C LYS I 109 57.08 -30.74 44.33
N LEU I 110 56.58 -29.68 43.71
CA LEU I 110 55.38 -28.97 44.17
C LEU I 110 54.35 -29.03 43.07
N ASN I 111 53.27 -29.78 43.29
CA ASN I 111 52.14 -29.92 42.36
C ASN I 111 52.66 -30.61 41.10
N ARG I 112 52.21 -30.23 39.92
CA ARG I 112 52.69 -30.81 38.67
C ARG I 112 52.39 -29.84 37.55
N PRO I 113 53.29 -29.72 36.56
CA PRO I 113 53.15 -28.68 35.55
C PRO I 113 52.16 -29.02 34.45
N ALA I 114 51.39 -30.09 34.65
CA ALA I 114 50.44 -30.56 33.65
C ALA I 114 49.06 -30.67 34.27
N LYS I 115 48.20 -29.69 33.99
CA LYS I 115 46.79 -29.75 34.35
C LYS I 115 46.01 -30.25 33.14
N ARG I 116 45.21 -31.30 33.34
CA ARG I 116 44.61 -32.01 32.21
C ARG I 116 43.91 -31.06 31.25
N ASP I 117 42.87 -30.38 31.73
CA ASP I 117 42.11 -29.44 30.92
C ASP I 117 41.06 -28.75 31.80
N SER I 118 40.21 -27.94 31.19
CA SER I 118 39.13 -27.30 31.93
C SER I 118 38.12 -28.38 32.34
N ILE I 119 37.60 -28.27 33.56
CA ILE I 119 36.62 -29.22 34.06
C ILE I 119 35.38 -29.22 33.17
N PHE I 120 34.96 -28.04 32.71
CA PHE I 120 33.83 -27.89 31.81
C PHE I 120 34.33 -27.50 30.43
N ARG I 121 33.72 -28.09 29.41
CA ARG I 121 34.11 -27.89 28.02
C ARG I 121 32.97 -27.26 27.23
N CYS I 122 33.28 -26.24 26.44
CA CYS I 122 32.29 -25.49 25.69
C CYS I 122 32.67 -25.39 24.22
N ASN I 123 31.68 -25.17 23.38
CA ASN I 123 31.85 -24.98 21.94
C ASN I 123 31.41 -23.58 21.54
N MET I 124 31.79 -23.17 20.33
CA MET I 124 31.44 -21.85 19.83
C MET I 124 29.94 -21.77 19.53
N ALA I 125 29.44 -20.55 19.47
CA ALA I 125 28.03 -20.27 19.26
C ALA I 125 27.73 -20.09 17.78
N VAL I 126 26.47 -20.32 17.41
CA VAL I 126 26.02 -20.20 16.03
C VAL I 126 24.80 -19.29 16.01
N ALA I 127 24.81 -18.30 15.11
CA ALA I 127 23.78 -17.28 15.07
C ALA I 127 22.38 -17.83 14.81
N VAL I 128 22.29 -18.99 14.16
CA VAL I 128 21.04 -19.65 13.75
C VAL I 128 20.06 -18.64 13.13
N ASN I 129 20.60 -17.64 12.43
CA ASN I 129 19.82 -16.67 11.68
C ASN I 129 20.72 -16.16 10.57
N PRO I 130 20.26 -16.15 9.32
CA PRO I 130 21.13 -15.78 8.20
C PRO I 130 21.64 -14.36 8.31
N TYR I 131 22.89 -14.16 7.91
CA TYR I 131 23.50 -12.84 7.90
C TYR I 131 22.99 -12.02 6.72
N LYS I 132 22.86 -10.71 6.93
CA LYS I 132 22.44 -9.78 5.90
C LYS I 132 23.45 -8.67 5.78
N TYR I 133 23.53 -8.09 4.58
CA TYR I 133 24.58 -7.14 4.22
C TYR I 133 24.29 -5.72 4.71
N ASP I 134 23.38 -5.56 5.65
CA ASP I 134 23.04 -4.23 6.17
C ASP I 134 24.21 -3.63 6.94
N THR I 135 24.26 -2.30 6.97
CA THR I 135 25.29 -1.58 7.70
C THR I 135 24.70 -0.32 8.28
N VAL I 136 25.45 0.32 9.17
CA VAL I 136 25.07 1.61 9.77
C VAL I 136 26.16 2.62 9.46
N PHE I 137 25.76 3.79 8.97
CA PHE I 137 26.68 4.91 8.75
C PHE I 137 26.72 5.70 10.05
N TYR I 138 27.29 5.08 11.08
CA TYR I 138 27.15 5.54 12.46
C TYR I 138 28.14 6.62 12.87
N GLN I 139 28.99 7.08 11.95
CA GLN I 139 30.23 7.71 12.38
C GLN I 139 30.46 9.03 11.66
N SER I 140 31.20 9.91 12.34
CA SER I 140 31.89 11.05 11.76
C SER I 140 32.93 11.52 12.77
N PRO I 141 34.14 10.98 12.75
CA PRO I 141 35.19 11.50 13.64
C PRO I 141 35.50 12.97 13.33
N LEU I 142 35.85 13.71 14.37
CA LEU I 142 36.21 15.11 14.22
C LEU I 142 37.68 15.33 14.55
N ASN I 143 38.09 16.59 14.52
CA ASN I 143 39.47 16.99 14.74
C ASN I 143 39.58 17.89 15.97
N ALA I 144 40.78 17.90 16.56
CA ALA I 144 41.04 18.78 17.69
C ALA I 144 41.07 20.24 17.25
N GLY I 145 40.74 21.13 18.18
CA GLY I 145 40.64 22.54 17.87
C GLY I 145 41.85 23.36 18.29
N ASP I 146 42.37 23.11 19.49
CA ASP I 146 43.52 23.84 20.00
C ASP I 146 44.82 23.04 19.95
N SER I 147 44.83 21.91 19.24
CA SER I 147 46.02 21.08 19.05
C SER I 147 46.56 20.52 20.36
N ALA I 148 45.82 20.66 21.46
CA ALA I 148 46.21 20.12 22.75
C ALA I 148 45.81 18.64 22.79
N TRP I 149 46.82 17.76 22.92
CA TRP I 149 46.59 16.32 22.90
C TRP I 149 45.86 15.89 21.64
N LYS I 150 46.30 16.42 20.49
CA LYS I 150 45.60 16.21 19.24
C LYS I 150 45.76 14.78 18.75
N ASN I 151 44.68 14.24 18.18
CA ASN I 151 44.67 12.92 17.57
C ASN I 151 45.03 13.04 16.09
N SER I 152 44.77 11.99 15.33
CA SER I 152 45.08 11.99 13.89
C SER I 152 44.56 13.26 13.22
N THR I 153 45.29 13.71 12.20
CA THR I 153 45.05 15.04 11.64
C THR I 153 43.70 15.13 10.95
N SER I 154 43.38 14.18 10.08
CA SER I 154 42.19 14.31 9.25
C SER I 154 40.95 13.80 10.00
N SER I 155 39.79 14.06 9.41
CA SER I 155 38.50 13.62 9.93
C SER I 155 37.88 12.71 8.86
N ALA I 156 38.17 11.42 8.94
CA ALA I 156 37.80 10.48 7.91
C ALA I 156 36.40 9.92 8.15
N LEU I 157 35.96 9.06 7.23
CA LEU I 157 34.67 8.39 7.31
C LEU I 157 34.88 6.88 7.22
N LEU I 158 33.93 6.13 7.77
CA LEU I 158 34.06 4.68 7.88
C LEU I 158 32.66 4.10 8.04
N HIS I 159 32.58 2.80 8.37
CA HIS I 159 31.29 2.13 8.46
C HIS I 159 31.30 1.11 9.58
N ARG I 160 30.11 0.56 9.83
CA ARG I 160 29.92 -0.54 10.78
C ARG I 160 28.64 -1.26 10.40
N GLU I 161 28.52 -2.52 10.82
CA GLU I 161 27.35 -3.32 10.51
C GLU I 161 26.91 -4.10 11.75
N VAL I 162 25.61 -4.38 11.81
CA VAL I 162 25.00 -5.11 12.91
C VAL I 162 23.96 -6.07 12.36
N THR I 163 23.58 -7.04 13.18
CA THR I 163 22.57 -8.01 12.82
C THR I 163 21.62 -8.22 14.01
N HIS I 164 20.33 -8.35 13.70
CA HIS I 164 19.32 -8.66 14.70
C HIS I 164 19.21 -10.17 14.81
N THR I 165 19.82 -10.73 15.86
CA THR I 165 20.02 -12.18 15.90
C THR I 165 20.00 -12.67 17.35
N ALA I 166 19.59 -13.92 17.52
CA ALA I 166 19.69 -14.63 18.80
C ALA I 166 20.35 -15.97 18.55
N PHE I 167 21.31 -16.32 19.40
CA PHE I 167 22.19 -17.45 19.18
C PHE I 167 22.35 -18.28 20.44
N GLN I 168 22.71 -19.56 20.25
CA GLN I 168 22.85 -20.52 21.33
C GLN I 168 24.24 -21.12 21.33
N TYR I 169 24.57 -21.81 22.42
CA TYR I 169 25.85 -22.46 22.61
C TYR I 169 25.70 -23.64 23.56
N PRO I 170 26.43 -24.74 23.31
CA PRO I 170 26.40 -25.88 24.22
C PRO I 170 27.54 -25.89 25.23
N PHE I 171 27.38 -26.67 26.30
CA PHE I 171 28.48 -26.95 27.23
C PHE I 171 28.18 -28.23 27.99
N ALA I 172 29.21 -28.78 28.61
CA ALA I 172 29.11 -30.04 29.32
C ALA I 172 30.26 -30.16 30.30
N LEU I 173 30.08 -31.02 31.29
CA LEU I 173 31.12 -31.30 32.28
C LEU I 173 30.89 -32.68 32.88
N ALA I 174 31.94 -33.21 33.50
CA ALA I 174 31.91 -34.54 34.11
C ALA I 174 32.20 -34.43 35.60
N GLY I 175 31.53 -35.28 36.38
CA GLY I 175 31.73 -35.28 37.82
C GLY I 175 32.86 -36.17 38.28
N LYS I 176 33.98 -35.56 38.65
CA LYS I 176 35.15 -36.30 39.10
C LYS I 176 35.46 -36.09 40.58
N ASP I 177 35.62 -34.85 41.01
CA ASP I 177 35.94 -34.54 42.39
C ASP I 177 34.69 -34.14 43.16
N CYS I 178 34.68 -34.44 44.46
CA CYS I 178 33.59 -34.02 45.33
C CYS I 178 34.09 -33.52 46.68
N ALA I 179 35.40 -33.47 46.91
CA ALA I 179 35.92 -32.97 48.18
C ALA I 179 35.89 -31.45 48.24
N ALA I 180 36.61 -30.80 47.32
CA ALA I 180 36.61 -29.35 47.23
C ALA I 180 35.78 -28.81 46.07
N LYS I 181 35.51 -29.63 45.06
CA LYS I 181 34.79 -29.17 43.88
C LYS I 181 33.44 -28.50 44.16
N PRO I 182 32.58 -29.01 45.06
CA PRO I 182 31.22 -28.46 45.16
C PRO I 182 31.13 -26.95 45.39
N GLU I 183 32.00 -26.39 46.24
CA GLU I 183 31.89 -24.98 46.58
C GLU I 183 32.06 -24.10 45.35
N TRP I 184 33.04 -24.43 44.50
CA TRP I 184 33.26 -23.63 43.31
C TRP I 184 32.33 -24.02 42.17
N VAL I 185 31.82 -25.25 42.15
CA VAL I 185 30.82 -25.62 41.15
C VAL I 185 29.52 -24.85 41.38
N LYS I 186 29.15 -24.63 42.65
CA LYS I 186 27.99 -23.79 42.92
C LYS I 186 28.15 -22.40 42.33
N ALA I 187 29.33 -21.77 42.54
CA ALA I 187 29.57 -20.46 41.97
C ALA I 187 29.59 -20.49 40.45
N LEU I 188 30.16 -21.55 39.87
CA LEU I 188 30.17 -21.69 38.42
C LEU I 188 28.74 -21.74 37.87
N LEU I 189 27.88 -22.54 38.48
CA LEU I 189 26.51 -22.66 37.99
C LEU I 189 25.75 -21.35 38.18
N GLN I 190 25.97 -20.68 39.31
CA GLN I 190 25.33 -19.38 39.53
C GLN I 190 25.77 -18.37 38.47
N ALA I 191 27.07 -18.34 38.15
CA ALA I 191 27.56 -17.43 37.13
C ALA I 191 27.05 -17.80 35.75
N ILE I 192 26.94 -19.10 35.45
CA ILE I 192 26.42 -19.54 34.17
C ILE I 192 24.96 -19.11 34.03
N ALA I 193 24.21 -19.13 35.13
CA ALA I 193 22.83 -18.68 35.10
C ALA I 193 22.71 -17.21 34.71
N GLU I 194 23.78 -16.42 34.86
CA GLU I 194 23.74 -15.02 34.47
C GLU I 194 25.16 -14.57 34.13
N LEU I 195 25.48 -14.54 32.83
CA LEU I 195 26.76 -14.02 32.36
C LEU I 195 26.49 -12.80 31.49
N ASN I 196 27.44 -11.86 31.52
CA ASN I 196 27.25 -10.57 30.88
C ASN I 196 28.57 -10.11 30.28
N GLY I 197 28.52 -9.67 29.03
CA GLY I 197 29.72 -9.25 28.32
C GLY I 197 29.90 -10.03 27.04
N VAL I 198 31.08 -10.64 26.89
CA VAL I 198 31.39 -11.53 25.78
C VAL I 198 31.27 -10.70 24.50
N ALA I 199 31.91 -9.53 24.51
CA ALA I 199 31.86 -8.61 23.39
C ALA I 199 32.82 -7.46 23.66
N GLY I 200 33.22 -6.77 22.60
CA GLY I 200 34.05 -5.60 22.76
C GLY I 200 33.25 -4.34 23.02
N GLY I 201 32.17 -4.15 22.28
CA GLY I 201 31.39 -2.93 22.39
C GLY I 201 30.18 -3.06 23.28
N HIS I 202 30.24 -2.46 24.46
CA HIS I 202 29.09 -2.39 25.36
C HIS I 202 28.67 -0.95 25.64
N ALA I 203 29.52 0.03 25.34
CA ALA I 203 29.06 1.41 25.29
C ALA I 203 28.00 1.58 24.23
N ARG I 204 28.13 0.86 23.12
CA ARG I 204 27.13 0.80 22.06
C ARG I 204 26.73 -0.65 21.84
N ALA I 205 25.47 -0.87 21.45
CA ALA I 205 24.93 -2.20 21.17
C ALA I 205 25.04 -3.11 22.40
N TYR I 206 24.36 -2.69 23.46
CA TYR I 206 24.34 -3.45 24.70
C TYR I 206 23.19 -4.45 24.71
N TYR I 207 23.49 -5.70 25.07
CA TYR I 207 22.46 -6.71 25.24
C TYR I 207 23.01 -7.81 26.15
N GLU I 208 22.12 -8.45 26.89
CA GLU I 208 22.49 -9.57 27.76
C GLU I 208 21.78 -10.83 27.30
N PHE I 209 22.45 -11.98 27.48
CA PHE I 209 22.03 -13.17 26.75
C PHE I 209 22.03 -14.46 27.58
N ALA I 210 21.93 -14.39 28.90
CA ALA I 210 21.99 -15.66 29.64
C ALA I 210 20.65 -16.40 29.63
N PRO I 211 19.53 -15.84 30.15
CA PRO I 211 18.32 -16.68 30.29
C PRO I 211 17.46 -16.72 29.04
N ARG I 212 17.39 -17.85 28.36
CA ARG I 212 16.24 -18.01 27.47
C ARG I 212 15.56 -19.37 27.62
N SER I 213 16.33 -20.44 27.81
CA SER I 213 15.79 -21.78 28.00
C SER I 213 16.91 -22.76 28.35
N VAL I 214 16.59 -23.80 29.12
CA VAL I 214 17.56 -24.79 29.55
C VAL I 214 17.05 -26.18 29.17
N VAL I 215 17.95 -27.03 28.66
CA VAL I 215 17.60 -28.39 28.26
C VAL I 215 18.48 -29.38 29.01
N ALA I 216 18.83 -29.05 30.25
CA ALA I 216 19.84 -29.77 31.02
C ALA I 216 19.59 -31.28 31.09
N ARG I 217 20.67 -32.04 31.32
CA ARG I 217 20.64 -33.49 31.35
C ARG I 217 21.71 -33.98 32.31
N LEU I 218 21.40 -35.02 33.08
CA LEU I 218 22.39 -35.65 33.94
C LEU I 218 22.02 -37.12 34.12
N THR I 219 22.84 -38.00 33.55
CA THR I 219 22.65 -39.44 33.64
C THR I 219 24.02 -40.10 33.66
N PRO I 220 24.16 -41.27 34.30
CA PRO I 220 25.42 -42.01 34.32
C PRO I 220 25.70 -42.81 33.04
N LYS I 221 25.48 -42.18 31.90
CA LYS I 221 25.71 -42.82 30.60
C LYS I 221 27.14 -42.66 30.10
N LEU I 222 27.95 -41.85 30.78
CA LEU I 222 29.31 -41.53 30.36
C LEU I 222 29.28 -40.85 28.99
N VAL I 223 28.82 -39.59 29.00
CA VAL I 223 28.75 -38.69 27.83
C VAL I 223 27.95 -39.03 26.53
N ALA I 224 26.68 -39.40 26.66
CA ALA I 224 25.87 -39.72 25.48
C ALA I 224 25.00 -38.52 25.12
N GLY I 225 24.98 -38.17 23.84
CA GLY I 225 24.18 -37.05 23.41
C GLY I 225 23.14 -37.41 22.35
N TYR I 226 21.86 -37.33 22.73
CA TYR I 226 20.79 -37.46 21.75
C TYR I 226 20.47 -36.12 21.08
N GLN I 227 21.00 -35.03 21.62
CA GLN I 227 20.73 -33.71 21.06
C GLN I 227 21.52 -33.50 19.77
N THR I 228 21.05 -32.54 18.98
CA THR I 228 21.78 -32.04 17.83
C THR I 228 22.37 -30.66 18.09
N TYR I 229 22.11 -30.11 19.29
CA TYR I 229 22.57 -28.77 19.67
C TYR I 229 22.04 -27.71 18.70
N GLY I 230 20.77 -27.83 18.33
CA GLY I 230 20.15 -26.87 17.44
C GLY I 230 18.68 -26.64 17.73
N PHE I 231 18.28 -25.37 17.75
CA PHE I 231 16.89 -24.96 17.94
C PHE I 231 16.36 -24.37 16.64
N ASP I 232 15.07 -24.07 16.63
CA ASP I 232 14.44 -23.46 15.48
C ASP I 232 14.33 -21.95 15.69
N ALA I 233 13.86 -21.26 14.65
CA ALA I 233 13.69 -19.80 14.75
C ALA I 233 12.66 -19.44 15.81
N GLU I 234 11.53 -20.16 15.84
CA GLU I 234 10.51 -19.89 16.85
C GLU I 234 11.01 -20.28 18.24
N GLY I 235 12.02 -21.13 18.33
CA GLY I 235 12.73 -21.38 19.56
C GLY I 235 12.43 -22.69 20.28
N ASN I 236 11.48 -23.48 19.81
CA ASN I 236 11.19 -24.77 20.41
C ASN I 236 11.74 -25.89 19.54
N TRP I 237 12.35 -26.89 20.19
CA TRP I 237 12.97 -28.02 19.49
C TRP I 237 12.30 -29.33 19.87
N LEU I 238 11.17 -29.28 20.56
CA LEU I 238 10.55 -30.46 21.14
C LEU I 238 9.86 -31.33 20.09
N GLU I 239 9.82 -30.88 18.83
CA GLU I 239 9.09 -31.59 17.79
C GLU I 239 9.67 -32.99 17.55
N LEU I 240 10.99 -33.08 17.33
CA LEU I 240 11.60 -34.39 17.16
C LEU I 240 11.75 -35.11 18.49
N SER I 241 11.81 -34.36 19.60
CA SER I 241 12.03 -34.98 20.90
C SER I 241 10.74 -35.21 21.67
N ARG I 242 9.57 -34.86 21.13
CA ARG I 242 8.33 -35.19 21.83
C ARG I 242 8.08 -36.69 21.81
N LEU I 243 8.32 -37.34 20.67
CA LEU I 243 8.22 -38.79 20.62
C LEU I 243 9.23 -39.45 21.57
N THR I 244 10.36 -38.78 21.80
CA THR I 244 11.40 -39.34 22.67
C THR I 244 11.09 -39.10 24.15
N ALA I 245 10.42 -37.99 24.48
CA ALA I 245 10.20 -37.65 25.88
C ALA I 245 9.32 -38.66 26.59
N THR I 246 8.29 -39.16 25.91
CA THR I 246 7.37 -40.11 26.51
C THR I 246 8.02 -41.50 26.55
N ASP I 247 7.22 -42.52 26.88
CA ASP I 247 7.69 -43.91 26.95
C ASP I 247 8.87 -44.04 27.91
N SER I 248 8.74 -43.43 29.10
CA SER I 248 9.77 -43.56 30.11
C SER I 248 9.86 -44.97 30.65
N ASP I 249 8.72 -45.65 30.80
CA ASP I 249 8.72 -46.99 31.39
C ASP I 249 9.29 -48.02 30.43
N ASN I 250 8.89 -47.99 29.16
CA ASN I 250 9.27 -49.04 28.23
C ASN I 250 9.80 -48.49 26.91
N LEU I 251 9.98 -49.38 25.93
CA LEU I 251 10.45 -49.09 24.58
C LEU I 251 11.89 -48.57 24.55
N ASP I 252 12.64 -48.73 25.65
CA ASP I 252 14.06 -48.40 25.71
C ASP I 252 14.32 -46.96 25.24
N LEU I 253 13.49 -46.09 25.67
CA LEU I 253 13.61 -44.71 25.23
C LEU I 253 14.11 -43.84 26.38
N PRO I 254 14.85 -42.74 26.09
CA PRO I 254 15.39 -41.89 27.16
C PRO I 254 14.42 -41.64 28.31
N ALA I 255 14.95 -41.68 29.53
CA ALA I 255 14.15 -41.86 30.73
C ALA I 255 13.36 -40.60 31.07
N ASN I 256 12.67 -40.65 32.22
CA ASN I 256 11.84 -39.55 32.68
C ASN I 256 12.68 -38.46 33.35
N GLU I 257 13.42 -38.82 34.39
CA GLU I 257 14.34 -37.90 35.05
C GLU I 257 15.65 -37.88 34.26
N PHE I 258 15.50 -37.65 32.96
CA PHE I 258 16.62 -37.61 32.03
C PHE I 258 16.88 -36.21 31.51
N TRP I 259 15.87 -35.34 31.45
CA TRP I 259 15.97 -34.00 30.93
C TRP I 259 15.35 -33.03 31.93
N LEU I 260 15.54 -31.74 31.69
CA LEU I 260 14.97 -30.70 32.53
C LEU I 260 14.28 -29.65 31.66
N GLY I 261 13.44 -28.84 32.30
CA GLY I 261 12.66 -27.84 31.62
C GLY I 261 13.38 -26.50 31.50
N GLY I 262 12.63 -25.50 31.05
CA GLY I 262 13.16 -24.17 30.87
C GLY I 262 12.07 -23.13 30.81
N GLU I 263 12.21 -22.17 29.88
CA GLU I 263 11.20 -21.14 29.67
C GLU I 263 10.19 -21.52 28.59
N LEU I 264 10.57 -22.39 27.65
CA LEU I 264 9.65 -22.85 26.61
C LEU I 264 8.45 -23.60 27.19
N VAL I 265 8.53 -24.05 28.44
CA VAL I 265 7.41 -24.72 29.07
C VAL I 265 6.23 -23.77 29.23
N ARG I 266 6.47 -22.46 29.29
CA ARG I 266 5.40 -21.48 29.42
C ARG I 266 4.72 -21.19 28.06
N LYS I 267 4.91 -22.05 27.06
CA LYS I 267 4.16 -21.90 25.83
C LYS I 267 2.67 -22.16 26.10
N MET I 268 1.83 -21.75 25.15
CA MET I 268 0.43 -21.49 25.44
C MET I 268 -0.28 -22.74 25.97
N ASP I 269 -0.18 -23.86 25.26
CA ASP I 269 -0.98 -25.02 25.59
C ASP I 269 -0.44 -25.69 26.86
N GLN I 270 -1.34 -26.36 27.59
CA GLN I 270 -1.01 -26.93 28.89
C GLN I 270 -1.40 -28.39 29.06
N GLU I 271 -2.37 -28.90 28.30
CA GLU I 271 -2.81 -30.28 28.48
C GLU I 271 -1.67 -31.27 28.29
N GLN I 272 -0.95 -31.16 27.17
CA GLN I 272 0.21 -32.01 26.97
C GLN I 272 1.37 -31.67 27.90
N LYS I 273 1.44 -30.44 28.41
CA LYS I 273 2.38 -30.16 29.49
C LYS I 273 2.04 -31.00 30.72
N ALA I 274 0.76 -31.10 31.07
CA ALA I 274 0.36 -31.96 32.17
C ALA I 274 0.65 -33.43 31.85
N GLN I 275 0.44 -33.85 30.60
CA GLN I 275 0.74 -35.22 30.21
C GLN I 275 2.22 -35.54 30.41
N LEU I 276 3.10 -34.63 29.97
CA LEU I 276 4.54 -34.82 30.14
C LEU I 276 4.97 -34.67 31.60
N GLU I 277 4.20 -33.95 32.41
CA GLU I 277 4.53 -33.79 33.82
C GLU I 277 4.63 -35.11 34.56
N ALA I 278 3.85 -36.12 34.13
CA ALA I 278 3.81 -37.38 34.87
C ALA I 278 5.16 -38.07 34.87
N MET I 279 5.95 -37.93 33.81
CA MET I 279 7.25 -38.58 33.73
C MET I 279 8.41 -37.62 34.02
N GLY I 280 8.54 -36.55 33.22
CA GLY I 280 9.73 -35.74 33.27
C GLY I 280 9.65 -34.58 34.24
N ALA I 281 10.81 -34.02 34.55
CA ALA I 281 10.93 -32.92 35.49
C ALA I 281 10.93 -31.57 34.76
N HIS I 282 9.86 -31.34 34.00
CA HIS I 282 9.68 -30.07 33.28
C HIS I 282 8.73 -29.21 34.10
N LEU I 283 9.23 -28.71 35.23
CA LEU I 283 8.43 -27.93 36.16
C LEU I 283 8.92 -26.51 36.39
N TYR I 284 10.21 -26.25 36.18
CA TYR I 284 10.82 -24.98 36.57
C TYR I 284 10.73 -24.01 35.40
N ALA I 285 10.05 -22.88 35.62
CA ALA I 285 9.91 -21.89 34.57
C ALA I 285 11.11 -20.95 34.51
N ASN I 286 11.69 -20.61 35.67
CA ASN I 286 12.81 -19.70 35.72
C ASN I 286 14.11 -20.50 35.75
N PRO I 287 15.01 -20.29 34.79
CA PRO I 287 16.27 -21.07 34.78
C PRO I 287 17.10 -20.89 36.04
N GLU I 288 17.10 -19.69 36.64
CA GLU I 288 17.91 -19.47 37.82
C GLU I 288 17.46 -20.35 38.98
N LYS I 289 16.15 -20.54 39.13
CA LYS I 289 15.66 -21.48 40.14
C LYS I 289 15.97 -22.92 39.75
N LEU I 290 15.90 -23.24 38.45
CA LEU I 290 16.19 -24.59 37.99
C LEU I 290 17.62 -24.99 38.32
N PHE I 291 18.57 -24.07 38.12
CA PHE I 291 19.97 -24.35 38.42
C PHE I 291 20.21 -24.57 39.90
N ALA I 292 19.57 -23.79 40.77
CA ALA I 292 19.79 -23.94 42.20
C ALA I 292 19.38 -25.33 42.69
N ASP I 293 18.43 -25.96 42.02
CA ASP I 293 17.97 -27.29 42.39
C ASP I 293 18.80 -28.38 41.71
N LEU I 294 19.07 -28.23 40.42
CA LEU I 294 19.77 -29.29 39.71
C LEU I 294 21.26 -29.32 39.97
N ALA I 295 21.86 -28.21 40.43
CA ALA I 295 23.23 -28.28 40.94
C ALA I 295 23.28 -29.14 42.20
N ASP I 296 22.30 -28.98 43.09
CA ASP I 296 22.22 -29.84 44.27
C ASP I 296 21.98 -31.29 43.88
N SER I 297 21.08 -31.52 42.93
CA SER I 297 20.77 -32.89 42.51
C SER I 297 21.97 -33.57 41.88
N PHE I 298 22.66 -32.88 40.98
CA PHE I 298 23.87 -33.44 40.36
C PHE I 298 24.96 -33.66 41.39
N LEU I 299 25.12 -32.72 42.32
CA LEU I 299 26.15 -32.79 43.33
C LEU I 299 25.82 -33.88 44.36
N GLY I 300 26.76 -34.09 45.28
CA GLY I 300 26.52 -35.01 46.38
C GLY I 300 25.38 -34.57 47.27
N VAL I 301 25.24 -33.26 47.46
CA VAL I 301 24.15 -32.71 48.25
C VAL I 301 23.50 -31.55 47.49
N ASN J 3 28.07 -65.45 9.88
CA ASN J 3 27.99 -65.82 11.28
C ASN J 3 29.34 -65.62 11.97
N LEU J 4 30.40 -65.48 11.18
CA LEU J 4 31.74 -65.31 11.72
C LEU J 4 32.41 -64.00 11.34
N ASN J 5 31.71 -63.07 10.68
CA ASN J 5 32.26 -61.79 10.29
C ASN J 5 31.20 -60.72 10.46
N LEU J 6 31.61 -59.52 10.88
CA LEU J 6 30.69 -58.41 11.11
C LEU J 6 31.32 -57.13 10.61
N PHE J 7 30.64 -56.46 9.68
CA PHE J 7 31.07 -55.19 9.13
C PHE J 7 30.08 -54.11 9.55
N ALA J 8 30.54 -52.86 9.62
CA ALA J 8 29.63 -51.76 9.94
C ALA J 8 30.26 -50.43 9.57
N THR J 9 29.42 -49.41 9.47
CA THR J 9 29.84 -48.04 9.25
C THR J 9 29.04 -47.13 10.18
N ILE J 10 29.70 -46.07 10.69
CA ILE J 10 29.09 -45.18 11.67
C ILE J 10 29.33 -43.73 11.24
N LEU J 11 28.29 -42.90 11.35
CA LEU J 11 28.41 -41.46 11.14
C LEU J 11 27.86 -40.75 12.39
N THR J 12 27.71 -39.44 12.30
CA THR J 12 27.36 -38.64 13.47
C THR J 12 26.55 -37.41 13.08
N TYR J 13 26.44 -36.50 14.07
CA TYR J 13 25.72 -35.24 13.96
C TYR J 13 26.67 -34.14 13.46
N PRO J 14 26.13 -33.09 12.84
CA PRO J 14 26.99 -31.99 12.39
C PRO J 14 27.50 -31.16 13.56
N ALA J 15 28.73 -30.66 13.41
CA ALA J 15 29.39 -29.85 14.43
C ALA J 15 30.69 -29.30 13.83
N PRO J 16 31.26 -28.25 14.43
CA PRO J 16 32.55 -27.76 13.95
C PRO J 16 33.66 -28.79 14.14
N ALA J 17 34.83 -28.46 13.62
CA ALA J 17 35.93 -29.43 13.56
C ALA J 17 37.01 -29.11 14.59
N SER J 18 37.97 -30.03 14.70
CA SER J 18 39.07 -29.96 15.65
C SER J 18 40.12 -30.98 15.23
N ASN J 19 41.00 -31.34 16.16
CA ASN J 19 41.99 -32.41 15.97
C ASN J 19 42.93 -32.09 14.80
N TYR J 20 43.69 -31.01 14.96
CA TYR J 20 44.71 -30.65 14.00
C TYR J 20 45.99 -31.46 14.25
N ARG J 21 46.77 -31.65 13.18
CA ARG J 21 48.06 -32.31 13.27
C ARG J 21 49.21 -31.51 12.69
N GLY J 22 48.99 -30.81 11.58
CA GLY J 22 50.09 -30.17 10.89
C GLY J 22 50.58 -28.92 11.59
N GLU J 23 51.71 -28.40 11.10
CA GLU J 23 52.31 -27.19 11.63
C GLU J 23 52.61 -26.24 10.48
N SER J 24 52.60 -24.95 10.79
CA SER J 24 52.86 -23.93 9.80
C SER J 24 54.07 -23.09 10.21
N GLU J 25 54.82 -22.64 9.20
CA GLU J 25 55.90 -21.70 9.43
C GLU J 25 55.36 -20.39 9.99
N GLU J 26 54.28 -19.87 9.39
CA GLU J 26 53.66 -18.63 9.84
C GLU J 26 52.61 -18.85 10.92
N ASN J 27 52.51 -20.06 11.45
CA ASN J 27 51.83 -20.41 12.69
C ASN J 27 50.30 -20.39 12.60
N ARG J 28 49.71 -20.82 11.50
CA ARG J 28 48.29 -21.13 11.46
C ARG J 28 48.10 -22.65 11.59
N SER J 29 47.39 -23.08 12.62
CA SER J 29 47.04 -24.49 12.75
C SER J 29 46.28 -24.95 11.52
N VAL J 30 46.61 -26.14 11.03
CA VAL J 30 46.10 -26.63 9.75
C VAL J 30 45.48 -28.00 9.96
N ILE J 31 44.40 -28.27 9.24
CA ILE J 31 43.70 -29.54 9.29
C ILE J 31 44.17 -30.39 8.12
N GLN J 32 44.13 -31.71 8.29
CA GLN J 32 44.69 -32.62 7.30
C GLN J 32 43.89 -32.59 6.00
N LYS J 33 44.60 -32.74 4.88
CA LYS J 33 43.99 -32.79 3.55
C LYS J 33 44.53 -34.02 2.84
N ILE J 34 43.65 -34.73 2.13
CA ILE J 34 44.06 -35.97 1.47
C ILE J 34 43.72 -35.96 -0.02
N LEU J 35 42.47 -35.66 -0.35
CA LEU J 35 41.91 -35.92 -1.67
C LEU J 35 42.30 -34.81 -2.64
N LYS J 36 42.83 -35.19 -3.80
CA LYS J 36 43.22 -34.25 -4.85
C LYS J 36 42.34 -34.49 -6.07
N ASP J 37 41.14 -33.89 -6.06
CA ASP J 37 40.26 -33.91 -7.22
C ASP J 37 39.54 -32.57 -7.40
N GLY J 38 40.07 -31.50 -6.83
CA GLY J 38 39.41 -30.21 -6.82
C GLY J 38 38.62 -29.91 -5.57
N GLN J 39 38.66 -30.79 -4.57
CA GLN J 39 37.98 -30.57 -3.30
C GLN J 39 38.83 -31.15 -2.18
N LYS J 40 38.67 -30.58 -0.99
CA LYS J 40 39.44 -30.97 0.18
C LYS J 40 38.56 -31.71 1.18
N TYR J 41 39.19 -32.44 2.08
CA TYR J 41 38.49 -33.19 3.12
C TYR J 41 39.39 -33.29 4.35
N ALA J 42 38.75 -33.49 5.50
CA ALA J 42 39.44 -33.65 6.78
C ALA J 42 39.31 -35.09 7.25
N ILE J 43 40.42 -35.62 7.77
CA ILE J 43 40.50 -37.02 8.17
C ILE J 43 41.01 -37.13 9.60
N ILE J 44 40.91 -38.35 10.14
CA ILE J 44 41.44 -38.69 11.45
C ILE J 44 42.12 -40.05 11.34
N SER J 45 43.36 -40.13 11.80
CA SER J 45 44.09 -41.39 11.79
C SER J 45 43.45 -42.37 12.77
N PRO J 46 43.50 -43.67 12.47
CA PRO J 46 42.84 -44.64 13.36
C PRO J 46 43.47 -44.75 14.74
N GLU J 47 44.73 -44.32 14.89
CA GLU J 47 45.41 -44.45 16.18
C GLU J 47 44.72 -43.63 17.26
N SER J 48 44.18 -42.46 16.90
CA SER J 48 43.52 -41.61 17.88
C SER J 48 42.29 -42.30 18.47
N MET J 49 41.42 -42.83 17.60
CA MET J 49 40.24 -43.50 18.09
C MET J 49 40.58 -44.83 18.75
N ARG J 50 41.66 -45.49 18.33
CA ARG J 50 42.13 -46.66 19.06
C ARG J 50 42.53 -46.30 20.47
N ASN J 51 43.24 -45.18 20.63
CA ASN J 51 43.61 -44.71 21.97
C ASN J 51 42.38 -44.38 22.80
N ALA J 52 41.38 -43.73 22.19
CA ALA J 52 40.16 -43.41 22.91
C ALA J 52 39.41 -44.67 23.34
N LEU J 53 39.38 -45.68 22.46
CA LEU J 53 38.76 -46.95 22.83
C LEU J 53 39.50 -47.61 23.97
N ARG J 54 40.84 -47.55 23.95
CA ARG J 54 41.62 -48.04 25.09
C ARG J 54 41.27 -47.28 26.37
N GLU J 55 41.12 -45.95 26.25
CA GLU J 55 40.80 -45.14 27.42
C GLU J 55 39.45 -45.54 28.02
N MET J 56 38.45 -45.76 27.17
CA MET J 56 37.13 -46.13 27.70
C MET J 56 37.06 -47.58 28.13
N LEU J 57 37.92 -48.44 27.58
CA LEU J 57 38.09 -49.76 28.18
C LEU J 57 38.67 -49.65 29.58
N ILE J 58 39.59 -48.68 29.78
CA ILE J 58 40.08 -48.39 31.12
C ILE J 58 38.95 -47.84 31.99
N GLU J 59 38.04 -47.06 31.39
CA GLU J 59 36.96 -46.44 32.15
C GLU J 59 36.09 -47.49 32.83
N LEU J 60 35.62 -48.49 32.07
CA LEU J 60 34.97 -49.63 32.67
C LEU J 60 36.01 -50.50 33.37
N GLY J 61 35.55 -51.29 34.35
CA GLY J 61 36.48 -52.13 35.08
C GLY J 61 37.08 -53.20 34.19
N GLN J 62 38.34 -52.99 33.78
CA GLN J 62 39.05 -53.87 32.86
C GLN J 62 40.54 -53.81 33.14
N PRO J 63 41.21 -54.95 33.26
CA PRO J 63 42.67 -54.94 33.49
C PRO J 63 43.42 -54.50 32.25
N ASN J 64 44.65 -54.05 32.46
CA ASN J 64 45.48 -53.58 31.36
C ASN J 64 46.95 -53.59 31.76
N ASN J 65 47.81 -53.71 30.76
CA ASN J 65 49.25 -53.57 30.94
C ASN J 65 49.80 -52.30 30.33
N ARG J 66 48.95 -51.44 29.78
CA ARG J 66 49.38 -50.19 29.15
C ARG J 66 48.54 -49.04 29.69
N THR J 67 49.19 -47.93 29.97
CA THR J 67 48.51 -46.73 30.45
C THR J 67 49.36 -45.52 30.10
N ARG J 68 48.69 -44.39 29.88
CA ARG J 68 49.34 -43.14 29.54
C ARG J 68 49.52 -42.33 30.81
N LEU J 69 50.75 -41.87 31.05
CA LEU J 69 51.08 -41.08 32.23
C LEU J 69 51.44 -39.67 31.81
N HIS J 70 50.94 -38.69 32.57
CA HIS J 70 51.24 -37.29 32.32
C HIS J 70 52.51 -36.94 33.09
N SER J 71 53.58 -36.64 32.35
CA SER J 71 54.92 -36.55 32.91
C SER J 71 55.69 -35.51 32.10
N GLU J 72 57.03 -35.58 32.17
CA GLU J 72 57.91 -34.65 31.49
C GLU J 72 57.61 -34.54 30.00
N ASP J 73 58.15 -33.50 29.35
CA ASP J 73 57.77 -33.15 27.99
C ASP J 73 57.87 -34.32 27.02
N GLN J 74 58.86 -35.20 27.21
CA GLN J 74 58.97 -36.37 26.35
C GLN J 74 57.75 -37.27 26.51
N LEU J 75 57.20 -37.71 25.38
CA LEU J 75 56.00 -38.55 25.37
C LEU J 75 56.42 -40.00 25.65
N ALA J 76 55.98 -40.53 26.78
CA ALA J 76 56.33 -41.87 27.20
C ALA J 76 55.08 -42.63 27.64
N VAL J 77 55.17 -43.96 27.58
CA VAL J 77 54.09 -44.86 28.00
C VAL J 77 54.68 -45.86 28.97
N GLU J 78 53.90 -46.22 29.99
CA GLU J 78 54.39 -47.09 31.05
C GLU J 78 54.54 -48.53 30.54
N PHE J 79 55.74 -49.08 30.72
CA PHE J 79 55.98 -50.47 30.33
C PHE J 79 55.17 -51.44 31.18
N LYS J 80 55.11 -51.19 32.49
CA LYS J 80 54.41 -52.06 33.46
C LYS J 80 55.09 -53.44 33.41
N GLU J 81 54.33 -54.52 33.48
CA GLU J 81 54.88 -55.87 33.52
C GLU J 81 54.81 -56.51 32.14
N TYR J 82 55.41 -57.70 32.04
CA TYR J 82 55.48 -58.38 30.75
C TYR J 82 54.08 -58.73 30.25
N PRO J 83 53.69 -58.30 29.06
CA PRO J 83 52.35 -58.61 28.56
C PRO J 83 52.19 -60.10 28.29
N ASN J 84 50.98 -60.59 28.53
CA ASN J 84 50.63 -61.99 28.28
C ASN J 84 49.40 -62.06 27.39
N PRO J 85 49.32 -63.09 26.54
CA PRO J 85 48.11 -63.25 25.72
C PRO J 85 46.86 -63.45 26.55
N ASP J 86 46.97 -64.11 27.70
CA ASP J 86 45.85 -64.24 28.61
C ASP J 86 45.76 -63.01 29.51
N LYS J 87 45.82 -61.82 28.92
CA LYS J 87 45.48 -60.60 29.62
C LYS J 87 43.99 -60.35 29.42
N PHE J 88 43.31 -59.95 30.49
CA PHE J 88 41.87 -60.12 30.56
C PHE J 88 41.14 -59.20 29.60
N ALA J 89 41.63 -57.98 29.41
CA ALA J 89 40.89 -56.99 28.62
C ALA J 89 41.58 -56.56 27.35
N ASP J 90 42.80 -56.02 27.43
CA ASP J 90 43.39 -55.29 26.31
C ASP J 90 44.27 -56.17 25.42
N ASP J 91 45.27 -56.83 26.01
CA ASP J 91 46.28 -57.52 25.20
C ASP J 91 45.66 -58.66 24.40
N PHE J 92 44.73 -59.41 25.00
CA PHE J 92 44.00 -60.43 24.26
C PHE J 92 43.16 -59.81 23.16
N LEU J 93 42.56 -58.64 23.43
CA LEU J 93 41.71 -57.98 22.43
C LEU J 93 42.53 -57.54 21.23
N PHE J 94 43.68 -56.92 21.47
CA PHE J 94 44.59 -56.48 20.40
C PHE J 94 45.91 -56.09 21.07
N GLY J 95 46.85 -55.60 20.27
CA GLY J 95 48.14 -55.19 20.80
C GLY J 95 49.29 -56.06 20.33
N TYR J 96 50.20 -55.47 19.57
CA TYR J 96 51.36 -56.18 19.03
C TYR J 96 52.61 -55.74 19.77
N MET J 97 53.40 -56.72 20.21
CA MET J 97 54.66 -56.46 20.87
C MET J 97 55.81 -57.01 20.02
N VAL J 98 56.84 -56.19 19.84
CA VAL J 98 58.05 -56.60 19.13
C VAL J 98 59.24 -56.34 20.04
N ALA J 99 60.08 -57.37 20.22
CA ALA J 99 61.20 -57.30 21.14
C ALA J 99 62.50 -57.39 20.35
N GLN J 100 63.40 -56.43 20.61
CA GLN J 100 64.69 -56.43 19.93
C GLN J 100 65.55 -57.61 20.36
N THR J 101 65.68 -57.81 21.68
CA THR J 101 66.47 -58.90 22.23
C THR J 101 65.63 -60.15 22.49
N ASN J 102 64.30 -60.01 22.48
CA ASN J 102 63.39 -61.09 22.88
C ASN J 102 63.71 -61.54 24.30
N ASP J 103 63.80 -60.57 25.21
CA ASP J 103 64.05 -60.74 26.65
C ASP J 103 64.99 -61.90 26.95
N ALA J 104 64.55 -62.84 27.78
CA ALA J 104 65.33 -64.01 28.13
C ALA J 104 64.64 -65.25 27.58
N LYS J 105 65.34 -65.98 26.70
CA LYS J 105 64.90 -67.24 26.11
C LYS J 105 63.40 -67.26 25.80
N GLU J 106 62.97 -66.25 25.03
CA GLU J 106 61.59 -66.16 24.55
C GLU J 106 60.61 -66.14 25.71
N MET J 107 60.75 -65.12 26.55
CA MET J 107 60.04 -64.99 27.83
C MET J 107 59.88 -66.35 28.52
N LYS J 108 61.01 -67.06 28.61
CA LYS J 108 61.11 -68.36 29.28
C LYS J 108 60.20 -69.39 28.60
N LYS J 109 60.25 -69.44 27.27
CA LYS J 109 59.50 -70.42 26.48
C LYS J 109 58.01 -70.40 26.82
N LEU J 110 57.47 -69.19 27.01
CA LEU J 110 56.08 -69.02 27.40
C LEU J 110 55.33 -68.19 26.37
N ASN J 111 54.04 -68.45 26.26
CA ASN J 111 53.11 -67.64 25.46
C ASN J 111 53.58 -67.66 24.00
N ARG J 112 53.49 -66.56 23.27
CA ARG J 112 54.05 -66.45 21.93
C ARG J 112 54.82 -65.14 21.83
N PRO J 113 55.96 -65.15 21.15
CA PRO J 113 56.84 -63.96 21.19
C PRO J 113 56.23 -62.74 20.52
N ALA J 114 55.78 -62.87 19.27
CA ALA J 114 55.16 -61.77 18.55
C ALA J 114 53.65 -61.94 18.57
N LYS J 115 52.95 -60.85 18.87
CA LYS J 115 51.50 -60.88 19.05
C LYS J 115 50.83 -60.21 17.86
N ARG J 116 49.83 -60.88 17.32
CA ARG J 116 49.05 -60.39 16.19
C ARG J 116 47.85 -59.64 16.73
N ASP J 117 47.69 -58.38 16.30
CA ASP J 117 46.55 -57.59 16.76
C ASP J 117 45.24 -58.20 16.28
N SER J 118 45.03 -58.22 14.97
CA SER J 118 43.89 -58.90 14.32
C SER J 118 42.60 -58.48 15.01
N ILE J 119 41.56 -59.32 15.03
CA ILE J 119 40.36 -59.13 15.84
C ILE J 119 39.64 -57.82 15.51
N PHE J 120 40.34 -56.69 15.63
CA PHE J 120 39.75 -55.37 15.44
C PHE J 120 40.38 -54.72 14.21
N ARG J 121 39.54 -54.03 13.43
CA ARG J 121 39.97 -53.32 12.24
C ARG J 121 39.35 -51.93 12.22
N CYS J 122 39.98 -51.02 11.49
CA CYS J 122 39.52 -49.64 11.38
C CYS J 122 39.90 -49.07 10.03
N ASN J 123 39.51 -47.82 9.79
CA ASN J 123 39.73 -47.17 8.52
C ASN J 123 39.69 -45.65 8.73
N MET J 124 39.94 -44.91 7.65
CA MET J 124 39.91 -43.46 7.70
C MET J 124 38.52 -42.96 8.06
N ALA J 125 38.47 -41.70 8.50
CA ALA J 125 37.22 -40.98 8.67
C ALA J 125 37.20 -39.83 7.68
N VAL J 126 36.16 -39.80 6.83
CA VAL J 126 36.09 -38.86 5.73
C VAL J 126 34.97 -37.87 6.01
N ALA J 127 35.25 -36.58 5.85
CA ALA J 127 34.32 -35.54 6.24
C ALA J 127 33.03 -35.54 5.43
N VAL J 128 33.03 -36.23 4.27
CA VAL J 128 31.93 -36.25 3.30
C VAL J 128 31.26 -34.88 3.16
N ASN J 129 32.07 -33.83 3.25
CA ASN J 129 31.64 -32.45 3.05
C ASN J 129 32.88 -31.63 2.70
N PRO J 130 32.88 -30.91 1.59
CA PRO J 130 34.10 -30.24 1.15
C PRO J 130 34.58 -29.20 2.15
N TYR J 131 35.91 -29.07 2.25
CA TYR J 131 36.52 -28.08 3.11
C TYR J 131 36.38 -26.69 2.50
N LYS J 132 36.27 -25.68 3.37
CA LYS J 132 36.15 -24.30 2.94
C LYS J 132 37.25 -23.47 3.59
N TYR J 133 37.63 -22.38 2.93
CA TYR J 133 38.73 -21.53 3.37
C TYR J 133 38.36 -20.63 4.54
N ASP J 134 37.22 -20.84 5.19
CA ASP J 134 36.85 -20.03 6.34
C ASP J 134 37.83 -20.26 7.49
N THR J 135 38.10 -19.20 8.25
CA THR J 135 39.01 -19.28 9.38
C THR J 135 38.72 -18.12 10.32
N VAL J 136 39.22 -18.25 11.55
CA VAL J 136 39.07 -17.22 12.56
C VAL J 136 40.43 -16.98 13.23
N PHE J 137 40.80 -15.71 13.35
CA PHE J 137 41.97 -15.32 14.13
C PHE J 137 41.53 -15.02 15.57
N TYR J 138 42.14 -15.72 16.52
CA TYR J 138 41.58 -15.82 17.87
C TYR J 138 42.52 -15.49 19.00
N GLN J 139 43.82 -15.78 18.91
CA GLN J 139 44.65 -15.77 20.09
C GLN J 139 45.30 -14.40 20.26
N SER J 140 45.22 -13.89 21.49
CA SER J 140 45.91 -12.66 21.89
C SER J 140 46.54 -12.94 23.24
N PRO J 141 47.69 -13.61 23.26
CA PRO J 141 48.27 -14.05 24.53
C PRO J 141 48.62 -12.89 25.45
N LEU J 142 48.99 -13.26 26.67
CA LEU J 142 49.26 -12.30 27.73
C LEU J 142 50.75 -12.19 27.97
N ASN J 143 51.14 -11.15 28.71
CA ASN J 143 52.50 -10.95 29.18
C ASN J 143 52.48 -10.70 30.67
N ALA J 144 53.43 -11.29 31.39
CA ALA J 144 53.45 -11.17 32.83
C ALA J 144 53.77 -9.74 33.25
N GLY J 145 53.09 -9.28 34.30
CA GLY J 145 53.33 -7.95 34.82
C GLY J 145 54.26 -7.98 36.02
N ASP J 146 54.52 -9.18 36.54
CA ASP J 146 55.45 -9.37 37.65
C ASP J 146 56.63 -10.27 37.26
N SER J 147 56.65 -10.79 36.04
CA SER J 147 57.75 -11.61 35.53
C SER J 147 57.98 -12.84 36.39
N ALA J 148 56.89 -13.40 36.95
CA ALA J 148 56.94 -14.64 37.71
C ALA J 148 56.64 -15.79 36.76
N TRP J 149 57.67 -16.54 36.39
CA TRP J 149 57.56 -17.61 35.41
C TRP J 149 56.99 -17.07 34.09
N LYS J 150 57.65 -16.05 33.57
CA LYS J 150 57.20 -15.38 32.35
C LYS J 150 57.37 -16.28 31.13
N ASN J 151 56.37 -16.25 30.26
CA ASN J 151 56.41 -16.97 28.99
C ASN J 151 57.03 -16.06 27.93
N SER J 152 56.85 -16.41 26.66
CA SER J 152 57.39 -15.62 25.55
C SER J 152 57.09 -14.13 25.73
N THR J 153 58.04 -13.30 25.30
CA THR J 153 57.96 -11.87 25.59
C THR J 153 56.78 -11.23 24.87
N SER J 154 56.66 -11.46 23.57
CA SER J 154 55.66 -10.78 22.76
C SER J 154 54.30 -11.49 22.86
N SER J 155 53.28 -10.80 22.34
CA SER J 155 51.93 -11.34 22.22
C SER J 155 51.50 -11.17 20.78
N ALA J 156 51.07 -12.26 20.14
CA ALA J 156 50.80 -12.27 18.72
C ALA J 156 49.31 -12.48 18.46
N LEU J 157 48.95 -12.48 17.18
CA LEU J 157 47.58 -12.77 16.73
C LEU J 157 47.66 -13.73 15.56
N LEU J 158 47.08 -14.91 15.72
CA LEU J 158 47.17 -15.96 14.71
C LEU J 158 45.78 -16.52 14.42
N HIS J 159 45.69 -17.27 13.32
CA HIS J 159 44.43 -17.75 12.80
C HIS J 159 44.18 -19.20 13.19
N ARG J 160 42.90 -19.59 13.18
CA ARG J 160 42.48 -20.98 13.32
C ARG J 160 41.21 -21.17 12.51
N GLU J 161 41.05 -22.36 11.92
CA GLU J 161 39.91 -22.63 11.05
C GLU J 161 39.09 -23.79 11.60
N VAL J 162 37.78 -23.74 11.35
CA VAL J 162 36.85 -24.80 11.72
C VAL J 162 35.94 -25.06 10.53
N THR J 163 35.32 -26.24 10.52
CA THR J 163 34.40 -26.63 9.47
C THR J 163 33.17 -27.27 10.08
N HIS J 164 31.99 -26.79 9.69
CA HIS J 164 30.73 -27.36 10.15
C HIS J 164 30.50 -28.66 9.38
N THR J 165 30.88 -29.78 9.98
CA THR J 165 30.97 -31.03 9.25
C THR J 165 30.69 -32.21 10.17
N ALA J 166 30.22 -33.30 9.59
CA ALA J 166 30.07 -34.58 10.27
C ALA J 166 30.68 -35.66 9.39
N PHE J 167 31.45 -36.56 9.99
CA PHE J 167 32.20 -37.56 9.26
C PHE J 167 31.88 -38.97 9.76
N GLN J 168 32.12 -39.95 8.89
CA GLN J 168 31.81 -41.35 9.15
C GLN J 168 33.07 -42.19 9.00
N TYR J 169 33.01 -43.42 9.51
CA TYR J 169 34.11 -44.36 9.41
C TYR J 169 33.58 -45.78 9.48
N PRO J 170 34.19 -46.72 8.76
CA PRO J 170 33.82 -48.12 8.88
C PRO J 170 34.70 -48.88 9.86
N PHE J 171 34.21 -50.05 10.26
CA PHE J 171 34.97 -50.97 11.10
C PHE J 171 34.43 -52.37 10.91
N ALA J 172 35.20 -53.35 11.39
CA ALA J 172 34.83 -54.75 11.18
C ALA J 172 35.54 -55.60 12.22
N LEU J 173 34.98 -56.80 12.44
CA LEU J 173 35.58 -57.76 13.34
C LEU J 173 35.05 -59.16 13.02
N ALA J 174 35.90 -60.16 13.21
CA ALA J 174 35.58 -61.53 12.86
C ALA J 174 35.39 -62.37 14.13
N GLY J 175 34.47 -63.32 14.05
CA GLY J 175 34.20 -64.22 15.16
C GLY J 175 35.05 -65.48 15.13
N LYS J 176 36.10 -65.50 15.96
CA LYS J 176 37.02 -66.63 16.00
C LYS J 176 37.09 -67.30 17.37
N ASP J 177 37.04 -66.55 18.46
CA ASP J 177 37.16 -67.09 19.81
C ASP J 177 35.84 -66.94 20.53
N CYS J 178 35.51 -67.92 21.37
CA CYS J 178 34.29 -67.88 22.17
C CYS J 178 34.52 -68.40 23.59
N ALA J 179 35.75 -68.73 23.96
CA ALA J 179 36.01 -69.23 25.30
C ALA J 179 35.96 -68.10 26.32
N ALA J 180 36.83 -67.11 26.18
CA ALA J 180 36.81 -65.92 27.02
C ALA J 180 36.43 -64.66 26.27
N LYS J 181 36.33 -64.72 24.94
CA LYS J 181 36.03 -63.53 24.15
C LYS J 181 34.71 -62.85 24.49
N PRO J 182 33.58 -63.55 24.65
CA PRO J 182 32.29 -62.84 24.74
C PRO J 182 32.20 -61.76 25.80
N GLU J 183 32.78 -61.98 26.99
CA GLU J 183 32.69 -60.98 28.05
C GLU J 183 33.35 -59.68 27.63
N TRP J 184 34.52 -59.76 26.99
CA TRP J 184 35.22 -58.56 26.56
C TRP J 184 34.61 -57.97 25.29
N VAL J 185 34.04 -58.82 24.44
CA VAL J 185 33.38 -58.34 23.22
C VAL J 185 32.14 -57.53 23.58
N LYS J 186 31.40 -57.95 24.61
CA LYS J 186 30.26 -57.17 25.06
C LYS J 186 30.68 -55.77 25.48
N ALA J 187 31.77 -55.67 26.26
CA ALA J 187 32.28 -54.37 26.67
C ALA J 187 32.77 -53.56 25.47
N LEU J 188 33.43 -54.22 24.51
CA LEU J 188 33.91 -53.51 23.33
C LEU J 188 32.76 -52.94 22.53
N LEU J 189 31.68 -53.71 22.35
CA LEU J 189 30.52 -53.20 21.63
C LEU J 189 29.82 -52.10 22.39
N GLN J 190 29.74 -52.21 23.73
CA GLN J 190 29.18 -51.12 24.53
C GLN J 190 30.00 -49.85 24.36
N ALA J 191 31.33 -49.98 24.35
CA ALA J 191 32.19 -48.80 24.21
C ALA J 191 32.11 -48.20 22.81
N ILE J 192 32.15 -49.02 21.76
CA ILE J 192 32.10 -48.48 20.41
C ILE J 192 30.72 -47.89 20.12
N ALA J 193 29.69 -48.40 20.81
CA ALA J 193 28.36 -47.82 20.66
C ALA J 193 28.31 -46.41 21.23
N GLU J 194 29.25 -46.06 22.10
CA GLU J 194 29.29 -44.73 22.69
C GLU J 194 30.74 -44.37 23.02
N LEU J 195 31.38 -43.63 22.11
CA LEU J 195 32.75 -43.20 22.30
C LEU J 195 32.82 -41.68 22.21
N ASN J 196 33.92 -41.13 22.69
CA ASN J 196 34.06 -39.69 22.82
C ASN J 196 35.54 -39.32 22.70
N GLY J 197 35.80 -38.05 22.39
CA GLY J 197 37.17 -37.57 22.27
C GLY J 197 37.73 -37.71 20.87
N VAL J 198 38.81 -38.50 20.75
CA VAL J 198 39.48 -38.76 19.48
C VAL J 198 39.95 -37.41 18.97
N ALA J 199 40.53 -36.61 19.86
CA ALA J 199 41.02 -35.28 19.52
C ALA J 199 41.87 -34.76 20.66
N GLY J 200 42.59 -33.67 20.39
CA GLY J 200 43.39 -33.04 21.44
C GLY J 200 42.69 -31.85 22.06
N GLY J 201 42.13 -30.97 21.24
CA GLY J 201 41.49 -29.78 21.73
C GLY J 201 40.04 -30.03 22.06
N HIS J 202 39.76 -30.12 23.36
CA HIS J 202 38.41 -30.25 23.87
C HIS J 202 38.02 -29.12 24.80
N ALA J 203 38.98 -28.32 25.27
CA ALA J 203 38.64 -27.05 25.90
C ALA J 203 37.88 -26.17 24.93
N ARG J 204 38.16 -26.29 23.64
CA ARG J 204 37.44 -25.60 22.58
C ARG J 204 37.08 -26.61 21.51
N ALA J 205 36.03 -26.31 20.75
CA ALA J 205 35.52 -27.18 19.68
C ALA J 205 35.16 -28.56 20.22
N TYR J 206 34.18 -28.57 21.13
CA TYR J 206 33.70 -29.81 21.73
C TYR J 206 32.59 -30.43 20.89
N TYR J 207 32.78 -31.69 20.51
CA TYR J 207 31.75 -32.44 19.80
C TYR J 207 31.96 -33.92 20.07
N GLU J 208 30.86 -34.67 20.07
CA GLU J 208 30.89 -36.10 20.33
C GLU J 208 30.11 -36.82 19.24
N PHE J 209 30.61 -37.97 18.81
CA PHE J 209 30.14 -38.58 17.57
C PHE J 209 29.73 -40.04 17.77
N ALA J 210 29.08 -40.36 18.87
CA ALA J 210 28.64 -41.74 19.06
C ALA J 210 27.38 -42.08 18.25
N PRO J 211 26.22 -41.42 18.50
CA PRO J 211 24.97 -41.94 17.93
C PRO J 211 24.57 -41.34 16.59
N ARG J 212 24.24 -42.19 15.62
CA ARG J 212 23.58 -41.78 14.39
C ARG J 212 23.10 -43.05 13.68
N SER J 213 22.65 -42.91 12.44
CA SER J 213 22.13 -44.02 11.65
C SER J 213 23.23 -45.02 11.38
N VAL J 214 23.18 -46.17 12.05
CA VAL J 214 24.19 -47.21 11.91
C VAL J 214 23.57 -48.42 11.24
N VAL J 215 24.33 -49.05 10.36
CA VAL J 215 23.95 -50.30 9.72
C VAL J 215 25.12 -51.26 9.79
N ALA J 216 24.85 -52.49 10.19
CA ALA J 216 25.87 -53.52 10.31
C ALA J 216 25.42 -54.76 9.56
N ARG J 217 26.39 -55.58 9.17
CA ARG J 217 26.10 -56.81 8.43
C ARG J 217 26.92 -57.95 9.01
N LEU J 218 26.23 -59.01 9.40
CA LEU J 218 26.84 -60.25 9.88
C LEU J 218 26.68 -61.30 8.79
N THR J 219 27.77 -61.58 8.06
CA THR J 219 27.73 -62.57 6.99
C THR J 219 29.01 -63.39 7.01
N PRO J 220 28.94 -64.65 6.54
CA PRO J 220 30.14 -65.47 6.34
C PRO J 220 30.80 -65.24 4.99
N LYS J 221 30.99 -63.96 4.63
CA LYS J 221 31.47 -63.61 3.30
C LYS J 221 32.99 -63.63 3.20
N LEU J 222 33.71 -63.82 4.29
CA LEU J 222 35.16 -63.78 4.21
C LEU J 222 35.65 -62.42 3.69
N VAL J 223 35.15 -61.36 4.34
CA VAL J 223 35.47 -59.95 4.07
C VAL J 223 35.18 -59.29 2.71
N ALA J 224 34.05 -59.64 2.10
CA ALA J 224 33.63 -59.03 0.85
C ALA J 224 32.42 -58.15 1.15
N GLY J 225 32.43 -56.89 0.73
CA GLY J 225 31.33 -56.01 1.05
C GLY J 225 30.72 -55.32 -0.16
N TYR J 226 29.41 -55.46 -0.33
CA TYR J 226 28.72 -54.77 -1.41
C TYR J 226 28.73 -53.26 -1.20
N GLN J 227 28.81 -52.82 0.05
CA GLN J 227 28.77 -51.39 0.35
C GLN J 227 29.95 -50.66 -0.28
N THR J 228 29.70 -49.44 -0.75
CA THR J 228 30.75 -48.59 -1.28
C THR J 228 31.50 -47.86 -0.17
N TYR J 229 31.03 -47.99 1.08
CA TYR J 229 31.63 -47.31 2.24
C TYR J 229 31.52 -45.79 2.09
N GLY J 230 30.32 -45.33 1.74
CA GLY J 230 30.07 -43.92 1.58
C GLY J 230 28.61 -43.57 1.82
N PHE J 231 28.37 -42.54 2.63
CA PHE J 231 27.02 -42.11 2.97
C PHE J 231 26.69 -40.81 2.26
N ASP J 232 25.39 -40.49 2.22
CA ASP J 232 24.93 -39.25 1.63
C ASP J 232 25.42 -38.05 2.43
N ALA J 233 25.74 -36.96 1.72
CA ALA J 233 26.09 -35.72 2.39
C ALA J 233 24.94 -35.20 3.24
N GLU J 234 23.72 -35.27 2.70
CA GLU J 234 22.54 -34.90 3.47
C GLU J 234 22.18 -35.96 4.51
N GLY J 235 22.62 -37.20 4.31
CA GLY J 235 22.33 -38.29 5.22
C GLY J 235 21.37 -39.33 4.71
N ASN J 236 20.66 -39.05 3.61
CA ASN J 236 19.72 -40.02 3.04
C ASN J 236 20.47 -40.92 2.07
N TRP J 237 21.35 -41.75 2.65
CA TRP J 237 22.16 -42.69 1.89
C TRP J 237 21.36 -43.92 1.45
N LEU J 238 20.07 -43.97 1.75
CA LEU J 238 19.25 -45.17 1.63
C LEU J 238 19.15 -45.70 0.20
N GLU J 239 19.61 -44.93 -0.79
CA GLU J 239 19.42 -45.34 -2.19
C GLU J 239 20.04 -46.70 -2.48
N LEU J 240 21.20 -47.00 -1.88
CA LEU J 240 21.85 -48.29 -2.13
C LEU J 240 20.97 -49.44 -1.66
N SER J 241 20.15 -49.22 -0.63
CA SER J 241 19.19 -50.24 -0.23
C SER J 241 18.11 -50.45 -1.28
N ARG J 242 17.63 -49.37 -1.91
CA ARG J 242 16.52 -49.48 -2.85
C ARG J 242 16.89 -50.35 -4.04
N LEU J 243 18.10 -50.19 -4.57
CA LEU J 243 18.55 -51.03 -5.68
C LEU J 243 18.83 -52.46 -5.23
N THR J 244 18.81 -52.72 -3.93
CA THR J 244 19.11 -54.04 -3.39
C THR J 244 17.91 -54.68 -2.68
N ALA J 245 17.29 -53.96 -1.74
CA ALA J 245 16.25 -54.57 -0.90
C ALA J 245 15.08 -55.05 -1.74
N THR J 246 14.71 -54.31 -2.79
CA THR J 246 13.58 -54.73 -3.62
C THR J 246 13.84 -56.06 -4.31
N ASP J 247 15.10 -56.43 -4.49
CA ASP J 247 15.46 -57.64 -5.22
C ASP J 247 15.85 -58.80 -4.29
N SER J 248 15.21 -58.89 -3.13
CA SER J 248 15.47 -59.99 -2.21
C SER J 248 14.17 -60.71 -1.84
N LEU J 253 23.16 -60.02 -5.46
CA LEU J 253 21.78 -60.11 -5.02
C LEU J 253 21.69 -60.46 -3.54
N PRO J 254 21.91 -59.46 -2.67
CA PRO J 254 21.83 -59.73 -1.22
C PRO J 254 20.45 -60.24 -0.81
N ALA J 255 20.46 -61.12 0.18
CA ALA J 255 19.26 -61.82 0.63
C ALA J 255 18.49 -60.97 1.65
N ASN J 256 17.40 -61.54 2.16
CA ASN J 256 16.51 -60.81 3.06
C ASN J 256 17.23 -60.41 4.35
N GLU J 257 17.98 -61.32 4.94
CA GLU J 257 18.65 -61.03 6.22
C GLU J 257 20.06 -60.49 6.01
N PHE J 258 20.20 -59.49 5.14
CA PHE J 258 21.51 -58.89 4.86
C PHE J 258 21.54 -57.39 5.14
N TRP J 259 20.70 -56.90 6.06
CA TRP J 259 20.72 -55.49 6.44
C TRP J 259 20.28 -55.33 7.89
N LEU J 260 20.54 -54.14 8.42
CA LEU J 260 20.08 -53.71 9.74
C LEU J 260 19.66 -52.25 9.65
N GLY J 261 19.18 -51.70 10.76
CA GLY J 261 18.68 -50.35 10.78
C GLY J 261 19.21 -49.57 11.98
N GLY J 262 19.16 -48.25 11.86
CA GLY J 262 19.64 -47.37 12.90
C GLY J 262 18.74 -46.16 13.15
N GLU J 263 19.34 -44.96 13.11
CA GLU J 263 18.57 -43.75 13.38
C GLU J 263 17.67 -43.37 12.22
N LEU J 264 18.07 -43.71 10.99
CA LEU J 264 17.33 -43.28 9.81
C LEU J 264 15.92 -43.87 9.75
N VAL J 265 15.65 -44.92 10.53
CA VAL J 265 14.37 -45.62 10.43
C VAL J 265 13.22 -44.72 10.85
N ARG J 266 13.47 -43.72 11.68
CA ARG J 266 12.40 -42.84 12.16
C ARG J 266 12.01 -41.77 11.14
N LYS J 267 12.42 -41.93 9.88
CA LYS J 267 11.86 -41.11 8.80
C LYS J 267 10.36 -41.34 8.71
N MET J 268 9.64 -40.25 8.38
CA MET J 268 8.17 -40.26 8.50
C MET J 268 7.52 -41.30 7.62
N ASP J 269 8.13 -41.61 6.47
CA ASP J 269 7.56 -42.60 5.58
C ASP J 269 7.54 -43.97 6.25
N GLN J 270 6.46 -44.72 6.02
CA GLN J 270 6.23 -45.97 6.75
C GLN J 270 5.84 -47.16 5.89
N GLU J 271 5.31 -46.95 4.68
CA GLU J 271 4.78 -48.07 3.90
C GLU J 271 5.88 -49.07 3.55
N GLN J 272 7.00 -48.61 2.99
CA GLN J 272 8.08 -49.54 2.67
C GLN J 272 8.77 -50.09 3.91
N LYS J 273 8.62 -49.44 5.07
CA LYS J 273 9.11 -50.03 6.30
C LYS J 273 8.40 -51.35 6.60
N ALA J 274 7.09 -51.40 6.37
CA ALA J 274 6.32 -52.61 6.64
C ALA J 274 6.77 -53.75 5.73
N GLN J 275 6.91 -53.48 4.44
CA GLN J 275 7.34 -54.53 3.52
C GLN J 275 8.76 -54.99 3.80
N LEU J 276 9.63 -54.06 4.23
CA LEU J 276 10.98 -54.43 4.63
C LEU J 276 11.01 -55.09 6.01
N GLU J 277 10.01 -54.83 6.86
CA GLU J 277 9.96 -55.50 8.16
C GLU J 277 9.78 -57.00 7.99
N ALA J 278 8.94 -57.42 7.05
CA ALA J 278 8.77 -58.83 6.74
C ALA J 278 9.98 -59.42 6.03
N MET J 279 10.95 -58.59 5.65
CA MET J 279 12.12 -59.02 4.90
C MET J 279 13.42 -58.78 5.65
N GLY J 280 13.56 -57.63 6.31
CA GLY J 280 14.74 -57.32 7.08
C GLY J 280 14.39 -57.03 8.52
N ALA J 281 15.30 -57.41 9.42
CA ALA J 281 15.08 -57.21 10.86
C ALA J 281 15.66 -55.88 11.34
N HIS J 282 15.31 -54.79 10.66
CA HIS J 282 15.70 -53.45 11.09
C HIS J 282 14.60 -52.80 11.92
N LEU J 283 14.15 -53.50 12.95
CA LEU J 283 13.05 -53.06 13.79
C LEU J 283 13.51 -52.20 14.96
N TYR J 284 14.71 -51.64 14.88
CA TYR J 284 15.30 -50.89 15.99
C TYR J 284 15.36 -49.41 15.64
N ALA J 285 14.88 -48.57 16.56
CA ALA J 285 14.95 -47.12 16.41
C ALA J 285 16.01 -46.49 17.29
N ASN J 286 16.48 -47.19 18.32
CA ASN J 286 17.50 -46.69 19.22
C ASN J 286 18.82 -47.38 18.94
N PRO J 287 19.84 -46.67 18.46
CA PRO J 287 21.10 -47.35 18.12
C PRO J 287 21.74 -48.11 19.27
N GLU J 288 21.57 -47.64 20.51
CA GLU J 288 22.10 -48.35 21.66
C GLU J 288 21.47 -49.73 21.80
N LYS J 289 20.15 -49.82 21.58
CA LYS J 289 19.47 -51.09 21.68
C LYS J 289 19.93 -52.08 20.61
N LEU J 290 20.34 -51.58 19.44
CA LEU J 290 20.74 -52.45 18.35
C LEU J 290 21.94 -53.32 18.73
N PHE J 291 22.94 -52.71 19.36
CA PHE J 291 24.14 -53.46 19.73
C PHE J 291 23.88 -54.44 20.86
N ALA J 292 22.82 -54.24 21.65
CA ALA J 292 22.53 -55.15 22.75
C ALA J 292 22.07 -56.51 22.25
N ASP J 293 21.33 -56.53 21.13
CA ASP J 293 20.74 -57.77 20.65
C ASP J 293 21.54 -58.42 19.53
N LEU J 294 21.89 -57.67 18.49
CA LEU J 294 22.58 -58.27 17.35
C LEU J 294 23.97 -58.79 17.71
N ALA J 295 24.55 -58.31 18.82
CA ALA J 295 25.80 -58.89 19.30
C ALA J 295 25.60 -60.33 19.74
N ASP J 296 24.45 -60.62 20.37
CA ASP J 296 24.15 -61.99 20.75
C ASP J 296 24.00 -62.89 19.53
N SER J 297 23.37 -62.39 18.46
CA SER J 297 23.22 -63.16 17.24
C SER J 297 24.58 -63.43 16.60
N PHE J 298 25.47 -62.43 16.60
CA PHE J 298 26.82 -62.64 16.09
C PHE J 298 27.56 -63.68 16.93
N LEU J 299 27.40 -63.63 18.24
CA LEU J 299 28.00 -64.61 19.12
C LEU J 299 27.37 -65.99 18.89
N GLY J 300 28.10 -67.02 19.32
CA GLY J 300 27.58 -68.38 19.20
C GLY J 300 26.28 -68.56 19.97
N VAL J 301 26.17 -67.93 21.13
CA VAL J 301 24.94 -68.00 21.91
C VAL J 301 24.38 -66.59 22.10
N THR K 8 13.91 -12.97 -18.57
CA THR K 8 13.98 -13.79 -19.78
C THR K 8 14.71 -13.03 -20.89
N ARG K 9 15.65 -13.71 -21.55
CA ARG K 9 16.37 -13.10 -22.66
C ARG K 9 15.43 -12.69 -23.78
N GLU K 10 14.45 -13.53 -24.11
CA GLU K 10 13.42 -13.11 -25.06
C GLU K 10 12.66 -11.90 -24.55
N TYR K 11 12.30 -11.90 -23.27
CA TYR K 11 11.61 -10.75 -22.70
C TYR K 11 12.55 -9.56 -22.56
N ALA K 12 13.86 -9.80 -22.42
CA ALA K 12 14.81 -8.70 -22.43
C ALA K 12 14.84 -8.02 -23.79
N GLU K 13 14.85 -8.81 -24.86
CA GLU K 13 14.75 -8.24 -26.20
C GLU K 13 13.42 -7.51 -26.39
N ILE K 14 12.34 -8.07 -25.85
CA ILE K 14 11.04 -7.40 -25.90
C ILE K 14 11.13 -6.04 -25.19
N VAL K 15 11.75 -6.00 -24.02
CA VAL K 15 11.85 -4.75 -23.28
C VAL K 15 12.64 -3.70 -24.07
N TYR K 16 13.78 -4.12 -24.63
CA TYR K 16 14.58 -3.19 -25.43
C TYR K 16 13.79 -2.67 -26.63
N LYS K 17 13.10 -3.57 -27.32
CA LYS K 17 12.36 -3.19 -28.51
C LYS K 17 11.21 -2.24 -28.16
N ILE K 18 10.47 -2.54 -27.10
CA ILE K 18 9.33 -1.68 -26.74
C ILE K 18 9.83 -0.32 -26.24
N ALA K 19 10.96 -0.29 -25.54
CA ALA K 19 11.49 0.99 -25.09
C ALA K 19 11.88 1.87 -26.27
N GLN K 20 12.65 1.32 -27.21
CA GLN K 20 13.05 2.10 -28.38
C GLN K 20 11.84 2.49 -29.23
N GLY K 21 10.87 1.58 -29.35
CA GLY K 21 9.67 1.89 -30.12
C GLY K 21 8.85 2.99 -29.48
N PHE K 22 8.69 2.96 -28.16
CA PHE K 22 7.99 4.02 -27.46
C PHE K 22 8.69 5.35 -27.66
N VAL K 23 10.02 5.37 -27.54
CA VAL K 23 10.75 6.62 -27.71
C VAL K 23 10.52 7.18 -29.11
N LEU K 24 10.73 6.33 -30.13
CA LEU K 24 10.60 6.79 -31.50
C LEU K 24 9.17 7.24 -31.82
N SER K 25 8.17 6.46 -31.38
CA SER K 25 6.79 6.79 -31.68
C SER K 25 6.36 8.07 -30.98
N LYS K 26 6.74 8.25 -29.72
CA LYS K 26 6.38 9.47 -29.01
C LYS K 26 7.04 10.68 -29.65
N LEU K 27 8.31 10.56 -30.05
CA LEU K 27 8.96 11.67 -30.73
C LEU K 27 8.26 11.99 -32.05
N SER K 28 7.89 10.95 -32.82
CA SER K 28 7.26 11.17 -34.10
C SER K 28 5.88 11.83 -33.94
N SER K 29 5.12 11.40 -32.94
CA SER K 29 3.78 11.94 -32.75
C SER K 29 3.81 13.35 -32.18
N LYS K 30 4.67 13.61 -31.20
CA LYS K 30 4.60 14.87 -30.46
C LYS K 30 5.14 16.03 -31.28
N HIS K 31 6.26 15.84 -31.98
CA HIS K 31 6.91 16.91 -32.73
C HIS K 31 7.02 16.59 -34.21
N ASP K 32 6.09 15.79 -34.75
CA ASP K 32 5.92 15.45 -36.16
C ASP K 32 7.24 15.40 -36.91
N LEU K 33 8.21 14.69 -36.34
CA LEU K 33 9.58 14.67 -36.85
C LEU K 33 9.96 13.24 -37.24
N GLN K 34 10.55 13.10 -38.43
CA GLN K 34 10.94 11.80 -38.97
C GLN K 34 12.42 11.80 -39.28
N TRP K 35 13.10 10.72 -38.87
CA TRP K 35 14.52 10.55 -39.18
C TRP K 35 14.77 10.35 -40.67
N SER K 36 13.72 10.02 -41.44
CA SER K 36 13.90 9.80 -42.87
C SER K 36 14.41 11.05 -43.57
N LYS K 37 14.18 12.24 -43.00
CA LYS K 37 14.67 13.49 -43.55
C LYS K 37 16.05 13.87 -43.02
N CYS K 38 16.83 12.89 -42.55
CA CYS K 38 18.13 13.19 -41.95
C CYS K 38 19.10 13.79 -42.95
N LYS K 39 19.15 13.25 -44.16
CA LYS K 39 20.19 13.61 -45.10
C LYS K 39 19.98 15.03 -45.62
N GLY K 40 21.05 15.82 -45.58
CA GLY K 40 21.05 17.17 -46.15
C GLY K 40 20.58 18.27 -45.24
N ASN K 41 20.07 17.95 -44.04
CA ASN K 41 19.55 18.96 -43.13
C ASN K 41 20.20 18.77 -41.76
N PRO K 42 21.45 19.17 -41.61
CA PRO K 42 22.14 19.01 -40.30
C PRO K 42 21.50 19.79 -39.17
N LYS K 43 20.93 20.97 -39.46
CA LYS K 43 20.24 21.70 -38.40
C LYS K 43 19.04 20.90 -37.88
N LEU K 44 18.29 20.28 -38.81
CA LEU K 44 17.26 19.34 -38.40
C LEU K 44 17.84 18.26 -37.49
N GLU K 45 19.09 17.87 -37.71
CA GLU K 45 19.74 16.91 -36.82
C GLU K 45 19.92 17.49 -35.43
N ARG K 46 20.33 18.77 -35.32
CA ARG K 46 20.37 19.36 -33.97
C ARG K 46 19.02 19.36 -33.27
N GLU K 47 17.95 19.87 -33.92
CA GLU K 47 16.71 19.87 -33.11
C GLU K 47 16.16 18.47 -32.91
N TYR K 48 16.45 17.53 -33.82
CA TYR K 48 16.06 16.14 -33.61
C TYR K 48 16.74 15.56 -32.37
N ASN K 49 18.05 15.77 -32.25
CA ASN K 49 18.76 15.28 -31.08
C ASN K 49 18.32 16.00 -29.81
N ASP K 50 17.99 17.29 -29.92
CA ASP K 50 17.50 18.02 -28.75
C ASP K 50 16.18 17.44 -28.26
N LYS K 51 15.25 17.18 -29.17
CA LYS K 51 13.97 16.60 -28.78
C LYS K 51 14.15 15.20 -28.21
N LYS K 52 15.03 14.40 -28.82
CA LYS K 52 15.29 13.06 -28.29
C LYS K 52 15.88 13.15 -26.88
N GLU K 53 16.85 14.04 -26.67
CA GLU K 53 17.38 14.28 -25.34
C GLU K 53 16.27 14.61 -24.35
N LYS K 54 15.41 15.56 -24.71
CA LYS K 54 14.36 15.98 -23.78
C LYS K 54 13.46 14.82 -23.40
N VAL K 55 12.96 14.09 -24.40
CA VAL K 55 12.00 13.02 -24.11
C VAL K 55 12.65 11.90 -23.33
N VAL K 56 13.86 11.47 -23.73
CA VAL K 56 14.48 10.34 -23.06
C VAL K 56 14.93 10.72 -21.65
N ASN K 57 15.40 11.95 -21.45
CA ASN K 57 15.78 12.41 -20.12
C ASN K 57 14.57 12.47 -19.20
N GLU K 58 13.45 13.00 -19.69
CA GLU K 58 12.23 13.03 -18.89
C GLU K 58 11.80 11.63 -18.51
N ALA K 59 11.80 10.70 -19.48
CA ALA K 59 11.39 9.34 -19.19
C ALA K 59 12.31 8.68 -18.18
N PHE K 60 13.62 8.87 -18.34
CA PHE K 60 14.58 8.24 -17.44
C PHE K 60 14.45 8.78 -16.02
N LEU K 61 14.33 10.10 -15.87
CA LEU K 61 14.15 10.66 -14.54
C LEU K 61 12.85 10.19 -13.91
N ALA K 62 11.77 10.12 -14.70
CA ALA K 62 10.49 9.67 -14.16
C ALA K 62 10.57 8.22 -13.69
N ILE K 63 11.19 7.34 -14.48
CA ILE K 63 11.25 5.93 -14.10
C ILE K 63 12.18 5.72 -12.91
N ARG K 64 13.31 6.44 -12.88
CA ARG K 64 14.27 6.29 -11.79
C ARG K 64 13.81 6.97 -10.51
N SER K 65 12.81 7.86 -10.58
CA SER K 65 12.45 8.68 -9.44
C SER K 65 12.07 7.84 -8.21
N ARG K 66 11.23 6.83 -8.41
CA ARG K 66 10.78 5.99 -7.31
C ARG K 66 10.90 4.52 -7.68
N THR K 67 11.12 3.68 -6.66
CA THR K 67 11.13 2.23 -6.84
C THR K 67 10.17 1.61 -5.84
N GLU K 68 9.26 0.78 -6.36
CA GLU K 68 8.22 0.12 -5.58
C GLU K 68 7.47 -0.81 -6.52
N LYS K 69 6.80 -1.80 -5.96
CA LYS K 69 6.03 -2.74 -6.76
C LYS K 69 4.90 -2.05 -7.52
N GLN K 70 3.93 -1.51 -6.79
CA GLN K 70 2.73 -0.97 -7.43
C GLN K 70 3.05 0.24 -8.30
N ALA K 71 3.90 1.14 -7.82
CA ALA K 71 4.21 2.35 -8.58
C ALA K 71 4.91 2.01 -9.89
N PHE K 72 5.94 1.17 -9.83
CA PHE K 72 6.64 0.81 -11.06
C PHE K 72 5.70 0.06 -12.01
N ILE K 73 4.91 -0.88 -11.48
CA ILE K 73 4.04 -1.68 -12.34
C ILE K 73 3.01 -0.80 -13.03
N ASP K 74 2.31 0.05 -12.28
CA ASP K 74 1.22 0.79 -12.92
C ASP K 74 1.76 1.91 -13.80
N TYR K 75 2.90 2.54 -13.44
CA TYR K 75 3.51 3.50 -14.37
C TYR K 75 3.92 2.81 -15.66
N PHE K 76 4.53 1.63 -15.56
CA PHE K 76 4.96 0.90 -16.75
C PHE K 76 3.78 0.53 -17.63
N VAL K 77 2.68 0.08 -17.02
CA VAL K 77 1.54 -0.36 -17.84
C VAL K 77 0.72 0.83 -18.35
N SER K 78 0.79 1.98 -17.70
CA SER K 78 0.00 3.14 -18.13
C SER K 78 0.74 4.01 -19.14
N THR K 79 1.93 4.48 -18.78
CA THR K 79 2.64 5.44 -19.62
C THR K 79 3.45 4.79 -20.74
N LEU K 80 3.50 3.46 -20.80
CA LEU K 80 4.25 2.76 -21.85
C LEU K 80 3.30 1.88 -22.63
N TYR K 81 3.49 1.85 -23.95
CA TYR K 81 2.65 1.04 -24.83
C TYR K 81 3.47 -0.15 -25.36
N PRO K 82 3.22 -1.35 -24.86
CA PRO K 82 4.00 -2.51 -25.31
C PRO K 82 3.70 -2.88 -26.76
N HIS K 83 4.62 -3.65 -27.33
CA HIS K 83 4.52 -4.10 -28.71
C HIS K 83 3.38 -5.11 -28.85
N VAL K 84 3.15 -5.58 -30.08
CA VAL K 84 2.06 -6.49 -30.39
C VAL K 84 2.61 -7.91 -30.49
N ARG K 85 2.14 -8.79 -29.60
CA ARG K 85 2.43 -10.21 -29.68
C ARG K 85 1.16 -10.98 -29.31
N GLN K 86 1.07 -12.22 -29.80
CA GLN K 86 -0.20 -12.92 -29.79
C GLN K 86 -0.54 -13.51 -28.42
N ASP K 87 0.34 -14.35 -27.87
CA ASP K 87 0.02 -15.08 -26.65
C ASP K 87 1.06 -14.93 -25.54
N GLU K 88 2.35 -14.86 -25.84
CA GLU K 88 3.38 -14.92 -24.80
C GLU K 88 3.29 -13.79 -23.80
N PHE K 89 2.41 -12.80 -24.01
CA PHE K 89 2.24 -11.75 -23.01
C PHE K 89 1.78 -12.31 -21.67
N VAL K 90 0.93 -13.33 -21.67
CA VAL K 90 0.48 -13.91 -20.41
C VAL K 90 1.66 -14.51 -19.65
N ASP K 91 2.51 -15.26 -20.34
CA ASP K 91 3.67 -15.88 -19.69
C ASP K 91 4.64 -14.82 -19.18
N PHE K 92 4.95 -13.83 -20.03
CA PHE K 92 5.89 -12.79 -19.61
C PHE K 92 5.36 -11.96 -18.45
N ALA K 93 4.07 -11.61 -18.48
CA ALA K 93 3.48 -10.85 -17.38
C ALA K 93 3.48 -11.66 -16.09
N GLN K 94 3.04 -12.92 -16.16
CA GLN K 94 2.98 -13.72 -14.94
C GLN K 94 4.37 -13.95 -14.36
N LYS K 95 5.39 -14.12 -15.21
CA LYS K 95 6.75 -14.17 -14.70
C LYS K 95 7.18 -12.83 -14.10
N LEU K 96 6.71 -11.72 -14.68
CA LEU K 96 7.01 -10.41 -14.15
C LEU K 96 6.46 -10.21 -12.75
N PHE K 97 5.24 -10.68 -12.48
CA PHE K 97 4.59 -10.27 -11.24
C PHE K 97 5.21 -10.88 -9.98
N GLN K 98 5.94 -11.99 -10.08
CA GLN K 98 6.65 -12.47 -8.90
C GLN K 98 7.85 -11.58 -8.58
N ASP K 99 8.64 -11.25 -9.58
CA ASP K 99 9.85 -10.44 -9.39
C ASP K 99 9.92 -9.32 -10.42
N THR K 100 10.12 -8.10 -9.95
CA THR K 100 10.09 -6.92 -10.81
C THR K 100 11.38 -6.11 -10.79
N ASP K 101 12.24 -6.25 -9.78
CA ASP K 101 13.42 -5.42 -9.69
C ASP K 101 14.35 -5.63 -10.89
N GLU K 102 14.52 -6.88 -11.31
CA GLU K 102 15.34 -7.14 -12.48
C GLU K 102 14.73 -6.52 -13.72
N ILE K 103 13.40 -6.50 -13.81
CA ILE K 103 12.73 -5.86 -14.94
C ILE K 103 12.95 -4.35 -14.90
N ARG K 104 12.92 -3.77 -13.69
CA ARG K 104 13.20 -2.34 -13.57
C ARG K 104 14.62 -2.03 -14.02
N SER K 105 15.59 -2.85 -13.62
CA SER K 105 16.97 -2.62 -14.06
C SER K 105 17.10 -2.77 -15.57
N LEU K 106 16.44 -3.78 -16.15
CA LEU K 106 16.54 -4.00 -17.58
C LEU K 106 15.91 -2.86 -18.37
N THR K 107 14.74 -2.38 -17.95
CA THR K 107 14.12 -1.26 -18.65
C THR K 107 14.92 0.03 -18.45
N LEU K 108 15.55 0.20 -17.29
CA LEU K 108 16.47 1.32 -17.12
C LEU K 108 17.64 1.23 -18.10
N LEU K 109 18.20 0.03 -18.26
CA LEU K 109 19.29 -0.15 -19.21
C LEU K 109 18.85 0.19 -20.63
N ALA K 110 17.69 -0.33 -21.03
CA ALA K 110 17.20 -0.11 -22.39
C ALA K 110 16.93 1.37 -22.63
N LEU K 111 16.29 2.05 -21.67
CA LEU K 111 15.96 3.46 -21.85
C LEU K 111 17.21 4.34 -21.84
N SER K 112 18.16 4.05 -20.95
CA SER K 112 19.38 4.84 -20.87
C SER K 112 20.32 4.60 -22.05
N SER K 113 20.19 3.46 -22.73
CA SER K 113 21.00 3.22 -23.92
C SER K 113 20.61 4.13 -25.08
N GLN K 114 19.51 4.86 -24.99
CA GLN K 114 18.99 5.66 -26.09
C GLN K 114 19.61 7.04 -26.19
N TYR K 115 20.51 7.41 -25.27
CA TYR K 115 21.13 8.73 -25.32
C TYR K 115 21.94 8.87 -26.61
N PRO K 116 21.78 9.95 -27.36
CA PRO K 116 22.65 10.19 -28.52
C PRO K 116 24.08 10.44 -28.09
N ILE K 117 25.01 10.02 -28.93
CA ILE K 117 26.43 10.09 -28.63
C ILE K 117 26.91 11.53 -28.87
N LYS K 118 27.66 12.06 -27.91
CA LYS K 118 28.17 13.44 -27.97
C LYS K 118 27.04 14.45 -28.19
N GLU L 10 -8.34 -20.11 -17.22
CA GLU L 10 -6.88 -20.04 -17.26
C GLU L 10 -6.38 -18.70 -16.73
N TYR L 11 -7.24 -18.01 -15.98
CA TYR L 11 -6.90 -16.77 -15.29
C TYR L 11 -6.65 -15.62 -16.27
N ALA L 12 -5.38 -15.28 -16.50
CA ALA L 12 -5.06 -14.11 -17.33
C ALA L 12 -5.53 -14.30 -18.77
N GLU L 13 -5.49 -15.53 -19.28
CA GLU L 13 -6.02 -15.79 -20.61
C GLU L 13 -7.48 -15.40 -20.71
N ILE L 14 -8.24 -15.58 -19.63
CA ILE L 14 -9.63 -15.14 -19.62
C ILE L 14 -9.72 -13.64 -19.82
N VAL L 15 -8.86 -12.87 -19.13
CA VAL L 15 -8.87 -11.42 -19.28
C VAL L 15 -8.54 -11.03 -20.71
N TYR L 16 -7.51 -11.66 -21.29
CA TYR L 16 -7.15 -11.37 -22.67
C TYR L 16 -8.30 -11.66 -23.62
N LYS L 17 -8.94 -12.82 -23.46
CA LYS L 17 -10.03 -13.20 -24.35
C LYS L 17 -11.22 -12.25 -24.20
N ILE L 18 -11.56 -11.86 -22.97
CA ILE L 18 -12.72 -11.01 -22.79
C ILE L 18 -12.45 -9.61 -23.33
N ALA L 19 -11.23 -9.10 -23.17
CA ALA L 19 -10.90 -7.80 -23.76
C ALA L 19 -10.98 -7.85 -25.28
N GLN L 20 -10.41 -8.90 -25.89
CA GLN L 20 -10.43 -9.01 -27.35
C GLN L 20 -11.87 -9.17 -27.86
N GLY L 21 -12.68 -9.98 -27.16
CA GLY L 21 -14.06 -10.14 -27.54
C GLY L 21 -14.86 -8.86 -27.40
N PHE L 22 -14.60 -8.10 -26.32
CA PHE L 22 -15.29 -6.82 -26.15
C PHE L 22 -14.95 -5.85 -27.27
N VAL L 23 -13.67 -5.73 -27.63
CA VAL L 23 -13.33 -4.79 -28.68
C VAL L 23 -13.91 -5.23 -30.02
N LEU L 24 -13.89 -6.54 -30.30
CA LEU L 24 -14.50 -7.03 -31.53
C LEU L 24 -16.01 -6.79 -31.55
N SER L 25 -16.68 -7.01 -30.41
CA SER L 25 -18.12 -6.82 -30.35
C SER L 25 -18.49 -5.36 -30.56
N LYS L 26 -17.75 -4.44 -29.92
CA LYS L 26 -18.01 -3.02 -30.12
C LYS L 26 -17.77 -2.62 -31.56
N LEU L 27 -16.68 -3.12 -32.17
CA LEU L 27 -16.40 -2.80 -33.56
C LEU L 27 -17.48 -3.33 -34.49
N SER L 28 -18.02 -4.52 -34.17
CA SER L 28 -19.11 -5.07 -34.97
C SER L 28 -20.40 -4.26 -34.80
N SER L 29 -20.66 -3.79 -33.58
CA SER L 29 -21.85 -2.96 -33.37
C SER L 29 -21.74 -1.63 -34.11
N LYS L 30 -20.56 -1.02 -34.11
CA LYS L 30 -20.38 0.26 -34.78
C LYS L 30 -20.37 0.09 -36.30
N HIS L 31 -19.65 -0.91 -36.79
CA HIS L 31 -19.37 -1.06 -38.22
C HIS L 31 -19.41 -2.54 -38.55
N ASP L 32 -19.55 -2.86 -39.84
CA ASP L 32 -19.80 -4.24 -40.24
C ASP L 32 -18.66 -5.15 -39.79
N LEU L 33 -19.04 -6.36 -39.37
CA LEU L 33 -18.11 -7.32 -38.77
C LEU L 33 -17.43 -8.13 -39.86
N GLN L 34 -16.77 -9.23 -39.47
CA GLN L 34 -16.18 -10.18 -40.41
C GLN L 34 -15.14 -9.48 -41.30
N TRP L 35 -14.06 -9.09 -40.61
CA TRP L 35 -12.97 -8.31 -41.22
C TRP L 35 -12.48 -8.91 -42.54
N SER L 36 -12.64 -10.22 -42.74
CA SER L 36 -12.15 -10.84 -43.97
C SER L 36 -12.82 -10.25 -45.21
N LYS L 37 -13.98 -9.61 -45.06
CA LYS L 37 -14.59 -8.91 -46.19
C LYS L 37 -13.84 -7.65 -46.58
N CYS L 38 -12.91 -7.18 -45.73
CA CYS L 38 -12.12 -6.00 -46.07
C CYS L 38 -11.32 -6.24 -47.35
N LYS L 39 -10.63 -7.38 -47.42
CA LYS L 39 -10.04 -7.92 -48.64
C LYS L 39 -9.03 -6.93 -49.20
N GLY L 40 -9.18 -6.48 -50.45
CA GLY L 40 -8.07 -5.81 -51.12
C GLY L 40 -8.08 -4.30 -50.98
N ASN L 41 -9.26 -3.70 -50.93
CA ASN L 41 -9.37 -2.24 -50.95
C ASN L 41 -8.66 -1.63 -49.76
N PRO L 42 -7.50 -0.97 -49.97
CA PRO L 42 -6.69 -0.50 -48.84
C PRO L 42 -7.37 0.56 -47.98
N LYS L 43 -8.20 1.40 -48.60
CA LYS L 43 -8.92 2.42 -47.85
C LYS L 43 -9.83 1.80 -46.81
N LEU L 44 -10.37 0.61 -47.10
CA LEU L 44 -11.15 -0.11 -46.11
C LEU L 44 -10.29 -0.50 -44.91
N GLU L 45 -9.07 -0.96 -45.15
CA GLU L 45 -8.16 -1.25 -44.04
C GLU L 45 -7.85 0.01 -43.25
N ARG L 46 -7.62 1.13 -43.93
CA ARG L 46 -7.30 2.37 -43.22
C ARG L 46 -8.45 2.79 -42.31
N GLU L 47 -9.68 2.83 -42.85
CA GLU L 47 -10.81 3.23 -42.03
C GLU L 47 -11.10 2.22 -40.92
N TYR L 48 -10.90 0.94 -41.20
CA TYR L 48 -11.10 -0.09 -40.18
C TYR L 48 -10.11 0.10 -39.04
N ASN L 49 -8.85 0.36 -39.36
CA ASN L 49 -7.84 0.60 -38.32
C ASN L 49 -8.14 1.87 -37.55
N ASP L 50 -8.61 2.92 -38.23
CA ASP L 50 -8.95 4.16 -37.55
C ASP L 50 -10.08 3.94 -36.53
N LYS L 51 -11.14 3.25 -36.94
CA LYS L 51 -12.23 2.96 -36.02
C LYS L 51 -11.75 2.07 -34.87
N LYS L 52 -10.94 1.06 -35.19
CA LYS L 52 -10.39 0.18 -34.17
C LYS L 52 -9.63 0.97 -33.12
N GLU L 53 -8.69 1.83 -33.55
CA GLU L 53 -7.88 2.56 -32.59
C GLU L 53 -8.71 3.59 -31.83
N LYS L 54 -9.73 4.18 -32.47
CA LYS L 54 -10.60 5.10 -31.75
C LYS L 54 -11.31 4.38 -30.61
N VAL L 55 -11.92 3.23 -30.90
CA VAL L 55 -12.61 2.48 -29.84
C VAL L 55 -11.63 2.07 -28.75
N VAL L 56 -10.45 1.56 -29.15
CA VAL L 56 -9.50 1.04 -28.18
C VAL L 56 -8.99 2.15 -27.27
N ASN L 57 -8.64 3.31 -27.83
CA ASN L 57 -8.10 4.38 -27.00
C ASN L 57 -9.20 5.04 -26.16
N GLU L 58 -10.44 5.05 -26.65
CA GLU L 58 -11.54 5.51 -25.81
C GLU L 58 -11.69 4.62 -24.58
N ALA L 59 -11.66 3.31 -24.78
CA ALA L 59 -11.73 2.39 -23.65
C ALA L 59 -10.51 2.54 -22.74
N PHE L 60 -9.33 2.77 -23.35
CA PHE L 60 -8.11 2.95 -22.59
C PHE L 60 -8.22 4.14 -21.65
N LEU L 61 -8.66 5.29 -22.17
CA LEU L 61 -8.87 6.46 -21.32
C LEU L 61 -9.92 6.20 -20.27
N ALA L 62 -11.02 5.55 -20.65
CA ALA L 62 -12.11 5.30 -19.70
C ALA L 62 -11.65 4.47 -18.52
N ILE L 63 -10.84 3.44 -18.78
CA ILE L 63 -10.36 2.61 -17.69
C ILE L 63 -9.20 3.25 -16.94
N ARG L 64 -8.41 4.10 -17.61
CA ARG L 64 -7.23 4.69 -16.98
C ARG L 64 -7.62 5.69 -15.89
N SER L 65 -8.59 6.55 -16.17
CA SER L 65 -8.93 7.63 -15.25
C SER L 65 -9.60 7.14 -13.98
N ARG L 66 -10.08 5.90 -13.96
CA ARG L 66 -10.77 5.36 -12.78
C ARG L 66 -10.23 3.96 -12.53
N THR L 67 -9.38 3.83 -11.52
CA THR L 67 -8.78 2.55 -11.13
C THR L 67 -8.75 2.42 -9.62
N GLU L 68 -9.83 2.82 -8.95
CA GLU L 68 -9.87 2.91 -7.50
C GLU L 68 -11.06 2.13 -6.95
N LYS L 69 -10.84 0.84 -6.69
CA LYS L 69 -11.74 0.00 -5.88
C LYS L 69 -13.11 -0.06 -6.51
N GLN L 70 -14.18 0.34 -5.81
CA GLN L 70 -15.54 0.01 -6.23
C GLN L 70 -15.90 0.60 -7.58
N ALA L 71 -15.51 1.85 -7.83
CA ALA L 71 -15.83 2.48 -9.10
C ALA L 71 -15.24 1.71 -10.27
N PHE L 72 -14.01 1.20 -10.09
CA PHE L 72 -13.34 0.47 -11.16
C PHE L 72 -14.14 -0.77 -11.55
N ILE L 73 -14.55 -1.58 -10.57
CA ILE L 73 -15.30 -2.79 -10.89
C ILE L 73 -16.69 -2.43 -11.41
N ASP L 74 -17.29 -1.36 -10.87
CA ASP L 74 -18.62 -0.96 -11.33
C ASP L 74 -18.60 -0.59 -12.81
N TYR L 75 -17.55 0.08 -13.26
CA TYR L 75 -17.41 0.34 -14.68
C TYR L 75 -16.96 -0.88 -15.48
N PHE L 76 -16.16 -1.77 -14.87
CA PHE L 76 -15.60 -2.88 -15.62
C PHE L 76 -16.65 -3.94 -15.92
N VAL L 77 -17.42 -4.36 -14.92
CA VAL L 77 -18.38 -5.44 -15.12
C VAL L 77 -19.53 -4.97 -16.00
N SER L 78 -19.96 -3.72 -15.84
CA SER L 78 -21.16 -3.25 -16.55
C SER L 78 -20.90 -3.11 -18.05
N THR L 79 -19.78 -2.50 -18.42
CA THR L 79 -19.55 -2.14 -19.81
C THR L 79 -18.75 -3.17 -20.60
N LEU L 80 -18.35 -4.27 -19.97
CA LEU L 80 -17.61 -5.33 -20.65
C LEU L 80 -18.42 -6.61 -20.65
N TYR L 81 -18.23 -7.44 -21.68
CA TYR L 81 -19.00 -8.67 -21.81
C TYR L 81 -18.06 -9.87 -21.79
N PRO L 82 -17.80 -10.48 -20.63
CA PRO L 82 -16.91 -11.63 -20.57
C PRO L 82 -17.55 -12.89 -21.13
N HIS L 83 -16.75 -13.96 -21.13
CA HIS L 83 -17.20 -15.26 -21.59
C HIS L 83 -18.18 -15.87 -20.57
N VAL L 84 -18.63 -17.09 -20.87
CA VAL L 84 -19.61 -17.74 -19.99
C VAL L 84 -18.93 -18.27 -18.73
N ARG L 85 -17.84 -19.03 -18.88
CA ARG L 85 -17.12 -19.65 -17.76
C ARG L 85 -18.10 -20.38 -16.83
N GLN L 86 -18.84 -21.31 -17.42
CA GLN L 86 -20.02 -21.93 -16.81
C GLN L 86 -19.88 -22.23 -15.31
N ASP L 87 -18.81 -22.92 -14.92
CA ASP L 87 -18.56 -23.26 -13.53
C ASP L 87 -17.16 -22.88 -13.06
N GLU L 88 -16.25 -22.61 -13.99
CA GLU L 88 -14.88 -22.25 -13.60
C GLU L 88 -14.80 -20.82 -13.07
N PHE L 89 -15.91 -20.07 -13.13
CA PHE L 89 -15.87 -18.66 -12.76
C PHE L 89 -15.79 -18.48 -11.25
N VAL L 90 -16.14 -19.52 -10.48
CA VAL L 90 -16.28 -19.41 -9.03
C VAL L 90 -14.96 -18.98 -8.41
N ASP L 91 -13.87 -19.67 -8.75
CA ASP L 91 -12.56 -19.27 -8.25
C ASP L 91 -12.21 -17.85 -8.67
N PHE L 92 -12.64 -17.44 -9.87
CA PHE L 92 -12.41 -16.08 -10.32
C PHE L 92 -13.13 -15.07 -9.43
N ALA L 93 -14.28 -15.47 -8.87
CA ALA L 93 -15.06 -14.53 -8.06
C ALA L 93 -14.58 -14.49 -6.62
N GLN L 94 -14.19 -15.65 -6.06
CA GLN L 94 -13.95 -15.74 -4.63
C GLN L 94 -12.71 -14.95 -4.19
N LYS L 95 -11.71 -14.84 -5.06
CA LYS L 95 -10.48 -14.10 -4.75
C LYS L 95 -10.49 -12.71 -5.37
N LEU L 96 -11.67 -12.07 -5.35
CA LEU L 96 -11.90 -10.85 -6.11
C LEU L 96 -10.98 -9.69 -5.71
N PHE L 97 -10.48 -9.66 -4.47
CA PHE L 97 -9.75 -8.50 -4.01
C PHE L 97 -8.39 -8.35 -4.72
N GLN L 98 -7.52 -9.35 -4.57
CA GLN L 98 -6.27 -9.32 -5.31
C GLN L 98 -6.52 -9.45 -6.80
N ASP L 99 -7.63 -10.11 -7.17
CA ASP L 99 -8.02 -10.20 -8.57
C ASP L 99 -8.14 -8.80 -9.17
N THR L 100 -8.91 -7.92 -8.55
CA THR L 100 -9.00 -6.54 -9.03
C THR L 100 -7.66 -5.83 -8.95
N ASP L 101 -6.97 -5.97 -7.80
CA ASP L 101 -5.70 -5.28 -7.60
C ASP L 101 -4.70 -5.59 -8.70
N GLU L 102 -4.81 -6.77 -9.31
CA GLU L 102 -3.90 -7.15 -10.39
C GLU L 102 -4.51 -6.96 -11.77
N ILE L 103 -5.81 -7.21 -11.94
CA ILE L 103 -6.42 -7.10 -13.26
C ILE L 103 -6.60 -5.66 -13.70
N ARG L 104 -6.47 -4.68 -12.79
CA ARG L 104 -6.33 -3.32 -13.31
C ARG L 104 -5.14 -3.24 -14.25
N SER L 105 -3.97 -3.70 -13.81
CA SER L 105 -2.78 -3.70 -14.67
C SER L 105 -2.96 -4.65 -15.84
N LEU L 106 -3.54 -5.83 -15.60
CA LEU L 106 -3.74 -6.78 -16.70
C LEU L 106 -4.63 -6.20 -17.80
N THR L 107 -5.77 -5.60 -17.43
CA THR L 107 -6.67 -5.03 -18.41
C THR L 107 -6.04 -3.84 -19.13
N LEU L 108 -5.30 -2.99 -18.39
CA LEU L 108 -4.61 -1.89 -19.06
C LEU L 108 -3.61 -2.42 -20.08
N LEU L 109 -2.85 -3.46 -19.72
CA LEU L 109 -1.89 -4.05 -20.65
C LEU L 109 -2.58 -4.65 -21.86
N ALA L 110 -3.68 -5.38 -21.63
CA ALA L 110 -4.38 -6.02 -22.74
C ALA L 110 -4.95 -4.98 -23.70
N LEU L 111 -5.55 -3.91 -23.16
CA LEU L 111 -6.07 -2.85 -24.02
C LEU L 111 -4.94 -2.15 -24.78
N SER L 112 -3.84 -1.87 -24.10
CA SER L 112 -2.71 -1.22 -24.77
C SER L 112 -2.09 -2.11 -25.84
N SER L 113 -2.24 -3.43 -25.73
CA SER L 113 -1.61 -4.33 -26.68
C SER L 113 -2.20 -4.18 -28.08
N GLN L 114 -3.46 -3.75 -28.19
CA GLN L 114 -4.16 -3.74 -29.47
C GLN L 114 -4.23 -2.32 -30.04
N TYR L 115 -3.15 -1.93 -30.72
CA TYR L 115 -3.06 -0.77 -31.59
C TYR L 115 -2.60 -1.18 -32.98
N PRO L 116 -3.00 -0.44 -34.03
CA PRO L 116 -2.55 -0.75 -35.39
C PRO L 116 -1.05 -0.57 -35.57
N GLU M 10 35.74 -9.89 -24.29
CA GLU M 10 35.26 -8.81 -25.15
C GLU M 10 34.53 -7.75 -24.34
N TYR M 11 33.79 -8.19 -23.33
CA TYR M 11 33.05 -7.25 -22.48
C TYR M 11 33.97 -6.46 -21.56
N ALA M 12 35.19 -6.96 -21.31
CA ALA M 12 36.14 -6.19 -20.52
C ALA M 12 36.50 -4.88 -21.23
N GLU M 13 36.73 -4.96 -22.54
CA GLU M 13 37.06 -3.75 -23.30
C GLU M 13 35.91 -2.77 -23.30
N ILE M 14 34.67 -3.26 -23.46
CA ILE M 14 33.54 -2.35 -23.47
C ILE M 14 33.32 -1.74 -22.09
N VAL M 15 33.62 -2.49 -21.02
CA VAL M 15 33.51 -1.93 -19.67
C VAL M 15 34.55 -0.82 -19.48
N TYR M 16 35.79 -1.06 -19.94
CA TYR M 16 36.82 -0.04 -19.83
C TYR M 16 36.43 1.21 -20.62
N LYS M 17 35.90 1.02 -21.84
CA LYS M 17 35.46 2.16 -22.64
C LYS M 17 34.30 2.88 -21.96
N ILE M 18 33.41 2.14 -21.31
CA ILE M 18 32.29 2.73 -20.57
C ILE M 18 32.83 3.65 -19.48
N ALA M 19 33.79 3.15 -18.70
CA ALA M 19 34.34 3.95 -17.60
C ALA M 19 35.05 5.18 -18.13
N GLN M 20 35.86 5.03 -19.18
CA GLN M 20 36.58 6.17 -19.75
C GLN M 20 35.61 7.22 -20.29
N GLY M 21 34.59 6.78 -21.02
CA GLY M 21 33.60 7.72 -21.52
C GLY M 21 32.84 8.41 -20.41
N PHE M 22 32.49 7.67 -19.35
CA PHE M 22 31.84 8.28 -18.21
C PHE M 22 32.69 9.39 -17.62
N VAL M 23 33.98 9.10 -17.39
CA VAL M 23 34.85 10.10 -16.76
C VAL M 23 34.96 11.34 -17.65
N LEU M 24 35.25 11.14 -18.93
CA LEU M 24 35.44 12.30 -19.81
C LEU M 24 34.16 13.10 -19.97
N SER M 25 33.02 12.42 -20.16
CA SER M 25 31.76 13.13 -20.36
C SER M 25 31.33 13.85 -19.10
N LYS M 26 31.47 13.23 -17.93
CA LYS M 26 31.11 13.88 -16.68
C LYS M 26 31.95 15.12 -16.45
N LEU M 27 33.27 15.02 -16.67
CA LEU M 27 34.12 16.20 -16.47
C LEU M 27 33.77 17.30 -17.46
N SER M 28 33.54 16.93 -18.73
CA SER M 28 33.22 17.93 -19.74
C SER M 28 31.89 18.61 -19.45
N SER M 29 30.90 17.85 -18.96
CA SER M 29 29.61 18.45 -18.65
C SER M 29 29.70 19.34 -17.41
N LYS M 30 30.42 18.90 -16.38
CA LYS M 30 30.45 19.65 -15.14
C LYS M 30 31.26 20.94 -15.26
N HIS M 31 32.44 20.86 -15.87
CA HIS M 31 33.32 22.03 -15.91
C HIS M 31 33.89 22.29 -17.30
N ASP M 32 33.05 22.12 -18.33
CA ASP M 32 33.25 22.60 -19.71
C ASP M 32 34.70 22.65 -20.15
N LEU M 33 35.43 21.55 -20.00
CA LEU M 33 36.83 21.48 -20.36
C LEU M 33 37.08 20.27 -21.24
N GLN M 34 37.93 20.44 -22.24
CA GLN M 34 38.33 19.39 -23.17
C GLN M 34 39.85 19.33 -23.26
N TRP M 35 40.33 18.35 -24.03
CA TRP M 35 41.75 18.00 -24.00
C TRP M 35 42.62 19.06 -24.67
N SER M 36 42.14 19.66 -25.76
CA SER M 36 42.97 20.57 -26.55
C SER M 36 43.31 21.84 -25.77
N LYS M 37 42.28 22.52 -25.24
CA LYS M 37 42.53 23.73 -24.46
C LYS M 37 43.34 23.41 -23.22
N CYS M 38 43.14 22.21 -22.65
CA CYS M 38 44.03 21.71 -21.60
C CYS M 38 45.47 21.69 -22.07
N LYS M 39 45.73 21.17 -23.28
CA LYS M 39 47.05 21.24 -23.87
C LYS M 39 47.51 22.68 -24.08
N GLY M 40 46.60 23.64 -24.09
CA GLY M 40 46.95 25.04 -24.21
C GLY M 40 48.07 25.54 -23.32
N ASN M 41 47.84 25.58 -22.01
CA ASN M 41 48.83 26.11 -21.06
C ASN M 41 48.95 25.21 -19.84
N PRO M 42 50.14 25.14 -19.24
CA PRO M 42 50.38 24.14 -18.18
C PRO M 42 49.44 24.24 -16.98
N LYS M 43 49.04 25.44 -16.60
CA LYS M 43 48.10 25.59 -15.48
C LYS M 43 46.81 24.83 -15.74
N LEU M 44 46.38 24.75 -17.00
CA LEU M 44 45.14 24.05 -17.29
C LEU M 44 45.32 22.54 -17.22
N GLU M 45 46.48 22.02 -17.66
CA GLU M 45 46.78 20.63 -17.34
C GLU M 45 46.69 20.38 -15.85
N ARG M 46 47.30 21.25 -15.04
CA ARG M 46 47.29 21.02 -13.59
C ARG M 46 45.87 20.98 -13.05
N GLU M 47 45.06 21.98 -13.42
CA GLU M 47 43.70 22.08 -12.89
C GLU M 47 42.83 20.90 -13.35
N TYR M 48 42.82 20.64 -14.66
CA TYR M 48 42.00 19.55 -15.19
C TYR M 48 42.44 18.21 -14.61
N ASN M 49 43.76 18.00 -14.51
CA ASN M 49 44.26 16.75 -13.97
C ASN M 49 43.84 16.55 -12.53
N ASP M 50 43.98 17.59 -11.69
CA ASP M 50 43.62 17.42 -10.28
C ASP M 50 42.12 17.19 -10.13
N LYS M 51 41.30 17.89 -10.92
CA LYS M 51 39.86 17.66 -10.84
C LYS M 51 39.51 16.25 -11.30
N LYS M 52 40.19 15.75 -12.33
CA LYS M 52 39.96 14.38 -12.77
C LYS M 52 40.34 13.39 -11.68
N GLU M 53 41.47 13.62 -11.00
CA GLU M 53 41.84 12.79 -9.86
C GLU M 53 40.75 12.79 -8.81
N LYS M 54 40.22 13.98 -8.49
CA LYS M 54 39.20 14.09 -7.46
C LYS M 54 37.95 13.31 -7.83
N VAL M 55 37.48 13.45 -9.07
CA VAL M 55 36.23 12.80 -9.45
C VAL M 55 36.41 11.28 -9.52
N VAL M 56 37.53 10.81 -10.09
CA VAL M 56 37.73 9.38 -10.15
C VAL M 56 37.92 8.80 -8.75
N ASN M 57 38.56 9.56 -7.86
CA ASN M 57 38.76 9.09 -6.49
C ASN M 57 37.43 8.99 -5.75
N GLU M 58 36.56 9.99 -5.88
CA GLU M 58 35.27 9.90 -5.20
C GLU M 58 34.43 8.77 -5.77
N ALA M 59 34.48 8.56 -7.08
CA ALA M 59 33.76 7.43 -7.67
C ALA M 59 34.28 6.10 -7.14
N PHE M 60 35.61 5.95 -7.08
CA PHE M 60 36.21 4.71 -6.58
C PHE M 60 35.84 4.48 -5.13
N LEU M 61 35.88 5.53 -4.31
CA LEU M 61 35.51 5.39 -2.90
C LEU M 61 34.04 5.01 -2.76
N ALA M 62 33.16 5.60 -3.58
CA ALA M 62 31.75 5.24 -3.52
C ALA M 62 31.53 3.79 -3.92
N ILE M 63 32.21 3.32 -4.96
CA ILE M 63 31.96 1.98 -5.47
C ILE M 63 32.65 0.89 -4.66
N ARG M 64 33.65 1.23 -3.84
CA ARG M 64 34.40 0.19 -3.13
C ARG M 64 33.56 -0.51 -2.07
N SER M 65 32.42 0.04 -1.70
CA SER M 65 31.54 -0.57 -0.71
C SER M 65 30.27 -1.08 -1.40
N ARG M 66 29.35 -1.58 -0.59
CA ARG M 66 28.05 -2.09 -1.06
C ARG M 66 28.24 -3.23 -2.07
N THR M 67 28.80 -4.33 -1.59
CA THR M 67 29.18 -5.47 -2.42
C THR M 67 28.12 -6.56 -2.27
N GLU M 68 27.07 -6.44 -3.08
CA GLU M 68 26.05 -7.49 -3.19
C GLU M 68 25.27 -7.24 -4.48
N LYS M 69 24.24 -8.04 -4.72
CA LYS M 69 23.49 -7.96 -5.97
C LYS M 69 22.80 -6.60 -6.15
N GLN M 70 21.82 -6.32 -5.28
CA GLN M 70 20.98 -5.15 -5.49
C GLN M 70 21.75 -3.85 -5.32
N ALA M 71 22.61 -3.77 -4.29
CA ALA M 71 23.35 -2.54 -4.05
C ALA M 71 24.27 -2.22 -5.22
N PHE M 72 25.02 -3.22 -5.71
CA PHE M 72 25.91 -2.99 -6.83
C PHE M 72 25.13 -2.64 -8.10
N ILE M 73 24.00 -3.31 -8.33
CA ILE M 73 23.19 -3.00 -9.51
C ILE M 73 22.69 -1.57 -9.45
N ASP M 74 22.17 -1.15 -8.30
CA ASP M 74 21.61 0.20 -8.19
C ASP M 74 22.69 1.27 -8.24
N TYR M 75 23.89 0.98 -7.71
CA TYR M 75 24.97 1.93 -7.89
C TYR M 75 25.50 1.93 -9.32
N PHE M 76 25.33 0.81 -10.04
CA PHE M 76 25.60 0.79 -11.47
C PHE M 76 24.58 1.61 -12.24
N VAL M 77 23.36 1.74 -11.72
CA VAL M 77 22.34 2.58 -12.35
C VAL M 77 22.85 3.99 -12.53
N SER M 78 23.70 4.46 -11.61
CA SER M 78 24.34 5.75 -11.76
C SER M 78 25.30 5.72 -12.94
N THR M 79 25.97 6.85 -13.18
CA THR M 79 26.85 7.08 -14.32
C THR M 79 26.09 7.06 -15.65
N LEU M 80 24.75 6.94 -15.60
CA LEU M 80 23.89 7.07 -16.78
C LEU M 80 24.16 5.99 -17.82
N TYR M 81 24.67 4.83 -17.39
CA TYR M 81 24.98 3.72 -18.29
C TYR M 81 25.76 4.21 -19.50
N PRO M 82 27.03 4.60 -19.33
CA PRO M 82 27.76 5.28 -20.40
C PRO M 82 27.92 4.38 -21.63
N HIS M 83 27.78 4.99 -22.81
CA HIS M 83 28.09 4.39 -24.10
C HIS M 83 27.62 2.95 -24.22
N VAL M 84 26.45 2.62 -23.65
CA VAL M 84 25.88 1.30 -23.87
C VAL M 84 25.58 1.10 -25.35
N ARG M 85 25.22 2.20 -26.05
CA ARG M 85 25.08 2.21 -27.49
C ARG M 85 23.97 1.27 -27.95
N GLN M 86 24.01 0.86 -29.22
CA GLN M 86 23.00 -0.02 -29.75
C GLN M 86 23.18 -1.44 -29.21
N ASP M 87 22.08 -2.02 -28.72
CA ASP M 87 22.11 -3.33 -28.06
C ASP M 87 22.10 -4.44 -29.11
N GLU M 88 23.26 -4.63 -29.75
CA GLU M 88 23.39 -5.71 -30.73
C GLU M 88 23.47 -7.07 -30.04
N PHE M 89 23.71 -7.09 -28.73
CA PHE M 89 23.98 -8.34 -28.01
C PHE M 89 23.24 -8.36 -26.68
N VAL M 90 22.42 -9.39 -26.50
CA VAL M 90 21.64 -9.56 -25.28
C VAL M 90 22.42 -10.34 -24.22
N ASP M 91 23.46 -11.09 -24.61
CA ASP M 91 24.20 -11.91 -23.65
C ASP M 91 24.73 -11.09 -22.50
N PHE M 92 25.12 -9.84 -22.76
CA PHE M 92 25.56 -8.96 -21.69
C PHE M 92 24.43 -8.72 -20.68
N ALA M 93 23.20 -8.56 -21.17
CA ALA M 93 22.08 -8.28 -20.29
C ALA M 93 21.77 -9.48 -19.40
N GLN M 94 21.93 -10.70 -19.90
CA GLN M 94 21.52 -11.88 -19.14
C GLN M 94 22.68 -12.50 -18.37
N LYS M 95 23.71 -12.96 -19.08
CA LYS M 95 24.80 -13.70 -18.45
C LYS M 95 25.55 -12.83 -17.46
N LEU M 96 25.85 -11.59 -17.84
CA LEU M 96 26.61 -10.71 -16.96
C LEU M 96 25.77 -10.27 -15.76
N PHE M 97 24.47 -10.04 -15.93
CA PHE M 97 23.61 -9.79 -14.78
C PHE M 97 23.56 -11.00 -13.85
N GLN M 98 23.63 -12.21 -14.40
CA GLN M 98 23.62 -13.40 -13.57
C GLN M 98 24.92 -13.55 -12.80
N ASP M 99 26.06 -13.29 -13.44
CA ASP M 99 27.35 -13.51 -12.79
C ASP M 99 27.57 -12.51 -11.65
N THR M 100 27.36 -11.22 -11.92
CA THR M 100 27.31 -10.12 -10.95
C THR M 100 28.52 -10.05 -10.02
N ASP M 101 29.59 -10.77 -10.32
CA ASP M 101 30.78 -10.75 -9.50
C ASP M 101 32.00 -10.23 -10.24
N GLU M 102 32.33 -10.80 -11.39
CA GLU M 102 33.50 -10.35 -12.15
C GLU M 102 33.32 -8.92 -12.66
N ILE M 103 32.07 -8.50 -12.86
CA ILE M 103 31.79 -7.15 -13.33
C ILE M 103 32.28 -6.12 -12.32
N ARG M 104 32.08 -6.38 -11.03
CA ARG M 104 32.56 -5.46 -10.01
C ARG M 104 34.07 -5.35 -10.04
N SER M 105 34.78 -6.47 -10.18
CA SER M 105 36.23 -6.42 -10.24
C SER M 105 36.72 -5.66 -11.46
N LEU M 106 36.12 -5.90 -12.62
CA LEU M 106 36.50 -5.18 -13.83
C LEU M 106 36.23 -3.68 -13.69
N THR M 107 35.08 -3.32 -13.12
CA THR M 107 34.76 -1.91 -12.94
C THR M 107 35.73 -1.25 -11.99
N LEU M 108 36.07 -1.92 -10.89
CA LEU M 108 37.04 -1.37 -9.95
C LEU M 108 38.40 -1.18 -10.61
N LEU M 109 38.86 -2.18 -11.38
CA LEU M 109 40.15 -2.05 -12.05
C LEU M 109 40.13 -0.92 -13.07
N ALA M 110 39.05 -0.79 -13.83
CA ALA M 110 38.96 0.26 -14.83
C ALA M 110 38.95 1.64 -14.18
N LEU M 111 38.20 1.80 -13.09
CA LEU M 111 38.19 3.08 -12.38
C LEU M 111 39.56 3.40 -11.80
N SER M 112 40.23 2.41 -11.21
CA SER M 112 41.56 2.65 -10.66
C SER M 112 42.59 2.93 -11.75
N SER M 113 42.38 2.44 -12.97
CA SER M 113 43.34 2.65 -14.04
C SER M 113 43.42 4.11 -14.48
N GLN M 114 42.40 4.91 -14.20
CA GLN M 114 42.35 6.31 -14.62
C GLN M 114 42.71 7.19 -13.44
N TYR M 115 43.92 7.73 -13.46
CA TYR M 115 44.39 8.63 -12.40
C TYR M 115 45.39 9.63 -12.96
N TYR N 11 -20.22 -19.10 -2.22
CA TYR N 11 -21.66 -18.96 -2.36
C TYR N 11 -22.04 -18.18 -3.63
N ALA N 12 -21.03 -17.86 -4.44
CA ALA N 12 -21.29 -17.26 -5.74
C ALA N 12 -22.05 -18.23 -6.65
N GLU N 13 -21.73 -19.52 -6.54
CA GLU N 13 -22.42 -20.53 -7.34
C GLU N 13 -23.91 -20.56 -7.02
N ILE N 14 -24.29 -20.23 -5.79
CA ILE N 14 -25.70 -20.13 -5.44
C ILE N 14 -26.37 -19.04 -6.24
N VAL N 15 -25.71 -17.87 -6.35
CA VAL N 15 -26.25 -16.78 -7.14
C VAL N 15 -26.34 -17.16 -8.61
N TYR N 16 -25.30 -17.83 -9.12
CA TYR N 16 -25.34 -18.30 -10.51
C TYR N 16 -26.53 -19.23 -10.73
N LYS N 17 -26.72 -20.19 -9.84
CA LYS N 17 -27.80 -21.15 -9.99
C LYS N 17 -29.17 -20.48 -9.92
N ILE N 18 -29.37 -19.57 -8.95
CA ILE N 18 -30.68 -18.94 -8.84
C ILE N 18 -30.96 -18.04 -10.03
N ALA N 19 -29.94 -17.32 -10.51
CA ALA N 19 -30.13 -16.49 -11.71
C ALA N 19 -30.50 -17.34 -12.90
N GLN N 20 -29.75 -18.41 -13.16
CA GLN N 20 -30.04 -19.26 -14.32
C GLN N 20 -31.42 -19.89 -14.20
N GLY N 21 -31.76 -20.41 -13.03
CA GLY N 21 -33.05 -21.04 -12.85
C GLY N 21 -34.21 -20.08 -13.02
N PHE N 22 -34.08 -18.87 -12.46
CA PHE N 22 -35.17 -17.91 -12.59
C PHE N 22 -35.29 -17.39 -14.02
N VAL N 23 -34.17 -17.21 -14.71
CA VAL N 23 -34.23 -16.80 -16.12
C VAL N 23 -34.92 -17.87 -16.94
N LEU N 24 -34.57 -19.14 -16.72
CA LEU N 24 -35.26 -20.22 -17.41
C LEU N 24 -36.73 -20.29 -17.03
N SER N 25 -37.07 -19.91 -15.80
CA SER N 25 -38.48 -19.89 -15.39
C SER N 25 -39.25 -18.84 -16.17
N LYS N 26 -38.71 -17.62 -16.29
CA LYS N 26 -39.38 -16.62 -17.12
C LYS N 26 -39.46 -17.06 -18.57
N LEU N 27 -38.40 -17.70 -19.08
CA LEU N 27 -38.42 -18.16 -20.47
C LEU N 27 -39.51 -19.20 -20.69
N SER N 28 -39.66 -20.14 -19.76
CA SER N 28 -40.68 -21.16 -19.89
C SER N 28 -42.08 -20.64 -19.59
N SER N 29 -42.17 -19.49 -18.90
CA SER N 29 -43.47 -18.93 -18.57
C SER N 29 -44.26 -18.56 -19.83
N LYS N 30 -43.58 -17.97 -20.81
CA LYS N 30 -44.22 -17.60 -22.06
C LYS N 30 -43.33 -17.92 -23.26
N PRO N 42 -32.98 -28.74 -36.87
CA PRO N 42 -34.03 -27.79 -36.50
C PRO N 42 -33.48 -26.47 -35.99
N LYS N 43 -33.18 -25.55 -36.92
CA LYS N 43 -32.65 -24.25 -36.54
C LYS N 43 -33.70 -23.38 -35.87
N LEU N 44 -34.98 -23.69 -36.07
CA LEU N 44 -36.06 -22.88 -35.49
C LEU N 44 -36.00 -22.89 -33.97
N GLU N 45 -35.71 -24.06 -33.37
CA GLU N 45 -35.60 -24.13 -31.92
C GLU N 45 -34.43 -23.31 -31.41
N ARG N 46 -33.30 -23.36 -32.10
CA ARG N 46 -32.11 -22.63 -31.65
C ARG N 46 -32.33 -21.13 -31.71
N GLU N 47 -32.81 -20.63 -32.85
CA GLU N 47 -32.99 -19.18 -32.98
C GLU N 47 -34.04 -18.68 -31.99
N TYR N 48 -35.08 -19.47 -31.74
CA TYR N 48 -36.10 -19.09 -30.77
C TYR N 48 -35.49 -18.86 -29.39
N ASN N 49 -34.67 -19.80 -28.93
CA ASN N 49 -34.02 -19.65 -27.63
C ASN N 49 -33.05 -18.48 -27.63
N ASP N 50 -32.29 -18.32 -28.71
CA ASP N 50 -31.30 -17.24 -28.78
C ASP N 50 -31.97 -15.87 -28.75
N LYS N 51 -33.05 -15.70 -29.51
CA LYS N 51 -33.71 -14.40 -29.53
C LYS N 51 -34.46 -14.13 -28.23
N LYS N 52 -35.09 -15.16 -27.65
CA LYS N 52 -35.85 -14.94 -26.42
C LYS N 52 -34.94 -14.57 -25.25
N GLU N 53 -33.80 -15.25 -25.11
CA GLU N 53 -32.86 -14.89 -24.05
C GLU N 53 -32.36 -13.47 -24.22
N LYS N 54 -32.19 -13.03 -25.47
CA LYS N 54 -31.81 -11.65 -25.72
C LYS N 54 -32.91 -10.69 -25.27
N VAL N 55 -34.18 -11.12 -25.40
CA VAL N 55 -35.29 -10.27 -24.98
C VAL N 55 -35.27 -10.07 -23.46
N VAL N 56 -35.02 -11.14 -22.71
CA VAL N 56 -35.07 -11.07 -21.25
C VAL N 56 -34.03 -10.10 -20.69
N ASN N 57 -33.03 -9.73 -21.49
CA ASN N 57 -32.00 -8.80 -21.03
C ASN N 57 -32.57 -7.43 -20.69
N GLU N 58 -33.75 -7.09 -21.20
CA GLU N 58 -34.34 -5.79 -20.89
C GLU N 58 -34.67 -5.69 -19.40
N ALA N 59 -35.08 -6.79 -18.78
CA ALA N 59 -35.39 -6.77 -17.36
C ALA N 59 -34.14 -6.48 -16.53
N PHE N 60 -32.97 -6.92 -17.01
CA PHE N 60 -31.76 -6.80 -16.21
C PHE N 60 -31.21 -5.37 -16.24
N LEU N 61 -31.29 -4.71 -17.40
CA LEU N 61 -30.85 -3.31 -17.45
C LEU N 61 -31.71 -2.43 -16.56
N ALA N 62 -32.99 -2.78 -16.40
CA ALA N 62 -33.82 -2.10 -15.42
C ALA N 62 -33.34 -2.36 -14.00
N ILE N 63 -32.97 -3.61 -13.71
CA ILE N 63 -32.53 -3.96 -12.37
C ILE N 63 -31.17 -3.32 -12.07
N ARG N 64 -30.26 -3.31 -13.04
CA ARG N 64 -28.96 -2.72 -12.83
C ARG N 64 -28.97 -1.20 -12.91
N SER N 65 -30.15 -0.58 -13.07
CA SER N 65 -30.25 0.87 -12.93
C SER N 65 -30.45 1.25 -11.46
N ARG N 66 -30.70 0.26 -10.61
CA ARG N 66 -30.85 0.48 -9.18
C ARG N 66 -29.55 0.99 -8.56
N THR N 67 -29.68 1.76 -7.48
CA THR N 67 -28.52 2.19 -6.71
C THR N 67 -28.50 1.55 -5.33
N GLU N 68 -29.54 1.72 -4.51
CA GLU N 68 -29.59 1.07 -3.21
C GLU N 68 -30.90 0.35 -2.94
N LYS N 69 -32.04 0.90 -3.36
CA LYS N 69 -33.35 0.50 -2.86
C LYS N 69 -34.32 0.30 -4.01
N GLN N 70 -34.46 -0.94 -4.46
CA GLN N 70 -35.50 -1.33 -5.42
C GLN N 70 -35.47 -2.85 -5.55
N ALA N 71 -36.65 -3.44 -5.76
CA ALA N 71 -36.80 -4.89 -5.95
C ALA N 71 -36.11 -5.66 -4.83
N PHE N 72 -36.69 -5.53 -3.64
CA PHE N 72 -36.15 -6.13 -2.42
C PHE N 72 -34.76 -5.61 -2.11
N TYR N 81 -34.10 -21.30 -2.42
CA TYR N 81 -34.58 -22.47 -3.14
C TYR N 81 -34.47 -23.77 -2.31
N PRO N 82 -33.27 -24.10 -1.78
CA PRO N 82 -33.18 -25.32 -0.96
C PRO N 82 -34.04 -25.27 0.29
N HIS N 83 -34.26 -24.09 0.86
CA HIS N 83 -34.99 -23.95 2.10
C HIS N 83 -35.62 -22.57 2.14
N VAL N 84 -36.63 -22.42 3.00
CA VAL N 84 -37.38 -21.17 3.14
C VAL N 84 -37.32 -20.62 4.56
N ARG N 85 -37.39 -21.50 5.56
CA ARG N 85 -37.41 -21.03 6.95
C ARG N 85 -36.06 -20.45 7.37
N GLN N 86 -34.97 -21.11 7.01
CA GLN N 86 -33.66 -20.73 7.53
C GLN N 86 -33.16 -19.44 6.88
N ASP N 87 -33.38 -19.29 5.58
CA ASP N 87 -32.82 -18.14 4.86
C ASP N 87 -33.36 -16.83 5.40
N GLU N 88 -34.68 -16.75 5.65
CA GLU N 88 -35.25 -15.53 6.20
C GLU N 88 -34.69 -15.24 7.60
N PHE N 89 -34.38 -16.30 8.35
CA PHE N 89 -33.82 -16.11 9.68
C PHE N 89 -32.37 -15.63 9.61
N VAL N 90 -31.65 -15.98 8.55
CA VAL N 90 -30.21 -15.74 8.46
C VAL N 90 -29.86 -14.87 7.27
N ASP N 91 -30.21 -15.31 6.06
CA ASP N 91 -29.81 -14.58 4.85
C ASP N 91 -30.37 -13.17 4.81
N PHE N 92 -31.45 -12.89 5.54
CA PHE N 92 -31.96 -11.53 5.61
C PHE N 92 -30.93 -10.59 6.21
N ALA N 93 -30.22 -11.05 7.25
CA ALA N 93 -29.13 -10.26 7.79
C ALA N 93 -28.00 -10.10 6.79
N GLN N 94 -27.67 -11.17 6.06
CA GLN N 94 -26.59 -11.10 5.08
C GLN N 94 -26.90 -10.12 3.96
N LYS N 95 -28.17 -10.03 3.55
CA LYS N 95 -28.55 -9.13 2.46
C LYS N 95 -28.30 -7.67 2.80
N LEU N 96 -28.50 -7.26 4.05
CA LEU N 96 -28.52 -5.85 4.40
C LEU N 96 -27.15 -5.28 4.77
N PHE N 97 -26.14 -6.12 5.02
CA PHE N 97 -24.84 -5.60 5.43
C PHE N 97 -23.91 -5.40 4.24
N GLN N 98 -23.94 -6.31 3.27
CA GLN N 98 -23.07 -6.18 2.10
C GLN N 98 -23.89 -6.06 0.83
N ASP N 99 -24.93 -5.23 0.85
CA ASP N 99 -25.71 -4.97 -0.34
C ASP N 99 -24.86 -4.40 -1.47
N THR N 100 -23.78 -3.68 -1.14
CA THR N 100 -22.87 -3.20 -2.18
C THR N 100 -22.26 -4.36 -2.95
N ASP N 101 -22.05 -5.50 -2.30
CA ASP N 101 -21.54 -6.67 -3.00
C ASP N 101 -22.56 -7.19 -4.00
N GLU N 102 -23.84 -7.19 -3.62
CA GLU N 102 -24.86 -7.81 -4.46
C GLU N 102 -24.96 -7.20 -5.85
N ILE N 103 -24.50 -5.96 -6.02
CA ILE N 103 -24.61 -5.30 -7.32
C ILE N 103 -23.84 -6.06 -8.39
N ARG N 104 -22.69 -6.64 -8.04
CA ARG N 104 -21.93 -7.39 -9.04
C ARG N 104 -22.63 -8.70 -9.41
N SER N 105 -23.34 -9.30 -8.46
CA SER N 105 -23.93 -10.62 -8.68
C SER N 105 -24.90 -10.62 -9.85
N LEU N 106 -25.99 -9.86 -9.74
CA LEU N 106 -26.98 -9.83 -10.81
C LEU N 106 -26.42 -9.27 -12.11
N THR N 107 -25.44 -8.36 -12.04
CA THR N 107 -24.87 -7.80 -13.26
C THR N 107 -23.90 -8.79 -13.91
N LEU N 108 -22.90 -9.25 -13.17
CA LEU N 108 -21.90 -10.15 -13.75
C LEU N 108 -22.52 -11.48 -14.18
N LEU N 109 -23.35 -12.07 -13.34
CA LEU N 109 -23.81 -13.44 -13.59
C LEU N 109 -24.80 -13.50 -14.74
N ALA N 110 -25.78 -12.60 -14.77
CA ALA N 110 -26.78 -12.63 -15.84
C ALA N 110 -26.15 -12.30 -17.18
N LEU N 111 -25.21 -11.35 -17.22
CA LEU N 111 -24.54 -11.00 -18.46
C LEU N 111 -23.75 -12.18 -19.02
N SER N 112 -23.14 -12.98 -18.14
CA SER N 112 -22.36 -14.12 -18.59
C SER N 112 -23.19 -15.09 -19.41
N SER N 113 -24.48 -15.21 -19.10
CA SER N 113 -25.35 -16.07 -19.90
C SER N 113 -25.47 -15.58 -21.34
N GLN N 114 -25.77 -14.30 -21.54
CA GLN N 114 -25.83 -13.70 -22.87
C GLN N 114 -25.46 -12.21 -22.82
N VAL O 11 46.16 -66.93 -16.58
CA VAL O 11 45.64 -67.25 -17.90
C VAL O 11 44.18 -67.67 -17.82
N THR O 12 43.91 -68.67 -16.99
CA THR O 12 42.55 -69.21 -16.86
C THR O 12 41.61 -68.32 -16.07
N ARG O 13 42.13 -67.32 -15.36
CA ARG O 13 41.27 -66.48 -14.52
C ARG O 13 42.03 -65.21 -14.14
N TYR O 14 41.40 -64.06 -14.37
CA TYR O 14 41.92 -62.77 -13.94
C TYR O 14 40.90 -62.13 -13.00
N LEU O 15 41.26 -62.01 -11.73
CA LEU O 15 40.37 -61.50 -10.70
C LEU O 15 40.79 -60.10 -10.29
N ARG O 16 39.86 -59.17 -10.34
CA ARG O 16 40.11 -57.76 -10.07
C ARG O 16 39.43 -57.35 -8.76
N LEU O 17 40.07 -56.42 -8.04
CA LEU O 17 39.60 -56.01 -6.73
C LEU O 17 40.05 -54.58 -6.45
N LYS O 18 39.24 -53.88 -5.65
CA LYS O 18 39.48 -52.49 -5.31
C LYS O 18 39.45 -52.31 -3.80
N ALA O 19 39.98 -51.18 -3.36
CA ALA O 19 40.04 -50.82 -1.94
C ALA O 19 39.83 -49.32 -1.79
N PRO O 20 39.30 -48.87 -0.66
CA PRO O 20 39.13 -47.42 -0.46
C PRO O 20 40.45 -46.68 -0.30
N PHE O 21 41.51 -47.37 0.11
CA PHE O 21 42.84 -46.80 0.18
C PHE O 21 43.83 -47.96 0.20
N ALA O 22 45.12 -47.62 0.05
CA ALA O 22 46.15 -48.64 0.06
C ALA O 22 47.48 -47.99 0.44
N ALA O 23 48.44 -48.84 0.79
CA ALA O 23 49.78 -48.38 1.13
C ALA O 23 50.76 -49.52 0.93
N PHE O 24 51.91 -49.21 0.32
CA PHE O 24 52.95 -50.21 0.08
C PHE O 24 54.30 -49.51 0.27
N ARG O 25 54.97 -49.82 1.38
CA ARG O 25 56.16 -49.09 1.80
C ARG O 25 57.41 -49.93 1.58
N PRO O 26 58.32 -49.53 0.70
CA PRO O 26 59.54 -50.31 0.49
C PRO O 26 60.41 -50.37 1.73
N PHE O 27 61.24 -51.41 1.78
CA PHE O 27 62.12 -51.63 2.92
C PHE O 27 63.10 -50.48 3.09
N GLN O 28 63.76 -50.48 4.25
CA GLN O 28 64.74 -49.45 4.66
C GLN O 28 64.32 -48.05 4.21
N SER O 29 63.07 -47.70 4.53
CA SER O 29 62.56 -46.39 4.17
C SER O 29 63.27 -45.28 4.95
N GLY O 30 63.46 -45.47 6.25
CA GLY O 30 64.11 -44.48 7.07
C GLY O 30 63.13 -43.57 7.78
N SER O 31 63.36 -42.26 7.68
CA SER O 31 62.49 -41.26 8.29
C SER O 31 61.51 -40.66 7.29
N PHE O 32 61.40 -41.23 6.10
CA PHE O 32 60.45 -40.77 5.08
C PHE O 32 59.86 -42.01 4.41
N ARG O 33 58.70 -42.45 4.90
CA ARG O 33 58.06 -43.62 4.35
C ARG O 33 57.33 -43.24 3.06
N SER O 34 57.71 -43.88 1.96
CA SER O 34 57.13 -43.61 0.65
C SER O 34 56.31 -44.80 0.19
N THR O 35 55.52 -44.59 -0.86
CA THR O 35 54.68 -45.64 -1.43
C THR O 35 54.83 -45.65 -2.95
N THR O 36 54.62 -46.82 -3.54
CA THR O 36 54.65 -46.98 -4.99
C THR O 36 53.23 -46.99 -5.55
N PRO O 37 53.06 -46.56 -6.80
CA PRO O 37 51.70 -46.53 -7.38
C PRO O 37 51.05 -47.90 -7.48
N VAL O 38 51.82 -48.97 -7.46
CA VAL O 38 51.28 -50.32 -7.62
C VAL O 38 51.83 -51.22 -6.52
N PRO O 39 51.09 -52.25 -6.10
CA PRO O 39 51.66 -53.25 -5.20
C PRO O 39 52.73 -54.07 -5.91
N SER O 40 53.69 -54.55 -5.13
CA SER O 40 54.74 -55.39 -5.67
C SER O 40 54.18 -56.75 -6.09
N PHE O 41 54.95 -57.47 -6.89
CA PHE O 41 54.55 -58.82 -7.29
C PHE O 41 54.42 -59.73 -6.08
N SER O 42 55.39 -59.67 -5.19
CA SER O 42 55.34 -60.50 -3.97
C SER O 42 54.18 -60.09 -3.08
N ALA O 43 53.83 -58.79 -3.05
CA ALA O 43 52.73 -58.35 -2.21
C ALA O 43 51.41 -58.99 -2.64
N VAL O 44 51.08 -58.90 -3.93
CA VAL O 44 49.84 -59.51 -4.40
C VAL O 44 49.92 -61.02 -4.33
N TYR O 45 51.11 -61.60 -4.56
CA TYR O 45 51.28 -63.04 -4.41
C TYR O 45 50.91 -63.48 -3.00
N GLY O 46 51.49 -62.82 -1.99
CA GLY O 46 51.18 -63.14 -0.62
C GLY O 46 49.72 -62.91 -0.28
N LEU O 47 49.14 -61.83 -0.82
CA LEU O 47 47.74 -61.53 -0.55
C LEU O 47 46.83 -62.65 -1.06
N LEU O 48 47.01 -63.04 -2.33
CA LEU O 48 46.16 -64.10 -2.88
C LEU O 48 46.41 -65.43 -2.20
N LEU O 49 47.68 -65.68 -1.87
CA LEU O 49 48.06 -66.90 -1.15
C LEU O 49 47.34 -66.88 0.20
N ASN O 50 47.28 -65.70 0.80
CA ASN O 50 46.59 -65.49 2.07
C ASN O 50 45.09 -65.78 1.90
N LEU O 51 44.54 -65.38 0.75
CA LEU O 51 43.13 -65.61 0.46
C LEU O 51 42.92 -67.11 0.43
N ALA O 52 43.87 -67.81 -0.19
CA ALA O 52 43.83 -69.27 -0.25
C ALA O 52 44.02 -69.88 1.15
N GLY O 53 44.95 -69.31 1.90
CA GLY O 53 45.27 -69.76 3.25
C GLY O 53 46.50 -70.63 3.32
N ILE O 54 47.57 -70.10 3.91
CA ILE O 54 48.84 -70.83 4.06
C ILE O 54 49.62 -70.35 5.28
N GLU O 55 50.53 -71.18 5.78
CA GLU O 55 51.35 -70.80 6.93
C GLU O 55 52.45 -69.83 6.50
N GLN O 56 52.83 -68.96 7.43
CA GLN O 56 53.85 -67.94 7.19
C GLN O 56 55.20 -68.63 7.06
N ARG O 57 55.68 -68.81 5.83
CA ARG O 57 56.91 -69.54 5.57
C ARG O 57 58.11 -68.62 5.31
N GLN O 58 58.00 -67.71 4.34
CA GLN O 58 59.15 -66.93 3.92
C GLN O 58 59.72 -66.08 5.05
N GLU O 59 58.84 -65.44 5.82
CA GLU O 59 59.27 -64.54 6.89
C GLU O 59 59.84 -65.35 8.03
N VAL O 60 61.17 -65.45 8.08
CA VAL O 60 61.84 -66.15 9.20
C VAL O 60 62.04 -65.11 10.29
N GLU O 61 61.00 -64.93 11.11
CA GLU O 61 61.01 -63.92 12.14
C GLU O 61 62.06 -64.23 13.21
N GLY O 62 62.62 -63.17 13.78
CA GLY O 62 63.59 -63.29 14.85
C GLY O 62 63.01 -63.58 16.21
N LYS O 63 61.68 -63.66 16.28
CA LYS O 63 61.00 -63.93 17.55
C LYS O 63 60.46 -65.35 17.64
N VAL O 64 60.00 -65.87 16.50
CA VAL O 64 59.45 -67.21 16.42
C VAL O 64 60.06 -67.88 15.20
N THR O 65 60.20 -69.21 15.23
CA THR O 65 60.81 -69.88 14.10
C THR O 65 59.72 -70.28 13.11
N LEU O 66 59.62 -69.52 12.01
CA LEU O 66 58.67 -69.78 10.92
C LEU O 66 59.50 -69.81 9.65
N ILE O 67 60.07 -70.97 9.33
CA ILE O 67 60.99 -71.11 8.21
C ILE O 67 60.21 -71.47 6.95
N LYS O 68 60.82 -71.18 5.80
CA LYS O 68 60.22 -71.50 4.51
C LYS O 68 60.87 -72.76 3.95
N PRO O 69 60.16 -73.88 3.88
CA PRO O 69 60.69 -75.03 3.13
C PRO O 69 60.81 -74.68 1.65
N LYS O 70 61.92 -75.16 1.09
CA LYS O 70 62.33 -74.94 -0.29
C LYS O 70 61.40 -75.54 -1.34
N ALA O 71 60.83 -76.71 -1.06
CA ALA O 71 59.97 -77.36 -2.05
C ALA O 71 58.53 -76.85 -2.08
N GLU O 72 58.38 -75.61 -2.51
CA GLU O 72 57.10 -74.96 -2.68
C GLU O 72 57.16 -74.41 -4.10
N LEU O 73 56.15 -74.70 -4.91
CA LEU O 73 56.17 -74.23 -6.29
C LEU O 73 54.89 -73.55 -6.72
N PRO O 74 54.64 -72.34 -6.24
CA PRO O 74 53.43 -71.63 -6.67
C PRO O 74 53.49 -71.34 -8.15
N LYS O 75 52.73 -72.11 -8.93
CA LYS O 75 52.77 -72.01 -10.39
C LYS O 75 51.91 -70.83 -10.84
N LEU O 76 52.41 -69.63 -10.54
CA LEU O 76 51.66 -68.41 -10.74
C LEU O 76 52.44 -67.44 -11.63
N ALA O 77 51.77 -66.92 -12.65
CA ALA O 77 52.27 -65.83 -13.45
C ALA O 77 51.23 -64.73 -13.47
N ILE O 78 51.63 -63.50 -13.19
CA ILE O 78 50.71 -62.40 -12.94
C ILE O 78 51.06 -61.23 -13.84
N ALA O 79 50.05 -60.43 -14.16
CA ALA O 79 50.20 -59.19 -14.92
C ALA O 79 49.40 -58.10 -14.24
N ILE O 80 50.06 -57.02 -13.84
CA ILE O 80 49.43 -55.92 -13.11
C ILE O 80 49.91 -54.60 -13.70
N GLY O 81 49.43 -53.52 -13.09
CA GLY O 81 49.71 -52.18 -13.60
C GLY O 81 48.62 -51.24 -13.16
N GLN O 82 48.88 -49.94 -13.30
CA GLN O 82 47.88 -48.94 -12.93
C GLN O 82 47.57 -48.01 -14.11
N VAL O 83 46.30 -47.93 -14.48
CA VAL O 83 45.89 -47.07 -15.59
C VAL O 83 45.33 -45.74 -15.08
N LYS O 84 44.44 -45.82 -14.10
CA LYS O 84 43.82 -44.63 -13.51
C LYS O 84 44.80 -43.89 -12.63
N PRO O 85 44.67 -42.57 -12.56
CA PRO O 85 45.57 -41.78 -11.71
C PRO O 85 45.12 -41.78 -10.26
N SER O 86 46.09 -41.86 -9.35
CA SER O 86 45.83 -41.91 -7.92
C SER O 86 46.79 -40.96 -7.22
N SER O 87 46.25 -39.91 -6.62
CA SER O 87 47.07 -38.94 -5.90
C SER O 87 47.59 -39.54 -4.61
N THR O 88 48.74 -39.02 -4.16
CA THR O 88 49.36 -39.43 -2.91
C THR O 88 49.38 -38.24 -1.96
N SER O 89 48.88 -38.45 -0.75
CA SER O 89 48.81 -37.40 0.26
C SER O 89 49.75 -37.74 1.41
N LEU O 90 50.15 -36.70 2.14
CA LEU O 90 51.07 -36.83 3.26
C LEU O 90 50.29 -36.78 4.56
N ILE O 91 50.53 -37.73 5.45
CA ILE O 91 49.89 -37.79 6.76
C ILE O 91 50.99 -37.67 7.80
N ASN O 92 50.84 -36.69 8.70
CA ASN O 92 51.80 -36.48 9.77
C ASN O 92 51.28 -37.12 11.05
N GLN O 93 52.07 -38.01 11.64
CA GLN O 93 51.66 -38.77 12.81
C GLN O 93 52.88 -39.03 13.68
N GLN O 94 52.63 -39.66 14.83
CA GLN O 94 53.71 -39.98 15.77
C GLN O 94 53.81 -41.48 15.98
N LEU O 95 55.05 -42.00 15.94
CA LEU O 95 55.28 -43.43 16.13
C LEU O 95 56.13 -43.68 17.36
N HIS O 96 55.68 -44.61 18.20
CA HIS O 96 56.40 -44.95 19.42
C HIS O 96 57.77 -45.54 19.11
N ASN O 97 57.82 -46.39 18.08
CA ASN O 97 59.06 -47.02 17.67
C ASN O 97 60.07 -46.00 17.17
N TYR O 98 61.34 -46.21 17.49
CA TYR O 98 62.41 -45.30 17.08
C TYR O 98 62.71 -45.46 15.59
N TRP O 117 60.57 -45.19 23.46
CA TRP O 117 60.16 -43.80 23.40
C TRP O 117 59.53 -43.47 22.05
N ILE O 118 58.99 -42.26 21.92
CA ILE O 118 58.17 -41.88 20.78
C ILE O 118 58.82 -40.71 20.05
N ALA O 119 58.88 -40.80 18.72
CA ALA O 119 59.34 -39.73 17.87
C ALA O 119 58.38 -39.53 16.71
N PRO O 120 58.14 -38.29 16.30
CA PRO O 120 57.18 -38.04 15.21
C PRO O 120 57.82 -38.24 13.85
N VAL O 121 57.08 -38.88 12.95
CA VAL O 121 57.51 -39.10 11.58
C VAL O 121 56.28 -39.22 10.69
N ARG O 122 56.34 -38.63 9.50
CA ARG O 122 55.22 -38.62 8.57
C ARG O 122 55.47 -39.56 7.39
N ARG O 123 54.38 -40.02 6.79
CA ARG O 123 54.43 -41.02 5.71
C ARG O 123 53.41 -40.64 4.65
N GLU O 124 53.20 -41.54 3.69
CA GLU O 124 52.34 -41.30 2.54
C GLU O 124 51.15 -42.25 2.54
N VAL O 125 50.09 -41.86 1.85
CA VAL O 125 48.86 -42.63 1.73
C VAL O 125 48.37 -42.54 0.30
N LEU O 126 47.92 -43.66 -0.24
CA LEU O 126 47.40 -43.72 -1.61
C LEU O 126 45.89 -43.67 -1.59
N VAL O 127 45.32 -42.80 -2.44
CA VAL O 127 43.87 -42.58 -2.41
C VAL O 127 43.11 -43.78 -2.95
N ASN O 128 43.60 -44.40 -4.02
CA ASN O 128 42.85 -45.46 -4.67
C ASN O 128 43.80 -46.27 -5.54
N LEU O 129 43.27 -47.37 -6.10
CA LEU O 129 44.03 -48.25 -6.97
C LEU O 129 43.08 -48.89 -7.97
N ASP O 130 43.64 -49.43 -9.05
CA ASP O 130 42.84 -49.99 -10.13
C ASP O 130 42.71 -51.51 -9.98
N LEU O 131 41.99 -52.13 -10.91
CA LEU O 131 41.52 -53.51 -10.77
C LEU O 131 41.85 -54.28 -12.06
N ILE O 132 43.07 -54.80 -12.18
CA ILE O 132 43.45 -55.52 -13.40
C ILE O 132 44.20 -56.82 -13.12
N ILE O 133 44.21 -57.28 -11.87
CA ILE O 133 45.09 -58.37 -11.49
C ILE O 133 44.67 -59.67 -12.18
N GLY O 134 45.65 -60.38 -12.73
CA GLY O 134 45.39 -61.65 -13.37
C GLY O 134 46.30 -62.74 -12.81
N LEU O 135 45.82 -63.98 -12.93
CA LEU O 135 46.49 -65.11 -12.27
C LEU O 135 46.43 -66.34 -13.17
N GLN O 136 47.44 -67.20 -13.01
CA GLN O 136 47.42 -68.56 -13.54
C GLN O 136 47.87 -69.50 -12.42
N SER O 137 47.34 -70.72 -12.43
CA SER O 137 47.64 -71.69 -11.39
C SER O 137 47.02 -73.03 -11.79
N PRO O 138 47.54 -74.14 -11.25
CA PRO O 138 46.87 -75.44 -11.42
C PRO O 138 45.53 -75.45 -10.70
N VAL O 139 44.71 -76.45 -11.06
CA VAL O 139 43.28 -76.44 -10.78
C VAL O 139 42.94 -76.26 -9.31
N GLU O 140 43.86 -76.61 -8.39
CA GLU O 140 43.51 -76.59 -6.97
C GLU O 140 43.19 -75.20 -6.44
N PHE O 141 43.59 -74.13 -7.14
CA PHE O 141 43.30 -72.79 -6.64
C PHE O 141 41.81 -72.47 -6.75
N TRP O 142 41.16 -72.95 -7.82
CA TRP O 142 39.78 -72.57 -8.08
C TRP O 142 38.82 -73.10 -7.02
N GLN O 143 39.12 -74.26 -6.44
CA GLN O 143 38.24 -74.82 -5.42
C GLN O 143 38.18 -73.91 -4.20
N LYS O 144 39.32 -73.42 -3.73
CA LYS O 144 39.33 -72.51 -2.58
C LYS O 144 38.66 -71.20 -2.94
N LEU O 145 38.94 -70.66 -4.13
CA LEU O 145 38.31 -69.40 -4.54
C LEU O 145 36.80 -69.55 -4.66
N ASP O 146 36.33 -70.68 -5.21
CA ASP O 146 34.90 -70.93 -5.27
C ASP O 146 34.31 -71.08 -3.88
N GLN O 147 35.01 -71.76 -2.97
CA GLN O 147 34.54 -71.91 -1.61
C GLN O 147 34.63 -70.62 -0.81
N GLY O 148 35.28 -69.61 -1.41
CA GLY O 148 35.48 -68.33 -0.76
C GLY O 148 34.18 -67.61 -0.40
N LEU O 149 33.18 -67.73 -1.25
CA LEU O 149 31.88 -67.10 -0.99
C LEU O 149 31.27 -67.67 0.30
N LYS O 150 31.39 -68.98 0.46
CA LYS O 150 30.89 -69.65 1.66
C LYS O 150 32.09 -70.25 2.37
N GLY O 151 32.24 -69.95 3.65
CA GLY O 151 33.37 -70.47 4.41
C GLY O 151 33.02 -71.30 5.62
N GLU O 152 33.66 -72.47 5.71
CA GLU O 152 33.46 -73.38 6.82
C GLU O 152 34.81 -73.71 7.47
N THR O 153 34.88 -73.59 8.79
CA THR O 153 36.10 -73.89 9.54
C THR O 153 37.32 -73.12 9.01
N VAL O 154 37.13 -71.83 8.73
CA VAL O 154 38.20 -71.00 8.20
C VAL O 154 39.36 -70.85 9.18
N ILE O 155 40.57 -70.77 8.64
CA ILE O 155 41.79 -70.60 9.41
C ILE O 155 42.51 -69.32 8.99
N ASN O 156 42.97 -68.53 9.96
CA ASN O 156 43.66 -67.27 9.71
C ASN O 156 45.02 -67.46 9.04
N ARG O 157 45.47 -66.43 8.30
CA ARG O 157 46.75 -66.48 7.60
C ARG O 157 47.81 -65.55 8.20
N TYR O 158 48.94 -66.15 8.57
CA TYR O 158 50.09 -65.48 9.18
C TYR O 158 50.91 -64.45 8.38
N GLY O 159 51.09 -64.68 7.08
CA GLY O 159 51.95 -63.84 6.25
C GLY O 159 51.73 -62.36 6.00
N LEU O 160 50.52 -61.89 5.75
CA LEU O 160 50.44 -60.45 5.59
C LEU O 160 51.58 -60.05 4.65
N PRO O 161 51.41 -60.41 3.38
CA PRO O 161 52.41 -60.15 2.34
C PRO O 161 52.67 -58.67 2.13
N PHE O 162 53.88 -58.33 1.67
CA PHE O 162 54.25 -56.95 1.40
C PHE O 162 54.47 -56.16 2.68
N ALA O 163 53.44 -56.09 3.51
CA ALA O 163 53.52 -55.39 4.78
C ALA O 163 53.04 -56.28 5.93
N GLY O 164 53.90 -56.44 6.93
CA GLY O 164 53.56 -57.23 8.09
C GLY O 164 52.41 -56.56 8.83
N ASP O 165 52.49 -55.24 8.89
CA ASP O 165 51.49 -54.41 9.58
C ASP O 165 50.08 -54.73 9.08
N ASN O 166 49.09 -54.64 9.95
CA ASN O 166 47.72 -54.90 9.55
C ASN O 166 46.93 -53.60 9.60
N ASN O 167 45.61 -53.74 9.44
CA ASN O 167 44.68 -52.61 9.47
C ASN O 167 44.59 -51.86 8.14
N PHE O 168 45.32 -52.34 7.13
CA PHE O 168 45.33 -51.69 5.81
C PHE O 168 44.81 -52.55 4.66
N LEU O 169 44.08 -53.62 4.94
CA LEU O 169 43.62 -54.50 3.86
C LEU O 169 42.11 -54.63 3.61
N PHE O 170 41.73 -54.50 2.34
CA PHE O 170 40.36 -54.65 1.86
C PHE O 170 40.41 -55.40 0.53
N ASP O 171 39.33 -56.14 0.24
CA ASP O 171 39.33 -57.05 -0.89
C ASP O 171 37.99 -57.01 -1.59
N GLU O 172 37.99 -57.39 -2.87
CA GLU O 172 36.79 -57.45 -3.69
C GLU O 172 36.94 -58.60 -4.68
N ILE O 173 35.81 -58.98 -5.28
CA ILE O 173 35.78 -60.10 -6.22
C ILE O 173 35.03 -59.67 -7.48
N TYR O 174 35.62 -59.98 -8.64
CA TYR O 174 35.00 -59.74 -9.94
C TYR O 174 35.46 -60.77 -10.95
N PRO O 175 34.62 -61.73 -11.32
CA PRO O 175 35.01 -62.73 -12.33
C PRO O 175 34.73 -62.27 -13.76
N ILE O 176 34.62 -60.96 -13.98
CA ILE O 176 34.07 -60.37 -15.20
C ILE O 176 34.90 -60.72 -16.44
N GLU O 177 36.05 -61.34 -16.26
CA GLU O 177 36.97 -61.82 -17.31
C GLU O 177 37.32 -60.64 -18.23
N LYS O 178 37.16 -60.75 -19.55
CA LYS O 178 37.82 -59.86 -20.50
C LYS O 178 37.52 -58.38 -20.32
N PRO O 179 36.25 -57.92 -20.14
CA PRO O 179 35.98 -56.48 -20.20
C PRO O 179 36.73 -55.64 -19.17
N ASP O 180 36.59 -54.31 -19.29
CA ASP O 180 37.34 -53.34 -18.50
C ASP O 180 38.84 -53.47 -18.77
N LEU O 181 39.21 -53.21 -20.02
CA LEU O 181 40.60 -53.28 -20.44
C LEU O 181 41.42 -52.15 -19.80
N ALA O 182 42.71 -52.41 -19.64
CA ALA O 182 43.63 -51.44 -19.06
C ALA O 182 45.05 -51.80 -19.47
N SER O 183 45.97 -50.87 -19.24
CA SER O 183 47.39 -51.06 -19.57
C SER O 183 48.08 -52.12 -18.70
N TRP O 184 49.04 -52.78 -19.32
CA TRP O 184 49.90 -53.78 -18.71
C TRP O 184 51.31 -53.28 -19.03
N TYR O 185 52.19 -53.23 -18.04
CA TYR O 185 53.56 -52.74 -18.24
C TYR O 185 54.55 -53.91 -18.22
N CYS O 186 55.36 -54.02 -19.25
CA CYS O 186 56.32 -55.12 -19.33
C CYS O 186 57.70 -54.62 -18.98
N PRO O 187 58.35 -55.28 -18.04
CA PRO O 187 59.69 -54.86 -17.64
C PRO O 187 60.62 -54.98 -18.84
N LEU O 188 61.35 -53.89 -19.11
CA LEU O 188 62.26 -53.79 -20.25
C LEU O 188 63.56 -53.03 -19.92
N GLU O 189 64.59 -53.22 -20.75
CA GLU O 189 65.87 -52.54 -20.54
C GLU O 189 65.96 -51.28 -21.37
N GLY O 197 56.62 -44.61 -13.86
CA GLY O 197 56.92 -46.02 -13.76
C GLY O 197 57.45 -46.40 -12.39
N ALA O 198 57.19 -47.63 -11.97
CA ALA O 198 57.64 -48.12 -10.68
C ALA O 198 59.07 -48.61 -10.86
N CYS O 199 60.01 -47.82 -10.35
CA CYS O 199 61.44 -48.13 -10.47
C CYS O 199 61.83 -49.40 -9.73
N ARG O 200 61.30 -49.58 -8.53
CA ARG O 200 61.62 -50.77 -7.75
C ARG O 200 60.41 -51.57 -7.31
N LEU O 201 60.45 -52.87 -7.60
CA LEU O 201 59.42 -53.81 -7.18
C LEU O 201 60.19 -54.93 -6.49
N THR O 202 59.77 -55.33 -5.29
CA THR O 202 60.53 -56.37 -4.62
C THR O 202 60.15 -57.76 -5.13
N LEU O 203 61.16 -58.62 -5.21
CA LEU O 203 60.98 -59.99 -5.65
C LEU O 203 61.51 -61.00 -4.63
N TRP O 204 60.67 -62.00 -4.32
CA TRP O 204 60.91 -63.14 -3.41
C TRP O 204 60.83 -62.92 -1.90
N ILE O 205 60.50 -61.69 -1.49
CA ILE O 205 60.31 -61.32 -0.07
C ILE O 205 61.40 -61.72 0.94
N ASP O 206 62.67 -61.53 0.58
CA ASP O 206 63.76 -61.86 1.49
C ASP O 206 63.73 -61.04 2.76
N ARG O 207 64.06 -61.66 3.89
CA ARG O 207 64.06 -60.94 5.17
C ARG O 207 65.40 -60.70 5.88
N GLU O 208 66.27 -61.70 5.90
CA GLU O 208 67.55 -61.58 6.61
C GLU O 208 68.50 -60.64 5.90
N ASN O 209 68.52 -60.79 4.59
CA ASN O 209 69.35 -60.00 3.70
C ASN O 209 68.47 -59.52 2.55
N ASN O 210 68.93 -58.48 1.85
CA ASN O 210 68.17 -57.96 0.74
C ASN O 210 68.02 -59.09 -0.29
N THR O 211 66.82 -59.23 -0.84
CA THR O 211 66.53 -60.29 -1.79
C THR O 211 67.43 -60.22 -3.02
N GLN O 212 67.73 -58.99 -3.44
CA GLN O 212 68.58 -58.65 -4.59
C GLN O 212 67.96 -58.96 -5.96
N THR O 213 66.64 -59.09 -5.96
CA THR O 213 65.88 -59.32 -7.18
C THR O 213 66.07 -58.12 -8.10
N THR O 214 66.10 -56.93 -7.50
CA THR O 214 66.26 -55.66 -8.20
C THR O 214 64.95 -55.13 -8.76
N ILE O 215 64.97 -53.95 -9.38
CA ILE O 215 63.77 -53.39 -9.97
C ILE O 215 63.19 -54.25 -11.09
N LYS O 216 61.86 -54.37 -11.08
CA LYS O 216 61.14 -55.11 -12.11
C LYS O 216 61.33 -54.42 -13.46
N VAL O 217 61.40 -53.09 -13.41
CA VAL O 217 61.56 -52.29 -14.62
C VAL O 217 60.41 -52.44 -15.62
N PHE O 218 59.21 -52.65 -15.08
CA PHE O 218 58.00 -52.78 -15.90
C PHE O 218 57.73 -51.47 -16.63
N SER O 219 58.04 -50.36 -15.96
CA SER O 219 57.83 -49.02 -16.52
C SER O 219 56.36 -48.75 -16.88
N PRO O 220 56.14 -48.24 -18.09
CA PRO O 220 54.79 -47.93 -18.54
C PRO O 220 54.37 -48.83 -19.70
N SER O 221 53.18 -49.41 -19.61
CA SER O 221 52.70 -50.31 -20.65
C SER O 221 51.63 -49.66 -21.51
N ASP O 222 51.85 -49.69 -22.82
CA ASP O 222 50.93 -49.12 -23.79
C ASP O 222 49.54 -49.74 -23.64
N PHE O 223 48.52 -48.94 -23.86
CA PHE O 223 47.14 -49.41 -23.70
C PHE O 223 46.86 -50.58 -24.63
N ARG O 224 46.16 -51.58 -24.10
CA ARG O 224 45.79 -52.77 -24.85
C ARG O 224 44.68 -53.53 -24.13
N LEU O 225 43.88 -54.23 -24.92
CA LEU O 225 42.85 -55.10 -24.36
C LEU O 225 43.47 -56.30 -23.65
N GLU O 226 44.49 -56.91 -24.25
CA GLU O 226 45.11 -58.10 -23.73
C GLU O 226 46.58 -57.82 -23.43
N PRO O 227 47.06 -58.16 -22.23
CA PRO O 227 48.47 -57.90 -21.92
C PRO O 227 49.37 -58.76 -22.78
N PRO O 228 50.57 -58.28 -23.09
CA PRO O 228 51.51 -59.10 -23.87
C PRO O 228 52.04 -60.27 -23.05
N ALA O 229 52.56 -61.27 -23.76
CA ALA O 229 53.08 -62.46 -23.11
C ALA O 229 54.27 -62.13 -22.22
N LYS O 230 55.01 -61.06 -22.54
CA LYS O 230 56.17 -60.68 -21.72
C LYS O 230 55.75 -60.19 -20.34
N ALA O 231 54.49 -59.81 -20.17
CA ALA O 231 54.02 -59.36 -18.86
C ALA O 231 54.08 -60.48 -17.83
N TRP O 232 53.65 -61.68 -18.22
CA TRP O 232 53.68 -62.81 -17.30
C TRP O 232 55.12 -63.22 -16.98
N GLN O 233 55.33 -63.71 -15.76
CA GLN O 233 56.64 -64.14 -15.33
C GLN O 233 56.49 -65.11 -14.17
N GLN O 234 57.56 -65.87 -13.90
CA GLN O 234 57.57 -66.86 -12.85
C GLN O 234 58.26 -66.31 -11.61
N LEU O 235 57.64 -66.53 -10.45
CA LEU O 235 58.20 -66.09 -9.18
C LEU O 235 58.58 -67.30 -8.34
N PRO O 236 59.86 -67.43 -7.94
CA PRO O 236 60.23 -68.58 -7.10
C PRO O 236 59.48 -68.63 -5.79
N GLY O 237 59.15 -67.49 -5.20
CA GLY O 237 58.45 -67.45 -3.94
C GLY O 237 58.50 -66.10 -3.24
#